data_2VBI
#
_entry.id   2VBI
#
_cell.length_a   179.619
_cell.length_b   162.434
_cell.length_c   169.331
_cell.angle_alpha   90.00
_cell.angle_beta   102.71
_cell.angle_gamma   90.00
#
_symmetry.space_group_name_H-M   'C 1 2 1'
#
loop_
_entity.id
_entity.type
_entity.pdbx_description
1 polymer 'PYRUVATE DECARBOXYLASE'
2 non-polymer 'MAGNESIUM ION'
3 non-polymer 'THIAMINE DIPHOSPHATE'
4 water water
#
_entity_poly.entity_id   1
_entity_poly.type   'polypeptide(L)'
_entity_poly.pdbx_seq_one_letter_code
;MTYTVGMYLAERLVQIGLKHHFAVAGDYNLVLLDQLLLNKDMKQIYCCNELNCGFSAEGYARSNGAAAAVVTFSVGAISA
MNALGGAYAENLPVILISGAPNSNDQGTGHILHHTIGKTDYSYQLEMARQVTCAAESITDAHSAPAKIDHVIRTALRERK
PAYLDIACNIASEPCVRPGPVSSLLSEPEIDHTSLKAAVDATVALLEKSASPVMLLGSKLRAANALAATETLADKLQCAV
TIMAAAKGFFPEDHAGFRGLYWGEVSNPGVQELVETSDALLCIAPVFNDYSTVGWSAWPKGPNVILAEPDRVTVDGRAYD
GFTLRAFLQALAEKAPARPASAQKSSVPTCSLTATSDEAGLTNDEIVRHINALLTSNTTLVAETGDSWFNAMRMTLPRGA
RVELEMQWGHIGWSVPSAFGNAMGSQDRQHVVMVGDGSFQLTAQEVAQMVRYELPVIIFLINNRGYVIEIAIHDGPYNYI
KNWDYAGLMEVFNAGEGHGLGLKATTPKELTEAIARAKANTRGPTLIECQIDRTDCTDMLVQWGRKVASTNARKTTLALE
HHHHHH
;
_entity_poly.pdbx_strand_id   A,B,C,D,E,F,G,H
#
# COMPACT_ATOMS: atom_id res chain seq x y z
N THR A 2 -11.50 -5.07 38.76
CA THR A 2 -10.02 -4.82 38.91
C THR A 2 -9.15 -5.71 37.99
N TYR A 3 -8.56 -5.09 36.96
CA TYR A 3 -7.98 -5.80 35.84
C TYR A 3 -6.46 -6.00 35.96
N THR A 4 -6.02 -7.26 35.90
CA THR A 4 -4.62 -7.58 36.20
C THR A 4 -3.77 -7.94 34.98
N VAL A 5 -2.45 -7.96 35.19
CA VAL A 5 -1.47 -8.35 34.17
C VAL A 5 -1.81 -9.71 33.58
N GLY A 6 -2.13 -10.67 34.44
CA GLY A 6 -2.47 -12.01 33.98
C GLY A 6 -3.73 -12.05 33.12
N MET A 7 -4.69 -11.19 33.43
CA MET A 7 -5.90 -11.08 32.64
C MET A 7 -5.61 -10.50 31.26
N TYR A 8 -4.68 -9.55 31.20
CA TYR A 8 -4.23 -8.95 29.95
C TYR A 8 -3.65 -10.03 29.05
N LEU A 9 -2.78 -10.85 29.61
CA LEU A 9 -2.19 -11.96 28.88
C LEU A 9 -3.30 -12.89 28.35
N ALA A 10 -4.27 -13.21 29.20
CA ALA A 10 -5.35 -14.11 28.84
C ALA A 10 -6.15 -13.58 27.65
N GLU A 11 -6.52 -12.30 27.69
CA GLU A 11 -7.30 -11.70 26.63
C GLU A 11 -6.54 -11.64 25.29
N ARG A 12 -5.23 -11.42 25.37
CA ARG A 12 -4.40 -11.43 24.16
C ARG A 12 -4.31 -12.83 23.56
N LEU A 13 -4.17 -13.84 24.41
CA LEU A 13 -4.14 -15.21 23.94
C LEU A 13 -5.45 -15.58 23.23
N VAL A 14 -6.57 -15.12 23.80
CA VAL A 14 -7.88 -15.34 23.20
C VAL A 14 -7.96 -14.67 21.82
N GLN A 15 -7.40 -13.47 21.70
CA GLN A 15 -7.37 -12.73 20.45
C GLN A 15 -6.51 -13.41 19.38
N ILE A 16 -5.53 -14.21 19.79
CA ILE A 16 -4.76 -15.03 18.86
C ILE A 16 -5.67 -16.03 18.17
N GLY A 17 -6.73 -16.45 18.88
CA GLY A 17 -7.65 -17.49 18.42
C GLY A 17 -7.47 -18.78 19.19
N LEU A 18 -6.76 -18.70 20.31
CA LEU A 18 -6.62 -19.83 21.24
C LEU A 18 -7.94 -20.11 21.98
N LYS A 19 -8.26 -21.39 22.14
CA LYS A 19 -9.40 -21.81 22.96
C LYS A 19 -8.90 -22.65 24.14
N HIS A 20 -7.61 -22.94 24.14
CA HIS A 20 -6.97 -23.71 25.20
C HIS A 20 -5.55 -23.21 25.46
N HIS A 21 -5.09 -23.36 26.70
CA HIS A 21 -3.67 -23.29 27.01
C HIS A 21 -3.35 -24.43 27.97
N PHE A 22 -2.09 -24.86 27.94
CA PHE A 22 -1.65 -26.02 28.68
C PHE A 22 -0.78 -25.57 29.82
N ALA A 23 -0.87 -26.27 30.96
CA ALA A 23 -0.16 -25.82 32.16
C ALA A 23 0.27 -26.95 33.08
N VAL A 24 1.38 -26.73 33.79
CA VAL A 24 1.73 -27.51 34.97
C VAL A 24 1.92 -26.54 36.12
N ALA A 25 1.22 -26.78 37.22
CA ALA A 25 1.23 -25.87 38.36
C ALA A 25 2.57 -25.87 39.08
N GLY A 26 2.94 -24.70 39.60
CA GLY A 26 4.06 -24.54 40.50
C GLY A 26 3.86 -23.25 41.27
N ASP A 27 4.45 -23.15 42.45
CA ASP A 27 4.22 -21.96 43.28
C ASP A 27 4.52 -20.62 42.58
N TYR A 28 5.51 -20.61 41.69
CA TYR A 28 5.83 -19.40 40.92
C TYR A 28 4.76 -18.98 39.90
N ASN A 29 3.82 -19.87 39.59
CA ASN A 29 2.82 -19.56 38.57
C ASN A 29 1.34 -19.71 38.97
N LEU A 30 1.09 -20.06 40.23
CA LEU A 30 -0.27 -20.27 40.71
C LEU A 30 -1.17 -19.06 40.54
N VAL A 31 -0.69 -17.89 40.97
CA VAL A 31 -1.49 -16.67 40.83
C VAL A 31 -1.75 -16.35 39.36
N LEU A 32 -0.73 -16.53 38.53
CA LEU A 32 -0.87 -16.34 37.09
C LEU A 32 -1.96 -17.27 36.50
N LEU A 33 -1.91 -18.55 36.90
CA LEU A 33 -2.93 -19.51 36.51
C LEU A 33 -4.34 -19.10 36.96
N ASP A 34 -4.44 -18.51 38.16
CA ASP A 34 -5.71 -17.96 38.64
C ASP A 34 -6.23 -16.87 37.72
N GLN A 35 -5.35 -15.96 37.30
CA GLN A 35 -5.73 -14.87 36.41
C GLN A 35 -6.26 -15.40 35.08
N LEU A 36 -5.55 -16.40 34.53
CA LEU A 36 -5.92 -17.01 33.27
C LEU A 36 -7.27 -17.74 33.35
N LEU A 37 -7.57 -18.34 34.49
CA LEU A 37 -8.80 -19.07 34.69
C LEU A 37 -10.04 -18.17 34.66
N LEU A 38 -9.85 -16.87 34.95
CA LEU A 38 -10.95 -15.92 34.97
C LEU A 38 -11.48 -15.63 33.56
N ASN A 39 -10.71 -16.00 32.54
CA ASN A 39 -11.15 -15.83 31.17
C ASN A 39 -11.92 -17.06 30.67
N LYS A 40 -13.23 -16.91 30.53
CA LYS A 40 -14.09 -18.03 30.13
C LYS A 40 -14.03 -18.37 28.65
N ASP A 41 -13.30 -17.57 27.87
CA ASP A 41 -13.18 -17.81 26.43
C ASP A 41 -12.18 -18.91 26.08
N MET A 42 -11.42 -19.37 27.07
CA MET A 42 -10.55 -20.53 26.88
C MET A 42 -10.50 -21.45 28.10
N LYS A 43 -10.07 -22.69 27.86
CA LYS A 43 -9.93 -23.68 28.93
C LYS A 43 -8.46 -23.92 29.26
N GLN A 44 -8.18 -24.08 30.54
CA GLN A 44 -6.84 -24.33 31.02
C GLN A 44 -6.76 -25.84 31.22
N ILE A 45 -5.87 -26.50 30.48
CA ILE A 45 -5.78 -27.94 30.65
C ILE A 45 -4.39 -28.35 31.15
N TYR A 46 -4.31 -29.48 31.86
CA TYR A 46 -3.11 -29.82 32.62
C TYR A 46 -2.35 -31.03 32.08
N CYS A 47 -1.02 -30.98 32.24
CA CYS A 47 -0.17 -32.06 31.76
C CYS A 47 0.60 -32.72 32.89
N CYS A 48 1.16 -33.91 32.60
CA CYS A 48 1.93 -34.67 33.58
C CYS A 48 3.27 -34.00 33.88
N ASN A 49 4.01 -33.70 32.83
CA ASN A 49 5.28 -33.01 32.97
C ASN A 49 5.45 -31.92 31.92
N GLU A 50 6.47 -31.10 32.11
CA GLU A 50 6.63 -29.92 31.30
C GLU A 50 7.11 -30.22 29.88
N LEU A 51 7.89 -31.29 29.70
CA LEU A 51 8.29 -31.68 28.35
C LEU A 51 7.04 -31.98 27.54
N ASN A 52 6.16 -32.80 28.10
CA ASN A 52 4.88 -33.14 27.46
C ASN A 52 3.99 -31.92 27.28
N CYS A 53 4.03 -31.02 28.26
CA CYS A 53 3.24 -29.81 28.22
C CYS A 53 3.62 -29.00 26.99
N GLY A 54 4.92 -28.77 26.80
CA GLY A 54 5.43 -28.08 25.64
C GLY A 54 5.05 -28.74 24.32
N PHE A 55 5.20 -30.06 24.25
CA PHE A 55 4.87 -30.80 23.05
C PHE A 55 3.35 -30.86 22.80
N SER A 56 2.57 -30.73 23.87
CA SER A 56 1.11 -30.60 23.73
C SER A 56 0.80 -29.28 23.05
N ALA A 57 1.47 -28.22 23.48
CA ALA A 57 1.27 -26.91 22.88
C ALA A 57 1.68 -26.96 21.41
N GLU A 58 2.82 -27.61 21.14
CA GLU A 58 3.32 -27.79 19.77
C GLU A 58 2.26 -28.43 18.88
N GLY A 59 1.66 -29.53 19.35
CA GLY A 59 0.61 -30.22 18.62
C GLY A 59 -0.61 -29.35 18.38
N TYR A 60 -1.00 -28.58 19.39
CA TYR A 60 -2.12 -27.64 19.32
C TYR A 60 -1.88 -26.57 18.24
N ALA A 61 -0.65 -26.07 18.18
CA ALA A 61 -0.25 -25.09 17.18
C ALA A 61 -0.45 -25.59 15.76
N ARG A 62 -0.21 -26.88 15.56
CA ARG A 62 -0.37 -27.52 14.26
C ARG A 62 -1.82 -27.44 13.74
N SER A 63 -2.79 -27.60 14.63
CA SER A 63 -4.19 -27.58 14.22
C SER A 63 -4.86 -26.21 14.39
N ASN A 64 -4.42 -25.45 15.38
CA ASN A 64 -5.04 -24.15 15.67
C ASN A 64 -4.33 -22.96 14.99
N GLY A 65 -3.01 -23.02 14.89
CA GLY A 65 -2.23 -21.94 14.29
C GLY A 65 -1.16 -21.43 15.23
N ALA A 66 -1.48 -21.47 16.52
CA ALA A 66 -0.58 -21.04 17.59
C ALA A 66 -0.97 -21.76 18.89
N ALA A 67 -0.14 -21.62 19.93
CA ALA A 67 -0.46 -22.23 21.22
C ALA A 67 0.26 -21.54 22.36
N ALA A 68 -0.12 -21.89 23.60
CA ALA A 68 0.53 -21.38 24.80
C ALA A 68 0.66 -22.45 25.87
N ALA A 69 1.80 -22.47 26.56
CA ALA A 69 2.01 -23.35 27.70
C ALA A 69 2.54 -22.55 28.85
N VAL A 70 2.08 -22.88 30.05
CA VAL A 70 2.47 -22.16 31.26
C VAL A 70 3.16 -23.08 32.25
N VAL A 71 4.39 -22.74 32.60
CA VAL A 71 5.20 -23.58 33.47
C VAL A 71 5.80 -22.81 34.64
N THR A 72 6.41 -23.53 35.57
CA THR A 72 7.10 -22.90 36.69
C THR A 72 8.60 -22.72 36.38
N PHE A 73 9.24 -21.81 37.11
CA PHE A 73 10.63 -21.41 36.87
C PHE A 73 11.66 -22.55 36.96
N SER A 74 12.59 -22.56 36.01
CA SER A 74 13.68 -23.56 35.90
C SER A 74 13.27 -25.01 35.78
N VAL A 75 12.79 -25.59 36.87
CA VAL A 75 12.46 -27.02 36.91
C VAL A 75 11.40 -27.38 35.87
N GLY A 76 10.50 -26.44 35.61
CA GLY A 76 9.54 -26.60 34.54
C GLY A 76 10.11 -26.10 33.23
N ALA A 77 10.53 -24.84 33.22
CA ALA A 77 10.89 -24.14 31.99
C ALA A 77 11.99 -24.83 31.17
N ILE A 78 13.03 -25.33 31.82
CA ILE A 78 14.15 -25.86 31.07
C ILE A 78 13.72 -27.02 30.18
N SER A 79 12.98 -27.99 30.73
CA SER A 79 12.58 -29.11 29.90
C SER A 79 11.59 -28.69 28.83
N ALA A 80 10.78 -27.68 29.12
CA ALA A 80 9.88 -27.12 28.11
C ALA A 80 10.66 -26.47 26.96
N MET A 81 11.89 -26.03 27.23
CA MET A 81 12.74 -25.44 26.18
C MET A 81 13.10 -26.44 25.08
N ASN A 82 13.04 -27.72 25.41
CA ASN A 82 13.21 -28.78 24.43
C ASN A 82 12.09 -28.67 23.43
N ALA A 83 10.88 -28.56 23.94
CA ALA A 83 9.71 -28.41 23.09
C ALA A 83 9.75 -27.08 22.34
N LEU A 84 10.21 -26.01 22.98
CA LEU A 84 10.36 -24.72 22.31
C LEU A 84 11.28 -24.81 21.09
N GLY A 85 12.44 -25.43 21.28
CA GLY A 85 13.37 -25.65 20.18
C GLY A 85 12.68 -26.44 19.09
N GLY A 86 11.89 -27.41 19.50
CA GLY A 86 11.07 -28.16 18.56
C GLY A 86 10.14 -27.28 17.76
N ALA A 87 9.44 -26.38 18.45
CA ALA A 87 8.54 -25.45 17.79
C ALA A 87 9.29 -24.56 16.80
N TYR A 88 10.49 -24.12 17.18
CA TYR A 88 11.32 -23.33 16.28
C TYR A 88 11.68 -24.13 15.04
N ALA A 89 12.12 -25.37 15.26
CA ALA A 89 12.48 -26.28 14.16
C ALA A 89 11.30 -26.54 13.24
N GLU A 90 10.09 -26.64 13.79
CA GLU A 90 8.91 -27.00 13.00
C GLU A 90 8.05 -25.79 12.62
N ASN A 91 8.61 -24.60 12.79
CA ASN A 91 7.96 -23.35 12.39
C ASN A 91 6.57 -23.12 12.98
N LEU A 92 6.45 -23.30 14.29
CA LEU A 92 5.18 -23.16 15.00
C LEU A 92 5.26 -22.13 16.12
N PRO A 93 4.36 -21.13 16.12
CA PRO A 93 4.37 -20.09 17.16
C PRO A 93 3.74 -20.53 18.48
N VAL A 94 4.50 -21.30 19.25
CA VAL A 94 4.16 -21.62 20.62
C VAL A 94 4.68 -20.52 21.54
N ILE A 95 3.84 -20.07 22.48
CA ILE A 95 4.30 -19.13 23.48
C ILE A 95 4.49 -19.83 24.81
N LEU A 96 5.72 -19.88 25.28
CA LEU A 96 5.99 -20.42 26.61
C LEU A 96 5.99 -19.31 27.65
N ILE A 97 5.10 -19.42 28.64
CA ILE A 97 5.07 -18.49 29.74
C ILE A 97 5.55 -19.16 31.02
N SER A 98 6.63 -18.64 31.60
CA SER A 98 7.12 -19.16 32.86
C SER A 98 6.75 -18.27 34.02
N GLY A 99 6.40 -18.89 35.14
CA GLY A 99 6.37 -18.19 36.42
C GLY A 99 7.81 -17.82 36.77
N ALA A 100 7.97 -16.73 37.52
CA ALA A 100 9.31 -16.27 37.87
C ALA A 100 9.32 -15.73 39.30
N PRO A 101 10.50 -15.65 39.93
CA PRO A 101 10.63 -15.15 41.30
C PRO A 101 10.00 -13.77 41.50
N ASN A 102 9.59 -13.51 42.75
CA ASN A 102 9.08 -12.21 43.17
C ASN A 102 10.01 -11.07 42.76
N SER A 103 9.47 -10.02 42.19
CA SER A 103 10.31 -8.94 41.68
C SER A 103 11.12 -8.26 42.77
N ASN A 104 10.63 -8.34 44.02
CA ASN A 104 11.33 -7.74 45.15
C ASN A 104 12.58 -8.52 45.56
N ASP A 105 12.76 -9.72 45.00
CA ASP A 105 13.92 -10.55 45.31
C ASP A 105 15.10 -10.16 44.44
N GLN A 106 14.79 -9.47 43.35
CA GLN A 106 15.78 -9.06 42.38
C GLN A 106 16.79 -8.09 42.94
N GLY A 107 18.07 -8.43 42.74
CA GLY A 107 19.18 -7.61 43.23
C GLY A 107 19.39 -7.58 44.74
N THR A 108 18.83 -8.56 45.46
CA THR A 108 18.95 -8.56 46.91
C THR A 108 20.03 -9.52 47.37
N GLY A 109 20.42 -10.43 46.49
CA GLY A 109 21.40 -11.46 46.83
C GLY A 109 20.75 -12.66 47.45
N HIS A 110 19.42 -12.68 47.48
CA HIS A 110 18.67 -13.84 47.95
C HIS A 110 18.87 -15.03 47.02
N ILE A 111 19.11 -16.20 47.60
CA ILE A 111 19.10 -17.46 46.85
C ILE A 111 17.67 -18.01 46.86
N LEU A 112 17.17 -18.39 45.69
CA LEU A 112 15.78 -18.86 45.59
C LEU A 112 15.64 -20.33 45.20
N HIS A 113 14.54 -20.95 45.59
CA HIS A 113 14.28 -22.34 45.22
C HIS A 113 14.04 -22.44 43.73
N HIS A 114 14.33 -23.61 43.17
CA HIS A 114 14.26 -23.84 41.71
C HIS A 114 15.32 -23.04 40.93
N THR A 115 16.38 -22.63 41.62
CA THR A 115 17.50 -22.00 40.93
C THR A 115 18.75 -22.82 41.17
N ILE A 116 19.80 -22.52 40.41
CA ILE A 116 21.05 -23.25 40.53
C ILE A 116 21.83 -22.89 41.80
N GLY A 117 21.32 -21.93 42.58
CA GLY A 117 21.85 -21.63 43.90
C GLY A 117 22.73 -20.40 43.97
N LYS A 118 22.83 -19.66 42.88
CA LYS A 118 23.59 -18.43 42.85
C LYS A 118 22.68 -17.27 43.19
N THR A 119 23.27 -16.10 43.41
CA THR A 119 22.54 -14.90 43.83
C THR A 119 21.68 -14.28 42.72
N ASP A 120 22.02 -14.54 41.46
CA ASP A 120 21.19 -14.06 40.36
C ASP A 120 20.58 -15.25 39.62
N TYR A 121 19.60 -14.98 38.77
CA TYR A 121 18.87 -16.09 38.13
C TYR A 121 18.34 -15.67 36.76
N SER A 122 19.14 -14.88 36.06
CA SER A 122 18.87 -14.48 34.70
C SER A 122 19.30 -15.55 33.71
N TYR A 123 19.77 -16.70 34.22
CA TYR A 123 20.23 -17.77 33.34
C TYR A 123 19.09 -18.35 32.50
N GLN A 124 17.88 -18.40 33.05
CA GLN A 124 16.77 -18.97 32.30
C GLN A 124 16.44 -18.19 31.02
N LEU A 125 16.36 -16.86 31.13
CA LEU A 125 16.07 -16.03 29.98
C LEU A 125 17.16 -16.16 28.92
N GLU A 126 18.41 -16.25 29.35
CA GLU A 126 19.53 -16.41 28.42
C GLU A 126 19.42 -17.71 27.65
N MET A 127 18.96 -18.76 28.32
CA MET A 127 18.79 -20.05 27.65
C MET A 127 17.63 -19.99 26.66
N ALA A 128 16.56 -19.30 27.05
CA ALA A 128 15.36 -19.22 26.22
C ALA A 128 15.61 -18.44 24.92
N ARG A 129 16.50 -17.46 24.98
CA ARG A 129 16.82 -16.68 23.78
C ARG A 129 17.38 -17.54 22.66
N GLN A 130 18.18 -18.52 23.05
CA GLN A 130 18.80 -19.46 22.12
C GLN A 130 17.80 -20.19 21.23
N VAL A 131 16.57 -20.41 21.71
CA VAL A 131 15.57 -21.20 20.97
C VAL A 131 14.24 -20.47 20.64
N THR A 132 14.25 -19.14 20.64
CA THR A 132 13.04 -18.33 20.41
C THR A 132 13.31 -17.14 19.50
N CYS A 133 12.25 -16.55 18.95
CA CYS A 133 12.39 -15.35 18.13
C CYS A 133 12.18 -14.10 18.97
N ALA A 134 11.64 -14.28 20.17
CA ALA A 134 11.43 -13.20 21.12
C ALA A 134 11.39 -13.77 22.52
N ALA A 135 11.93 -13.02 23.48
CA ALA A 135 12.02 -13.47 24.86
C ALA A 135 12.05 -12.26 25.79
N GLU A 136 11.06 -12.18 26.66
CA GLU A 136 10.93 -11.03 27.56
C GLU A 136 10.66 -11.48 28.98
N SER A 137 11.13 -10.68 29.93
CA SER A 137 10.95 -10.95 31.35
C SER A 137 10.15 -9.81 31.95
N ILE A 138 8.95 -10.11 32.44
CA ILE A 138 8.09 -9.08 33.01
C ILE A 138 8.33 -8.98 34.49
N THR A 139 8.68 -7.79 34.92
CA THR A 139 9.14 -7.58 36.29
C THR A 139 8.47 -6.34 36.90
N ASP A 140 7.58 -5.70 36.13
CA ASP A 140 6.75 -4.57 36.56
C ASP A 140 5.49 -4.50 35.69
N ALA A 141 4.41 -3.97 36.24
CA ALA A 141 3.11 -3.96 35.55
C ALA A 141 3.05 -2.99 34.38
N HIS A 142 3.80 -1.89 34.48
CA HIS A 142 3.73 -0.84 33.47
CA HIS A 142 3.78 -0.81 33.47
C HIS A 142 4.29 -1.28 32.11
N SER A 143 5.42 -1.99 32.11
CA SER A 143 6.01 -2.43 30.85
C SER A 143 5.43 -3.77 30.36
N ALA A 144 4.56 -4.37 31.16
CA ALA A 144 4.00 -5.68 30.85
C ALA A 144 3.24 -5.74 29.51
N PRO A 145 2.29 -4.80 29.27
CA PRO A 145 1.59 -4.83 27.98
C PRO A 145 2.52 -4.81 26.76
N ALA A 146 3.52 -3.91 26.75
CA ALA A 146 4.41 -3.80 25.60
C ALA A 146 5.15 -5.10 25.33
N LYS A 147 5.62 -5.73 26.41
CA LYS A 147 6.35 -6.99 26.31
C LYS A 147 5.47 -8.16 25.83
N ILE A 148 4.28 -8.28 26.41
CA ILE A 148 3.32 -9.30 26.02
C ILE A 148 2.99 -9.16 24.53
N ASP A 149 2.68 -7.94 24.12
CA ASP A 149 2.34 -7.66 22.73
C ASP A 149 3.50 -7.96 21.78
N HIS A 150 4.70 -7.58 22.18
CA HIS A 150 5.91 -7.85 21.40
C HIS A 150 6.14 -9.34 21.16
N VAL A 151 6.06 -10.18 22.20
CA VAL A 151 6.35 -11.61 21.99
C VAL A 151 5.30 -12.26 21.10
N ILE A 152 4.03 -11.98 21.37
CA ILE A 152 2.92 -12.56 20.60
C ILE A 152 2.98 -12.15 19.12
N ARG A 153 3.12 -10.85 18.87
CA ARG A 153 3.17 -10.37 17.49
C ARG A 153 4.36 -10.90 16.72
N THR A 154 5.52 -10.99 17.38
CA THR A 154 6.74 -11.51 16.74
C THR A 154 6.55 -12.98 16.41
N ALA A 155 6.07 -13.75 17.38
CA ALA A 155 5.85 -15.18 17.20
C ALA A 155 4.97 -15.46 15.99
N LEU A 156 3.83 -14.79 15.91
CA LEU A 156 2.87 -14.99 14.84
C LEU A 156 3.40 -14.58 13.47
N ARG A 157 4.11 -13.45 13.42
CA ARG A 157 4.67 -12.95 12.17
C ARG A 157 5.74 -13.89 11.63
N GLU A 158 6.59 -14.37 12.52
CA GLU A 158 7.74 -15.17 12.10
C GLU A 158 7.45 -16.67 12.08
N ARG A 159 6.30 -17.07 12.61
CA ARG A 159 5.97 -18.50 12.79
C ARG A 159 7.11 -19.17 13.56
N LYS A 160 7.44 -18.60 14.71
CA LYS A 160 8.48 -19.12 15.59
C LYS A 160 7.96 -19.01 17.01
N PRO A 161 8.47 -19.83 17.94
CA PRO A 161 8.03 -19.71 19.32
C PRO A 161 8.65 -18.50 20.04
N ALA A 162 8.03 -18.08 21.13
CA ALA A 162 8.55 -16.99 21.93
C ALA A 162 8.39 -17.31 23.41
N TYR A 163 9.08 -16.54 24.26
CA TYR A 163 9.14 -16.82 25.70
C TYR A 163 8.74 -15.63 26.55
N LEU A 164 8.06 -15.91 27.66
CA LEU A 164 7.66 -14.91 28.62
C LEU A 164 7.92 -15.30 30.07
N ASP A 165 8.48 -14.37 30.82
CA ASP A 165 8.59 -14.43 32.27
C ASP A 165 7.53 -13.55 32.88
N ILE A 166 6.85 -14.02 33.90
CA ILE A 166 6.12 -13.10 34.74
C ILE A 166 6.48 -13.34 36.20
N ALA A 167 7.02 -12.31 36.86
CA ALA A 167 7.29 -12.38 38.28
C ALA A 167 5.99 -12.68 39.00
N CYS A 168 6.05 -13.64 39.92
CA CYS A 168 4.83 -14.16 40.56
C CYS A 168 3.99 -13.09 41.24
N ASN A 169 4.64 -12.10 41.86
CA ASN A 169 3.93 -11.00 42.53
C ASN A 169 3.32 -10.00 41.55
N ILE A 170 3.67 -10.12 40.27
CA ILE A 170 3.19 -9.15 39.29
C ILE A 170 1.97 -9.59 38.47
N ALA A 171 1.70 -10.90 38.44
CA ALA A 171 0.52 -11.43 37.78
C ALA A 171 -0.78 -10.80 38.32
N SER A 172 -0.79 -10.43 39.60
CA SER A 172 -1.94 -9.83 40.29
C SER A 172 -2.06 -8.33 40.13
N GLU A 173 -1.00 -7.70 39.63
CA GLU A 173 -0.93 -6.24 39.63
C GLU A 173 -1.91 -5.60 38.65
N PRO A 174 -2.46 -4.43 39.01
CA PRO A 174 -3.35 -3.71 38.09
C PRO A 174 -2.66 -3.44 36.76
N CYS A 175 -3.44 -3.44 35.68
CA CYS A 175 -2.89 -3.33 34.34
C CYS A 175 -3.92 -2.69 33.42
N VAL A 176 -3.46 -1.96 32.41
CA VAL A 176 -4.39 -1.46 31.40
C VAL A 176 -5.00 -2.63 30.62
N ARG A 177 -6.12 -2.38 29.95
CA ARG A 177 -6.78 -3.42 29.16
C ARG A 177 -6.28 -3.40 27.71
N PRO A 178 -6.28 -4.56 27.05
CA PRO A 178 -5.90 -4.59 25.64
C PRO A 178 -7.02 -4.08 24.73
N GLY A 179 -6.65 -3.38 23.66
CA GLY A 179 -7.62 -2.83 22.73
C GLY A 179 -8.10 -3.88 21.73
N PRO A 180 -9.19 -3.57 21.00
CA PRO A 180 -9.66 -4.46 19.96
C PRO A 180 -8.66 -4.54 18.81
N VAL A 181 -8.60 -5.69 18.14
CA VAL A 181 -7.72 -5.85 16.99
C VAL A 181 -8.41 -6.52 15.81
N SER A 182 -7.92 -6.21 14.62
CA SER A 182 -8.30 -6.91 13.39
C SER A 182 -7.78 -8.34 13.49
N SER A 183 -6.49 -8.44 13.79
CA SER A 183 -5.77 -9.70 13.95
C SER A 183 -4.46 -9.40 14.67
N LEU A 184 -3.95 -10.36 15.43
CA LEU A 184 -2.65 -10.20 16.05
C LEU A 184 -1.51 -10.57 15.11
N LEU A 185 -1.87 -11.10 13.95
CA LEU A 185 -0.92 -11.37 12.89
C LEU A 185 -0.84 -10.19 11.91
N SER A 186 0.36 -9.64 11.74
CA SER A 186 0.58 -8.60 10.74
C SER A 186 1.95 -8.79 10.08
N GLU A 187 1.92 -9.22 8.82
CA GLU A 187 3.15 -9.34 8.01
C GLU A 187 3.63 -7.95 7.59
N PRO A 188 4.91 -7.81 7.20
CA PRO A 188 5.35 -6.51 6.69
C PRO A 188 4.66 -6.16 5.36
N GLU A 189 4.41 -4.86 5.16
CA GLU A 189 3.77 -4.42 3.93
C GLU A 189 4.62 -4.87 2.74
N ILE A 190 3.93 -5.35 1.71
CA ILE A 190 4.58 -6.00 0.58
C ILE A 190 5.25 -5.00 -0.38
N ASP A 191 6.46 -5.32 -0.83
CA ASP A 191 7.21 -4.51 -1.77
C ASP A 191 6.83 -4.85 -3.21
N HIS A 192 6.07 -3.96 -3.83
CA HIS A 192 5.47 -4.25 -5.13
C HIS A 192 6.45 -4.23 -6.30
N THR A 193 7.50 -3.42 -6.21
CA THR A 193 8.55 -3.42 -7.21
C THR A 193 9.22 -4.80 -7.26
N SER A 194 9.57 -5.32 -6.08
CA SER A 194 10.25 -6.62 -5.98
C SER A 194 9.34 -7.80 -6.39
N LEU A 195 8.09 -7.80 -5.94
CA LEU A 195 7.12 -8.82 -6.33
C LEU A 195 6.96 -8.89 -7.87
N LYS A 196 6.76 -7.74 -8.49
CA LYS A 196 6.58 -7.69 -9.93
C LYS A 196 7.79 -8.29 -10.68
N ALA A 197 8.99 -7.94 -10.22
CA ALA A 197 10.22 -8.37 -10.89
C ALA A 197 10.45 -9.87 -10.74
N ALA A 198 10.11 -10.40 -9.55
CA ALA A 198 10.25 -11.82 -9.26
C ALA A 198 9.27 -12.65 -10.09
N VAL A 199 8.04 -12.17 -10.19
CA VAL A 199 7.02 -12.87 -10.98
C VAL A 199 7.38 -12.83 -12.47
N ASP A 200 7.74 -11.64 -12.95
CA ASP A 200 8.21 -11.49 -14.34
C ASP A 200 9.38 -12.41 -14.69
N ALA A 201 10.37 -12.49 -13.81
CA ALA A 201 11.55 -13.34 -14.04
C ALA A 201 11.19 -14.83 -14.04
N THR A 202 10.28 -15.23 -13.16
CA THR A 202 9.84 -16.61 -13.07
C THR A 202 8.99 -17.02 -14.27
N VAL A 203 8.10 -16.12 -14.69
CA VAL A 203 7.27 -16.34 -15.88
C VAL A 203 8.15 -16.51 -17.11
N ALA A 204 9.14 -15.63 -17.26
CA ALA A 204 10.08 -15.70 -18.38
C ALA A 204 10.80 -17.05 -18.46
N LEU A 205 11.32 -17.51 -17.32
CA LEU A 205 11.98 -18.81 -17.24
C LEU A 205 11.01 -19.96 -17.54
N LEU A 206 9.78 -19.88 -16.99
CA LEU A 206 8.76 -20.91 -17.24
C LEU A 206 8.34 -20.97 -18.70
N GLU A 207 8.17 -19.81 -19.32
CA GLU A 207 7.77 -19.72 -20.73
C GLU A 207 8.74 -20.45 -21.66
N LYS A 208 10.04 -20.32 -21.39
CA LYS A 208 11.02 -20.94 -22.27
C LYS A 208 11.39 -22.37 -21.86
N SER A 209 10.71 -22.90 -20.86
CA SER A 209 10.89 -24.28 -20.39
C SER A 209 10.08 -25.30 -21.16
N ALA A 210 10.63 -26.51 -21.24
CA ALA A 210 9.93 -27.66 -21.83
C ALA A 210 9.11 -28.43 -20.80
N SER A 211 9.71 -28.73 -19.65
CA SER A 211 9.01 -29.46 -18.60
C SER A 211 9.38 -29.03 -17.16
N PRO A 212 8.65 -28.04 -16.63
CA PRO A 212 8.78 -27.61 -15.25
C PRO A 212 8.14 -28.60 -14.29
N VAL A 213 8.75 -28.77 -13.12
CA VAL A 213 8.18 -29.59 -12.06
C VAL A 213 8.04 -28.73 -10.80
N MET A 214 7.03 -29.02 -10.01
CA MET A 214 6.87 -28.42 -8.69
C MET A 214 7.31 -29.39 -7.60
N LEU A 215 8.15 -28.91 -6.70
CA LEU A 215 8.56 -29.69 -5.54
C LEU A 215 8.21 -28.93 -4.26
N LEU A 216 7.39 -29.54 -3.42
CA LEU A 216 6.82 -28.86 -2.26
C LEU A 216 7.52 -29.25 -0.97
N GLY A 217 7.84 -28.26 -0.14
CA GLY A 217 8.57 -28.49 1.09
C GLY A 217 7.77 -28.26 2.37
N SER A 218 8.41 -28.55 3.51
CA SER A 218 7.72 -28.57 4.79
C SER A 218 7.42 -27.20 5.41
N LYS A 219 7.83 -26.11 4.77
CA LYS A 219 7.45 -24.78 5.24
C LYS A 219 6.18 -24.25 4.55
N LEU A 220 5.57 -25.05 3.70
CA LEU A 220 4.42 -24.61 2.92
C LEU A 220 3.25 -24.18 3.78
N ARG A 221 3.00 -24.90 4.86
CA ARG A 221 1.87 -24.63 5.76
C ARG A 221 2.12 -23.39 6.61
N ALA A 222 3.33 -23.27 7.16
CA ALA A 222 3.70 -22.12 7.97
C ALA A 222 3.60 -20.84 7.15
N ALA A 223 3.97 -20.94 5.87
CA ALA A 223 3.84 -19.83 4.93
C ALA A 223 2.41 -19.55 4.51
N ASN A 224 1.49 -20.37 5.03
CA ASN A 224 0.05 -20.29 4.73
C ASN A 224 -0.18 -20.27 3.20
N ALA A 225 0.39 -21.26 2.53
CA ALA A 225 0.51 -21.25 1.07
C ALA A 225 -0.07 -22.50 0.40
N LEU A 226 -0.90 -23.23 1.12
CA LEU A 226 -1.48 -24.47 0.59
C LEU A 226 -2.44 -24.22 -0.58
N ALA A 227 -3.44 -23.37 -0.35
CA ALA A 227 -4.42 -23.05 -1.39
C ALA A 227 -3.78 -22.41 -2.61
N ALA A 228 -2.85 -21.48 -2.38
CA ALA A 228 -2.13 -20.81 -3.45
C ALA A 228 -1.32 -21.79 -4.31
N THR A 229 -0.76 -22.81 -3.65
CA THR A 229 0.03 -23.83 -4.34
C THR A 229 -0.82 -24.66 -5.31
N GLU A 230 -2.00 -25.09 -4.88
CA GLU A 230 -2.79 -25.93 -5.77
C GLU A 230 -3.51 -25.12 -6.84
N THR A 231 -3.65 -23.82 -6.60
CA THR A 231 -4.14 -22.90 -7.63
C THR A 231 -3.07 -22.79 -8.73
N LEU A 232 -1.82 -22.64 -8.32
CA LEU A 232 -0.70 -22.56 -9.25
C LEU A 232 -0.52 -23.86 -10.04
N ALA A 233 -0.71 -24.99 -9.35
CA ALA A 233 -0.65 -26.30 -9.97
C ALA A 233 -1.73 -26.49 -11.02
N ASP A 234 -2.91 -25.90 -10.79
CA ASP A 234 -4.02 -25.97 -11.75
C ASP A 234 -3.69 -25.21 -13.03
N LYS A 235 -3.00 -24.08 -12.88
CA LYS A 235 -2.63 -23.22 -14.00
C LYS A 235 -1.48 -23.82 -14.80
N LEU A 236 -0.47 -24.32 -14.10
CA LEU A 236 0.72 -24.88 -14.75
C LEU A 236 0.50 -26.24 -15.42
N GLN A 237 -0.45 -27.02 -14.90
CA GLN A 237 -0.78 -28.35 -15.41
C GLN A 237 0.33 -29.37 -15.15
N CYS A 238 1.41 -28.94 -14.50
CA CYS A 238 2.62 -29.75 -14.41
C CYS A 238 2.61 -30.77 -13.29
N ALA A 239 3.65 -31.60 -13.24
CA ALA A 239 3.82 -32.60 -12.19
C ALA A 239 4.07 -31.92 -10.86
N VAL A 240 3.39 -32.40 -9.83
CA VAL A 240 3.57 -31.92 -8.46
C VAL A 240 4.13 -33.05 -7.62
N THR A 241 5.27 -32.79 -6.98
CA THR A 241 5.90 -33.77 -6.12
C THR A 241 6.10 -33.19 -4.72
N ILE A 242 6.20 -34.05 -3.73
CA ILE A 242 6.42 -33.63 -2.34
C ILE A 242 7.74 -34.14 -1.75
N MET A 243 8.34 -33.35 -0.88
CA MET A 243 9.41 -33.83 -0.04
C MET A 243 8.77 -34.58 1.11
N ALA A 244 9.53 -35.49 1.73
CA ALA A 244 9.01 -36.32 2.82
C ALA A 244 8.20 -35.52 3.84
N ALA A 245 8.78 -34.44 4.34
CA ALA A 245 8.17 -33.68 5.42
C ALA A 245 6.97 -32.84 4.99
N ALA A 246 6.66 -32.88 3.70
CA ALA A 246 5.54 -32.12 3.15
C ALA A 246 4.34 -33.01 2.85
N LYS A 247 4.35 -34.23 3.36
CA LYS A 247 3.23 -35.14 3.12
C LYS A 247 1.91 -34.57 3.65
N GLY A 248 0.93 -34.47 2.76
CA GLY A 248 -0.38 -33.98 3.14
C GLY A 248 -0.59 -32.51 2.86
N PHE A 249 0.48 -31.86 2.42
CA PHE A 249 0.42 -30.44 2.06
C PHE A 249 -0.13 -30.23 0.65
N PHE A 250 -0.42 -31.32 -0.03
CA PHE A 250 -1.02 -31.28 -1.35
C PHE A 250 -1.98 -32.47 -1.51
N PRO A 251 -3.17 -32.23 -2.12
CA PRO A 251 -4.15 -33.32 -2.33
C PRO A 251 -3.66 -34.39 -3.32
N GLU A 252 -3.52 -35.63 -2.83
CA GLU A 252 -3.02 -36.75 -3.65
C GLU A 252 -4.08 -37.20 -4.67
N ASP A 253 -5.29 -36.67 -4.50
CA ASP A 253 -6.42 -36.77 -5.41
C ASP A 253 -6.15 -36.10 -6.75
N HIS A 254 -5.30 -35.07 -6.71
CA HIS A 254 -5.07 -34.13 -7.80
C HIS A 254 -4.49 -34.79 -9.05
N ALA A 255 -4.92 -34.31 -10.21
CA ALA A 255 -4.48 -34.83 -11.50
C ALA A 255 -2.95 -34.74 -11.71
N GLY A 256 -2.33 -33.74 -11.07
CA GLY A 256 -0.91 -33.48 -11.23
C GLY A 256 0.01 -34.10 -10.20
N PHE A 257 -0.57 -34.74 -9.17
CA PHE A 257 0.23 -35.34 -8.11
C PHE A 257 1.05 -36.51 -8.64
N ARG A 258 2.35 -36.49 -8.39
CA ARG A 258 3.25 -37.51 -8.92
C ARG A 258 4.08 -38.23 -7.85
N GLY A 259 3.91 -37.84 -6.59
CA GLY A 259 4.48 -38.61 -5.50
C GLY A 259 5.66 -38.00 -4.75
N LEU A 260 6.44 -38.87 -4.14
CA LEU A 260 7.47 -38.48 -3.19
C LEU A 260 8.84 -38.36 -3.84
N TYR A 261 9.46 -37.20 -3.65
CA TYR A 261 10.87 -37.03 -3.99
C TYR A 261 11.69 -37.07 -2.72
N TRP A 262 12.55 -38.07 -2.62
CA TRP A 262 13.41 -38.25 -1.46
C TRP A 262 14.63 -39.05 -1.89
N GLY A 263 15.42 -38.47 -2.80
CA GLY A 263 16.61 -39.13 -3.32
C GLY A 263 16.36 -40.53 -3.87
N GLU A 264 17.14 -41.48 -3.39
CA GLU A 264 17.02 -42.87 -3.86
C GLU A 264 15.82 -43.64 -3.31
N VAL A 265 15.10 -43.06 -2.34
CA VAL A 265 13.89 -43.70 -1.83
C VAL A 265 12.62 -43.02 -2.35
N SER A 266 12.77 -42.24 -3.42
CA SER A 266 11.63 -41.66 -4.14
C SER A 266 10.74 -42.75 -4.72
N ASN A 267 9.52 -42.38 -5.09
CA ASN A 267 8.67 -43.26 -5.92
C ASN A 267 9.34 -43.45 -7.29
N PRO A 268 9.19 -44.65 -7.89
CA PRO A 268 9.82 -44.90 -9.19
C PRO A 268 9.60 -43.77 -10.20
N GLY A 269 10.67 -43.37 -10.89
CA GLY A 269 10.62 -42.31 -11.90
C GLY A 269 10.72 -40.89 -11.39
N VAL A 270 10.30 -40.66 -10.14
CA VAL A 270 10.21 -39.31 -9.57
C VAL A 270 11.57 -38.63 -9.43
N GLN A 271 12.59 -39.38 -8.99
CA GLN A 271 13.94 -38.83 -8.90
C GLN A 271 14.35 -38.24 -10.25
N GLU A 272 14.21 -39.01 -11.33
CA GLU A 272 14.49 -38.54 -12.69
C GLU A 272 13.62 -37.32 -13.05
N LEU A 273 12.33 -37.38 -12.72
CA LEU A 273 11.43 -36.25 -12.95
C LEU A 273 11.95 -34.89 -12.46
N VAL A 274 12.38 -34.82 -11.20
CA VAL A 274 12.75 -33.52 -10.61
C VAL A 274 14.21 -33.20 -10.87
N GLU A 275 15.09 -34.18 -10.74
CA GLU A 275 16.54 -34.01 -10.92
C GLU A 275 16.87 -33.52 -12.33
N THR A 276 15.99 -33.85 -13.27
CA THR A 276 16.22 -33.58 -14.68
C THR A 276 15.37 -32.43 -15.24
N SER A 277 14.52 -31.86 -14.39
CA SER A 277 13.61 -30.80 -14.81
C SER A 277 14.30 -29.57 -15.41
N ASP A 278 13.67 -29.06 -16.46
CA ASP A 278 14.03 -27.85 -17.15
C ASP A 278 13.98 -26.64 -16.22
N ALA A 279 12.99 -26.64 -15.32
CA ALA A 279 12.75 -25.53 -14.40
C ALA A 279 12.03 -26.03 -13.16
N LEU A 280 12.80 -26.32 -12.11
CA LEU A 280 12.24 -26.88 -10.89
C LEU A 280 11.72 -25.81 -9.97
N LEU A 281 10.40 -25.74 -9.84
CA LEU A 281 9.74 -24.80 -8.96
C LEU A 281 9.73 -25.40 -7.56
N CYS A 282 10.73 -25.02 -6.79
CA CYS A 282 10.98 -25.61 -5.49
C CYS A 282 10.44 -24.69 -4.38
N ILE A 283 9.35 -25.11 -3.75
CA ILE A 283 8.55 -24.22 -2.91
C ILE A 283 8.58 -24.55 -1.42
N ALA A 284 9.12 -23.62 -0.63
CA ALA A 284 9.18 -23.72 0.82
C ALA A 284 9.93 -24.97 1.33
N PRO A 285 11.08 -25.29 0.71
CA PRO A 285 11.80 -26.50 1.08
C PRO A 285 12.59 -26.34 2.36
N VAL A 286 12.86 -27.46 3.04
CA VAL A 286 13.87 -27.51 4.10
C VAL A 286 14.88 -28.56 3.68
N PHE A 287 16.03 -28.11 3.22
CA PHE A 287 17.10 -29.02 2.81
C PHE A 287 18.08 -29.26 3.97
N ASN A 288 17.96 -30.44 4.57
CA ASN A 288 18.92 -30.85 5.57
C ASN A 288 19.51 -32.22 5.23
N ASP A 289 20.32 -32.76 6.14
CA ASP A 289 20.99 -34.03 5.88
C ASP A 289 20.02 -35.21 5.77
N TYR A 290 18.85 -35.08 6.39
CA TYR A 290 17.83 -36.12 6.32
C TYR A 290 17.03 -36.03 5.01
N SER A 291 16.55 -34.83 4.69
CA SER A 291 15.72 -34.63 3.50
C SER A 291 16.49 -34.76 2.19
N THR A 292 17.76 -34.36 2.18
CA THR A 292 18.60 -34.51 0.99
C THR A 292 19.28 -35.87 0.90
N VAL A 293 18.98 -36.74 1.87
CA VAL A 293 19.56 -38.09 1.98
C VAL A 293 21.09 -38.02 1.93
N GLY A 294 21.68 -37.47 2.98
CA GLY A 294 23.13 -37.31 3.06
C GLY A 294 23.74 -36.47 1.95
N TRP A 295 23.03 -35.40 1.57
CA TRP A 295 23.51 -34.41 0.59
C TRP A 295 23.60 -34.94 -0.84
N SER A 296 22.98 -36.10 -1.10
CA SER A 296 23.01 -36.73 -2.42
C SER A 296 21.85 -36.29 -3.32
N ALA A 297 20.79 -35.78 -2.72
CA ALA A 297 19.60 -35.37 -3.46
C ALA A 297 19.18 -33.96 -3.07
N TRP A 298 19.93 -32.98 -3.56
CA TRP A 298 19.76 -31.59 -3.18
C TRP A 298 19.80 -30.70 -4.41
N PRO A 299 18.62 -30.44 -5.01
CA PRO A 299 18.53 -29.70 -6.27
C PRO A 299 18.79 -28.23 -6.06
N LYS A 300 19.75 -27.69 -6.82
CA LYS A 300 20.08 -26.28 -6.78
C LYS A 300 20.73 -25.83 -8.10
N GLY A 301 21.00 -24.53 -8.21
CA GLY A 301 21.65 -23.99 -9.39
C GLY A 301 20.69 -23.27 -10.33
N PRO A 302 21.16 -22.98 -11.56
CA PRO A 302 20.44 -22.13 -12.52
C PRO A 302 19.02 -22.60 -12.87
N ASN A 303 18.81 -23.91 -12.94
CA ASN A 303 17.49 -24.46 -13.29
C ASN A 303 16.45 -24.50 -12.15
N VAL A 304 16.81 -24.01 -10.99
CA VAL A 304 15.92 -24.09 -9.83
C VAL A 304 15.33 -22.74 -9.45
N ILE A 305 14.01 -22.70 -9.31
CA ILE A 305 13.34 -21.54 -8.75
C ILE A 305 13.12 -21.84 -7.27
N LEU A 306 13.94 -21.22 -6.44
CA LEU A 306 13.89 -21.41 -5.00
C LEU A 306 12.94 -20.39 -4.39
N ALA A 307 11.76 -20.84 -3.98
CA ALA A 307 10.74 -19.97 -3.44
C ALA A 307 10.54 -20.22 -1.96
N GLU A 308 11.10 -19.35 -1.15
CA GLU A 308 11.06 -19.49 0.30
C GLU A 308 9.95 -18.59 0.87
N PRO A 309 9.64 -18.71 2.19
CA PRO A 309 8.52 -17.92 2.76
C PRO A 309 8.63 -16.41 2.60
N ASP A 310 9.81 -15.95 2.22
CA ASP A 310 10.24 -14.58 2.46
C ASP A 310 10.84 -13.97 1.20
N ARG A 311 11.25 -14.83 0.28
CA ARG A 311 12.15 -14.46 -0.81
C ARG A 311 12.11 -15.49 -1.93
N VAL A 312 12.49 -15.06 -3.13
CA VAL A 312 12.55 -15.95 -4.30
C VAL A 312 13.88 -15.77 -5.02
N THR A 313 14.56 -16.88 -5.31
CA THR A 313 15.80 -16.84 -6.07
C THR A 313 15.62 -17.55 -7.39
N VAL A 314 15.80 -16.82 -8.48
CA VAL A 314 15.54 -17.34 -9.82
C VAL A 314 16.46 -16.69 -10.83
N ASP A 315 17.16 -17.53 -11.61
CA ASP A 315 18.00 -17.08 -12.73
C ASP A 315 19.10 -16.10 -12.28
N GLY A 316 19.73 -16.39 -11.13
CA GLY A 316 20.87 -15.61 -10.66
C GLY A 316 20.54 -14.31 -9.96
N ARG A 317 19.29 -14.16 -9.53
CA ARG A 317 18.86 -13.00 -8.76
C ARG A 317 17.98 -13.40 -7.60
N ALA A 318 18.12 -12.70 -6.47
CA ALA A 318 17.28 -12.90 -5.31
C ALA A 318 16.32 -11.73 -5.16
N TYR A 319 15.04 -12.03 -4.96
CA TYR A 319 14.01 -11.01 -4.81
C TYR A 319 13.37 -11.16 -3.44
N ASP A 320 13.42 -10.09 -2.64
CA ASP A 320 12.92 -10.16 -1.26
C ASP A 320 11.83 -9.13 -1.00
N GLY A 321 11.21 -9.21 0.18
CA GLY A 321 10.25 -8.19 0.63
C GLY A 321 8.78 -8.45 0.32
N PHE A 322 8.42 -9.71 0.16
CA PHE A 322 7.03 -10.11 -0.05
C PHE A 322 6.82 -11.50 0.54
N THR A 323 5.57 -11.86 0.80
CA THR A 323 5.26 -13.18 1.32
C THR A 323 5.21 -14.21 0.17
N LEU A 324 5.50 -15.47 0.51
CA LEU A 324 5.40 -16.56 -0.46
C LEU A 324 4.00 -16.65 -1.02
N ARG A 325 3.00 -16.51 -0.14
CA ARG A 325 1.60 -16.58 -0.54
C ARG A 325 1.24 -15.57 -1.63
N ALA A 326 1.69 -14.32 -1.46
CA ALA A 326 1.45 -13.28 -2.45
C ALA A 326 2.16 -13.58 -3.78
N PHE A 327 3.34 -14.18 -3.69
CA PHE A 327 4.13 -14.57 -4.87
C PHE A 327 3.40 -15.65 -5.66
N LEU A 328 2.93 -16.69 -4.96
CA LEU A 328 2.24 -17.81 -5.60
C LEU A 328 0.89 -17.40 -6.21
N GLN A 329 0.15 -16.52 -5.54
CA GLN A 329 -1.09 -15.99 -6.10
C GLN A 329 -0.83 -15.22 -7.38
N ALA A 330 0.15 -14.30 -7.35
CA ALA A 330 0.50 -13.47 -8.51
C ALA A 330 1.04 -14.28 -9.66
N LEU A 331 1.85 -15.30 -9.34
CA LEU A 331 2.42 -16.18 -10.36
C LEU A 331 1.35 -16.99 -11.08
N ALA A 332 0.33 -17.44 -10.33
CA ALA A 332 -0.79 -18.20 -10.90
C ALA A 332 -1.60 -17.41 -11.94
N GLU A 333 -1.66 -16.09 -11.80
CA GLU A 333 -2.36 -15.24 -12.77
C GLU A 333 -1.63 -15.26 -14.11
N LYS A 334 -0.31 -15.25 -14.07
CA LYS A 334 0.53 -15.02 -15.26
C LYS A 334 1.20 -16.27 -15.85
N ALA A 335 1.33 -17.33 -15.06
CA ALA A 335 2.01 -18.55 -15.49
C ALA A 335 1.38 -19.20 -16.73
N PRO A 336 2.23 -19.75 -17.63
CA PRO A 336 1.74 -20.51 -18.78
C PRO A 336 1.37 -21.95 -18.41
N ALA A 337 0.72 -22.65 -19.34
CA ALA A 337 0.43 -24.07 -19.16
C ALA A 337 1.60 -24.89 -19.67
N ARG A 338 2.16 -25.74 -18.81
CA ARG A 338 3.28 -26.62 -19.16
C ARG A 338 3.08 -28.05 -18.65
N PRO A 339 2.31 -28.87 -19.40
CA PRO A 339 1.88 -30.16 -18.87
C PRO A 339 2.87 -31.31 -19.07
N ALA A 340 3.93 -31.09 -19.84
CA ALA A 340 4.89 -32.15 -20.22
C ALA A 340 5.31 -33.08 -19.08
N SER A 341 5.64 -32.51 -17.92
CA SER A 341 6.07 -33.30 -16.75
C SER A 341 4.99 -34.28 -16.29
N ALA A 342 3.73 -33.83 -16.31
CA ALA A 342 2.62 -34.64 -15.84
C ALA A 342 2.26 -35.76 -16.81
N GLN A 343 2.24 -35.46 -18.10
CA GLN A 343 1.87 -36.45 -19.10
C GLN A 343 2.99 -37.46 -19.41
N LYS A 344 4.20 -37.18 -18.94
CA LYS A 344 5.34 -38.07 -19.12
C LYS A 344 5.60 -38.97 -17.90
N SER A 345 4.64 -39.02 -16.98
CA SER A 345 4.82 -39.77 -15.73
C SER A 345 3.51 -40.28 -15.17
N SER A 346 3.59 -41.34 -14.38
CA SER A 346 2.40 -42.01 -13.84
C SER A 346 2.05 -41.55 -12.43
N VAL A 347 0.76 -41.65 -12.10
CA VAL A 347 0.28 -41.42 -10.74
C VAL A 347 0.95 -42.43 -9.80
N PRO A 348 1.51 -41.96 -8.67
CA PRO A 348 2.28 -42.83 -7.80
C PRO A 348 1.42 -43.92 -7.19
N THR A 349 1.98 -45.12 -7.16
CA THR A 349 1.31 -46.27 -6.57
C THR A 349 2.24 -46.87 -5.54
N CYS A 350 1.72 -47.68 -4.62
CA CYS A 350 2.57 -48.27 -3.59
C CYS A 350 2.22 -49.72 -3.28
N SER A 351 3.17 -50.61 -3.60
CA SER A 351 2.98 -52.05 -3.49
C SER A 351 3.07 -52.52 -2.04
N LEU A 352 1.97 -53.12 -1.55
CA LEU A 352 1.92 -53.62 -0.17
C LEU A 352 1.63 -55.11 -0.15
N THR A 353 2.55 -55.90 0.41
CA THR A 353 2.36 -57.35 0.43
C THR A 353 1.27 -57.82 1.39
N ALA A 354 0.35 -58.61 0.86
CA ALA A 354 -0.80 -59.11 1.62
C ALA A 354 -0.53 -60.50 2.19
N THR A 355 -1.05 -60.72 3.39
CA THR A 355 -0.83 -61.96 4.12
C THR A 355 -2.18 -62.68 4.30
N SER A 356 -2.20 -63.79 5.04
CA SER A 356 -3.47 -64.42 5.39
C SER A 356 -3.95 -63.90 6.76
N ASP A 357 -5.22 -64.16 7.04
CA ASP A 357 -5.88 -63.77 8.29
C ASP A 357 -5.11 -64.14 9.57
N GLU A 358 -4.60 -65.37 9.59
CA GLU A 358 -4.07 -65.99 10.82
C GLU A 358 -2.55 -65.97 10.93
N ALA A 359 -1.88 -65.48 9.88
CA ALA A 359 -0.43 -65.33 9.91
C ALA A 359 -0.05 -64.26 10.91
N GLY A 360 1.19 -64.31 11.41
CA GLY A 360 1.70 -63.29 12.30
C GLY A 360 1.63 -61.93 11.64
N LEU A 361 1.33 -60.91 12.44
CA LEU A 361 1.17 -59.55 11.91
C LEU A 361 2.46 -59.02 11.26
N THR A 362 2.26 -58.25 10.19
CA THR A 362 3.34 -57.80 9.32
C THR A 362 3.26 -56.28 9.17
N ASN A 363 4.42 -55.66 9.04
CA ASN A 363 4.54 -54.23 8.79
C ASN A 363 3.64 -53.75 7.65
N ASP A 364 3.73 -54.41 6.48
CA ASP A 364 2.92 -54.06 5.31
C ASP A 364 1.42 -54.14 5.59
N GLU A 365 1.05 -55.14 6.38
CA GLU A 365 -0.35 -55.39 6.72
C GLU A 365 -0.90 -54.33 7.68
N ILE A 366 -0.04 -53.79 8.54
CA ILE A 366 -0.43 -52.68 9.40
C ILE A 366 -0.75 -51.43 8.57
N VAL A 367 0.12 -51.15 7.60
CA VAL A 367 -0.05 -50.01 6.69
C VAL A 367 -1.36 -50.16 5.91
N ARG A 368 -1.63 -51.38 5.46
CA ARG A 368 -2.83 -51.66 4.69
C ARG A 368 -4.10 -51.35 5.50
N HIS A 369 -4.08 -51.72 6.78
CA HIS A 369 -5.19 -51.48 7.69
C HIS A 369 -5.38 -50.01 8.04
N ILE A 370 -4.28 -49.31 8.33
CA ILE A 370 -4.34 -47.89 8.65
C ILE A 370 -4.78 -47.06 7.43
N ASN A 371 -4.26 -47.41 6.26
CA ASN A 371 -4.66 -46.75 5.03
C ASN A 371 -6.17 -46.78 4.81
N ALA A 372 -6.79 -47.92 5.13
CA ALA A 372 -8.24 -48.11 5.01
C ALA A 372 -9.03 -47.26 6.03
N LEU A 373 -8.39 -46.91 7.14
CA LEU A 373 -8.98 -46.06 8.17
C LEU A 373 -9.08 -44.60 7.75
N LEU A 374 -8.11 -44.13 6.97
CA LEU A 374 -7.99 -42.71 6.62
C LEU A 374 -9.21 -42.18 5.88
N THR A 375 -9.77 -41.08 6.38
CA THR A 375 -10.82 -40.34 5.71
C THR A 375 -10.34 -38.91 5.51
N SER A 376 -11.13 -38.09 4.81
CA SER A 376 -10.83 -36.67 4.62
C SER A 376 -10.81 -35.92 5.95
N ASN A 377 -11.41 -36.54 6.96
CA ASN A 377 -11.52 -35.97 8.29
C ASN A 377 -10.45 -36.49 9.27
N THR A 378 -9.42 -37.17 8.75
CA THR A 378 -8.38 -37.79 9.58
C THR A 378 -7.15 -36.91 9.73
N THR A 379 -6.54 -36.95 10.92
CA THR A 379 -5.20 -36.44 11.15
C THR A 379 -4.32 -37.59 11.61
N LEU A 380 -3.29 -37.87 10.82
CA LEU A 380 -2.35 -38.96 11.10
C LEU A 380 -1.07 -38.36 11.67
N VAL A 381 -0.71 -38.78 12.88
CA VAL A 381 0.55 -38.37 13.51
C VAL A 381 1.55 -39.51 13.43
N ALA A 382 2.69 -39.25 12.80
CA ALA A 382 3.69 -40.28 12.57
C ALA A 382 5.00 -40.00 13.28
N GLU A 383 5.36 -40.88 14.21
CA GLU A 383 6.55 -40.70 15.03
C GLU A 383 7.85 -40.97 14.28
N THR A 384 8.93 -40.37 14.77
CA THR A 384 10.28 -40.69 14.32
C THR A 384 10.56 -42.18 14.55
N GLY A 385 11.13 -42.82 13.52
CA GLY A 385 11.33 -44.26 13.50
C GLY A 385 10.77 -44.78 12.20
N ASP A 386 10.50 -46.08 12.13
CA ASP A 386 9.97 -46.67 10.90
C ASP A 386 8.59 -46.11 10.54
N SER A 387 7.92 -45.48 11.49
CA SER A 387 6.62 -44.87 11.23
C SER A 387 6.71 -43.72 10.22
N TRP A 388 7.85 -43.03 10.18
CA TRP A 388 8.11 -42.02 9.14
C TRP A 388 7.90 -42.64 7.78
N PHE A 389 8.42 -43.86 7.63
CA PHE A 389 8.54 -44.47 6.34
C PHE A 389 7.26 -45.07 5.85
N ASN A 390 6.46 -45.68 6.72
CA ASN A 390 5.17 -46.10 6.22
C ASN A 390 4.09 -45.03 6.23
N ALA A 391 4.40 -43.87 6.82
CA ALA A 391 3.60 -42.68 6.58
C ALA A 391 3.74 -42.30 5.11
N MET A 392 4.97 -42.33 4.60
CA MET A 392 5.23 -42.06 3.19
C MET A 392 4.49 -43.04 2.26
N ARG A 393 4.22 -44.24 2.78
CA ARG A 393 3.69 -45.31 1.95
C ARG A 393 2.18 -45.33 1.87
N MET A 394 1.53 -44.35 2.49
CA MET A 394 0.07 -44.29 2.46
C MET A 394 -0.47 -43.37 1.41
N THR A 395 -1.56 -43.81 0.78
CA THR A 395 -2.32 -42.96 -0.11
C THR A 395 -3.36 -42.27 0.74
N LEU A 396 -3.26 -40.96 0.87
CA LEU A 396 -4.18 -40.24 1.73
C LEU A 396 -5.26 -39.51 0.93
N PRO A 397 -6.53 -39.70 1.34
CA PRO A 397 -7.67 -39.02 0.70
C PRO A 397 -7.58 -37.50 0.85
N ARG A 398 -8.18 -36.78 -0.09
CA ARG A 398 -8.18 -35.32 -0.07
C ARG A 398 -8.78 -34.81 1.24
N GLY A 399 -8.09 -33.88 1.89
CA GLY A 399 -8.54 -33.34 3.17
C GLY A 399 -7.82 -33.91 4.36
N ALA A 400 -7.30 -35.12 4.22
CA ALA A 400 -6.56 -35.79 5.30
C ALA A 400 -5.28 -35.02 5.64
N ARG A 401 -4.94 -35.03 6.93
CA ARG A 401 -3.76 -34.32 7.43
C ARG A 401 -2.71 -35.29 7.97
N VAL A 402 -1.45 -35.01 7.69
CA VAL A 402 -0.35 -35.77 8.26
C VAL A 402 0.51 -34.81 9.04
N GLU A 403 0.93 -35.25 10.22
CA GLU A 403 1.83 -34.47 11.07
C GLU A 403 3.16 -35.19 11.25
N LEU A 404 4.23 -34.54 10.81
CA LEU A 404 5.57 -35.09 10.96
C LEU A 404 6.46 -34.10 11.68
N GLU A 405 7.49 -34.60 12.34
CA GLU A 405 8.42 -33.75 13.05
C GLU A 405 9.84 -34.07 12.59
N MET A 406 10.08 -33.90 11.29
CA MET A 406 11.30 -34.44 10.65
C MET A 406 12.53 -33.56 10.83
N GLN A 407 12.35 -32.34 11.31
CA GLN A 407 13.47 -31.44 11.55
C GLN A 407 14.00 -31.60 12.97
N TRP A 408 13.10 -31.57 13.96
CA TRP A 408 13.49 -31.79 15.35
C TRP A 408 13.76 -33.25 15.62
N GLY A 409 12.80 -34.10 15.28
CA GLY A 409 12.95 -35.56 15.42
C GLY A 409 13.17 -36.09 16.83
N HIS A 410 12.41 -35.55 17.79
CA HIS A 410 12.48 -35.95 19.18
C HIS A 410 11.53 -37.12 19.38
N ILE A 411 12.05 -38.33 19.53
CA ILE A 411 11.19 -39.49 19.79
C ILE A 411 10.33 -39.27 21.03
N GLY A 412 9.09 -39.72 20.98
CA GLY A 412 8.15 -39.48 22.06
C GLY A 412 7.25 -38.31 21.75
N TRP A 413 7.70 -37.41 20.87
CA TRP A 413 6.92 -36.25 20.42
C TRP A 413 5.50 -36.67 20.05
N SER A 414 5.42 -37.81 19.37
CA SER A 414 4.17 -38.38 18.89
C SER A 414 2.96 -38.22 19.83
N VAL A 415 3.13 -38.66 21.07
CA VAL A 415 2.01 -38.82 22.00
C VAL A 415 1.47 -37.47 22.53
N PRO A 416 2.29 -36.68 23.24
CA PRO A 416 1.76 -35.40 23.70
C PRO A 416 1.34 -34.48 22.55
N SER A 417 2.05 -34.57 21.43
CA SER A 417 1.72 -33.77 20.26
C SER A 417 0.34 -34.08 19.76
N ALA A 418 0.02 -35.37 19.65
CA ALA A 418 -1.31 -35.81 19.23
C ALA A 418 -2.40 -35.37 20.20
N PHE A 419 -2.06 -35.38 21.49
CA PHE A 419 -2.96 -34.91 22.54
C PHE A 419 -3.37 -33.45 22.36
N GLY A 420 -2.38 -32.58 22.20
CA GLY A 420 -2.62 -31.16 21.94
C GLY A 420 -3.36 -30.96 20.63
N ASN A 421 -2.90 -31.64 19.59
CA ASN A 421 -3.54 -31.56 18.29
C ASN A 421 -5.03 -31.94 18.36
N ALA A 422 -5.35 -33.01 19.07
CA ALA A 422 -6.72 -33.44 19.27
C ALA A 422 -7.56 -32.39 19.99
N MET A 423 -6.99 -31.80 21.06
CA MET A 423 -7.63 -30.71 21.79
C MET A 423 -8.03 -29.57 20.85
N GLY A 424 -7.15 -29.27 19.89
CA GLY A 424 -7.34 -28.15 18.97
C GLY A 424 -8.18 -28.45 17.75
N SER A 425 -8.63 -29.70 17.61
CA SER A 425 -9.48 -30.09 16.49
C SER A 425 -10.28 -31.33 16.89
N GLN A 426 -11.19 -31.15 17.83
CA GLN A 426 -11.94 -32.26 18.43
C GLN A 426 -12.94 -32.92 17.49
N ASP A 427 -13.21 -32.24 16.37
CA ASP A 427 -14.15 -32.70 15.34
C ASP A 427 -13.55 -33.74 14.40
N ARG A 428 -12.22 -33.86 14.40
CA ARG A 428 -11.50 -34.75 13.49
C ARG A 428 -11.21 -36.11 14.13
N GLN A 429 -10.92 -37.12 13.31
CA GLN A 429 -10.43 -38.40 13.82
C GLN A 429 -8.92 -38.33 13.94
N HIS A 430 -8.39 -38.67 15.10
CA HIS A 430 -6.96 -38.63 15.32
C HIS A 430 -6.32 -40.00 15.42
N VAL A 431 -5.32 -40.23 14.57
CA VAL A 431 -4.63 -41.51 14.49
C VAL A 431 -3.14 -41.29 14.72
N VAL A 432 -2.55 -42.12 15.58
CA VAL A 432 -1.14 -42.02 15.91
C VAL A 432 -0.40 -43.30 15.54
N MET A 433 0.75 -43.14 14.90
CA MET A 433 1.68 -44.25 14.70
C MET A 433 2.91 -43.99 15.53
N VAL A 434 3.17 -44.88 16.49
CA VAL A 434 4.29 -44.68 17.41
C VAL A 434 5.01 -45.98 17.71
N GLY A 435 6.34 -45.93 17.69
CA GLY A 435 7.15 -47.10 18.00
C GLY A 435 7.21 -47.34 19.49
N ASP A 436 7.62 -48.55 19.87
CA ASP A 436 7.67 -48.93 21.27
C ASP A 436 8.72 -48.12 22.03
N GLY A 437 9.85 -47.84 21.38
CA GLY A 437 10.92 -47.08 22.00
C GLY A 437 10.51 -45.65 22.28
N SER A 438 9.83 -45.05 21.31
CA SER A 438 9.38 -43.67 21.42
C SER A 438 8.32 -43.52 22.50
N PHE A 439 7.42 -44.49 22.55
CA PHE A 439 6.31 -44.43 23.47
C PHE A 439 6.78 -44.32 24.90
N GLN A 440 7.89 -44.96 25.23
CA GLN A 440 8.38 -45.01 26.60
C GLN A 440 8.81 -43.66 27.15
N LEU A 441 9.21 -42.74 26.28
CA LEU A 441 9.62 -41.40 26.71
C LEU A 441 8.50 -40.55 27.27
N THR A 442 7.30 -40.70 26.70
CA THR A 442 6.21 -39.76 26.96
C THR A 442 4.89 -40.45 27.26
N ALA A 443 4.95 -41.77 27.49
CA ALA A 443 3.77 -42.61 27.68
C ALA A 443 2.70 -42.00 28.56
N GLN A 444 3.11 -41.40 29.68
CA GLN A 444 2.16 -40.89 30.69
C GLN A 444 1.13 -39.90 30.15
N GLU A 445 1.37 -39.31 28.99
CA GLU A 445 0.41 -38.36 28.46
C GLU A 445 -0.84 -39.00 27.85
N VAL A 446 -0.83 -40.31 27.68
CA VAL A 446 -2.03 -41.03 27.25
C VAL A 446 -3.10 -40.91 28.35
N ALA A 447 -2.64 -40.71 29.59
CA ALA A 447 -3.52 -40.54 30.75
C ALA A 447 -4.34 -39.26 30.65
N GLN A 448 -3.77 -38.24 30.01
CA GLN A 448 -4.47 -36.97 29.76
C GLN A 448 -5.58 -37.14 28.73
N MET A 449 -5.28 -37.93 27.69
CA MET A 449 -6.28 -38.28 26.67
C MET A 449 -7.47 -38.97 27.35
N VAL A 450 -7.18 -39.84 28.31
CA VAL A 450 -8.21 -40.50 29.10
C VAL A 450 -8.96 -39.45 29.91
N ARG A 451 -8.23 -38.64 30.67
CA ARG A 451 -8.82 -37.61 31.50
C ARG A 451 -9.80 -36.71 30.73
N TYR A 452 -9.38 -36.26 29.55
CA TYR A 452 -10.18 -35.33 28.76
C TYR A 452 -11.05 -36.01 27.71
N GLU A 453 -11.12 -37.34 27.79
CA GLU A 453 -12.04 -38.16 26.98
C GLU A 453 -11.85 -37.95 25.47
N LEU A 454 -10.60 -38.05 25.03
CA LEU A 454 -10.26 -37.85 23.63
C LEU A 454 -10.07 -39.19 22.91
N PRO A 455 -10.92 -39.46 21.90
CA PRO A 455 -10.91 -40.75 21.21
C PRO A 455 -9.78 -40.88 20.17
N VAL A 456 -8.53 -40.76 20.61
CA VAL A 456 -7.39 -40.90 19.73
C VAL A 456 -7.11 -42.39 19.55
N ILE A 457 -6.88 -42.82 18.31
CA ILE A 457 -6.48 -44.20 18.07
C ILE A 457 -4.96 -44.25 17.92
N ILE A 458 -4.31 -44.96 18.85
CA ILE A 458 -2.87 -45.08 18.87
C ILE A 458 -2.42 -46.47 18.40
N PHE A 459 -1.73 -46.51 17.27
CA PHE A 459 -1.10 -47.74 16.81
C PHE A 459 0.33 -47.82 17.36
N LEU A 460 0.51 -48.64 18.39
CA LEU A 460 1.80 -48.84 19.02
C LEU A 460 2.52 -49.98 18.30
N ILE A 461 3.59 -49.64 17.59
CA ILE A 461 4.34 -50.64 16.83
C ILE A 461 5.41 -51.28 17.72
N ASN A 462 5.06 -52.41 18.32
CA ASN A 462 5.98 -53.12 19.20
C ASN A 462 6.83 -54.10 18.40
N ASN A 463 8.03 -53.64 18.02
CA ASN A 463 9.00 -54.50 17.35
C ASN A 463 10.22 -54.80 18.22
N ARG A 464 10.11 -54.48 19.51
CA ARG A 464 11.11 -54.83 20.53
C ARG A 464 12.43 -54.09 20.42
N GLY A 465 12.37 -52.78 20.17
CA GLY A 465 13.56 -51.94 20.19
C GLY A 465 13.60 -50.83 19.18
N TYR A 466 14.76 -50.16 19.16
CA TYR A 466 15.03 -49.06 18.26
C TYR A 466 15.44 -49.63 16.90
N VAL A 467 14.45 -50.07 16.13
CA VAL A 467 14.70 -50.79 14.87
C VAL A 467 15.37 -49.91 13.81
N ILE A 468 14.93 -48.64 13.70
CA ILE A 468 15.55 -47.67 12.79
C ILE A 468 17.06 -47.61 13.02
N GLU A 469 17.48 -47.99 14.21
CA GLU A 469 18.88 -47.93 14.61
C GLU A 469 19.54 -49.28 14.48
N ILE A 470 18.79 -50.33 14.82
CA ILE A 470 19.24 -51.73 14.69
C ILE A 470 19.59 -52.07 13.24
N ALA A 471 18.79 -51.56 12.30
CA ALA A 471 18.98 -51.83 10.88
C ALA A 471 20.23 -51.16 10.31
N ILE A 472 20.63 -50.07 10.95
CA ILE A 472 21.67 -49.18 10.42
C ILE A 472 23.01 -49.34 11.14
N HIS A 473 22.96 -49.35 12.48
CA HIS A 473 24.16 -49.40 13.31
C HIS A 473 23.78 -50.02 14.65
N ASP A 474 23.93 -51.34 14.75
CA ASP A 474 23.41 -52.05 15.90
C ASP A 474 24.39 -52.11 17.06
N GLY A 475 23.87 -52.09 18.27
CA GLY A 475 24.64 -52.22 19.49
C GLY A 475 23.69 -52.43 20.66
N PRO A 476 24.20 -52.81 21.84
CA PRO A 476 23.33 -53.12 22.97
C PRO A 476 22.36 -52.00 23.38
N TYR A 477 22.69 -50.78 22.97
CA TYR A 477 21.91 -49.58 23.30
C TYR A 477 20.57 -49.51 22.56
N ASN A 478 20.36 -50.40 21.61
CA ASN A 478 19.13 -50.38 20.82
C ASN A 478 18.01 -51.24 21.41
N TYR A 479 18.31 -51.95 22.50
CA TYR A 479 17.39 -52.93 23.06
C TYR A 479 16.82 -52.50 24.41
N ILE A 480 15.50 -52.40 24.47
CA ILE A 480 14.81 -51.85 25.64
C ILE A 480 13.95 -52.89 26.34
N LYS A 481 13.57 -52.59 27.58
CA LYS A 481 12.66 -53.42 28.35
C LYS A 481 11.27 -53.35 27.72
N ASN A 482 10.75 -54.50 27.33
CA ASN A 482 9.40 -54.60 26.78
C ASN A 482 8.36 -54.29 27.87
N TRP A 483 7.25 -53.66 27.48
CA TRP A 483 6.12 -53.43 28.37
C TRP A 483 4.91 -54.19 27.88
N ASP A 484 3.93 -54.34 28.76
CA ASP A 484 2.59 -54.74 28.33
C ASP A 484 1.85 -53.44 27.99
N TYR A 485 2.06 -52.97 26.77
CA TYR A 485 1.53 -51.67 26.35
C TYR A 485 0.00 -51.61 26.37
N ALA A 486 -0.64 -52.70 25.95
CA ALA A 486 -2.09 -52.78 26.00
C ALA A 486 -2.60 -52.68 27.44
N GLY A 487 -1.91 -53.35 28.36
CA GLY A 487 -2.31 -53.39 29.77
C GLY A 487 -2.21 -52.05 30.49
N LEU A 488 -1.47 -51.12 29.89
CA LEU A 488 -1.22 -49.80 30.47
C LEU A 488 -2.48 -48.93 30.50
N MET A 489 -3.42 -49.22 29.60
CA MET A 489 -4.67 -48.43 29.53
C MET A 489 -5.53 -48.51 30.78
N GLU A 490 -5.73 -49.73 31.29
CA GLU A 490 -6.45 -49.93 32.55
C GLU A 490 -5.78 -49.19 33.70
N VAL A 491 -4.45 -49.13 33.69
CA VAL A 491 -3.73 -48.41 34.72
C VAL A 491 -4.14 -46.93 34.73
N PHE A 492 -4.18 -46.32 33.54
CA PHE A 492 -4.59 -44.92 33.43
C PHE A 492 -6.10 -44.73 33.66
N ASN A 493 -6.90 -45.76 33.37
CA ASN A 493 -8.33 -45.70 33.63
C ASN A 493 -8.63 -45.62 35.13
N ALA A 494 -8.00 -46.51 35.89
CA ALA A 494 -8.19 -46.61 37.34
C ALA A 494 -9.67 -46.62 37.78
N GLY A 495 -10.51 -47.33 36.99
CA GLY A 495 -11.96 -47.38 37.25
C GLY A 495 -12.77 -46.16 36.84
N GLU A 496 -12.11 -45.13 36.31
CA GLU A 496 -12.77 -43.89 35.89
C GLU A 496 -12.96 -43.80 34.38
N GLY A 497 -11.84 -43.70 33.65
CA GLY A 497 -11.85 -43.39 32.23
C GLY A 497 -12.34 -44.46 31.28
N HIS A 498 -12.40 -44.11 30.01
CA HIS A 498 -12.90 -44.99 28.97
C HIS A 498 -11.85 -45.35 27.91
N GLY A 499 -10.59 -45.43 28.34
CA GLY A 499 -9.51 -45.88 27.47
C GLY A 499 -9.54 -47.37 27.24
N LEU A 500 -9.12 -47.79 26.04
CA LEU A 500 -9.06 -49.20 25.68
C LEU A 500 -7.65 -49.63 25.31
N GLY A 501 -7.23 -50.79 25.80
CA GLY A 501 -5.94 -51.39 25.44
C GLY A 501 -6.12 -52.75 24.79
N LEU A 502 -5.65 -52.88 23.55
CA LEU A 502 -5.83 -54.11 22.79
C LEU A 502 -4.52 -54.60 22.15
N LYS A 503 -4.38 -55.91 22.03
CA LYS A 503 -3.26 -56.52 21.33
C LYS A 503 -3.67 -56.94 19.94
N ALA A 504 -2.86 -56.61 18.95
CA ALA A 504 -3.05 -57.13 17.59
C ALA A 504 -1.85 -57.98 17.22
N THR A 505 -2.12 -59.25 16.92
CA THR A 505 -1.06 -60.23 16.77
C THR A 505 -1.13 -60.88 15.38
N THR A 506 -2.29 -60.76 14.77
CA THR A 506 -2.55 -61.23 13.41
C THR A 506 -3.37 -60.14 12.70
N PRO A 507 -3.45 -60.18 11.36
CA PRO A 507 -4.29 -59.24 10.62
C PRO A 507 -5.77 -59.31 10.98
N LYS A 508 -6.26 -60.52 11.28
CA LYS A 508 -7.63 -60.66 11.78
C LYS A 508 -7.77 -59.96 13.11
N GLU A 509 -6.79 -60.15 13.98
CA GLU A 509 -6.83 -59.58 15.32
C GLU A 509 -6.75 -58.06 15.29
N LEU A 510 -6.07 -57.52 14.28
CA LEU A 510 -5.97 -56.08 14.09
C LEU A 510 -7.25 -55.50 13.54
N THR A 511 -7.89 -56.25 12.64
CA THR A 511 -9.13 -55.80 12.02
C THR A 511 -10.22 -55.65 13.09
N GLU A 512 -10.26 -56.60 14.04
CA GLU A 512 -11.18 -56.56 15.17
C GLU A 512 -10.86 -55.40 16.10
N ALA A 513 -9.57 -55.16 16.34
CA ALA A 513 -9.12 -54.09 17.23
C ALA A 513 -9.51 -52.70 16.73
N ILE A 514 -9.44 -52.50 15.42
CA ILE A 514 -9.80 -51.23 14.79
C ILE A 514 -11.32 -50.98 14.88
N ALA A 515 -12.09 -52.06 14.74
CA ALA A 515 -13.55 -51.99 14.91
C ALA A 515 -13.92 -51.52 16.32
N ARG A 516 -13.23 -52.07 17.31
CA ARG A 516 -13.44 -51.70 18.71
C ARG A 516 -13.04 -50.25 18.93
N ALA A 517 -11.95 -49.84 18.30
CA ALA A 517 -11.42 -48.49 18.44
C ALA A 517 -12.40 -47.44 17.92
N LYS A 518 -12.95 -47.69 16.74
CA LYS A 518 -13.91 -46.76 16.12
C LYS A 518 -15.14 -46.59 17.02
N ALA A 519 -15.51 -47.66 17.72
CA ALA A 519 -16.66 -47.66 18.61
C ALA A 519 -16.38 -46.98 19.96
N ASN A 520 -15.11 -46.78 20.28
CA ASN A 520 -14.74 -46.17 21.56
C ASN A 520 -14.72 -44.64 21.47
N THR A 521 -15.85 -44.03 21.81
CA THR A 521 -16.04 -42.60 21.54
C THR A 521 -15.63 -41.69 22.68
N ARG A 522 -15.34 -42.26 23.85
CA ARG A 522 -15.06 -41.44 25.04
C ARG A 522 -13.67 -41.61 25.67
N GLY A 523 -12.74 -42.16 24.90
CA GLY A 523 -11.38 -42.35 25.36
C GLY A 523 -10.46 -42.87 24.28
N PRO A 524 -9.14 -42.79 24.50
CA PRO A 524 -8.17 -43.25 23.52
C PRO A 524 -8.14 -44.77 23.41
N THR A 525 -7.76 -45.26 22.24
CA THR A 525 -7.58 -46.69 22.06
C THR A 525 -6.15 -46.98 21.60
N LEU A 526 -5.42 -47.70 22.44
CA LEU A 526 -4.08 -48.13 22.11
C LEU A 526 -4.12 -49.56 21.58
N ILE A 527 -3.65 -49.75 20.36
CA ILE A 527 -3.52 -51.08 19.77
C ILE A 527 -2.03 -51.44 19.70
N GLU A 528 -1.63 -52.38 20.56
CA GLU A 528 -0.27 -52.87 20.56
C GLU A 528 -0.10 -53.86 19.41
N CYS A 529 0.49 -53.39 18.32
CA CYS A 529 0.75 -54.23 17.16
C CYS A 529 2.10 -54.90 17.30
N GLN A 530 2.09 -56.23 17.39
CA GLN A 530 3.33 -56.98 17.48
C GLN A 530 3.81 -57.47 16.13
N ILE A 531 4.96 -56.96 15.71
CA ILE A 531 5.62 -57.42 14.49
C ILE A 531 7.06 -57.80 14.80
N ASP A 532 7.69 -58.58 13.91
CA ASP A 532 9.06 -58.97 14.12
C ASP A 532 10.04 -57.80 13.93
N ARG A 533 11.10 -57.83 14.73
CA ARG A 533 12.13 -56.80 14.70
C ARG A 533 12.79 -56.64 13.33
N THR A 534 12.71 -57.70 12.54
CA THR A 534 13.37 -57.79 11.26
C THR A 534 12.55 -57.12 10.16
N ASP A 535 11.29 -56.83 10.48
CA ASP A 535 10.26 -56.49 9.52
C ASP A 535 10.06 -54.98 9.41
N CYS A 536 11.08 -54.28 8.94
CA CYS A 536 10.98 -52.83 8.69
C CYS A 536 10.96 -52.57 7.19
N THR A 537 10.69 -51.34 6.80
CA THR A 537 10.61 -50.99 5.39
C THR A 537 11.99 -51.07 4.73
N ASP A 538 12.02 -51.51 3.47
CA ASP A 538 13.23 -51.43 2.66
C ASP A 538 13.67 -49.97 2.54
N MET A 539 12.68 -49.10 2.47
CA MET A 539 12.88 -47.67 2.41
C MET A 539 13.81 -47.17 3.54
N LEU A 540 13.52 -47.59 4.77
CA LEU A 540 14.34 -47.24 5.93
C LEU A 540 15.79 -47.70 5.78
N VAL A 541 15.98 -48.95 5.37
CA VAL A 541 17.31 -49.51 5.20
C VAL A 541 18.12 -48.71 4.17
N GLN A 542 17.54 -48.49 2.98
CA GLN A 542 18.19 -47.71 1.93
C GLN A 542 18.58 -46.31 2.41
N TRP A 543 17.59 -45.58 2.92
CA TRP A 543 17.78 -44.22 3.41
C TRP A 543 18.83 -44.18 4.52
N GLY A 544 18.69 -45.08 5.50
CA GLY A 544 19.57 -45.12 6.65
C GLY A 544 21.04 -45.36 6.32
N ARG A 545 21.32 -46.33 5.45
CA ARG A 545 22.69 -46.63 5.07
C ARG A 545 23.43 -45.42 4.51
N LYS A 546 22.75 -44.64 3.67
CA LYS A 546 23.38 -43.48 3.05
C LYS A 546 23.59 -42.37 4.07
N VAL A 547 22.55 -42.10 4.86
CA VAL A 547 22.61 -41.05 5.86
C VAL A 547 23.70 -41.34 6.89
N ALA A 548 23.73 -42.58 7.39
CA ALA A 548 24.71 -42.97 8.40
C ALA A 548 26.16 -42.86 7.92
N SER A 549 26.41 -43.27 6.68
CA SER A 549 27.78 -43.22 6.15
C SER A 549 28.21 -41.77 5.88
N THR A 550 27.23 -40.90 5.61
CA THR A 550 27.50 -39.48 5.43
C THR A 550 27.80 -38.78 6.75
N ASN A 551 27.04 -39.10 7.80
CA ASN A 551 27.31 -38.58 9.16
C ASN A 551 28.61 -39.09 9.77
N ALA A 552 29.13 -40.20 9.26
CA ALA A 552 30.34 -40.78 9.78
C ALA A 552 31.56 -40.39 8.94
N ARG A 553 31.31 -39.62 7.89
CA ARG A 553 32.34 -39.18 6.95
C ARG A 553 33.55 -38.58 7.68
N LYS A 554 34.75 -38.93 7.23
CA LYS A 554 36.00 -38.43 7.85
C LYS A 554 36.58 -37.14 7.23
N THR A 555 36.28 -36.87 5.96
CA THR A 555 36.79 -35.68 5.28
C THR A 555 35.70 -34.72 4.76
N THR B 2 44.61 -49.71 18.28
CA THR B 2 44.31 -48.33 17.78
C THR B 2 43.39 -47.53 18.72
N TYR B 3 43.95 -46.51 19.38
CA TYR B 3 43.34 -45.87 20.54
C TYR B 3 42.62 -44.57 20.17
N THR B 4 41.33 -44.49 20.50
CA THR B 4 40.48 -43.40 20.03
C THR B 4 40.12 -42.37 21.10
N VAL B 5 39.61 -41.22 20.64
CA VAL B 5 39.12 -40.14 21.50
C VAL B 5 38.10 -40.68 22.52
N GLY B 6 37.15 -41.49 22.05
CA GLY B 6 36.14 -42.06 22.92
C GLY B 6 36.72 -42.96 24.00
N MET B 7 37.78 -43.68 23.65
CA MET B 7 38.47 -44.55 24.62
C MET B 7 39.20 -43.72 25.69
N TYR B 8 39.73 -42.57 25.26
CA TYR B 8 40.38 -41.64 26.17
C TYR B 8 39.38 -41.15 27.22
N LEU B 9 38.20 -40.74 26.77
CA LEU B 9 37.13 -40.32 27.65
C LEU B 9 36.78 -41.42 28.63
N ALA B 10 36.67 -42.65 28.12
CA ALA B 10 36.29 -43.80 28.94
C ALA B 10 37.29 -44.06 30.06
N GLU B 11 38.57 -44.05 29.73
CA GLU B 11 39.62 -44.29 30.70
C GLU B 11 39.69 -43.19 31.78
N ARG B 12 39.43 -41.93 31.40
CA ARG B 12 39.37 -40.83 32.36
C ARG B 12 38.18 -40.99 33.30
N LEU B 13 37.03 -41.39 32.76
CA LEU B 13 35.86 -41.62 33.60
C LEU B 13 36.15 -42.72 34.62
N VAL B 14 36.84 -43.77 34.19
CA VAL B 14 37.20 -44.85 35.08
C VAL B 14 38.13 -44.36 36.20
N GLN B 15 39.05 -43.46 35.84
CA GLN B 15 39.98 -42.86 36.80
C GLN B 15 39.28 -41.97 37.83
N ILE B 16 38.11 -41.43 37.47
CA ILE B 16 37.29 -40.69 38.43
C ILE B 16 36.83 -41.63 39.54
N GLY B 17 36.68 -42.90 39.19
CA GLY B 17 36.14 -43.92 40.10
C GLY B 17 34.74 -44.35 39.72
N LEU B 18 34.33 -44.00 38.51
CA LEU B 18 33.05 -44.43 37.96
C LEU B 18 33.10 -45.90 37.59
N LYS B 19 32.01 -46.61 37.87
CA LYS B 19 31.86 -48.02 37.46
C LYS B 19 30.66 -48.14 36.51
N HIS B 20 29.96 -47.03 36.30
CA HIS B 20 28.80 -46.97 35.42
C HIS B 20 28.71 -45.61 34.74
N HIS B 21 28.16 -45.59 33.54
CA HIS B 21 27.67 -44.36 32.94
C HIS B 21 26.32 -44.66 32.30
N PHE B 22 25.49 -43.62 32.20
CA PHE B 22 24.12 -43.74 31.75
C PHE B 22 23.99 -43.13 30.37
N ALA B 23 23.16 -43.72 29.53
CA ALA B 23 23.07 -43.28 28.14
C ALA B 23 21.70 -43.48 27.52
N VAL B 24 21.37 -42.62 26.55
CA VAL B 24 20.29 -42.88 25.62
C VAL B 24 20.86 -42.75 24.22
N ALA B 25 20.66 -43.78 23.40
CA ALA B 25 21.25 -43.84 22.07
C ALA B 25 20.65 -42.83 21.10
N GLY B 26 21.48 -42.31 20.21
CA GLY B 26 21.05 -41.49 19.10
C GLY B 26 22.14 -41.50 18.07
N ASP B 27 21.80 -41.24 16.81
CA ASP B 27 22.79 -41.37 15.74
C ASP B 27 24.07 -40.53 15.94
N TYR B 28 23.94 -39.37 16.58
CA TYR B 28 25.08 -38.50 16.88
C TYR B 28 26.04 -39.06 17.94
N ASN B 29 25.62 -40.09 18.68
CA ASN B 29 26.47 -40.65 19.74
C ASN B 29 26.77 -42.15 19.70
N LEU B 30 26.26 -42.84 18.67
CA LEU B 30 26.44 -44.30 18.57
C LEU B 30 27.91 -44.73 18.56
N VAL B 31 28.71 -44.09 17.71
CA VAL B 31 30.12 -44.44 17.65
C VAL B 31 30.80 -44.16 18.98
N LEU B 32 30.45 -43.04 19.62
CA LEU B 32 30.98 -42.71 20.95
C LEU B 32 30.61 -43.79 21.96
N LEU B 33 29.35 -44.22 21.95
CA LEU B 33 28.91 -45.32 22.81
C LEU B 33 29.69 -46.62 22.55
N ASP B 34 30.01 -46.88 21.29
CA ASP B 34 30.86 -48.02 20.93
C ASP B 34 32.22 -47.92 21.59
N GLN B 35 32.83 -46.72 21.54
CA GLN B 35 34.14 -46.52 22.14
C GLN B 35 34.12 -46.76 23.64
N LEU B 36 33.07 -46.27 24.30
CA LEU B 36 32.91 -46.42 25.74
C LEU B 36 32.68 -47.88 26.14
N LEU B 37 31.99 -48.64 25.29
CA LEU B 37 31.74 -50.06 25.58
C LEU B 37 33.00 -50.91 25.60
N LEU B 38 34.05 -50.45 24.93
CA LEU B 38 35.30 -51.20 24.86
C LEU B 38 36.05 -51.20 26.19
N ASN B 39 35.65 -50.31 27.10
CA ASN B 39 36.24 -50.28 28.43
C ASN B 39 35.49 -51.18 29.41
N LYS B 40 36.11 -52.29 29.76
CA LYS B 40 35.46 -53.28 30.62
C LYS B 40 35.44 -52.91 32.09
N ASP B 41 36.07 -51.78 32.45
CA ASP B 41 36.12 -51.34 33.83
C ASP B 41 34.82 -50.66 34.27
N MET B 42 33.94 -50.35 33.32
CA MET B 42 32.62 -49.84 33.64
C MET B 42 31.49 -50.37 32.75
N LYS B 43 30.27 -50.24 33.25
CA LYS B 43 29.11 -50.72 32.53
C LYS B 43 28.31 -49.55 31.99
N GLN B 44 27.80 -49.72 30.78
CA GLN B 44 26.99 -48.70 30.13
C GLN B 44 25.54 -49.07 30.36
N ILE B 45 24.79 -48.23 31.06
CA ILE B 45 23.41 -48.60 31.32
C ILE B 45 22.42 -47.61 30.67
N TYR B 46 21.22 -48.08 30.32
CA TYR B 46 20.34 -47.30 29.48
C TYR B 46 19.08 -46.78 30.16
N CYS B 47 18.63 -45.60 29.73
CA CYS B 47 17.45 -44.96 30.32
C CYS B 47 16.34 -44.76 29.29
N CYS B 48 15.14 -44.52 29.79
CA CYS B 48 13.97 -44.30 28.94
C CYS B 48 14.05 -43.00 28.20
N ASN B 49 14.28 -41.92 28.94
CA ASN B 49 14.45 -40.60 28.36
C ASN B 49 15.60 -39.84 28.99
N GLU B 50 15.95 -38.72 28.37
CA GLU B 50 17.14 -37.98 28.75
C GLU B 50 17.01 -37.20 30.05
N LEU B 51 15.81 -36.75 30.38
CA LEU B 51 15.58 -36.15 31.68
C LEU B 51 15.90 -37.15 32.79
N ASN B 52 15.32 -38.35 32.67
CA ASN B 52 15.60 -39.42 33.62
C ASN B 52 17.06 -39.83 33.61
N CYS B 53 17.66 -39.84 32.42
CA CYS B 53 19.05 -40.19 32.27
C CYS B 53 19.93 -39.27 33.11
N GLY B 54 19.72 -37.96 32.97
CA GLY B 54 20.42 -36.96 33.76
C GLY B 54 20.20 -37.11 35.26
N PHE B 55 18.95 -37.32 35.67
CA PHE B 55 18.65 -37.54 37.08
C PHE B 55 19.18 -38.86 37.63
N SER B 56 19.36 -39.85 36.75
CA SER B 56 20.00 -41.10 37.15
C SER B 56 21.46 -40.82 37.47
N ALA B 57 22.10 -39.99 36.64
CA ALA B 57 23.49 -39.64 36.85
C ALA B 57 23.61 -38.88 38.15
N GLU B 58 22.67 -37.95 38.37
CA GLU B 58 22.64 -37.16 39.59
C GLU B 58 22.61 -38.07 40.82
N GLY B 59 21.71 -39.06 40.79
CA GLY B 59 21.57 -40.02 41.90
C GLY B 59 22.84 -40.82 42.14
N TYR B 60 23.49 -41.23 41.04
CA TYR B 60 24.75 -41.97 41.09
C TYR B 60 25.87 -41.14 41.74
N ALA B 61 25.92 -39.85 41.40
CA ALA B 61 26.89 -38.92 41.98
C ALA B 61 26.77 -38.85 43.50
N ARG B 62 25.55 -38.91 44.00
CA ARG B 62 25.29 -38.88 45.43
C ARG B 62 25.98 -40.03 46.18
N SER B 63 25.99 -41.22 45.59
CA SER B 63 26.59 -42.38 46.26
C SER B 63 28.04 -42.65 45.83
N ASN B 64 28.36 -42.34 44.59
CA ASN B 64 29.70 -42.61 44.08
C ASN B 64 30.68 -41.43 44.22
N GLY B 65 30.18 -40.20 44.07
CA GLY B 65 31.02 -39.01 44.18
C GLY B 65 30.93 -38.16 42.93
N ALA B 66 30.74 -38.82 41.79
CA ALA B 66 30.61 -38.18 40.48
C ALA B 66 29.83 -39.12 39.56
N ALA B 67 29.45 -38.63 38.38
CA ALA B 67 28.72 -39.45 37.41
C ALA B 67 28.85 -38.92 35.99
N ALA B 68 28.42 -39.72 35.02
CA ALA B 68 28.44 -39.32 33.61
C ALA B 68 27.19 -39.82 32.88
N ALA B 69 26.64 -38.96 32.03
CA ALA B 69 25.52 -39.34 31.18
C ALA B 69 25.84 -38.97 29.73
N VAL B 70 25.45 -39.83 28.80
CA VAL B 70 25.71 -39.62 27.39
C VAL B 70 24.42 -39.52 26.60
N VAL B 71 24.23 -38.38 25.92
CA VAL B 71 22.99 -38.14 25.18
C VAL B 71 23.24 -37.71 23.74
N THR B 72 22.18 -37.62 22.95
CA THR B 72 22.29 -37.13 21.59
C THR B 72 22.01 -35.62 21.53
N PHE B 73 22.48 -34.97 20.45
CA PHE B 73 22.42 -33.53 20.27
C PHE B 73 20.98 -32.94 20.32
N SER B 74 20.85 -31.81 21.02
CA SER B 74 19.58 -31.06 21.19
C SER B 74 18.42 -31.82 21.81
N VAL B 75 17.84 -32.74 21.03
CA VAL B 75 16.65 -33.45 21.47
C VAL B 75 16.90 -34.23 22.77
N GLY B 76 18.12 -34.72 22.93
CA GLY B 76 18.53 -35.33 24.17
C GLY B 76 19.06 -34.30 25.15
N ALA B 77 20.05 -33.54 24.70
CA ALA B 77 20.82 -32.68 25.58
C ALA B 77 20.00 -31.63 26.32
N ILE B 78 19.04 -31.00 25.64
CA ILE B 78 18.29 -29.91 26.28
C ILE B 78 17.56 -30.38 27.53
N SER B 79 16.83 -31.48 27.44
CA SER B 79 16.11 -31.93 28.63
C SER B 79 17.07 -32.42 29.71
N ALA B 80 18.22 -32.96 29.30
CA ALA B 80 19.24 -33.33 30.27
C ALA B 80 19.81 -32.12 31.01
N MET B 81 19.74 -30.94 30.38
CA MET B 81 20.18 -29.69 31.02
C MET B 81 19.36 -29.32 32.25
N ASN B 82 18.13 -29.81 32.31
CA ASN B 82 17.32 -29.68 33.51
C ASN B 82 18.02 -30.39 34.64
N ALA B 83 18.43 -31.63 34.40
CA ALA B 83 19.17 -32.42 35.37
C ALA B 83 20.55 -31.81 35.70
N LEU B 84 21.23 -31.27 34.69
CA LEU B 84 22.50 -30.57 34.91
C LEU B 84 22.33 -29.39 35.88
N GLY B 85 21.29 -28.58 35.65
CA GLY B 85 20.99 -27.47 36.54
C GLY B 85 20.72 -28.00 37.94
N GLY B 86 20.02 -29.13 38.01
CA GLY B 86 19.82 -29.83 39.26
C GLY B 86 21.13 -30.20 39.95
N ALA B 87 22.06 -30.75 39.18
CA ALA B 87 23.37 -31.13 39.70
C ALA B 87 24.12 -29.91 40.23
N TYR B 88 24.03 -28.79 39.52
CA TYR B 88 24.65 -27.57 39.96
C TYR B 88 24.06 -27.15 41.29
N ALA B 89 22.73 -27.14 41.36
CA ALA B 89 22.00 -26.74 42.55
C ALA B 89 22.36 -27.63 43.75
N GLU B 90 22.57 -28.91 43.49
CA GLU B 90 22.81 -29.87 44.58
C GLU B 90 24.29 -30.20 44.75
N ASN B 91 25.15 -29.38 44.16
CA ASN B 91 26.61 -29.53 44.29
C ASN B 91 27.20 -30.90 43.94
N LEU B 92 26.80 -31.44 42.79
CA LEU B 92 27.21 -32.77 42.35
C LEU B 92 27.89 -32.73 40.98
N PRO B 93 29.12 -33.27 40.89
CA PRO B 93 29.84 -33.27 39.62
C PRO B 93 29.37 -34.36 38.65
N VAL B 94 28.24 -34.11 38.00
CA VAL B 94 27.79 -34.89 36.86
C VAL B 94 28.45 -34.36 35.58
N ILE B 95 28.95 -35.26 34.74
CA ILE B 95 29.45 -34.87 33.43
C ILE B 95 28.47 -35.27 32.35
N LEU B 96 27.91 -34.29 31.65
CA LEU B 96 27.02 -34.59 30.54
C LEU B 96 27.80 -34.57 29.25
N ILE B 97 27.80 -35.69 28.54
CA ILE B 97 28.47 -35.78 27.25
C ILE B 97 27.42 -35.89 26.13
N SER B 98 27.40 -34.91 25.23
CA SER B 98 26.49 -34.96 24.11
C SER B 98 27.20 -35.38 22.82
N GLY B 99 26.52 -36.19 22.02
CA GLY B 99 26.93 -36.39 20.65
C GLY B 99 26.71 -35.08 19.93
N ALA B 100 27.48 -34.83 18.89
CA ALA B 100 27.36 -33.59 18.14
C ALA B 100 27.54 -33.84 16.63
N PRO B 101 27.08 -32.90 15.78
CA PRO B 101 27.21 -33.04 14.34
C PRO B 101 28.64 -33.27 13.87
N ASN B 102 28.77 -33.92 12.71
CA ASN B 102 30.04 -34.15 12.05
C ASN B 102 30.85 -32.84 11.92
N SER B 103 32.12 -32.87 12.28
CA SER B 103 32.94 -31.65 12.26
C SER B 103 33.06 -31.05 10.85
N ASN B 104 32.90 -31.87 9.82
CA ASN B 104 32.94 -31.39 8.44
C ASN B 104 31.71 -30.60 8.03
N ASP B 105 30.67 -30.62 8.87
CA ASP B 105 29.46 -29.86 8.59
C ASP B 105 29.60 -28.41 9.05
N GLN B 106 30.55 -28.21 9.94
CA GLN B 106 30.77 -26.90 10.54
C GLN B 106 31.19 -25.87 9.52
N GLY B 107 30.49 -24.74 9.54
CA GLY B 107 30.77 -23.62 8.62
C GLY B 107 30.43 -23.85 7.16
N THR B 108 29.57 -24.84 6.89
CA THR B 108 29.20 -25.14 5.50
C THR B 108 27.85 -24.55 5.14
N GLY B 109 27.08 -24.20 6.15
CA GLY B 109 25.73 -23.69 5.95
C GLY B 109 24.70 -24.81 5.82
N HIS B 110 25.14 -26.04 6.07
CA HIS B 110 24.24 -27.18 6.10
C HIS B 110 23.28 -27.07 7.28
N ILE B 111 22.00 -27.36 7.02
CA ILE B 111 21.02 -27.51 8.09
C ILE B 111 21.00 -28.98 8.52
N LEU B 112 21.06 -29.22 9.82
CA LEU B 112 21.15 -30.58 10.34
C LEU B 112 19.93 -31.01 11.15
N HIS B 113 19.62 -32.31 11.14
CA HIS B 113 18.56 -32.84 11.98
C HIS B 113 18.87 -32.65 13.47
N HIS B 114 17.81 -32.58 14.27
CA HIS B 114 17.93 -32.28 15.70
C HIS B 114 18.46 -30.86 15.97
N THR B 115 18.35 -29.97 15.01
CA THR B 115 18.65 -28.57 15.27
C THR B 115 17.42 -27.71 14.99
N ILE B 116 17.48 -26.44 15.40
CA ILE B 116 16.35 -25.54 15.26
C ILE B 116 16.16 -25.07 13.81
N GLY B 117 17.05 -25.50 12.93
CA GLY B 117 16.84 -25.30 11.49
C GLY B 117 17.66 -24.19 10.89
N LYS B 118 18.53 -23.59 11.69
CA LYS B 118 19.40 -22.54 11.20
C LYS B 118 20.71 -23.14 10.73
N THR B 119 21.52 -22.32 10.07
CA THR B 119 22.80 -22.78 9.49
C THR B 119 23.89 -23.08 10.52
N ASP B 120 23.79 -22.48 11.71
CA ASP B 120 24.76 -22.77 12.75
C ASP B 120 24.03 -23.46 13.92
N TYR B 121 24.78 -24.05 14.84
CA TYR B 121 24.16 -24.83 15.90
C TYR B 121 25.01 -24.82 17.15
N SER B 122 25.60 -23.66 17.41
CA SER B 122 26.34 -23.42 18.65
C SER B 122 25.40 -23.03 19.80
N TYR B 123 24.10 -23.09 19.56
CA TYR B 123 23.13 -22.70 20.59
C TYR B 123 23.19 -23.65 21.80
N GLN B 124 23.46 -24.93 21.55
CA GLN B 124 23.48 -25.92 22.62
C GLN B 124 24.55 -25.64 23.67
N LEU B 125 25.77 -25.37 23.21
CA LEU B 125 26.87 -25.07 24.10
C LEU B 125 26.58 -23.79 24.89
N GLU B 126 25.99 -22.79 24.25
CA GLU B 126 25.66 -21.55 24.95
C GLU B 126 24.65 -21.79 26.06
N MET B 127 23.68 -22.68 25.82
CA MET B 127 22.72 -23.03 26.85
C MET B 127 23.37 -23.81 27.99
N ALA B 128 24.27 -24.74 27.65
CA ALA B 128 24.95 -25.54 28.65
C ALA B 128 25.82 -24.71 29.59
N ARG B 129 26.44 -23.66 29.07
CA ARG B 129 27.28 -22.77 29.90
C ARG B 129 26.53 -22.16 31.08
N GLN B 130 25.26 -21.84 30.84
CA GLN B 130 24.38 -21.30 31.85
C GLN B 130 24.26 -22.16 33.13
N VAL B 131 24.40 -23.48 32.99
CA VAL B 131 24.17 -24.42 34.10
C VAL B 131 25.36 -25.33 34.45
N THR B 132 26.56 -24.93 34.05
CA THR B 132 27.77 -25.74 34.29
C THR B 132 28.95 -24.89 34.77
N CYS B 133 29.96 -25.54 35.34
CA CYS B 133 31.19 -24.85 35.72
C CYS B 133 32.22 -24.91 34.60
N ALA B 134 31.99 -25.80 33.64
CA ALA B 134 32.87 -25.97 32.49
C ALA B 134 32.06 -26.57 31.35
N ALA B 135 32.38 -26.15 30.13
CA ALA B 135 31.65 -26.60 28.96
C ALA B 135 32.56 -26.49 27.75
N GLU B 136 32.81 -27.63 27.10
CA GLU B 136 33.71 -27.68 25.94
C GLU B 136 33.09 -28.44 24.79
N SER B 137 33.46 -28.06 23.59
CA SER B 137 33.00 -28.70 22.38
C SER B 137 34.20 -29.30 21.66
N ILE B 138 34.23 -30.62 21.52
CA ILE B 138 35.35 -31.29 20.86
C ILE B 138 35.05 -31.45 19.38
N THR B 139 35.94 -30.91 18.57
CA THR B 139 35.69 -30.83 17.16
C THR B 139 36.93 -31.26 16.37
N ASP B 140 37.99 -31.64 17.08
CA ASP B 140 39.21 -32.22 16.52
C ASP B 140 39.88 -33.11 17.57
N ALA B 141 40.65 -34.10 17.12
CA ALA B 141 41.24 -35.09 18.03
C ALA B 141 42.39 -34.54 18.86
N HIS B 142 43.11 -33.57 18.31
CA HIS B 142 44.31 -33.07 18.94
CA HIS B 142 44.32 -33.02 18.93
C HIS B 142 44.00 -32.29 20.22
N SER B 143 42.96 -31.47 20.20
CA SER B 143 42.61 -30.68 21.40
C SER B 143 41.69 -31.45 22.36
N ALA B 144 41.29 -32.66 21.96
CA ALA B 144 40.34 -33.45 22.74
C ALA B 144 40.80 -33.80 24.16
N PRO B 145 42.04 -34.32 24.33
CA PRO B 145 42.55 -34.58 25.67
C PRO B 145 42.50 -33.39 26.62
N ALA B 146 42.98 -32.22 26.19
CA ALA B 146 43.01 -31.04 27.04
C ALA B 146 41.61 -30.62 27.50
N LYS B 147 40.66 -30.66 26.58
CA LYS B 147 39.25 -30.35 26.88
C LYS B 147 38.61 -31.36 27.84
N ILE B 148 38.78 -32.65 27.57
CA ILE B 148 38.24 -33.68 28.44
C ILE B 148 38.79 -33.53 29.85
N ASP B 149 40.11 -33.36 29.95
CA ASP B 149 40.77 -33.22 31.25
C ASP B 149 40.32 -31.96 31.99
N HIS B 150 40.14 -30.86 31.25
CA HIS B 150 39.64 -29.62 31.82
C HIS B 150 38.25 -29.76 32.44
N VAL B 151 37.30 -30.36 31.72
CA VAL B 151 35.94 -30.44 32.26
C VAL B 151 35.88 -31.32 33.49
N ILE B 152 36.52 -32.49 33.41
CA ILE B 152 36.53 -33.43 34.52
C ILE B 152 37.19 -32.84 35.76
N ARG B 153 38.38 -32.28 35.61
CA ARG B 153 39.08 -31.72 36.76
C ARG B 153 38.35 -30.56 37.39
N THR B 154 37.72 -29.71 36.56
CA THR B 154 36.97 -28.56 37.05
C THR B 154 35.74 -29.04 37.81
N ALA B 155 35.01 -30.00 37.24
CA ALA B 155 33.82 -30.54 37.86
C ALA B 155 34.12 -31.08 39.26
N LEU B 156 35.16 -31.89 39.35
CA LEU B 156 35.52 -32.53 40.63
C LEU B 156 35.99 -31.53 41.68
N ARG B 157 36.78 -30.55 41.26
CA ARG B 157 37.31 -29.55 42.18
C ARG B 157 36.18 -28.69 42.74
N GLU B 158 35.26 -28.31 41.87
CA GLU B 158 34.20 -27.37 42.23
C GLU B 158 32.95 -28.03 42.75
N ARG B 159 32.87 -29.36 42.61
CA ARG B 159 31.65 -30.10 42.92
C ARG B 159 30.47 -29.46 42.16
N LYS B 160 30.65 -29.33 40.84
CA LYS B 160 29.63 -28.78 39.97
C LYS B 160 29.64 -29.60 38.70
N PRO B 161 28.51 -29.63 37.98
CA PRO B 161 28.49 -30.41 36.75
C PRO B 161 29.24 -29.73 35.61
N ALA B 162 29.60 -30.49 34.59
CA ALA B 162 30.25 -29.94 33.41
C ALA B 162 29.69 -30.59 32.15
N TYR B 163 29.97 -29.98 30.99
CA TYR B 163 29.39 -30.41 29.73
C TYR B 163 30.45 -30.71 28.67
N LEU B 164 30.20 -31.73 27.86
CA LEU B 164 31.07 -32.08 26.74
C LEU B 164 30.33 -32.35 25.43
N ASP B 165 30.84 -31.78 24.35
CA ASP B 165 30.44 -32.12 22.99
C ASP B 165 31.49 -32.99 22.37
N ILE B 166 31.08 -34.05 21.70
CA ILE B 166 32.00 -34.70 20.79
C ILE B 166 31.37 -34.87 19.44
N ALA B 167 31.96 -34.24 18.42
CA ALA B 167 31.54 -34.43 17.04
C ALA B 167 31.55 -35.93 16.70
N CYS B 168 30.47 -36.42 16.10
CA CYS B 168 30.29 -37.83 15.91
C CYS B 168 31.43 -38.49 15.14
N ASN B 169 31.98 -37.79 14.15
CA ASN B 169 33.07 -38.34 13.35
C ASN B 169 34.39 -38.36 14.12
N ILE B 170 34.44 -37.70 15.27
CA ILE B 170 35.69 -37.58 15.98
C ILE B 170 35.88 -38.58 17.11
N ALA B 171 34.79 -39.17 17.58
CA ALA B 171 34.84 -40.23 18.59
C ALA B 171 35.76 -41.40 18.19
N SER B 172 35.84 -41.68 16.89
CA SER B 172 36.66 -42.76 16.30
C SER B 172 38.10 -42.39 16.03
N GLU B 173 38.42 -41.11 16.12
CA GLU B 173 39.72 -40.62 15.67
C GLU B 173 40.85 -41.05 16.59
N PRO B 174 42.04 -41.32 16.03
CA PRO B 174 43.20 -41.67 16.87
C PRO B 174 43.49 -40.59 17.91
N CYS B 175 43.97 -41.00 19.07
CA CYS B 175 44.16 -40.08 20.18
C CYS B 175 45.30 -40.57 21.06
N VAL B 176 46.01 -39.65 21.71
CA VAL B 176 46.99 -40.06 22.70
C VAL B 176 46.29 -40.72 23.90
N ARG B 177 47.03 -41.51 24.68
CA ARG B 177 46.47 -42.19 25.85
C ARG B 177 46.62 -41.31 27.09
N PRO B 178 45.69 -41.44 28.05
CA PRO B 178 45.83 -40.70 29.29
C PRO B 178 46.89 -41.33 30.22
N GLY B 179 47.65 -40.49 30.91
CA GLY B 179 48.65 -40.95 31.86
C GLY B 179 48.06 -41.38 33.19
N PRO B 180 48.87 -42.10 34.01
CA PRO B 180 48.44 -42.49 35.35
C PRO B 180 48.27 -41.28 36.26
N VAL B 181 47.32 -41.35 37.19
CA VAL B 181 47.10 -40.26 38.12
C VAL B 181 46.94 -40.72 39.55
N SER B 182 47.30 -39.85 40.49
CA SER B 182 47.07 -40.05 41.91
C SER B 182 45.58 -40.01 42.15
N SER B 183 44.97 -38.95 41.63
CA SER B 183 43.53 -38.71 41.68
C SER B 183 43.20 -37.63 40.64
N LEU B 184 42.00 -37.65 40.10
CA LEU B 184 41.57 -36.58 39.22
C LEU B 184 41.00 -35.39 40.00
N LEU B 185 40.90 -35.53 41.32
CA LEU B 185 40.53 -34.41 42.19
C LEU B 185 41.78 -33.73 42.73
N SER B 186 41.90 -32.43 42.49
CA SER B 186 42.98 -31.66 43.08
C SER B 186 42.50 -30.27 43.49
N GLU B 187 42.37 -30.05 44.81
CA GLU B 187 42.00 -28.74 45.35
C GLU B 187 43.19 -27.79 45.26
N PRO B 188 42.95 -26.46 45.30
CA PRO B 188 44.11 -25.54 45.30
C PRO B 188 44.93 -25.69 46.57
N GLU B 189 46.24 -25.51 46.46
CA GLU B 189 47.11 -25.61 47.62
C GLU B 189 46.65 -24.63 48.69
N ILE B 190 46.66 -25.09 49.93
CA ILE B 190 46.07 -24.36 51.04
C ILE B 190 46.95 -23.20 51.54
N ASP B 191 46.32 -22.05 51.81
CA ASP B 191 47.01 -20.85 52.27
C ASP B 191 47.13 -20.90 53.79
N HIS B 192 48.35 -21.14 54.26
CA HIS B 192 48.55 -21.41 55.70
C HIS B 192 48.48 -20.17 56.60
N THR B 193 48.83 -19.01 56.05
CA THR B 193 48.66 -17.75 56.78
C THR B 193 47.19 -17.52 57.07
N SER B 194 46.33 -17.69 56.07
CA SER B 194 44.90 -17.46 56.22
C SER B 194 44.22 -18.50 57.12
N LEU B 195 44.58 -19.77 56.97
CA LEU B 195 44.05 -20.84 57.81
C LEU B 195 44.34 -20.56 59.29
N LYS B 196 45.60 -20.22 59.59
CA LYS B 196 46.01 -19.97 60.96
C LYS B 196 45.21 -18.83 61.57
N ALA B 197 45.04 -17.76 60.82
CA ALA B 197 44.34 -16.58 61.31
C ALA B 197 42.85 -16.83 61.53
N ALA B 198 42.24 -17.62 60.65
CA ALA B 198 40.83 -18.00 60.76
C ALA B 198 40.56 -18.88 61.97
N VAL B 199 41.44 -19.85 62.21
CA VAL B 199 41.31 -20.76 63.34
C VAL B 199 41.53 -19.98 64.64
N ASP B 200 42.58 -19.17 64.68
CA ASP B 200 42.87 -18.32 65.84
C ASP B 200 41.71 -17.40 66.19
N ALA B 201 41.10 -16.77 65.19
CA ALA B 201 39.96 -15.88 65.41
C ALA B 201 38.72 -16.61 65.91
N THR B 202 38.48 -17.81 65.37
CA THR B 202 37.35 -18.64 65.79
C THR B 202 37.55 -19.18 67.20
N VAL B 203 38.77 -19.61 67.52
CA VAL B 203 39.08 -20.11 68.86
C VAL B 203 38.88 -19.02 69.89
N ALA B 204 39.35 -17.81 69.56
CA ALA B 204 39.21 -16.66 70.44
C ALA B 204 37.75 -16.37 70.76
N LEU B 205 36.91 -16.37 69.73
CA LEU B 205 35.48 -16.16 69.90
C LEU B 205 34.85 -17.28 70.72
N LEU B 206 35.19 -18.53 70.42
CA LEU B 206 34.64 -19.66 71.14
C LEU B 206 35.03 -19.63 72.62
N GLU B 207 36.29 -19.27 72.90
CA GLU B 207 36.80 -19.22 74.27
C GLU B 207 36.02 -18.28 75.15
N LYS B 208 35.66 -17.12 74.62
CA LYS B 208 34.89 -16.16 75.41
C LYS B 208 33.35 -16.33 75.36
N SER B 209 32.91 -17.41 74.71
CA SER B 209 31.49 -17.75 74.63
C SER B 209 31.00 -18.56 75.81
N ALA B 210 29.71 -18.40 76.10
CA ALA B 210 29.03 -19.18 77.15
C ALA B 210 28.39 -20.44 76.58
N SER B 211 27.70 -20.32 75.45
CA SER B 211 27.03 -21.47 74.83
C SER B 211 27.00 -21.42 73.30
N PRO B 212 28.06 -21.95 72.67
CA PRO B 212 28.13 -22.10 71.22
C PRO B 212 27.23 -23.24 70.75
N VAL B 213 26.64 -23.07 69.57
CA VAL B 213 25.87 -24.13 68.93
C VAL B 213 26.43 -24.37 67.55
N MET B 214 26.33 -25.61 67.08
CA MET B 214 26.69 -25.96 65.70
C MET B 214 25.43 -26.15 64.88
N LEU B 215 25.40 -25.50 63.71
CA LEU B 215 24.29 -25.66 62.77
C LEU B 215 24.85 -26.12 61.45
N LEU B 216 24.40 -27.29 60.99
CA LEU B 216 24.98 -27.96 59.81
C LEU B 216 24.11 -27.80 58.57
N GLY B 217 24.75 -27.47 57.46
CA GLY B 217 24.05 -27.20 56.20
C GLY B 217 24.26 -28.23 55.11
N SER B 218 23.53 -28.06 54.01
CA SER B 218 23.49 -29.07 52.95
C SER B 218 24.72 -29.12 52.04
N LYS B 219 25.70 -28.26 52.25
CA LYS B 219 26.95 -28.37 51.49
C LYS B 219 28.02 -29.18 52.23
N LEU B 220 27.68 -29.75 53.38
CA LEU B 220 28.63 -30.43 54.23
C LEU B 220 29.25 -31.63 53.53
N ARG B 221 28.43 -32.39 52.80
CA ARG B 221 28.90 -33.57 52.10
C ARG B 221 29.79 -33.24 50.91
N ALA B 222 29.37 -32.26 50.10
CA ALA B 222 30.14 -31.82 48.94
C ALA B 222 31.51 -31.33 49.37
N ALA B 223 31.55 -30.66 50.51
CA ALA B 223 32.80 -30.18 51.10
C ALA B 223 33.62 -31.31 51.71
N ASN B 224 33.09 -32.53 51.64
CA ASN B 224 33.73 -33.72 52.18
C ASN B 224 34.15 -33.49 53.65
N ALA B 225 33.18 -33.04 54.44
CA ALA B 225 33.44 -32.52 55.77
C ALA B 225 32.65 -33.22 56.89
N LEU B 226 32.12 -34.41 56.60
CA LEU B 226 31.29 -35.15 57.57
C LEU B 226 32.08 -35.63 58.79
N ALA B 227 33.16 -36.36 58.53
CA ALA B 227 34.02 -36.86 59.61
C ALA B 227 34.63 -35.73 60.43
N ALA B 228 35.10 -34.69 59.75
CA ALA B 228 35.68 -33.53 60.42
C ALA B 228 34.69 -32.82 61.35
N THR B 229 33.43 -32.78 60.93
CA THR B 229 32.37 -32.16 61.70
C THR B 229 32.10 -32.89 63.02
N GLU B 230 32.02 -34.21 62.99
CA GLU B 230 31.72 -34.93 64.22
C GLU B 230 32.94 -35.06 65.12
N THR B 231 34.13 -34.90 64.55
CA THR B 231 35.34 -34.77 65.36
C THR B 231 35.31 -33.46 66.14
N LEU B 232 34.93 -32.38 65.45
CA LEU B 232 34.79 -31.07 66.07
C LEU B 232 33.69 -31.06 67.15
N ALA B 233 32.60 -31.76 66.87
CA ALA B 233 31.50 -31.89 67.82
C ALA B 233 31.92 -32.63 69.09
N ASP B 234 32.81 -33.61 68.95
CA ASP B 234 33.34 -34.35 70.09
C ASP B 234 34.19 -33.48 70.99
N LYS B 235 34.95 -32.58 70.37
CA LYS B 235 35.84 -31.67 71.10
C LYS B 235 35.06 -30.54 71.79
N LEU B 236 34.11 -29.96 71.07
CA LEU B 236 33.31 -28.85 71.60
C LEU B 236 32.28 -29.24 72.65
N GLN B 237 31.79 -30.48 72.58
CA GLN B 237 30.80 -31.02 73.52
C GLN B 237 29.42 -30.36 73.35
N CYS B 238 29.31 -29.44 72.40
CA CYS B 238 28.14 -28.58 72.31
C CYS B 238 26.96 -29.22 71.55
N ALA B 239 25.84 -28.51 71.53
CA ALA B 239 24.65 -28.94 70.80
C ALA B 239 24.92 -28.89 69.31
N VAL B 240 24.49 -29.95 68.62
CA VAL B 240 24.59 -30.04 67.17
C VAL B 240 23.18 -30.07 66.58
N THR B 241 22.89 -29.14 65.69
CA THR B 241 21.59 -29.09 65.02
C THR B 241 21.77 -29.13 63.52
N ILE B 242 20.73 -29.56 62.80
CA ILE B 242 20.78 -29.64 61.35
C ILE B 242 19.74 -28.75 60.68
N MET B 243 20.08 -28.23 59.51
CA MET B 243 19.09 -27.61 58.65
C MET B 243 18.38 -28.74 57.93
N ALA B 244 17.16 -28.48 57.45
CA ALA B 244 16.36 -29.50 56.78
C ALA B 244 17.16 -30.32 55.75
N ALA B 245 17.86 -29.62 54.86
CA ALA B 245 18.52 -30.28 53.74
C ALA B 245 19.79 -31.01 54.15
N ALA B 246 20.13 -30.95 55.43
CA ALA B 246 21.33 -31.60 55.95
C ALA B 246 20.99 -32.87 56.74
N LYS B 247 19.77 -33.36 56.61
CA LYS B 247 19.37 -34.56 57.33
C LYS B 247 20.24 -35.75 56.94
N GLY B 248 20.86 -36.37 57.93
CA GLY B 248 21.68 -37.55 57.70
C GLY B 248 23.15 -37.22 57.58
N PHE B 249 23.47 -35.93 57.61
CA PHE B 249 24.86 -35.48 57.53
C PHE B 249 25.54 -35.54 58.90
N PHE B 250 24.78 -35.92 59.92
CA PHE B 250 25.29 -36.08 61.27
C PHE B 250 24.58 -37.24 61.95
N PRO B 251 25.33 -38.10 62.68
CA PRO B 251 24.71 -39.24 63.37
C PRO B 251 23.76 -38.79 64.50
N GLU B 252 22.50 -39.16 64.39
CA GLU B 252 21.47 -38.80 65.39
C GLU B 252 21.63 -39.61 66.69
N ASP B 253 22.51 -40.60 66.62
CA ASP B 253 22.98 -41.43 67.73
C ASP B 253 23.78 -40.60 68.74
N HIS B 254 24.43 -39.56 68.23
CA HIS B 254 25.43 -38.75 68.93
C HIS B 254 24.88 -38.06 70.18
N ALA B 255 25.72 -37.98 71.21
CA ALA B 255 25.35 -37.34 72.48
C ALA B 255 24.94 -35.87 72.32
N GLY B 256 25.52 -35.20 71.32
CA GLY B 256 25.28 -33.77 71.12
C GLY B 256 24.20 -33.41 70.13
N PHE B 257 23.60 -34.40 69.46
CA PHE B 257 22.54 -34.14 68.49
C PHE B 257 21.29 -33.60 69.17
N ARG B 258 20.81 -32.46 68.67
CA ARG B 258 19.67 -31.78 69.28
C ARG B 258 18.51 -31.52 68.32
N GLY B 259 18.68 -31.93 67.06
CA GLY B 259 17.56 -31.95 66.11
C GLY B 259 17.55 -30.92 65.00
N LEU B 260 16.34 -30.60 64.54
CA LEU B 260 16.12 -29.81 63.34
C LEU B 260 15.89 -28.33 63.64
N TYR B 261 16.70 -27.49 62.99
CA TYR B 261 16.45 -26.07 62.98
C TYR B 261 15.86 -25.68 61.63
N TRP B 262 14.62 -25.20 61.65
CA TRP B 262 13.93 -24.80 60.44
C TRP B 262 12.86 -23.80 60.83
N GLY B 263 13.30 -22.66 61.36
CA GLY B 263 12.40 -21.60 61.78
C GLY B 263 11.33 -22.07 62.74
N GLU B 264 10.08 -21.77 62.41
CA GLU B 264 8.95 -22.12 63.29
C GLU B 264 8.55 -23.60 63.23
N VAL B 265 9.13 -24.36 62.31
CA VAL B 265 8.86 -25.81 62.25
C VAL B 265 10.03 -26.64 62.80
N SER B 266 10.92 -25.98 63.53
CA SER B 266 11.99 -26.64 64.28
C SER B 266 11.42 -27.59 65.34
N ASN B 267 12.25 -28.52 65.82
CA ASN B 267 11.92 -29.30 67.00
C ASN B 267 11.79 -28.35 68.20
N PRO B 268 10.88 -28.66 69.15
CA PRO B 268 10.70 -27.77 70.32
C PRO B 268 12.03 -27.37 70.98
N GLY B 269 12.16 -26.08 71.28
CA GLY B 269 13.35 -25.54 71.95
C GLY B 269 14.51 -25.20 71.04
N VAL B 270 14.60 -25.85 69.89
CA VAL B 270 15.75 -25.72 69.00
C VAL B 270 15.86 -24.32 68.40
N GLN B 271 14.74 -23.73 68.00
CA GLN B 271 14.75 -22.36 67.48
C GLN B 271 15.44 -21.43 68.48
N GLU B 272 14.99 -21.47 69.73
CA GLU B 272 15.61 -20.68 70.79
C GLU B 272 17.10 -21.02 70.95
N LEU B 273 17.45 -22.32 70.88
CA LEU B 273 18.83 -22.77 71.00
C LEU B 273 19.79 -22.05 70.05
N VAL B 274 19.44 -22.02 68.76
CA VAL B 274 20.36 -21.46 67.77
C VAL B 274 20.22 -19.95 67.62
N GLU B 275 18.98 -19.47 67.61
CA GLU B 275 18.67 -18.05 67.43
C GLU B 275 19.32 -17.20 68.54
N THR B 276 19.51 -17.82 69.70
CA THR B 276 19.95 -17.13 70.89
C THR B 276 21.41 -17.44 71.26
N SER B 277 22.06 -18.29 70.49
CA SER B 277 23.43 -18.70 70.77
C SER B 277 24.44 -17.56 70.82
N ASP B 278 25.31 -17.67 71.81
CA ASP B 278 26.46 -16.80 72.00
C ASP B 278 27.39 -16.77 70.77
N ALA B 279 27.56 -17.92 70.13
CA ALA B 279 28.48 -18.10 69.02
C ALA B 279 28.02 -19.27 68.14
N LEU B 280 27.26 -18.95 67.10
CA LEU B 280 26.69 -19.97 66.24
C LEU B 280 27.68 -20.40 65.17
N LEU B 281 28.18 -21.62 65.30
CA LEU B 281 29.08 -22.22 64.32
C LEU B 281 28.24 -22.80 63.20
N CYS B 282 28.08 -22.00 62.15
CA CYS B 282 27.17 -22.31 61.07
C CYS B 282 27.96 -22.86 59.89
N ILE B 283 27.84 -24.16 59.65
CA ILE B 283 28.76 -24.89 58.76
C ILE B 283 28.14 -25.37 57.45
N ALA B 284 28.64 -24.84 56.34
CA ALA B 284 28.22 -25.22 54.98
C ALA B 284 26.73 -25.03 54.72
N PRO B 285 26.15 -23.90 55.16
CA PRO B 285 24.72 -23.68 55.00
C PRO B 285 24.32 -23.28 53.59
N VAL B 286 23.08 -23.54 53.23
CA VAL B 286 22.46 -22.93 52.05
C VAL B 286 21.22 -22.19 52.52
N PHE B 287 21.32 -20.86 52.60
CA PHE B 287 20.20 -20.04 53.03
C PHE B 287 19.42 -19.55 51.84
N ASN B 288 18.26 -20.16 51.62
CA ASN B 288 17.33 -19.68 50.61
C ASN B 288 15.96 -19.45 51.19
N ASP B 289 14.99 -19.13 50.34
CA ASP B 289 13.65 -18.78 50.80
C ASP B 289 12.92 -19.95 51.44
N TYR B 290 13.30 -21.17 51.06
CA TYR B 290 12.72 -22.38 51.66
C TYR B 290 13.36 -22.70 53.01
N SER B 291 14.70 -22.71 53.05
CA SER B 291 15.42 -23.07 54.28
C SER B 291 15.29 -22.03 55.39
N THR B 292 15.22 -20.76 55.03
CA THR B 292 15.06 -19.69 56.02
C THR B 292 13.58 -19.44 56.34
N VAL B 293 12.70 -20.23 55.74
CA VAL B 293 11.25 -20.11 55.91
C VAL B 293 10.79 -18.67 55.65
N GLY B 294 10.87 -18.27 54.38
CA GLY B 294 10.49 -16.92 53.97
C GLY B 294 11.28 -15.81 54.63
N TRP B 295 12.57 -16.04 54.83
CA TRP B 295 13.51 -15.03 55.39
C TRP B 295 13.29 -14.70 56.85
N SER B 296 12.52 -15.53 57.54
CA SER B 296 12.20 -15.31 58.96
C SER B 296 13.19 -15.99 59.90
N ALA B 297 13.90 -17.00 59.40
CA ALA B 297 14.84 -17.76 60.21
C ALA B 297 16.20 -17.86 59.52
N TRP B 298 16.93 -16.76 59.57
CA TRP B 298 18.19 -16.64 58.84
C TRP B 298 19.24 -15.99 59.75
N PRO B 299 20.00 -16.81 60.48
CA PRO B 299 20.96 -16.32 61.46
C PRO B 299 22.18 -15.71 60.78
N LYS B 300 22.50 -14.48 61.16
CA LYS B 300 23.66 -13.79 60.64
C LYS B 300 24.13 -12.72 61.60
N GLY B 301 25.24 -12.06 61.26
CA GLY B 301 25.77 -10.97 62.09
C GLY B 301 26.95 -11.38 62.97
N PRO B 302 27.31 -10.51 63.94
CA PRO B 302 28.54 -10.65 64.73
C PRO B 302 28.68 -11.98 65.48
N ASN B 303 27.56 -12.54 65.94
CA ASN B 303 27.57 -13.80 66.71
C ASN B 303 27.65 -15.08 65.88
N VAL B 304 27.75 -14.96 64.55
CA VAL B 304 27.75 -16.13 63.69
C VAL B 304 29.12 -16.38 63.06
N ILE B 305 29.58 -17.62 63.17
CA ILE B 305 30.76 -18.06 62.45
C ILE B 305 30.25 -18.77 61.21
N LEU B 306 30.37 -18.07 60.07
CA LEU B 306 29.91 -18.58 58.80
C LEU B 306 31.06 -19.34 58.13
N ALA B 307 30.96 -20.67 58.12
CA ALA B 307 32.00 -21.52 57.58
C ALA B 307 31.52 -22.20 56.30
N GLU B 308 31.98 -21.67 55.17
CA GLU B 308 31.56 -22.15 53.87
C GLU B 308 32.65 -23.07 53.30
N PRO B 309 32.37 -23.77 52.17
CA PRO B 309 33.35 -24.73 51.62
C PRO B 309 34.74 -24.17 51.33
N ASP B 310 34.84 -22.84 51.31
CA ASP B 310 35.89 -22.13 50.61
C ASP B 310 36.49 -21.05 51.48
N ARG B 311 35.74 -20.65 52.49
CA ARG B 311 36.01 -19.42 53.22
C ARG B 311 35.32 -19.45 54.60
N VAL B 312 35.82 -18.62 55.53
CA VAL B 312 35.23 -18.48 56.85
C VAL B 312 35.08 -16.99 57.20
N THR B 313 33.89 -16.60 57.66
CA THR B 313 33.65 -15.24 58.11
C THR B 313 33.33 -15.25 59.61
N VAL B 314 34.15 -14.55 60.38
CA VAL B 314 34.03 -14.56 61.82
C VAL B 314 34.53 -13.24 62.40
N ASP B 315 33.68 -12.61 63.22
CA ASP B 315 34.04 -11.40 63.96
C ASP B 315 34.45 -10.24 63.04
N GLY B 316 33.74 -10.09 61.92
CA GLY B 316 33.94 -8.96 61.01
C GLY B 316 35.12 -9.08 60.07
N ARG B 317 35.61 -10.31 59.87
CA ARG B 317 36.67 -10.59 58.90
C ARG B 317 36.36 -11.83 58.10
N ALA B 318 36.70 -11.81 56.81
CA ALA B 318 36.58 -12.98 55.96
C ALA B 318 37.96 -13.56 55.68
N TYR B 319 38.09 -14.87 55.84
CA TYR B 319 39.34 -15.58 55.61
C TYR B 319 39.14 -16.59 54.49
N ASP B 320 39.92 -16.47 53.42
CA ASP B 320 39.75 -17.35 52.26
C ASP B 320 41.02 -18.13 51.93
N GLY B 321 40.93 -19.06 50.97
CA GLY B 321 42.11 -19.78 50.48
C GLY B 321 42.44 -21.12 51.14
N PHE B 322 41.45 -21.75 51.75
CA PHE B 322 41.61 -23.09 52.31
C PHE B 322 40.28 -23.82 52.22
N THR B 323 40.33 -25.15 52.35
CA THR B 323 39.13 -25.96 52.30
C THR B 323 38.44 -25.98 53.66
N LEU B 324 37.12 -26.16 53.64
CA LEU B 324 36.35 -26.29 54.88
C LEU B 324 36.86 -27.44 55.72
N ARG B 325 37.15 -28.56 55.07
CA ARG B 325 37.66 -29.76 55.74
C ARG B 325 38.95 -29.48 56.53
N ALA B 326 39.89 -28.75 55.93
CA ALA B 326 41.13 -28.40 56.60
C ALA B 326 40.88 -27.46 57.79
N PHE B 327 39.91 -26.56 57.63
CA PHE B 327 39.53 -25.64 58.69
C PHE B 327 38.95 -26.37 59.89
N LEU B 328 38.02 -27.30 59.62
CA LEU B 328 37.36 -28.06 60.68
C LEU B 328 38.32 -29.00 61.41
N GLN B 329 39.26 -29.63 60.69
CA GLN B 329 40.29 -30.45 61.29
C GLN B 329 41.16 -29.62 62.24
N ALA B 330 41.66 -28.48 61.75
CA ALA B 330 42.54 -27.61 62.52
C ALA B 330 41.85 -27.02 63.74
N LEU B 331 40.58 -26.66 63.57
CA LEU B 331 39.79 -26.09 64.66
C LEU B 331 39.55 -27.10 65.78
N ALA B 332 39.35 -28.37 65.41
CA ALA B 332 39.17 -29.44 66.39
C ALA B 332 40.38 -29.67 67.29
N GLU B 333 41.57 -29.36 66.79
CA GLU B 333 42.80 -29.49 67.59
C GLU B 333 42.80 -28.46 68.72
N LYS B 334 42.33 -27.26 68.41
CA LYS B 334 42.51 -26.10 69.28
C LYS B 334 41.27 -25.66 70.06
N ALA B 335 40.08 -26.07 69.59
CA ALA B 335 38.81 -25.67 70.22
C ALA B 335 38.70 -26.07 71.70
N PRO B 336 38.09 -25.19 72.52
CA PRO B 336 37.80 -25.52 73.91
C PRO B 336 36.53 -26.37 74.05
N ALA B 337 36.30 -26.92 75.24
CA ALA B 337 35.07 -27.64 75.55
C ALA B 337 34.01 -26.64 76.03
N ARG B 338 32.86 -26.63 75.36
CA ARG B 338 31.75 -25.75 75.70
C ARG B 338 30.41 -26.49 75.68
N PRO B 339 30.08 -27.20 76.78
CA PRO B 339 28.93 -28.11 76.74
C PRO B 339 27.58 -27.46 77.05
N ALA B 340 27.58 -26.21 77.49
CA ALA B 340 26.35 -25.53 77.97
C ALA B 340 25.11 -25.73 77.08
N SER B 341 25.28 -25.62 75.76
CA SER B 341 24.17 -25.77 74.81
C SER B 341 23.56 -27.16 74.87
N ALA B 342 24.40 -28.18 75.03
CA ALA B 342 23.95 -29.57 75.05
C ALA B 342 23.23 -29.93 76.35
N GLN B 343 23.79 -29.49 77.47
CA GLN B 343 23.22 -29.82 78.78
C GLN B 343 21.99 -28.99 79.13
N LYS B 344 21.73 -27.94 78.36
CA LYS B 344 20.54 -27.10 78.55
C LYS B 344 19.37 -27.47 77.63
N SER B 345 19.47 -28.62 76.97
CA SER B 345 18.46 -29.02 75.97
C SER B 345 18.34 -30.53 75.87
N SER B 346 17.18 -30.99 75.40
CA SER B 346 16.87 -32.41 75.35
C SER B 346 17.11 -33.02 73.97
N VAL B 347 17.41 -34.31 73.94
CA VAL B 347 17.51 -35.08 72.70
C VAL B 347 16.16 -35.00 71.97
N PRO B 348 16.17 -34.71 70.65
CA PRO B 348 14.92 -34.48 69.94
C PRO B 348 14.09 -35.76 69.87
N THR B 349 12.79 -35.60 70.06
CA THR B 349 11.85 -36.70 69.98
C THR B 349 10.76 -36.30 68.99
N CYS B 350 10.02 -37.28 68.46
CA CYS B 350 8.97 -36.97 67.50
C CYS B 350 7.70 -37.77 67.70
N SER B 351 6.63 -37.06 68.07
CA SER B 351 5.34 -37.67 68.42
C SER B 351 4.59 -38.16 67.17
N LEU B 352 4.32 -39.46 67.10
CA LEU B 352 3.59 -40.04 65.97
C LEU B 352 2.34 -40.75 66.44
N THR B 353 1.18 -40.29 65.96
CA THR B 353 -0.09 -40.87 66.41
C THR B 353 -0.33 -42.29 65.86
N ALA B 354 -0.63 -43.20 66.77
CA ALA B 354 -0.84 -44.61 66.43
C ALA B 354 -2.31 -44.90 66.24
N THR B 355 -2.60 -45.77 65.27
CA THR B 355 -3.96 -46.14 64.92
C THR B 355 -4.21 -47.63 65.24
N SER B 356 -5.37 -48.17 64.90
CA SER B 356 -5.56 -49.61 64.98
C SER B 356 -5.20 -50.30 63.65
N ASP B 357 -5.06 -51.63 63.71
CA ASP B 357 -4.72 -52.46 62.55
C ASP B 357 -5.60 -52.23 61.32
N GLU B 358 -6.91 -52.11 61.55
CA GLU B 358 -7.90 -52.16 60.48
C GLU B 358 -8.44 -50.80 60.05
N ALA B 359 -8.02 -49.76 60.77
CA ALA B 359 -8.37 -48.38 60.41
C ALA B 359 -7.73 -48.01 59.07
N GLY B 360 -8.33 -47.03 58.38
CA GLY B 360 -7.75 -46.53 57.14
C GLY B 360 -6.34 -46.02 57.37
N LEU B 361 -5.47 -46.23 56.40
CA LEU B 361 -4.07 -45.84 56.53
C LEU B 361 -3.88 -44.34 56.73
N THR B 362 -2.90 -44.00 57.55
CA THR B 362 -2.68 -42.64 58.01
C THR B 362 -1.23 -42.25 57.75
N ASN B 363 -1.03 -40.98 57.43
CA ASN B 363 0.29 -40.38 57.24
C ASN B 363 1.28 -40.73 58.36
N ASP B 364 0.89 -40.49 59.61
CA ASP B 364 1.73 -40.81 60.78
C ASP B 364 2.10 -42.28 60.84
N GLU B 365 1.16 -43.14 60.46
CA GLU B 365 1.34 -44.58 60.51
C GLU B 365 2.31 -45.06 59.42
N ILE B 366 2.32 -44.37 58.28
CA ILE B 366 3.30 -44.66 57.22
C ILE B 366 4.73 -44.35 57.70
N VAL B 367 4.88 -43.21 58.36
CA VAL B 367 6.17 -42.80 58.91
C VAL B 367 6.66 -43.81 59.94
N ARG B 368 5.73 -44.27 60.79
CA ARG B 368 6.04 -45.23 61.84
C ARG B 368 6.60 -46.53 61.24
N HIS B 369 5.99 -46.97 60.14
CA HIS B 369 6.40 -48.19 59.46
C HIS B 369 7.75 -48.05 58.74
N ILE B 370 7.94 -46.93 58.04
CA ILE B 370 9.19 -46.68 57.35
C ILE B 370 10.34 -46.49 58.34
N ASN B 371 10.08 -45.78 59.42
CA ASN B 371 11.08 -45.60 60.48
C ASN B 371 11.63 -46.94 60.99
N ALA B 372 10.73 -47.92 61.17
CA ALA B 372 11.10 -49.27 61.61
C ALA B 372 11.94 -50.03 60.58
N LEU B 373 11.80 -49.67 59.31
CA LEU B 373 12.59 -50.28 58.23
C LEU B 373 14.05 -49.83 58.22
N LEU B 374 14.29 -48.59 58.63
CA LEU B 374 15.62 -47.97 58.50
C LEU B 374 16.67 -48.71 59.29
N THR B 375 17.76 -49.05 58.61
CA THR B 375 18.95 -49.63 59.24
C THR B 375 20.14 -48.73 58.91
N SER B 376 21.30 -49.02 59.50
CA SER B 376 22.53 -48.29 59.20
C SER B 376 22.93 -48.45 57.74
N ASN B 377 22.36 -49.45 57.08
CA ASN B 377 22.66 -49.77 55.71
C ASN B 377 21.61 -49.23 54.72
N THR B 378 20.74 -48.34 55.19
CA THR B 378 19.65 -47.80 54.38
C THR B 378 20.00 -46.45 53.74
N THR B 379 19.49 -46.25 52.52
CA THR B 379 19.45 -44.94 51.89
C THR B 379 17.99 -44.59 51.61
N LEU B 380 17.53 -43.51 52.22
CA LEU B 380 16.17 -43.04 52.08
C LEU B 380 16.14 -41.83 51.12
N VAL B 381 15.35 -41.97 50.05
CA VAL B 381 15.20 -40.89 49.07
C VAL B 381 13.83 -40.26 49.27
N ALA B 382 13.79 -38.97 49.55
CA ALA B 382 12.54 -38.29 49.86
C ALA B 382 12.21 -37.21 48.84
N GLU B 383 11.09 -37.40 48.15
CA GLU B 383 10.69 -36.50 47.08
C GLU B 383 10.14 -35.16 47.61
N THR B 384 10.21 -34.14 46.77
CA THR B 384 9.54 -32.86 47.02
C THR B 384 8.03 -33.10 47.19
N GLY B 385 7.46 -32.46 48.20
CA GLY B 385 6.07 -32.68 48.58
C GLY B 385 6.07 -32.99 50.05
N ASP B 386 4.99 -33.56 50.56
CA ASP B 386 4.88 -33.86 51.99
C ASP B 386 5.95 -34.85 52.46
N SER B 387 6.55 -35.58 51.52
CA SER B 387 7.62 -36.51 51.84
C SER B 387 8.85 -35.81 52.43
N TRP B 388 9.10 -34.56 52.04
CA TRP B 388 10.14 -33.75 52.67
C TRP B 388 9.92 -33.72 54.17
N PHE B 389 8.67 -33.54 54.54
CA PHE B 389 8.32 -33.24 55.91
C PHE B 389 8.34 -34.46 56.80
N ASN B 390 7.87 -35.61 56.32
CA ASN B 390 8.04 -36.77 57.19
C ASN B 390 9.39 -37.46 57.08
N ALA B 391 10.22 -37.01 56.14
CA ALA B 391 11.64 -37.33 56.18
C ALA B 391 12.23 -36.67 57.41
N MET B 392 11.86 -35.42 57.65
CA MET B 392 12.32 -34.70 58.83
C MET B 392 11.88 -35.39 60.12
N ARG B 393 10.77 -36.12 60.05
CA ARG B 393 10.14 -36.67 61.25
C ARG B 393 10.67 -38.05 61.64
N MET B 394 11.66 -38.53 60.90
CA MET B 394 12.23 -39.85 61.20
C MET B 394 13.48 -39.77 62.04
N THR B 395 13.59 -40.73 62.97
CA THR B 395 14.81 -40.93 63.72
C THR B 395 15.62 -41.93 62.92
N LEU B 396 16.77 -41.49 62.43
CA LEU B 396 17.57 -42.38 61.60
C LEU B 396 18.77 -42.94 62.36
N PRO B 397 18.95 -44.28 62.29
CA PRO B 397 20.10 -44.95 62.91
C PRO B 397 21.43 -44.49 62.31
N ARG B 398 22.50 -44.56 63.10
CA ARG B 398 23.83 -44.14 62.67
C ARG B 398 24.24 -44.93 61.44
N GLY B 399 24.70 -44.22 60.41
CA GLY B 399 25.09 -44.85 59.15
C GLY B 399 24.06 -44.68 58.05
N ALA B 400 22.79 -44.50 58.42
CA ALA B 400 21.72 -44.32 57.45
C ALA B 400 21.90 -43.03 56.65
N ARG B 401 21.52 -43.09 55.38
CA ARG B 401 21.66 -41.97 54.47
C ARG B 401 20.30 -41.44 54.03
N VAL B 402 20.17 -40.11 53.97
CA VAL B 402 18.98 -39.49 53.42
C VAL B 402 19.39 -38.65 52.23
N GLU B 403 18.61 -38.72 51.16
CA GLU B 403 18.83 -37.93 49.98
C GLU B 403 17.67 -36.97 49.75
N LEU B 404 17.97 -35.68 49.75
CA LEU B 404 16.98 -34.65 49.50
C LEU B 404 17.44 -33.76 48.35
N GLU B 405 16.49 -33.14 47.67
CA GLU B 405 16.80 -32.26 46.57
C GLU B 405 16.11 -30.92 46.82
N MET B 406 16.45 -30.29 47.94
CA MET B 406 15.67 -29.14 48.44
C MET B 406 16.01 -27.81 47.77
N GLN B 407 17.11 -27.75 47.02
CA GLN B 407 17.47 -26.54 46.29
C GLN B 407 16.84 -26.50 44.91
N TRP B 408 16.95 -27.58 44.15
CA TRP B 408 16.34 -27.69 42.84
C TRP B 408 14.84 -27.94 42.95
N GLY B 409 14.47 -28.99 43.67
CA GLY B 409 13.07 -29.30 43.96
C GLY B 409 12.23 -29.65 42.74
N HIS B 410 12.80 -30.46 41.85
CA HIS B 410 12.12 -30.92 40.65
C HIS B 410 11.34 -32.17 40.99
N ILE B 411 10.02 -32.07 41.08
CA ILE B 411 9.19 -33.26 41.36
C ILE B 411 9.44 -34.34 40.30
N GLY B 412 9.44 -35.59 40.73
CA GLY B 412 9.79 -36.69 39.84
C GLY B 412 11.25 -37.10 39.98
N TRP B 413 12.09 -36.17 40.44
CA TRP B 413 13.52 -36.43 40.70
C TRP B 413 13.69 -37.75 41.46
N SER B 414 12.83 -37.94 42.46
CA SER B 414 12.82 -39.11 43.30
C SER B 414 13.19 -40.43 42.61
N VAL B 415 12.48 -40.75 41.55
CA VAL B 415 12.52 -42.09 40.95
C VAL B 415 13.83 -42.38 40.17
N PRO B 416 14.13 -41.59 39.12
CA PRO B 416 15.40 -41.85 38.42
C PRO B 416 16.61 -41.63 39.32
N SER B 417 16.52 -40.68 40.26
CA SER B 417 17.62 -40.45 41.19
C SER B 417 17.91 -41.67 42.06
N ALA B 418 16.86 -42.29 42.57
CA ALA B 418 17.00 -43.52 43.35
C ALA B 418 17.59 -44.64 42.53
N PHE B 419 17.21 -44.69 41.25
CA PHE B 419 17.71 -45.71 40.34
C PHE B 419 19.24 -45.63 40.17
N GLY B 420 19.73 -44.43 39.84
CA GLY B 420 21.15 -44.18 39.74
C GLY B 420 21.87 -44.41 41.05
N ASN B 421 21.28 -43.90 42.13
CA ASN B 421 21.86 -44.08 43.47
C ASN B 421 22.01 -45.56 43.81
N ALA B 422 20.99 -46.36 43.51
CA ALA B 422 21.04 -47.80 43.74
C ALA B 422 22.15 -48.48 42.92
N MET B 423 22.25 -48.11 41.64
CA MET B 423 23.34 -48.57 40.78
C MET B 423 24.71 -48.35 41.40
N GLY B 424 24.88 -47.20 42.03
CA GLY B 424 26.16 -46.79 42.61
C GLY B 424 26.45 -47.33 44.00
N SER B 425 25.48 -48.03 44.59
CA SER B 425 25.64 -48.60 45.92
C SER B 425 24.72 -49.80 46.08
N GLN B 426 24.99 -50.85 45.33
CA GLN B 426 24.10 -52.01 45.23
C GLN B 426 24.04 -52.85 46.51
N ASP B 427 24.99 -52.60 47.41
CA ASP B 427 25.11 -53.29 48.70
C ASP B 427 24.15 -52.74 49.76
N ARG B 428 23.58 -51.56 49.53
CA ARG B 428 22.69 -50.89 50.49
C ARG B 428 21.23 -51.19 50.21
N GLN B 429 20.37 -50.99 51.22
CA GLN B 429 18.92 -51.04 51.02
C GLN B 429 18.43 -49.67 50.58
N HIS B 430 17.70 -49.62 49.48
CA HIS B 430 17.20 -48.35 48.97
C HIS B 430 15.69 -48.19 49.16
N VAL B 431 15.32 -47.09 49.81
CA VAL B 431 13.92 -46.81 50.11
C VAL B 431 13.55 -45.45 49.54
N VAL B 432 12.42 -45.39 48.85
CA VAL B 432 11.94 -44.17 48.23
C VAL B 432 10.60 -43.74 48.79
N MET B 433 10.49 -42.46 49.12
CA MET B 433 9.20 -41.85 49.42
C MET B 433 8.84 -40.89 48.31
N VAL B 434 7.74 -41.17 47.62
CA VAL B 434 7.34 -40.36 46.47
C VAL B 434 5.82 -40.15 46.42
N GLY B 435 5.41 -38.92 46.17
CA GLY B 435 4.00 -38.60 46.04
C GLY B 435 3.44 -39.03 44.71
N ASP B 436 2.12 -39.10 44.62
CA ASP B 436 1.47 -39.56 43.40
C ASP B 436 1.71 -38.59 42.25
N GLY B 437 1.68 -37.30 42.54
CA GLY B 437 1.88 -36.27 41.54
C GLY B 437 3.27 -36.33 40.93
N SER B 438 4.27 -36.49 41.80
CA SER B 438 5.66 -36.55 41.39
C SER B 438 5.94 -37.79 40.56
N PHE B 439 5.36 -38.90 40.97
CA PHE B 439 5.61 -40.17 40.32
C PHE B 439 5.25 -40.12 38.84
N GLN B 440 4.19 -39.39 38.50
CA GLN B 440 3.71 -39.34 37.13
C GLN B 440 4.67 -38.72 36.14
N LEU B 441 5.57 -37.87 36.62
CA LEU B 441 6.55 -37.22 35.75
C LEU B 441 7.60 -38.18 35.21
N THR B 442 8.01 -39.14 36.04
CA THR B 442 9.19 -39.95 35.75
C THR B 442 8.95 -41.44 35.95
N ALA B 443 7.70 -41.82 36.09
CA ALA B 443 7.28 -43.19 36.38
C ALA B 443 8.03 -44.26 35.58
N GLN B 444 8.22 -44.02 34.28
CA GLN B 444 8.80 -45.03 33.40
C GLN B 444 10.18 -45.54 33.81
N GLU B 445 10.88 -44.83 34.68
CA GLU B 445 12.19 -45.28 35.09
C GLU B 445 12.16 -46.44 36.11
N VAL B 446 10.99 -46.75 36.65
CA VAL B 446 10.83 -47.93 37.49
C VAL B 446 11.08 -49.19 36.65
N ALA B 447 10.85 -49.07 35.33
CA ALA B 447 11.08 -50.16 34.40
C ALA B 447 12.57 -50.50 34.27
N GLN B 448 13.42 -49.51 34.44
CA GLN B 448 14.86 -49.73 34.46
C GLN B 448 15.30 -50.48 35.71
N MET B 449 14.71 -50.12 36.86
CA MET B 449 14.92 -50.87 38.10
C MET B 449 14.57 -52.35 37.92
N VAL B 450 13.48 -52.61 37.21
CA VAL B 450 13.08 -53.96 36.85
C VAL B 450 14.14 -54.59 35.96
N ARG B 451 14.46 -53.91 34.86
CA ARG B 451 15.45 -54.41 33.91
C ARG B 451 16.76 -54.81 34.56
N TYR B 452 17.28 -53.96 35.44
CA TYR B 452 18.56 -54.20 36.09
C TYR B 452 18.46 -54.91 37.44
N GLU B 453 17.25 -55.38 37.77
CA GLU B 453 16.99 -56.21 38.96
C GLU B 453 17.44 -55.53 40.25
N LEU B 454 17.01 -54.28 40.43
CA LEU B 454 17.34 -53.53 41.63
C LEU B 454 16.21 -53.53 42.65
N PRO B 455 16.46 -54.10 43.85
CA PRO B 455 15.42 -54.24 44.86
C PRO B 455 15.15 -52.95 45.64
N VAL B 456 14.72 -51.90 44.94
CA VAL B 456 14.35 -50.65 45.58
C VAL B 456 12.93 -50.75 46.13
N ILE B 457 12.71 -50.31 47.35
CA ILE B 457 11.36 -50.27 47.92
C ILE B 457 10.80 -48.86 47.78
N ILE B 458 9.74 -48.74 46.97
CA ILE B 458 9.13 -47.45 46.68
C ILE B 458 7.81 -47.29 47.42
N PHE B 459 7.76 -46.35 48.34
CA PHE B 459 6.50 -45.99 49.00
C PHE B 459 5.83 -44.88 48.23
N LEU B 460 4.79 -45.25 47.48
CA LEU B 460 4.04 -44.29 46.69
C LEU B 460 2.90 -43.75 47.54
N ILE B 461 2.97 -42.46 47.89
CA ILE B 461 1.96 -41.84 48.73
C ILE B 461 0.84 -41.30 47.87
N ASN B 462 -0.18 -42.12 47.67
CA ASN B 462 -1.34 -41.72 46.88
C ASN B 462 -2.38 -40.98 47.74
N ASN B 463 -2.29 -39.65 47.72
CA ASN B 463 -3.28 -38.82 48.40
C ASN B 463 -4.14 -38.02 47.43
N ARG B 464 -4.08 -38.41 46.15
CA ARG B 464 -4.97 -37.88 45.11
C ARG B 464 -4.72 -36.43 44.71
N GLY B 465 -3.45 -36.04 44.60
CA GLY B 465 -3.11 -34.72 44.09
C GLY B 465 -1.89 -34.07 44.69
N TYR B 466 -1.67 -32.82 44.27
CA TYR B 466 -0.56 -32.00 44.76
C TYR B 466 -0.94 -31.41 46.12
N VAL B 467 -0.87 -32.22 47.17
CA VAL B 467 -1.34 -31.83 48.49
C VAL B 467 -0.54 -30.66 49.10
N ILE B 468 0.78 -30.69 48.95
CA ILE B 468 1.63 -29.58 49.39
C ILE B 468 1.11 -28.24 48.85
N GLU B 469 0.40 -28.30 47.74
CA GLU B 469 -0.12 -27.12 47.09
C GLU B 469 -1.57 -26.88 47.48
N ILE B 470 -2.34 -27.96 47.59
CA ILE B 470 -3.74 -27.90 48.03
C ILE B 470 -3.88 -27.26 49.41
N ALA B 471 -2.95 -27.57 50.31
CA ALA B 471 -2.97 -27.07 51.68
C ALA B 471 -2.66 -25.58 51.76
N ILE B 472 -1.96 -25.07 50.75
CA ILE B 472 -1.39 -23.72 50.79
C ILE B 472 -2.15 -22.76 49.88
N HIS B 473 -2.40 -23.17 48.65
CA HIS B 473 -3.03 -22.34 47.64
C HIS B 473 -3.74 -23.24 46.64
N ASP B 474 -5.01 -23.52 46.90
CA ASP B 474 -5.74 -24.52 46.14
C ASP B 474 -6.38 -23.96 44.86
N GLY B 475 -6.41 -24.78 43.82
CA GLY B 475 -7.06 -24.45 42.56
C GLY B 475 -7.15 -25.71 41.74
N PRO B 476 -7.94 -25.70 40.64
CA PRO B 476 -8.16 -26.91 39.83
C PRO B 476 -6.87 -27.58 39.32
N TYR B 477 -5.78 -26.82 39.30
CA TYR B 477 -4.49 -27.29 38.80
C TYR B 477 -3.81 -28.29 39.74
N ASN B 478 -4.37 -28.48 40.93
CA ASN B 478 -3.77 -29.37 41.92
C ASN B 478 -4.28 -30.80 41.85
N TYR B 479 -5.24 -31.04 40.95
CA TYR B 479 -5.94 -32.30 40.90
C TYR B 479 -5.62 -33.09 39.63
N ILE B 480 -5.08 -34.30 39.82
CA ILE B 480 -4.57 -35.11 38.72
C ILE B 480 -5.38 -36.40 38.52
N LYS B 481 -5.22 -37.00 37.34
CA LYS B 481 -5.82 -38.29 37.05
C LYS B 481 -5.14 -39.36 37.90
N ASN B 482 -5.94 -40.07 38.71
CA ASN B 482 -5.45 -41.17 39.52
C ASN B 482 -5.02 -42.34 38.63
N TRP B 483 -3.99 -43.06 39.04
CA TRP B 483 -3.57 -44.28 38.37
C TRP B 483 -3.75 -45.47 39.29
N ASP B 484 -3.74 -46.67 38.72
CA ASP B 484 -3.53 -47.89 39.49
C ASP B 484 -2.01 -48.09 39.58
N TYR B 485 -1.40 -47.42 40.55
CA TYR B 485 0.06 -47.41 40.68
C TYR B 485 0.62 -48.82 40.95
N ALA B 486 -0.06 -49.58 41.80
CA ALA B 486 0.35 -50.96 42.06
C ALA B 486 0.33 -51.82 40.79
N GLY B 487 -0.72 -51.64 39.98
CA GLY B 487 -0.90 -52.41 38.74
C GLY B 487 0.15 -52.14 37.68
N LEU B 488 0.86 -51.03 37.83
CA LEU B 488 1.87 -50.60 36.86
C LEU B 488 3.11 -51.49 36.83
N MET B 489 3.37 -52.19 37.93
CA MET B 489 4.52 -53.08 38.02
C MET B 489 4.45 -54.26 37.05
N GLU B 490 3.30 -54.91 36.96
CA GLU B 490 3.12 -56.00 36.01
C GLU B 490 3.32 -55.52 34.58
N VAL B 491 2.91 -54.29 34.30
CA VAL B 491 3.12 -53.69 32.98
C VAL B 491 4.63 -53.65 32.62
N PHE B 492 5.44 -53.19 33.57
CA PHE B 492 6.89 -53.14 33.36
C PHE B 492 7.54 -54.52 33.41
N ASN B 493 6.92 -55.46 34.13
CA ASN B 493 7.42 -56.84 34.15
C ASN B 493 7.30 -57.51 32.79
N ALA B 494 6.10 -57.41 32.20
CA ALA B 494 5.77 -58.03 30.91
C ALA B 494 6.18 -59.51 30.82
N GLY B 495 6.01 -60.24 31.91
CA GLY B 495 6.40 -61.65 32.00
C GLY B 495 7.89 -61.94 32.18
N GLU B 496 8.71 -60.89 32.23
CA GLU B 496 10.16 -61.04 32.41
C GLU B 496 10.62 -60.74 33.84
N GLY B 497 10.47 -59.49 34.25
CA GLY B 497 11.04 -58.99 35.51
C GLY B 497 10.40 -59.47 36.80
N HIS B 498 11.02 -59.06 37.91
CA HIS B 498 10.61 -59.49 39.24
C HIS B 498 10.14 -58.34 40.11
N GLY B 499 9.55 -57.32 39.48
CA GLY B 499 8.94 -56.22 40.20
C GLY B 499 7.64 -56.62 40.87
N LEU B 500 7.35 -56.02 42.02
CA LEU B 500 6.10 -56.24 42.75
C LEU B 500 5.31 -54.95 42.93
N GLY B 501 4.00 -55.05 42.71
CA GLY B 501 3.09 -53.93 42.98
C GLY B 501 2.04 -54.29 44.02
N LEU B 502 2.02 -53.55 45.11
CA LEU B 502 1.10 -53.83 46.21
C LEU B 502 0.34 -52.59 46.68
N LYS B 503 -0.89 -52.80 47.15
CA LYS B 503 -1.70 -51.75 47.75
C LYS B 503 -1.67 -51.85 49.27
N ALA B 504 -1.43 -50.73 49.93
CA ALA B 504 -1.55 -50.66 51.38
C ALA B 504 -2.68 -49.70 51.73
N THR B 505 -3.68 -50.22 52.42
CA THR B 505 -4.91 -49.48 52.64
C THR B 505 -5.20 -49.33 54.12
N THR B 506 -4.55 -50.19 54.91
CA THR B 506 -4.62 -50.17 56.37
C THR B 506 -3.20 -50.40 56.89
N PRO B 507 -2.93 -50.10 58.17
CA PRO B 507 -1.62 -50.40 58.76
C PRO B 507 -1.25 -51.87 58.75
N LYS B 508 -2.24 -52.77 58.92
CA LYS B 508 -1.99 -54.21 58.78
C LYS B 508 -1.57 -54.51 57.34
N GLU B 509 -2.28 -53.91 56.38
CA GLU B 509 -2.03 -54.17 54.97
C GLU B 509 -0.65 -53.66 54.53
N LEU B 510 -0.19 -52.59 55.19
CA LEU B 510 1.15 -52.02 54.93
C LEU B 510 2.23 -52.88 55.55
N THR B 511 1.96 -53.43 56.74
CA THR B 511 2.93 -54.26 57.44
C THR B 511 3.22 -55.51 56.61
N GLU B 512 2.17 -56.08 56.01
CA GLU B 512 2.29 -57.24 55.13
C GLU B 512 3.05 -56.90 53.85
N ALA B 513 2.76 -55.72 53.30
CA ALA B 513 3.41 -55.27 52.07
C ALA B 513 4.92 -55.09 52.22
N ILE B 514 5.35 -54.58 53.37
CA ILE B 514 6.77 -54.38 53.67
C ILE B 514 7.49 -55.72 53.83
N ALA B 515 6.80 -56.70 54.43
CA ALA B 515 7.34 -58.05 54.55
C ALA B 515 7.61 -58.67 53.18
N ARG B 516 6.67 -58.48 52.24
CA ARG B 516 6.80 -58.96 50.86
C ARG B 516 7.94 -58.24 50.17
N ALA B 517 8.06 -56.94 50.42
CA ALA B 517 9.08 -56.12 49.80
C ALA B 517 10.48 -56.58 50.18
N LYS B 518 10.69 -56.83 51.48
CA LYS B 518 11.99 -57.26 51.98
C LYS B 518 12.39 -58.59 51.35
N ALA B 519 11.39 -59.42 51.06
CA ALA B 519 11.62 -60.74 50.46
C ALA B 519 11.87 -60.68 48.94
N ASN B 520 11.55 -59.54 48.32
CA ASN B 520 11.72 -59.39 46.88
C ASN B 520 13.12 -58.92 46.52
N THR B 521 14.00 -59.88 46.26
CA THR B 521 15.43 -59.58 46.14
C THR B 521 15.89 -59.26 44.71
N ARG B 522 15.02 -59.49 43.73
CA ARG B 522 15.44 -59.35 42.32
C ARG B 522 14.66 -58.31 41.52
N GLY B 523 13.99 -57.40 42.21
CA GLY B 523 13.25 -56.33 41.56
C GLY B 523 12.69 -55.32 42.53
N PRO B 524 12.26 -54.15 42.01
CA PRO B 524 11.70 -53.10 42.87
C PRO B 524 10.34 -53.49 43.41
N THR B 525 9.99 -52.94 44.57
CA THR B 525 8.65 -53.13 45.11
C THR B 525 7.98 -51.77 45.33
N LEU B 526 6.90 -51.55 44.60
CA LEU B 526 6.10 -50.34 44.77
C LEU B 526 4.91 -50.63 45.69
N ILE B 527 4.84 -49.92 46.80
CA ILE B 527 3.69 -50.00 47.68
C ILE B 527 2.87 -48.73 47.55
N GLU B 528 1.70 -48.86 46.93
CA GLU B 528 0.77 -47.75 46.81
C GLU B 528 0.04 -47.56 48.13
N CYS B 529 0.48 -46.57 48.91
CA CYS B 529 -0.14 -46.26 50.19
C CYS B 529 -1.25 -45.25 49.97
N GLN B 530 -2.48 -45.64 50.28
CA GLN B 530 -3.60 -44.73 50.14
C GLN B 530 -3.94 -44.04 51.45
N ILE B 531 -3.78 -42.73 51.47
CA ILE B 531 -4.18 -41.91 52.60
C ILE B 531 -5.08 -40.79 52.13
N ASP B 532 -5.85 -40.20 53.06
CA ASP B 532 -6.74 -39.11 52.70
C ASP B 532 -5.97 -37.83 52.35
N ARG B 533 -6.53 -37.08 51.41
CA ARG B 533 -5.94 -35.84 50.91
C ARG B 533 -5.73 -34.81 52.01
N THR B 534 -6.53 -34.93 53.07
CA THR B 534 -6.56 -33.98 54.17
C THR B 534 -5.42 -34.24 55.17
N ASP B 535 -4.82 -35.42 55.05
CA ASP B 535 -3.93 -35.99 56.06
C ASP B 535 -2.45 -35.71 55.76
N CYS B 536 -2.06 -34.43 55.78
CA CYS B 536 -0.66 -34.06 55.62
C CYS B 536 -0.10 -33.57 56.95
N THR B 537 1.20 -33.36 57.01
CA THR B 537 1.84 -32.93 58.26
C THR B 537 1.43 -31.50 58.61
N ASP B 538 1.26 -31.24 59.91
CA ASP B 538 1.09 -29.86 60.41
C ASP B 538 2.29 -29.02 60.01
N MET B 539 3.46 -29.67 60.02
CA MET B 539 4.71 -29.06 59.64
C MET B 539 4.60 -28.40 58.26
N LEU B 540 4.05 -29.13 57.29
CA LEU B 540 3.86 -28.62 55.93
C LEU B 540 2.97 -27.38 55.90
N VAL B 541 1.85 -27.44 56.62
CA VAL B 541 0.90 -26.33 56.66
C VAL B 541 1.56 -25.07 57.23
N GLN B 542 2.21 -25.20 58.38
CA GLN B 542 2.92 -24.07 59.01
C GLN B 542 3.98 -23.45 58.08
N TRP B 543 4.89 -24.30 57.61
CA TRP B 543 5.96 -23.89 56.70
C TRP B 543 5.39 -23.23 55.43
N GLY B 544 4.41 -23.88 54.82
CA GLY B 544 3.81 -23.43 53.57
C GLY B 544 3.18 -22.05 53.64
N ARG B 545 2.38 -21.81 54.67
CA ARG B 545 1.70 -20.54 54.84
C ARG B 545 2.66 -19.37 54.86
N LYS B 546 3.78 -19.52 55.57
CA LYS B 546 4.75 -18.45 55.70
C LYS B 546 5.50 -18.21 54.38
N VAL B 547 5.95 -19.30 53.78
CA VAL B 547 6.69 -19.25 52.53
C VAL B 547 5.82 -18.65 51.42
N ALA B 548 4.57 -19.12 51.30
CA ALA B 548 3.67 -18.62 50.26
C ALA B 548 3.35 -17.13 50.40
N SER B 549 3.14 -16.66 51.63
CA SER B 549 2.84 -15.24 51.83
C SER B 549 4.07 -14.35 51.58
N THR B 550 5.26 -14.92 51.78
CA THR B 550 6.51 -14.21 51.48
C THR B 550 6.77 -14.13 49.97
N ASN B 551 6.52 -15.22 49.25
CA ASN B 551 6.65 -15.19 47.78
C ASN B 551 5.60 -14.32 47.09
N ALA B 552 4.50 -14.02 47.78
CA ALA B 552 3.44 -13.22 47.19
C ALA B 552 3.53 -11.76 47.64
N ARG B 553 4.55 -11.46 48.45
CA ARG B 553 4.79 -10.13 49.00
C ARG B 553 4.76 -9.06 47.90
N LYS B 554 4.12 -7.93 48.17
CA LYS B 554 4.03 -6.83 47.20
C LYS B 554 5.13 -5.76 47.29
N THR B 555 5.76 -5.62 48.45
CA THR B 555 6.80 -4.59 48.64
C THR B 555 8.16 -5.17 49.06
N THR C 2 34.76 3.09 59.84
CA THR C 2 33.64 2.43 59.08
C THR C 2 34.08 1.89 57.70
N TYR C 3 34.13 0.56 57.59
CA TYR C 3 34.80 -0.14 56.49
C TYR C 3 33.85 -0.57 55.36
N THR C 4 34.14 -0.13 54.15
CA THR C 4 33.20 -0.32 53.03
C THR C 4 33.63 -1.39 52.01
N VAL C 5 32.67 -1.77 51.16
CA VAL C 5 32.89 -2.71 50.08
C VAL C 5 34.05 -2.28 49.18
N GLY C 6 34.09 -1.00 48.84
CA GLY C 6 35.17 -0.46 48.00
C GLY C 6 36.52 -0.56 48.66
N MET C 7 36.56 -0.40 49.99
CA MET C 7 37.81 -0.52 50.74
C MET C 7 38.30 -1.97 50.73
N TYR C 8 37.34 -2.90 50.78
CA TYR C 8 37.64 -4.32 50.74
C TYR C 8 38.34 -4.66 49.43
N LEU C 9 37.77 -4.16 48.34
CA LEU C 9 38.36 -4.34 47.02
C LEU C 9 39.78 -3.78 46.98
N ALA C 10 39.95 -2.58 47.52
CA ALA C 10 41.24 -1.91 47.51
C ALA C 10 42.30 -2.74 48.24
N GLU C 11 41.96 -3.24 49.43
CA GLU C 11 42.90 -4.01 50.22
C GLU C 11 43.28 -5.34 49.55
N ARG C 12 42.34 -5.96 48.85
CA ARG C 12 42.62 -7.17 48.10
C ARG C 12 43.53 -6.90 46.91
N LEU C 13 43.29 -5.78 46.21
CA LEU C 13 44.18 -5.39 45.11
C LEU C 13 45.61 -5.18 45.61
N VAL C 14 45.74 -4.55 46.77
CA VAL C 14 47.05 -4.31 47.37
C VAL C 14 47.73 -5.65 47.70
N GLN C 15 46.95 -6.62 48.18
CA GLN C 15 47.45 -7.94 48.50
C GLN C 15 47.91 -8.72 47.27
N ILE C 16 47.36 -8.40 46.11
CA ILE C 16 47.84 -8.95 44.84
C ILE C 16 49.29 -8.52 44.60
N GLY C 17 49.65 -7.35 45.11
CA GLY C 17 50.94 -6.75 44.87
C GLY C 17 50.87 -5.56 43.92
N LEU C 18 49.66 -5.07 43.67
CA LEU C 18 49.44 -3.86 42.90
C LEU C 18 49.88 -2.62 43.68
N LYS C 19 50.52 -1.69 42.99
CA LYS C 19 50.85 -0.38 43.57
C LYS C 19 50.09 0.72 42.84
N HIS C 20 49.38 0.34 41.78
CA HIS C 20 48.62 1.28 40.96
C HIS C 20 47.37 0.62 40.43
N HIS C 21 46.34 1.41 40.21
CA HIS C 21 45.21 1.01 39.39
C HIS C 21 44.84 2.18 38.49
N PHE C 22 44.25 1.86 37.34
CA PHE C 22 43.96 2.84 36.31
C PHE C 22 42.47 3.07 36.28
N ALA C 23 42.06 4.31 36.03
CA ALA C 23 40.64 4.66 36.06
C ALA C 23 40.24 5.76 35.08
N VAL C 24 38.98 5.71 34.63
CA VAL C 24 38.32 6.84 34.02
C VAL C 24 37.03 7.08 34.81
N ALA C 25 36.85 8.30 35.29
CA ALA C 25 35.70 8.64 36.13
C ALA C 25 34.39 8.62 35.36
N GLY C 26 33.34 8.21 36.05
CA GLY C 26 31.96 8.34 35.57
C GLY C 26 31.06 8.28 36.77
N ASP C 27 29.86 8.82 36.65
CA ASP C 27 28.97 8.89 37.81
C ASP C 27 28.67 7.54 38.50
N TYR C 28 28.63 6.46 37.72
CA TYR C 28 28.44 5.11 38.26
C TYR C 28 29.62 4.57 39.10
N ASN C 29 30.77 5.24 39.04
CA ASN C 29 31.95 4.73 39.76
C ASN C 29 32.65 5.72 40.69
N LEU C 30 32.10 6.93 40.80
CA LEU C 30 32.76 7.97 41.60
C LEU C 30 32.93 7.57 43.06
N VAL C 31 31.86 7.08 43.68
CA VAL C 31 31.95 6.67 45.07
C VAL C 31 32.96 5.52 45.22
N LEU C 32 32.94 4.57 44.29
CA LEU C 32 33.90 3.48 44.29
C LEU C 32 35.33 4.00 44.22
N LEU C 33 35.58 4.94 43.30
CA LEU C 33 36.87 5.62 43.21
C LEU C 33 37.28 6.30 44.53
N ASP C 34 36.32 6.94 45.20
CA ASP C 34 36.57 7.51 46.54
C ASP C 34 37.06 6.46 47.52
N GLN C 35 36.41 5.29 47.54
CA GLN C 35 36.79 4.21 48.46
C GLN C 35 38.20 3.73 48.19
N LEU C 36 38.56 3.61 46.91
CA LEU C 36 39.88 3.14 46.52
C LEU C 36 40.95 4.15 46.87
N LEU C 37 40.62 5.43 46.82
CA LEU C 37 41.58 6.50 47.13
C LEU C 37 42.01 6.51 48.59
N LEU C 38 41.15 5.95 49.46
CA LEU C 38 41.44 5.92 50.89
C LEU C 38 42.57 4.95 51.24
N ASN C 39 42.93 4.08 50.29
CA ASN C 39 44.04 3.15 50.48
C ASN C 39 45.36 3.75 49.99
N LYS C 40 46.20 4.14 50.95
CA LYS C 40 47.47 4.82 50.62
C LYS C 40 48.55 3.88 50.09
N ASP C 41 48.28 2.58 50.06
CA ASP C 41 49.26 1.59 49.58
C ASP C 41 49.32 1.52 48.06
N MET C 42 48.36 2.18 47.39
CA MET C 42 48.42 2.29 45.93
C MET C 42 47.96 3.65 45.40
N LYS C 43 48.37 3.97 44.18
CA LYS C 43 48.00 5.22 43.53
C LYS C 43 46.97 5.00 42.44
N GLN C 44 46.00 5.91 42.36
CA GLN C 44 44.96 5.83 41.36
C GLN C 44 45.40 6.73 40.23
N ILE C 45 45.60 6.17 39.04
CA ILE C 45 46.03 7.03 37.94
C ILE C 45 45.02 7.05 36.80
N TYR C 46 44.98 8.14 36.05
CA TYR C 46 43.85 8.38 35.13
C TYR C 46 44.23 8.28 33.66
N CYS C 47 43.27 7.83 32.84
CA CYS C 47 43.49 7.70 31.40
C CYS C 47 42.53 8.56 30.59
N CYS C 48 42.88 8.79 29.32
CA CYS C 48 42.06 9.59 28.42
C CYS C 48 40.77 8.89 28.07
N ASN C 49 40.87 7.64 27.64
CA ASN C 49 39.69 6.84 27.32
C ASN C 49 39.83 5.42 27.83
N GLU C 50 38.73 4.69 27.78
CA GLU C 50 38.66 3.37 28.40
C GLU C 50 39.40 2.28 27.64
N LEU C 51 39.49 2.40 26.32
CA LEU C 51 40.32 1.48 25.57
C LEU C 51 41.79 1.56 26.04
N ASN C 52 42.29 2.80 26.12
CA ASN C 52 43.64 3.05 26.60
C ASN C 52 43.80 2.65 28.05
N CYS C 53 42.75 2.85 28.82
CA CYS C 53 42.75 2.50 30.23
C CYS C 53 43.02 1.01 30.39
N GLY C 54 42.23 0.20 29.65
CA GLY C 54 42.40 -1.25 29.64
C GLY C 54 43.78 -1.69 29.19
N PHE C 55 44.27 -1.11 28.11
CA PHE C 55 45.60 -1.44 27.61
C PHE C 55 46.73 -0.95 28.51
N SER C 56 46.49 0.12 29.28
CA SER C 56 47.43 0.53 30.32
C SER C 56 47.53 -0.54 31.40
N ALA C 57 46.38 -1.10 31.78
CA ALA C 57 46.34 -2.15 32.77
C ALA C 57 47.08 -3.37 32.23
N GLU C 58 46.84 -3.68 30.96
CA GLU C 58 47.47 -4.81 30.32
C GLU C 58 49.00 -4.67 30.40
N GLY C 59 49.51 -3.49 30.06
CA GLY C 59 50.94 -3.21 30.12
C GLY C 59 51.50 -3.34 31.52
N TYR C 60 50.73 -2.86 32.51
CA TYR C 60 51.11 -2.96 33.92
C TYR C 60 51.23 -4.42 34.37
N ALA C 61 50.29 -5.25 33.92
CA ALA C 61 50.30 -6.68 34.23
C ALA C 61 51.58 -7.35 33.75
N ARG C 62 52.09 -6.91 32.59
CA ARG C 62 53.33 -7.44 32.04
C ARG C 62 54.54 -7.26 32.97
N SER C 63 54.63 -6.11 33.65
CA SER C 63 55.76 -5.85 34.50
C SER C 63 55.49 -6.19 35.97
N ASN C 64 54.24 -6.06 36.40
CA ASN C 64 53.89 -6.28 37.80
C ASN C 64 53.39 -7.69 38.09
N GLY C 65 52.66 -8.29 37.16
CA GLY C 65 52.15 -9.65 37.34
C GLY C 65 50.64 -9.69 37.18
N ALA C 66 50.00 -8.60 37.58
CA ALA C 66 48.55 -8.41 37.47
C ALA C 66 48.24 -6.91 37.40
N ALA C 67 46.98 -6.56 37.12
CA ALA C 67 46.56 -5.16 37.08
C ALA C 67 45.05 -4.99 37.31
N ALA C 68 44.64 -3.74 37.51
CA ALA C 68 43.24 -3.42 37.66
C ALA C 68 42.89 -2.11 36.97
N ALA C 69 41.74 -2.09 36.29
CA ALA C 69 41.21 -0.87 35.70
C ALA C 69 39.77 -0.65 36.15
N VAL C 70 39.42 0.60 36.38
CA VAL C 70 38.08 0.93 36.86
C VAL C 70 37.37 1.86 35.89
N VAL C 71 36.21 1.42 35.39
CA VAL C 71 35.49 2.18 34.38
C VAL C 71 34.01 2.37 34.74
N THR C 72 33.32 3.18 33.97
CA THR C 72 31.90 3.36 34.17
C THR C 72 31.09 2.42 33.26
N PHE C 73 29.82 2.20 33.62
CA PHE C 73 28.95 1.23 32.95
C PHE C 73 28.74 1.47 31.45
N SER C 74 28.78 0.38 30.67
CA SER C 74 28.58 0.38 29.21
C SER C 74 29.53 1.26 28.40
N VAL C 75 29.33 2.57 28.49
CA VAL C 75 30.10 3.51 27.67
C VAL C 75 31.60 3.38 27.94
N GLY C 76 31.95 3.03 29.16
CA GLY C 76 33.33 2.75 29.50
C GLY C 76 33.64 1.28 29.28
N ALA C 77 32.84 0.42 29.89
CA ALA C 77 33.13 -1.00 29.98
C ALA C 77 33.28 -1.70 28.62
N ILE C 78 32.41 -1.38 27.68
CA ILE C 78 32.44 -2.09 26.41
C ILE C 78 33.79 -1.94 25.70
N SER C 79 34.29 -0.71 25.58
CA SER C 79 35.56 -0.56 24.88
C SER C 79 36.70 -1.15 25.67
N ALA C 80 36.59 -1.12 26.99
CA ALA C 80 37.59 -1.81 27.83
C ALA C 80 37.60 -3.33 27.61
N MET C 81 36.46 -3.88 27.17
CA MET C 81 36.38 -5.31 26.85
C MET C 81 37.29 -5.72 25.71
N ASN C 82 37.61 -4.77 24.86
CA ASN C 82 38.59 -5.01 23.80
C ASN C 82 39.93 -5.32 24.47
N ALA C 83 40.31 -4.51 25.45
CA ALA C 83 41.53 -4.71 26.17
C ALA C 83 41.48 -6.01 27.00
N LEU C 84 40.32 -6.30 27.60
CA LEU C 84 40.14 -7.55 28.34
C LEU C 84 40.40 -8.76 27.45
N GLY C 85 39.80 -8.77 26.26
CA GLY C 85 40.03 -9.84 25.32
C GLY C 85 41.52 -9.94 25.02
N GLY C 86 42.16 -8.78 24.90
CA GLY C 86 43.59 -8.71 24.72
C GLY C 86 44.33 -9.38 25.85
N ALA C 87 43.90 -9.11 27.08
CA ALA C 87 44.54 -9.71 28.26
C ALA C 87 44.39 -11.23 28.25
N TYR C 88 43.21 -11.70 27.84
CA TYR C 88 42.96 -13.12 27.74
C TYR C 88 43.91 -13.73 26.72
N ALA C 89 43.96 -13.13 25.53
CA ALA C 89 44.84 -13.56 24.47
C ALA C 89 46.30 -13.60 24.91
N GLU C 90 46.73 -12.65 25.73
CA GLU C 90 48.13 -12.55 26.09
C GLU C 90 48.41 -13.09 27.48
N ASN C 91 47.46 -13.86 28.00
CA ASN C 91 47.60 -14.55 29.30
C ASN C 91 47.97 -13.66 30.49
N LEU C 92 47.28 -12.53 30.64
CA LEU C 92 47.55 -11.57 31.70
C LEU C 92 46.33 -11.35 32.58
N PRO C 93 46.48 -11.52 33.90
CA PRO C 93 45.35 -11.32 34.83
C PRO C 93 45.04 -9.85 35.14
N VAL C 94 44.39 -9.19 34.19
CA VAL C 94 43.83 -7.86 34.41
C VAL C 94 42.45 -8.02 35.03
N ILE C 95 42.16 -7.23 36.06
CA ILE C 95 40.80 -7.20 36.62
C ILE C 95 40.10 -5.90 36.20
N LEU C 96 39.03 -6.04 35.43
CA LEU C 96 38.25 -4.88 35.07
C LEU C 96 37.09 -4.71 36.04
N ILE C 97 37.04 -3.55 36.70
CA ILE C 97 35.94 -3.25 37.60
C ILE C 97 35.06 -2.14 37.02
N SER C 98 33.80 -2.45 36.77
CA SER C 98 32.87 -1.46 36.26
C SER C 98 31.96 -0.93 37.35
N GLY C 99 31.70 0.37 37.31
CA GLY C 99 30.59 0.94 38.07
C GLY C 99 29.32 0.38 37.45
N ALA C 100 28.27 0.28 38.25
CA ALA C 100 26.98 -0.26 37.74
C ALA C 100 25.81 0.51 38.37
N PRO C 101 24.62 0.43 37.76
CA PRO C 101 23.45 1.11 38.27
C PRO C 101 23.13 0.76 39.74
N ASN C 102 22.48 1.70 40.41
CA ASN C 102 21.97 1.52 41.77
C ASN C 102 21.17 0.24 41.88
N SER C 103 21.42 -0.52 42.94
CA SER C 103 20.78 -1.83 43.10
C SER C 103 19.27 -1.73 43.26
N ASN C 104 18.81 -0.57 43.71
CA ASN C 104 17.37 -0.35 43.87
C ASN C 104 16.63 -0.16 42.55
N ASP C 105 17.38 0.02 41.46
CA ASP C 105 16.79 0.19 40.13
C ASP C 105 16.48 -1.16 39.51
N GLN C 106 17.12 -2.19 40.04
CA GLN C 106 16.98 -3.53 39.52
C GLN C 106 15.57 -4.07 39.66
N GLY C 107 15.04 -4.58 38.55
CA GLY C 107 13.69 -5.14 38.51
C GLY C 107 12.55 -4.13 38.65
N THR C 108 12.82 -2.85 38.39
CA THR C 108 11.79 -1.82 38.54
C THR C 108 11.21 -1.42 37.19
N GLY C 109 11.92 -1.78 36.13
CA GLY C 109 11.55 -1.38 34.78
C GLY C 109 12.01 0.02 34.43
N HIS C 110 12.83 0.61 35.29
CA HIS C 110 13.47 1.90 35.02
C HIS C 110 14.45 1.79 33.86
N ILE C 111 14.39 2.75 32.94
CA ILE C 111 15.43 2.87 31.91
C ILE C 111 16.54 3.78 32.44
N LEU C 112 17.79 3.35 32.30
CA LEU C 112 18.91 4.10 32.87
C LEU C 112 19.85 4.63 31.82
N HIS C 113 20.52 5.75 32.15
CA HIS C 113 21.53 6.31 31.26
C HIS C 113 22.73 5.36 31.10
N HIS C 114 23.42 5.47 29.95
CA HIS C 114 24.50 4.55 29.57
C HIS C 114 24.00 3.12 29.35
N THR C 115 22.72 2.94 29.06
CA THR C 115 22.22 1.63 28.65
C THR C 115 21.58 1.72 27.28
N ILE C 116 21.32 0.56 26.69
CA ILE C 116 20.77 0.52 25.34
C ILE C 116 19.27 0.92 25.31
N GLY C 117 18.70 1.19 26.47
CA GLY C 117 17.38 1.80 26.54
C GLY C 117 16.26 0.83 26.89
N LYS C 118 16.62 -0.41 27.16
CA LYS C 118 15.66 -1.43 27.58
C LYS C 118 15.53 -1.44 29.09
N THR C 119 14.55 -2.18 29.59
CA THR C 119 14.23 -2.18 31.01
C THR C 119 15.24 -2.96 31.84
N ASP C 120 15.97 -3.86 31.21
CA ASP C 120 17.00 -4.59 31.95
C ASP C 120 18.37 -4.25 31.37
N TYR C 121 19.43 -4.58 32.08
CA TYR C 121 20.77 -4.17 31.65
C TYR C 121 21.83 -5.17 32.10
N SER C 122 21.46 -6.43 32.04
CA SER C 122 22.38 -7.53 32.27
C SER C 122 23.21 -7.86 31.04
N TYR C 123 23.06 -7.07 29.98
CA TYR C 123 23.77 -7.33 28.72
C TYR C 123 25.29 -7.18 28.91
N GLN C 124 25.71 -6.24 29.76
CA GLN C 124 27.13 -6.00 29.95
C GLN C 124 27.86 -7.23 30.53
N LEU C 125 27.29 -7.81 31.58
CA LEU C 125 27.87 -9.00 32.20
C LEU C 125 27.95 -10.17 31.21
N GLU C 126 26.90 -10.35 30.40
CA GLU C 126 26.90 -11.40 29.41
C GLU C 126 28.02 -11.22 28.39
N MET C 127 28.30 -9.98 28.02
CA MET C 127 29.36 -9.69 27.08
C MET C 127 30.72 -9.94 27.72
N ALA C 128 30.88 -9.56 28.98
CA ALA C 128 32.13 -9.73 29.70
C ALA C 128 32.50 -11.20 29.86
N ARG C 129 31.51 -12.06 30.05
CA ARG C 129 31.78 -13.48 30.21
C ARG C 129 32.52 -14.07 29.03
N GLN C 130 32.19 -13.58 27.84
CA GLN C 130 32.80 -14.02 26.59
C GLN C 130 34.34 -13.88 26.55
N VAL C 131 34.88 -12.91 27.29
CA VAL C 131 36.32 -12.60 27.24
C VAL C 131 37.04 -12.68 28.62
N THR C 132 36.47 -13.41 29.58
CA THR C 132 37.04 -13.50 30.92
C THR C 132 36.98 -14.92 31.47
N CYS C 133 37.79 -15.20 32.50
CA CYS C 133 37.74 -16.50 33.17
C CYS C 133 36.77 -16.47 34.34
N ALA C 134 36.39 -15.27 34.75
CA ALA C 134 35.46 -15.06 35.85
C ALA C 134 34.81 -13.70 35.71
N ALA C 135 33.53 -13.62 36.05
CA ALA C 135 32.75 -12.40 35.89
C ALA C 135 31.61 -12.39 36.90
N GLU C 136 31.60 -11.40 37.78
CA GLU C 136 30.61 -11.30 38.84
C GLU C 136 30.01 -9.89 38.90
N SER C 137 28.77 -9.83 39.33
CA SER C 137 28.07 -8.58 39.50
C SER C 137 27.72 -8.42 40.98
N ILE C 138 28.27 -7.39 41.62
CA ILE C 138 28.00 -7.16 43.04
C ILE C 138 26.81 -6.24 43.20
N THR C 139 25.80 -6.74 43.89
CA THR C 139 24.56 -6.04 43.98
C THR C 139 24.05 -5.97 45.44
N ASP C 140 24.84 -6.52 46.36
CA ASP C 140 24.61 -6.45 47.81
C ASP C 140 25.96 -6.59 48.55
N ALA C 141 26.04 -6.01 49.74
CA ALA C 141 27.31 -5.99 50.50
C ALA C 141 27.71 -7.35 51.07
N HIS C 142 26.73 -8.18 51.38
CA HIS C 142 26.99 -9.44 52.03
CA HIS C 142 26.96 -9.47 52.02
C HIS C 142 27.72 -10.43 51.13
N SER C 143 27.31 -10.53 49.87
CA SER C 143 27.96 -11.46 48.94
C SER C 143 29.19 -10.85 48.25
N ALA C 144 29.48 -9.58 48.52
CA ALA C 144 30.58 -8.88 47.88
C ALA C 144 31.96 -9.50 48.11
N PRO C 145 32.32 -9.79 49.39
CA PRO C 145 33.62 -10.43 49.63
C PRO C 145 33.84 -11.72 48.83
N ALA C 146 32.86 -12.62 48.83
CA ALA C 146 33.00 -13.90 48.14
C ALA C 146 33.24 -13.71 46.64
N LYS C 147 32.50 -12.79 46.04
CA LYS C 147 32.63 -12.49 44.63
C LYS C 147 33.97 -11.85 44.30
N ILE C 148 34.39 -10.87 45.08
CA ILE C 148 35.68 -10.19 44.87
C ILE C 148 36.81 -11.22 44.95
N ASP C 149 36.77 -12.05 45.98
CA ASP C 149 37.80 -13.05 46.20
C ASP C 149 37.83 -14.08 45.08
N HIS C 150 36.65 -14.47 44.61
CA HIS C 150 36.52 -15.42 43.50
C HIS C 150 37.16 -14.91 42.20
N VAL C 151 36.85 -13.66 41.78
CA VAL C 151 37.41 -13.16 40.52
C VAL C 151 38.93 -13.01 40.61
N ILE C 152 39.42 -12.46 41.72
CA ILE C 152 40.85 -12.24 41.88
C ILE C 152 41.60 -13.56 41.90
N ARG C 153 41.12 -14.52 42.68
CA ARG C 153 41.84 -15.78 42.80
C ARG C 153 41.84 -16.54 41.49
N THR C 154 40.73 -16.51 40.78
CA THR C 154 40.62 -17.21 39.51
C THR C 154 41.54 -16.60 38.47
N ALA C 155 41.52 -15.26 38.38
CA ALA C 155 42.37 -14.53 37.46
C ALA C 155 43.84 -14.91 37.65
N LEU C 156 44.32 -14.87 38.89
CA LEU C 156 45.72 -15.12 39.19
C LEU C 156 46.10 -16.55 38.91
N ARG C 157 45.22 -17.48 39.26
CA ARG C 157 45.50 -18.91 39.06
C ARG C 157 45.58 -19.26 37.58
N GLU C 158 44.66 -18.71 36.81
CA GLU C 158 44.55 -19.04 35.41
C GLU C 158 45.36 -18.15 34.48
N ARG C 159 45.92 -17.06 35.03
CA ARG C 159 46.58 -16.04 34.22
C ARG C 159 45.65 -15.57 33.10
N LYS C 160 44.44 -15.19 33.49
CA LYS C 160 43.43 -14.69 32.59
C LYS C 160 42.74 -13.51 33.24
N PRO C 161 42.17 -12.60 32.44
CA PRO C 161 41.49 -11.48 33.05
C PRO C 161 40.13 -11.84 33.64
N ALA C 162 39.63 -11.02 34.55
CA ALA C 162 38.31 -11.21 35.13
C ALA C 162 37.56 -9.90 35.24
N TYR C 163 36.24 -9.97 35.46
CA TYR C 163 35.38 -8.80 35.45
C TYR C 163 34.58 -8.65 36.74
N LEU C 164 34.40 -7.40 37.17
CA LEU C 164 33.58 -7.08 38.33
C LEU C 164 32.62 -5.90 38.12
N ASP C 165 31.38 -6.09 38.53
CA ASP C 165 30.38 -5.03 38.66
C ASP C 165 30.26 -4.64 40.12
N ILE C 166 30.22 -3.35 40.39
CA ILE C 166 29.74 -2.93 41.69
C ILE C 166 28.67 -1.87 41.53
N ALA C 167 27.47 -2.17 42.01
CA ALA C 167 26.37 -1.20 42.01
C ALA C 167 26.83 0.03 42.76
N CYS C 168 26.57 1.21 42.17
CA CYS C 168 27.12 2.45 42.68
C CYS C 168 26.75 2.73 44.14
N ASN C 169 25.54 2.35 44.54
CA ASN C 169 25.11 2.57 45.92
C ASN C 169 25.73 1.58 46.89
N ILE C 170 26.39 0.55 46.37
CA ILE C 170 26.93 -0.48 47.24
C ILE C 170 28.41 -0.32 47.58
N ALA C 171 29.14 0.45 46.79
CA ALA C 171 30.54 0.75 47.08
C ALA C 171 30.74 1.33 48.48
N SER C 172 29.73 2.07 48.98
CA SER C 172 29.74 2.75 50.29
C SER C 172 29.29 1.89 51.45
N GLU C 173 28.71 0.74 51.14
CA GLU C 173 28.06 -0.09 52.15
C GLU C 173 29.06 -0.74 53.09
N PRO C 174 28.69 -0.87 54.39
CA PRO C 174 29.57 -1.56 55.35
C PRO C 174 29.89 -2.96 54.88
N CYS C 175 31.09 -3.43 55.21
CA CYS C 175 31.58 -4.70 54.71
C CYS C 175 32.57 -5.27 55.73
N VAL C 176 32.65 -6.61 55.79
CA VAL C 176 33.70 -7.25 56.59
C VAL C 176 35.07 -6.94 56.00
N ARG C 177 36.13 -7.09 56.80
CA ARG C 177 37.48 -6.81 56.35
C ARG C 177 38.11 -8.08 55.80
N PRO C 178 39.04 -7.94 54.84
CA PRO C 178 39.74 -9.13 54.36
C PRO C 178 40.83 -9.59 55.32
N GLY C 179 40.99 -10.90 55.44
CA GLY C 179 42.02 -11.49 56.31
C GLY C 179 43.41 -11.47 55.68
N PRO C 180 44.45 -11.71 56.50
CA PRO C 180 45.81 -11.79 56.00
C PRO C 180 45.97 -13.01 55.09
N VAL C 181 46.85 -12.90 54.11
CA VAL C 181 47.12 -14.02 53.21
C VAL C 181 48.62 -14.24 52.97
N SER C 182 48.96 -15.48 52.67
CA SER C 182 50.30 -15.85 52.23
C SER C 182 50.49 -15.23 50.86
N SER C 183 49.53 -15.46 49.99
CA SER C 183 49.51 -14.97 48.63
C SER C 183 48.10 -15.17 48.10
N LEU C 184 47.68 -14.33 47.15
CA LEU C 184 46.37 -14.51 46.54
C LEU C 184 46.44 -15.46 45.36
N LEU C 185 47.66 -15.89 45.02
CA LEU C 185 47.87 -16.91 44.01
C LEU C 185 47.97 -18.29 44.68
N SER C 186 47.12 -19.21 44.25
CA SER C 186 47.20 -20.60 44.71
C SER C 186 46.86 -21.55 43.58
N GLU C 187 47.89 -22.26 43.09
CA GLU C 187 47.71 -23.27 42.04
C GLU C 187 47.12 -24.54 42.69
N PRO C 188 46.50 -25.42 41.89
CA PRO C 188 46.02 -26.68 42.47
C PRO C 188 47.19 -27.56 42.96
N GLU C 189 46.95 -28.31 44.03
CA GLU C 189 47.99 -29.17 44.57
C GLU C 189 48.45 -30.16 43.50
N ILE C 190 49.75 -30.38 43.45
CA ILE C 190 50.37 -31.09 42.34
C ILE C 190 50.17 -32.61 42.47
N ASP C 191 49.83 -33.26 41.36
CA ASP C 191 49.65 -34.72 41.31
C ASP C 191 50.97 -35.44 41.09
N HIS C 192 51.48 -36.06 42.15
CA HIS C 192 52.83 -36.62 42.13
C HIS C 192 53.01 -37.89 41.31
N THR C 193 51.94 -38.68 41.20
CA THR C 193 51.96 -39.86 40.33
C THR C 193 52.13 -39.43 38.88
N SER C 194 51.38 -38.42 38.47
CA SER C 194 51.42 -37.94 37.10
C SER C 194 52.75 -37.25 36.75
N LEU C 195 53.24 -36.41 37.65
CA LEU C 195 54.52 -35.72 37.48
C LEU C 195 55.65 -36.73 37.26
N LYS C 196 55.72 -37.73 38.14
CA LYS C 196 56.77 -38.73 38.06
C LYS C 196 56.74 -39.46 36.72
N ALA C 197 55.55 -39.83 36.26
CA ALA C 197 55.40 -40.59 35.02
C ALA C 197 55.77 -39.76 33.80
N ALA C 198 55.40 -38.48 33.82
CA ALA C 198 55.73 -37.55 32.74
C ALA C 198 57.23 -37.31 32.65
N VAL C 199 57.88 -37.14 33.79
CA VAL C 199 59.32 -36.89 33.81
C VAL C 199 60.06 -38.15 33.36
N ASP C 200 59.66 -39.29 33.91
CA ASP C 200 60.24 -40.58 33.49
C ASP C 200 60.12 -40.84 31.97
N ALA C 201 58.95 -40.58 31.40
CA ALA C 201 58.71 -40.77 29.97
C ALA C 201 59.55 -39.82 29.12
N THR C 202 59.70 -38.58 29.56
CA THR C 202 60.50 -37.58 28.86
C THR C 202 61.99 -37.87 28.94
N VAL C 203 62.47 -38.28 30.11
CA VAL C 203 63.85 -38.69 30.30
C VAL C 203 64.19 -39.89 29.40
N ALA C 204 63.30 -40.87 29.35
CA ALA C 204 63.50 -42.06 28.53
C ALA C 204 63.66 -41.69 27.06
N LEU C 205 62.77 -40.81 26.57
CA LEU C 205 62.84 -40.33 25.19
C LEU C 205 64.13 -39.54 24.93
N LEU C 206 64.48 -38.64 25.84
CA LEU C 206 65.70 -37.86 25.73
C LEU C 206 66.97 -38.73 25.73
N GLU C 207 66.99 -39.73 26.59
CA GLU C 207 68.14 -40.61 26.71
C GLU C 207 68.44 -41.31 25.39
N LYS C 208 67.41 -41.76 24.68
CA LYS C 208 67.64 -42.49 23.44
C LYS C 208 67.75 -41.58 22.21
N SER C 209 67.71 -40.27 22.42
CA SER C 209 67.84 -39.26 21.35
C SER C 209 69.29 -38.94 21.02
N ALA C 210 69.51 -38.56 19.75
CA ALA C 210 70.81 -38.11 19.28
C ALA C 210 70.96 -36.60 19.43
N SER C 211 69.95 -35.84 18.98
CA SER C 211 70.00 -34.37 19.08
C SER C 211 68.65 -33.71 19.38
N PRO C 212 68.35 -33.54 20.69
CA PRO C 212 67.16 -32.82 21.13
C PRO C 212 67.34 -31.32 20.97
N VAL C 213 66.25 -30.63 20.66
CA VAL C 213 66.26 -29.18 20.59
C VAL C 213 65.16 -28.67 21.52
N MET C 214 65.39 -27.49 22.11
CA MET C 214 64.37 -26.79 22.87
C MET C 214 63.77 -25.66 22.03
N LEU C 215 62.44 -25.59 21.99
CA LEU C 215 61.74 -24.50 21.33
C LEU C 215 60.81 -23.84 22.34
N LEU C 216 61.00 -22.54 22.56
CA LEU C 216 60.31 -21.83 23.61
C LEU C 216 59.18 -20.98 23.07
N GLY C 217 58.02 -21.04 23.74
CA GLY C 217 56.84 -20.31 23.30
C GLY C 217 56.41 -19.15 24.19
N SER C 218 55.38 -18.43 23.75
CA SER C 218 54.95 -17.20 24.40
C SER C 218 54.16 -17.36 25.69
N LYS C 219 53.89 -18.58 26.12
CA LYS C 219 53.27 -18.79 27.43
C LYS C 219 54.29 -19.06 28.55
N LEU C 220 55.57 -18.98 28.22
CA LEU C 220 56.62 -19.32 29.17
C LEU C 220 56.61 -18.42 30.41
N ARG C 221 56.37 -17.13 30.20
CA ARG C 221 56.35 -16.16 31.29
C ARG C 221 55.10 -16.31 32.17
N ALA C 222 53.93 -16.46 31.54
CA ALA C 222 52.70 -16.65 32.29
C ALA C 222 52.79 -17.89 33.18
N ALA C 223 53.46 -18.94 32.67
CA ALA C 223 53.69 -20.18 33.40
C ALA C 223 54.78 -20.01 34.46
N ASN C 224 55.32 -18.81 34.54
CA ASN C 224 56.37 -18.48 35.49
C ASN C 224 57.51 -19.50 35.41
N ALA C 225 57.99 -19.72 34.19
CA ALA C 225 58.87 -20.83 33.89
C ALA C 225 60.21 -20.42 33.25
N LEU C 226 60.57 -19.13 33.38
CA LEU C 226 61.80 -18.62 32.78
C LEU C 226 63.07 -19.21 33.42
N ALA C 227 63.20 -19.08 34.73
CA ALA C 227 64.35 -19.61 35.44
C ALA C 227 64.48 -21.13 35.28
N ALA C 228 63.37 -21.83 35.37
CA ALA C 228 63.35 -23.28 35.23
C ALA C 228 63.82 -23.70 33.84
N THR C 229 63.48 -22.91 32.83
CA THR C 229 63.86 -23.20 31.45
C THR C 229 65.36 -23.12 31.23
N GLU C 230 66.01 -22.08 31.76
CA GLU C 230 67.43 -21.94 31.54
C GLU C 230 68.25 -22.89 32.43
N THR C 231 67.64 -23.34 33.53
CA THR C 231 68.25 -24.38 34.35
C THR C 231 68.25 -25.69 33.56
N LEU C 232 67.13 -26.00 32.92
CA LEU C 232 67.02 -27.18 32.06
C LEU C 232 67.97 -27.12 30.88
N ALA C 233 68.11 -25.94 30.29
CA ALA C 233 69.03 -25.72 29.17
C ALA C 233 70.48 -25.93 29.56
N ASP C 234 70.82 -25.59 30.81
CA ASP C 234 72.18 -25.80 31.35
C ASP C 234 72.51 -27.27 31.49
N LYS C 235 71.50 -28.05 31.90
CA LYS C 235 71.66 -29.49 32.08
C LYS C 235 71.72 -30.24 30.75
N LEU C 236 70.83 -29.88 29.82
CA LEU C 236 70.75 -30.54 28.53
C LEU C 236 71.88 -30.22 27.59
N GLN C 237 72.46 -29.03 27.72
CA GLN C 237 73.56 -28.55 26.86
C GLN C 237 73.11 -28.28 25.43
N CYS C 238 71.83 -28.48 25.14
CA CYS C 238 71.34 -28.50 23.76
C CYS C 238 71.02 -27.11 23.21
N ALA C 239 70.67 -27.06 21.91
CA ALA C 239 70.29 -25.82 21.23
C ALA C 239 68.97 -25.34 21.79
N VAL C 240 68.91 -24.04 22.06
CA VAL C 240 67.70 -23.38 22.50
C VAL C 240 67.28 -22.38 21.44
N THR C 241 66.03 -22.51 20.98
CA THR C 241 65.47 -21.62 19.99
C THR C 241 64.18 -21.02 20.50
N ILE C 242 63.80 -19.86 19.97
CA ILE C 242 62.57 -19.17 20.38
C ILE C 242 61.58 -19.01 19.22
N MET C 243 60.31 -19.05 19.55
CA MET C 243 59.27 -18.63 18.62
C MET C 243 59.22 -17.10 18.67
N ALA C 244 58.70 -16.48 17.62
CA ALA C 244 58.68 -15.02 17.52
C ALA C 244 58.17 -14.37 18.80
N ALA C 245 57.04 -14.84 19.31
CA ALA C 245 56.38 -14.20 20.45
C ALA C 245 57.08 -14.47 21.78
N ALA C 246 58.15 -15.25 21.75
CA ALA C 246 58.90 -15.58 22.95
C ALA C 246 60.21 -14.81 23.05
N LYS C 247 60.37 -13.79 22.21
CA LYS C 247 61.60 -13.01 22.25
C LYS C 247 61.86 -12.40 23.62
N GLY C 248 63.03 -12.69 24.19
CA GLY C 248 63.41 -12.12 25.46
C GLY C 248 63.09 -13.03 26.64
N PHE C 249 62.42 -14.15 26.34
CA PHE C 249 62.09 -15.14 27.37
C PHE C 249 63.29 -16.06 27.66
N PHE C 250 64.39 -15.83 26.95
CA PHE C 250 65.63 -16.58 27.16
C PHE C 250 66.83 -15.66 26.89
N PRO C 251 67.87 -15.74 27.75
CA PRO C 251 69.07 -14.89 27.55
C PRO C 251 69.86 -15.25 26.29
N GLU C 252 69.98 -14.28 25.38
CA GLU C 252 70.65 -14.49 24.09
C GLU C 252 72.18 -14.54 24.29
N ASP C 253 72.59 -14.21 25.51
CA ASP C 253 73.93 -14.34 26.03
C ASP C 253 74.38 -15.80 26.12
N HIS C 254 73.41 -16.67 26.35
CA HIS C 254 73.60 -18.08 26.68
C HIS C 254 74.35 -18.87 25.62
N ALA C 255 75.17 -19.82 26.06
CA ALA C 255 75.95 -20.67 25.17
C ALA C 255 75.08 -21.50 24.22
N GLY C 256 73.88 -21.85 24.66
CA GLY C 256 72.98 -22.70 23.86
C GLY C 256 71.97 -21.97 22.97
N PHE C 257 71.91 -20.65 23.05
CA PHE C 257 70.98 -19.88 22.24
C PHE C 257 71.32 -19.97 20.75
N ARG C 258 70.33 -20.36 19.96
CA ARG C 258 70.54 -20.57 18.53
C ARG C 258 69.61 -19.74 17.63
N GLY C 259 68.72 -18.97 18.23
CA GLY C 259 67.96 -17.99 17.48
C GLY C 259 66.49 -18.26 17.28
N LEU C 260 65.95 -17.66 16.21
CA LEU C 260 64.52 -17.61 15.95
C LEU C 260 64.04 -18.72 15.04
N TYR C 261 63.03 -19.45 15.51
CA TYR C 261 62.31 -20.39 14.66
C TYR C 261 60.98 -19.77 14.31
N TRP C 262 60.79 -19.51 13.02
CA TRP C 262 59.55 -18.94 12.51
C TRP C 262 59.42 -19.33 11.04
N GLY C 263 59.27 -20.63 10.80
CA GLY C 263 59.14 -21.16 9.45
C GLY C 263 60.24 -20.70 8.51
N GLU C 264 59.83 -20.13 7.39
CA GLU C 264 60.79 -19.73 6.35
C GLU C 264 61.49 -18.41 6.68
N VAL C 265 61.06 -17.72 7.74
CA VAL C 265 61.76 -16.49 8.14
C VAL C 265 62.64 -16.69 9.37
N SER C 266 62.91 -17.96 9.68
CA SER C 266 63.84 -18.33 10.76
C SER C 266 65.24 -17.80 10.46
N ASN C 267 66.10 -17.76 11.46
CA ASN C 267 67.54 -17.54 11.24
C ASN C 267 68.11 -18.72 10.43
N PRO C 268 69.10 -18.45 9.56
CA PRO C 268 69.66 -19.53 8.74
C PRO C 268 70.00 -20.79 9.55
N GLY C 269 69.63 -21.95 9.02
CA GLY C 269 69.89 -23.24 9.67
C GLY C 269 68.91 -23.68 10.75
N VAL C 270 68.24 -22.71 11.38
CA VAL C 270 67.36 -22.99 12.53
C VAL C 270 66.13 -23.81 12.16
N GLN C 271 65.52 -23.51 11.01
CA GLN C 271 64.40 -24.30 10.53
C GLN C 271 64.78 -25.79 10.49
N GLU C 272 65.89 -26.10 9.82
CA GLU C 272 66.42 -27.47 9.77
C GLU C 272 66.68 -28.02 11.17
N LEU C 273 67.30 -27.21 12.04
CA LEU C 273 67.55 -27.61 13.42
C LEU C 273 66.34 -28.19 14.15
N VAL C 274 65.21 -27.48 14.14
CA VAL C 274 64.07 -27.91 14.91
C VAL C 274 63.19 -28.90 14.16
N GLU C 275 62.97 -28.64 12.87
CA GLU C 275 62.10 -29.46 12.03
C GLU C 275 62.63 -30.89 11.96
N THR C 276 63.93 -31.04 12.16
CA THR C 276 64.60 -32.31 11.94
C THR C 276 65.05 -32.99 13.24
N SER C 277 64.78 -32.33 14.36
CA SER C 277 65.19 -32.82 15.68
C SER C 277 64.62 -34.20 16.03
N ASP C 278 65.51 -34.98 16.61
CA ASP C 278 65.23 -36.30 17.18
C ASP C 278 64.13 -36.23 18.26
N ALA C 279 64.16 -35.16 19.05
CA ALA C 279 63.27 -34.99 20.19
C ALA C 279 63.10 -33.50 20.49
N LEU C 280 62.04 -32.91 19.95
CA LEU C 280 61.81 -31.48 20.10
C LEU C 280 61.07 -31.17 21.39
N LEU C 281 61.79 -30.56 22.33
CA LEU C 281 61.21 -30.14 23.59
C LEU C 281 60.56 -28.80 23.38
N CYS C 282 59.26 -28.84 23.13
CA CYS C 282 58.50 -27.68 22.73
C CYS C 282 57.72 -27.13 23.93
N ILE C 283 58.15 -25.98 24.44
CA ILE C 283 57.74 -25.52 25.79
C ILE C 283 56.88 -24.27 25.76
N ALA C 284 55.64 -24.42 26.23
CA ALA C 284 54.66 -23.32 26.34
C ALA C 284 54.38 -22.60 25.02
N PRO C 285 54.21 -23.36 23.92
CA PRO C 285 53.99 -22.75 22.62
C PRO C 285 52.58 -22.23 22.41
N VAL C 286 52.44 -21.24 21.53
CA VAL C 286 51.13 -20.85 21.00
C VAL C 286 51.21 -20.98 19.49
N PHE C 287 50.62 -22.06 18.98
CA PHE C 287 50.60 -22.31 17.55
C PHE C 287 49.33 -21.75 16.91
N ASN C 288 49.48 -20.64 16.22
CA ASN C 288 48.38 -20.09 15.45
C ASN C 288 48.82 -19.82 14.03
N ASP C 289 47.95 -19.20 13.25
CA ASP C 289 48.21 -19.00 11.82
C ASP C 289 49.38 -18.06 11.57
N TYR C 290 49.64 -17.16 12.52
CA TYR C 290 50.77 -16.24 12.41
C TYR C 290 52.08 -16.92 12.80
N SER C 291 52.09 -17.60 13.93
CA SER C 291 53.32 -18.23 14.45
C SER C 291 53.77 -19.45 13.62
N THR C 292 52.81 -20.20 13.06
CA THR C 292 53.15 -21.35 12.24
C THR C 292 53.31 -20.96 10.78
N VAL C 293 53.24 -19.65 10.51
CA VAL C 293 53.35 -19.09 9.14
C VAL C 293 52.42 -19.80 8.17
N GLY C 294 51.12 -19.55 8.33
CA GLY C 294 50.09 -20.19 7.52
C GLY C 294 50.10 -21.72 7.58
N TRP C 295 50.36 -22.28 8.75
CA TRP C 295 50.30 -23.73 9.00
C TRP C 295 51.40 -24.53 8.33
N SER C 296 52.44 -23.83 7.84
CA SER C 296 53.56 -24.49 7.15
C SER C 296 54.70 -24.88 8.08
N ALA C 297 54.76 -24.29 9.26
CA ALA C 297 55.82 -24.55 10.23
C ALA C 297 55.23 -24.84 11.60
N TRP C 298 54.70 -26.05 11.76
CA TRP C 298 53.96 -26.45 12.95
C TRP C 298 54.38 -27.84 13.38
N PRO C 299 55.42 -27.93 14.24
CA PRO C 299 56.00 -29.20 14.64
C PRO C 299 55.09 -29.97 15.58
N LYS C 300 54.79 -31.21 15.21
CA LYS C 300 53.96 -32.07 16.03
C LYS C 300 54.24 -33.53 15.73
N GLY C 301 53.61 -34.43 16.48
CA GLY C 301 53.75 -35.87 16.26
C GLY C 301 54.67 -36.53 17.26
N PRO C 302 55.08 -37.79 16.97
CA PRO C 302 55.80 -38.66 17.92
C PRO C 302 57.10 -38.06 18.46
N ASN C 303 57.81 -37.30 17.63
CA ASN C 303 59.12 -36.72 18.01
C ASN C 303 59.04 -35.43 18.87
N VAL C 304 57.82 -34.98 19.18
CA VAL C 304 57.65 -33.73 19.90
C VAL C 304 57.20 -33.95 21.34
N ILE C 305 57.90 -33.31 22.27
CA ILE C 305 57.48 -33.24 23.66
C ILE C 305 56.78 -31.91 23.83
N LEU C 306 55.45 -31.98 23.88
CA LEU C 306 54.62 -30.79 23.99
C LEU C 306 54.39 -30.50 25.46
N ALA C 307 55.06 -29.47 25.97
CA ALA C 307 54.96 -29.13 27.38
C ALA C 307 54.22 -27.81 27.56
N GLU C 308 52.95 -27.94 27.97
CA GLU C 308 52.08 -26.78 28.13
C GLU C 308 52.01 -26.38 29.61
N PRO C 309 51.38 -25.23 29.95
CA PRO C 309 51.38 -24.74 31.34
C PRO C 309 50.81 -25.73 32.37
N ASP C 310 50.14 -26.75 31.88
CA ASP C 310 49.13 -27.50 32.63
C ASP C 310 49.30 -28.99 32.46
N ARG C 311 50.03 -29.38 31.40
CA ARG C 311 50.03 -30.74 30.91
C ARG C 311 51.22 -30.98 29.99
N VAL C 312 51.61 -32.24 29.84
CA VAL C 312 52.72 -32.65 28.98
C VAL C 312 52.29 -33.84 28.13
N THR C 313 52.54 -33.76 26.82
CA THR C 313 52.24 -34.84 25.90
C THR C 313 53.53 -35.34 25.29
N VAL C 314 53.85 -36.61 25.52
CA VAL C 314 55.10 -37.20 25.09
C VAL C 314 54.93 -38.68 24.79
N ASP C 315 55.33 -39.09 23.59
CA ASP C 315 55.37 -40.50 23.20
C ASP C 315 53.97 -41.17 23.26
N GLY C 316 52.95 -40.44 22.82
CA GLY C 316 51.60 -41.00 22.72
C GLY C 316 50.79 -41.04 24.02
N ARG C 317 51.22 -40.27 25.01
CA ARG C 317 50.51 -40.16 26.28
C ARG C 317 50.45 -38.71 26.75
N ALA C 318 49.30 -38.33 27.32
CA ALA C 318 49.16 -37.02 27.94
C ALA C 318 49.19 -37.15 29.46
N TYR C 319 49.98 -36.30 30.11
CA TYR C 319 50.10 -36.31 31.56
C TYR C 319 49.64 -34.95 32.10
N ASP C 320 48.65 -34.96 32.98
CA ASP C 320 48.08 -33.71 33.49
C ASP C 320 48.15 -33.62 35.00
N GLY C 321 47.80 -32.47 35.56
CA GLY C 321 47.70 -32.31 37.02
C GLY C 321 48.93 -31.75 37.72
N PHE C 322 49.78 -31.04 37.00
CA PHE C 322 50.94 -30.38 37.60
C PHE C 322 51.27 -29.13 36.82
N THR C 323 52.03 -28.22 37.41
CA THR C 323 52.44 -26.99 36.73
C THR C 323 53.65 -27.25 35.84
N LEU C 324 53.76 -26.46 34.77
CA LEU C 324 54.90 -26.53 33.87
C LEU C 324 56.21 -26.30 34.63
N ARG C 325 56.18 -25.32 35.54
CA ARG C 325 57.35 -24.98 36.35
C ARG C 325 57.87 -26.18 37.15
N ALA C 326 56.96 -26.91 37.78
CA ALA C 326 57.33 -28.11 38.55
C ALA C 326 57.89 -29.21 37.65
N PHE C 327 57.33 -29.33 36.44
CA PHE C 327 57.79 -30.30 35.46
C PHE C 327 59.22 -30.00 35.02
N LEU C 328 59.48 -28.73 34.70
CA LEU C 328 60.79 -28.30 34.21
C LEU C 328 61.88 -28.40 35.28
N GLN C 329 61.54 -28.07 36.53
CA GLN C 329 62.45 -28.25 37.67
C GLN C 329 62.81 -29.71 37.84
N ALA C 330 61.80 -30.58 37.88
CA ALA C 330 62.01 -32.02 38.07
C ALA C 330 62.79 -32.65 36.92
N LEU C 331 62.51 -32.22 35.70
CA LEU C 331 63.18 -32.74 34.52
C LEU C 331 64.67 -32.38 34.50
N ALA C 332 65.00 -31.17 34.97
CA ALA C 332 66.38 -30.71 35.05
C ALA C 332 67.26 -31.56 35.99
N GLU C 333 66.65 -32.15 37.02
CA GLU C 333 67.36 -33.01 37.95
C GLU C 333 67.81 -34.28 37.25
N LYS C 334 66.94 -34.81 36.38
CA LYS C 334 67.11 -36.15 35.82
C LYS C 334 67.60 -36.20 34.37
N ALA C 335 67.45 -35.10 33.63
CA ALA C 335 67.81 -35.05 32.20
C ALA C 335 69.28 -35.35 31.95
N PRO C 336 69.58 -36.07 30.85
CA PRO C 336 70.96 -36.30 30.43
C PRO C 336 71.55 -35.11 29.66
N ALA C 337 72.86 -35.13 29.43
CA ALA C 337 73.50 -34.11 28.61
C ALA C 337 73.47 -34.52 27.14
N ARG C 338 72.87 -33.66 26.30
CA ARG C 338 72.76 -33.92 24.86
C ARG C 338 73.17 -32.68 24.02
N PRO C 339 74.47 -32.48 23.81
CA PRO C 339 74.94 -31.23 23.21
C PRO C 339 74.94 -31.17 21.68
N ALA C 340 74.71 -32.30 21.01
CA ALA C 340 74.78 -32.40 19.55
C ALA C 340 74.13 -31.23 18.78
N SER C 341 72.91 -30.83 19.17
CA SER C 341 72.21 -29.73 18.49
C SER C 341 72.98 -28.42 18.57
N ALA C 342 73.59 -28.16 19.73
CA ALA C 342 74.30 -26.91 19.95
C ALA C 342 75.63 -26.86 19.18
N GLN C 343 76.37 -27.97 19.21
CA GLN C 343 77.69 -28.01 18.57
C GLN C 343 77.60 -28.16 17.04
N LYS C 344 76.41 -28.48 16.53
CA LYS C 344 76.21 -28.60 15.08
C LYS C 344 75.64 -27.34 14.45
N SER C 345 75.62 -26.23 15.21
CA SER C 345 74.99 -24.99 14.74
C SER C 345 75.64 -23.75 15.32
N SER C 346 75.51 -22.64 14.61
CA SER C 346 76.18 -21.39 14.99
C SER C 346 75.29 -20.46 15.80
N VAL C 347 75.92 -19.62 16.62
CA VAL C 347 75.21 -18.55 17.33
C VAL C 347 74.58 -17.60 16.30
N PRO C 348 73.30 -17.26 16.47
CA PRO C 348 72.60 -16.47 15.46
C PRO C 348 73.19 -15.08 15.31
N THR C 349 73.31 -14.64 14.06
CA THR C 349 73.82 -13.32 13.76
C THR C 349 72.81 -12.63 12.86
N CYS C 350 72.86 -11.30 12.78
CA CYS C 350 71.89 -10.58 11.96
C CYS C 350 72.51 -9.44 11.16
N SER C 351 72.49 -9.59 9.84
CA SER C 351 73.13 -8.66 8.92
C SER C 351 72.32 -7.36 8.75
N LEU C 352 72.93 -6.23 9.11
CA LEU C 352 72.25 -4.93 9.01
C LEU C 352 73.04 -4.00 8.10
N THR C 353 72.42 -3.55 7.02
CA THR C 353 73.13 -2.68 6.07
C THR C 353 73.38 -1.26 6.61
N ALA C 354 74.63 -0.84 6.54
CA ALA C 354 75.05 0.46 7.06
C ALA C 354 75.06 1.52 5.96
N THR C 355 74.69 2.73 6.33
CA THR C 355 74.58 3.84 5.38
C THR C 355 75.60 4.93 5.77
N SER C 356 75.59 6.07 5.09
CA SER C 356 76.41 7.19 5.54
C SER C 356 75.61 8.12 6.44
N ASP C 357 76.32 9.00 7.15
CA ASP C 357 75.72 9.98 8.07
C ASP C 357 74.56 10.79 7.50
N GLU C 358 74.73 11.25 6.26
CA GLU C 358 73.86 12.26 5.66
C GLU C 358 72.84 11.70 4.67
N ALA C 359 72.91 10.40 4.40
CA ALA C 359 71.92 9.72 3.59
C ALA C 359 70.57 9.72 4.29
N GLY C 360 69.50 9.60 3.52
CA GLY C 360 68.15 9.47 4.08
C GLY C 360 68.07 8.29 5.03
N LEU C 361 67.30 8.44 6.10
CA LEU C 361 67.19 7.40 7.11
C LEU C 361 66.61 6.11 6.54
N THR C 362 67.11 4.99 7.06
CA THR C 362 66.82 3.66 6.56
C THR C 362 66.35 2.78 7.69
N ASN C 363 65.43 1.87 7.37
CA ASN C 363 64.93 0.86 8.30
C ASN C 363 66.06 0.14 9.05
N ASP C 364 67.04 -0.39 8.31
CA ASP C 364 68.19 -1.10 8.91
C ASP C 364 68.99 -0.23 9.87
N GLU C 365 69.10 1.05 9.52
CA GLU C 365 69.85 2.00 10.31
C GLU C 365 69.12 2.36 11.62
N ILE C 366 67.79 2.36 11.59
CA ILE C 366 66.99 2.55 12.81
C ILE C 366 67.24 1.40 13.79
N VAL C 367 67.22 0.18 13.27
CA VAL C 367 67.46 -1.02 14.07
C VAL C 367 68.85 -0.97 14.69
N ARG C 368 69.83 -0.54 13.91
CA ARG C 368 71.20 -0.44 14.38
C ARG C 368 71.31 0.50 15.57
N HIS C 369 70.61 1.63 15.48
CA HIS C 369 70.62 2.63 16.55
C HIS C 369 69.89 2.19 17.81
N ILE C 370 68.71 1.57 17.65
CA ILE C 370 67.95 1.06 18.79
C ILE C 370 68.69 -0.09 19.46
N ASN C 371 69.29 -0.96 18.67
CA ASN C 371 70.09 -2.06 19.22
C ASN C 371 71.17 -1.57 20.16
N ALA C 372 71.83 -0.47 19.79
CA ALA C 372 72.88 0.14 20.60
C ALA C 372 72.37 0.76 21.90
N LEU C 373 71.08 1.12 21.91
CA LEU C 373 70.43 1.66 23.11
C LEU C 373 70.17 0.60 24.18
N LEU C 374 69.89 -0.63 23.75
CA LEU C 374 69.44 -1.67 24.66
C LEU C 374 70.48 -2.01 25.72
N THR C 375 70.04 -2.01 26.97
CA THR C 375 70.85 -2.45 28.11
C THR C 375 70.06 -3.55 28.81
N SER C 376 70.69 -4.19 29.80
CA SER C 376 70.03 -5.20 30.62
C SER C 376 68.82 -4.64 31.37
N ASN C 377 68.78 -3.31 31.46
CA ASN C 377 67.73 -2.61 32.19
C ASN C 377 66.65 -2.05 31.27
N THR C 378 66.65 -2.47 30.01
CA THR C 378 65.69 -1.99 29.01
C THR C 378 64.46 -2.88 28.85
N THR C 379 63.32 -2.24 28.61
CA THR C 379 62.09 -2.92 28.15
C THR C 379 61.71 -2.32 26.80
N LEU C 380 61.71 -3.17 25.79
CA LEU C 380 61.39 -2.78 24.43
C LEU C 380 59.96 -3.22 24.09
N VAL C 381 59.11 -2.26 23.73
CA VAL C 381 57.74 -2.55 23.34
C VAL C 381 57.65 -2.42 21.83
N ALA C 382 57.23 -3.49 21.15
CA ALA C 382 57.20 -3.51 19.70
C ALA C 382 55.79 -3.68 19.17
N GLU C 383 55.32 -2.68 18.44
CA GLU C 383 53.95 -2.67 17.92
C GLU C 383 53.75 -3.61 16.72
N THR C 384 52.50 -4.04 16.52
CA THR C 384 52.09 -4.78 15.34
C THR C 384 52.38 -3.94 14.10
N GLY C 385 52.96 -4.59 13.11
CA GLY C 385 53.45 -3.90 11.91
C GLY C 385 54.88 -4.34 11.70
N ASP C 386 55.63 -3.59 10.89
CA ASP C 386 57.02 -3.95 10.61
C ASP C 386 57.90 -3.92 11.86
N SER C 387 57.43 -3.27 12.92
CA SER C 387 58.14 -3.27 14.18
C SER C 387 58.26 -4.68 14.82
N TRP C 388 57.29 -5.54 14.57
CA TRP C 388 57.41 -6.95 14.97
C TRP C 388 58.71 -7.53 14.43
N PHE C 389 58.96 -7.22 13.16
CA PHE C 389 60.01 -7.87 12.42
C PHE C 389 61.38 -7.36 12.76
N ASN C 390 61.55 -6.06 12.97
CA ASN C 390 62.87 -5.66 13.43
C ASN C 390 63.10 -5.78 14.93
N ALA C 391 62.04 -6.09 15.67
CA ALA C 391 62.21 -6.59 17.02
C ALA C 391 62.94 -7.92 16.96
N MET C 392 62.51 -8.78 16.05
CA MET C 392 63.17 -10.08 15.85
C MET C 392 64.64 -9.92 15.47
N ARG C 393 64.99 -8.79 14.86
CA ARG C 393 66.30 -8.59 14.28
C ARG C 393 67.30 -8.00 15.26
N MET C 394 66.89 -7.81 16.51
CA MET C 394 67.80 -7.25 17.50
C MET C 394 68.46 -8.29 18.37
N THR C 395 69.73 -8.07 18.65
CA THR C 395 70.46 -8.85 19.64
C THR C 395 70.25 -8.16 20.98
N LEU C 396 69.56 -8.84 21.89
CA LEU C 396 69.27 -8.20 23.17
C LEU C 396 70.16 -8.70 24.29
N PRO C 397 70.78 -7.78 25.04
CA PRO C 397 71.62 -8.13 26.19
C PRO C 397 70.84 -8.87 27.27
N ARG C 398 71.53 -9.71 28.04
CA ARG C 398 70.91 -10.48 29.12
C ARG C 398 70.22 -9.54 30.11
N GLY C 399 68.96 -9.83 30.42
CA GLY C 399 68.19 -9.00 31.33
C GLY C 399 67.18 -8.13 30.63
N ALA C 400 67.44 -7.81 29.36
CA ALA C 400 66.54 -6.97 28.57
C ALA C 400 65.21 -7.66 28.34
N ARG C 401 64.15 -6.87 28.32
CA ARG C 401 62.78 -7.37 28.16
C ARG C 401 62.16 -6.90 26.86
N VAL C 402 61.47 -7.80 26.16
CA VAL C 402 60.70 -7.41 24.98
C VAL C 402 59.24 -7.71 25.22
N GLU C 403 58.38 -6.78 24.83
CA GLU C 403 56.94 -6.94 24.94
C GLU C 403 56.29 -6.98 23.57
N LEU C 404 55.64 -8.11 23.27
CA LEU C 404 54.94 -8.28 22.01
C LEU C 404 53.50 -8.65 22.29
N GLU C 405 52.62 -8.33 21.34
CA GLU C 405 51.20 -8.65 21.48
C GLU C 405 50.76 -9.41 20.23
N MET C 406 51.41 -10.55 19.96
CA MET C 406 51.27 -11.24 18.69
C MET C 406 50.04 -12.10 18.56
N GLN C 407 49.32 -12.34 19.66
CA GLN C 407 48.10 -13.12 19.59
C GLN C 407 46.89 -12.21 19.34
N TRP C 408 46.76 -11.13 20.13
CA TRP C 408 45.68 -10.17 19.93
C TRP C 408 45.96 -9.29 18.72
N GLY C 409 47.12 -8.66 18.68
CA GLY C 409 47.57 -7.86 17.53
C GLY C 409 46.72 -6.63 17.26
N HIS C 410 46.36 -5.89 18.30
CA HIS C 410 45.54 -4.69 18.19
C HIS C 410 46.47 -3.51 17.98
N ILE C 411 46.55 -2.98 16.76
CA ILE C 411 47.40 -1.80 16.53
C ILE C 411 47.04 -0.66 17.46
N GLY C 412 48.04 0.08 17.91
CA GLY C 412 47.81 1.13 18.90
C GLY C 412 48.10 0.65 20.31
N TRP C 413 48.02 -0.67 20.53
CA TRP C 413 48.32 -1.30 21.82
C TRP C 413 49.62 -0.73 22.38
N SER C 414 50.60 -0.59 21.50
CA SER C 414 51.92 -0.10 21.83
C SER C 414 51.99 1.00 22.87
N VAL C 415 51.25 2.07 22.64
CA VAL C 415 51.41 3.29 23.42
C VAL C 415 50.84 3.20 24.84
N PRO C 416 49.51 2.93 25.00
CA PRO C 416 49.00 2.80 26.37
C PRO C 416 49.63 1.64 27.14
N SER C 417 49.97 0.57 26.43
CA SER C 417 50.65 -0.57 27.05
C SER C 417 52.00 -0.18 27.64
N ALA C 418 52.78 0.59 26.90
CA ALA C 418 54.06 1.07 27.37
C ALA C 418 53.91 1.97 28.56
N PHE C 419 52.82 2.74 28.58
CA PHE C 419 52.52 3.67 29.66
C PHE C 419 52.30 2.94 30.97
N GLY C 420 51.42 1.93 30.92
CA GLY C 420 51.15 1.09 32.08
C GLY C 420 52.40 0.33 32.50
N ASN C 421 53.10 -0.25 31.52
CA ASN C 421 54.32 -0.98 31.79
C ASN C 421 55.37 -0.12 32.51
N ALA C 422 55.54 1.11 32.05
CA ALA C 422 56.44 2.06 32.69
C ALA C 422 56.03 2.37 34.12
N MET C 423 54.73 2.61 34.33
CA MET C 423 54.21 2.81 35.69
C MET C 423 54.59 1.67 36.64
N GLY C 424 54.57 0.46 36.12
CA GLY C 424 54.81 -0.74 36.91
C GLY C 424 56.27 -1.12 37.07
N SER C 425 57.15 -0.38 36.43
CA SER C 425 58.61 -0.61 36.51
C SER C 425 59.35 0.69 36.19
N GLN C 426 59.24 1.66 37.10
CA GLN C 426 59.75 3.01 36.85
C GLN C 426 61.27 3.09 36.85
N ASP C 427 61.90 2.02 37.35
CA ASP C 427 63.35 1.92 37.50
C ASP C 427 64.05 1.55 36.17
N ARG C 428 63.26 1.04 35.20
CA ARG C 428 63.78 0.54 33.91
C ARG C 428 63.74 1.62 32.85
N GLN C 429 64.52 1.44 31.78
CA GLN C 429 64.41 2.30 30.59
C GLN C 429 63.38 1.71 29.66
N HIS C 430 62.41 2.52 29.26
CA HIS C 430 61.34 2.05 28.38
C HIS C 430 61.45 2.59 26.96
N VAL C 431 61.50 1.68 26.01
CA VAL C 431 61.64 2.04 24.60
C VAL C 431 60.48 1.46 23.80
N VAL C 432 59.90 2.28 22.95
CA VAL C 432 58.74 1.87 22.15
C VAL C 432 59.06 1.97 20.67
N MET C 433 58.69 0.95 19.92
CA MET C 433 58.68 1.01 18.47
C MET C 433 57.24 0.97 17.99
N VAL C 434 56.82 2.02 17.31
CA VAL C 434 55.44 2.13 16.87
C VAL C 434 55.34 2.76 15.49
N GLY C 435 54.50 2.17 14.64
CA GLY C 435 54.26 2.69 13.31
C GLY C 435 53.35 3.88 13.33
N ASP C 436 53.33 4.63 12.24
CA ASP C 436 52.52 5.83 12.16
C ASP C 436 51.04 5.51 12.19
N GLY C 437 50.63 4.43 11.51
CA GLY C 437 49.25 4.01 11.47
C GLY C 437 48.74 3.63 12.84
N SER C 438 49.54 2.86 13.58
CA SER C 438 49.18 2.39 14.90
C SER C 438 49.08 3.55 15.89
N PHE C 439 49.98 4.50 15.78
CA PHE C 439 50.06 5.59 16.72
C PHE C 439 48.79 6.39 16.72
N GLN C 440 48.16 6.51 15.56
CA GLN C 440 46.94 7.32 15.42
C GLN C 440 45.76 6.81 16.25
N LEU C 441 45.72 5.52 16.54
CA LEU C 441 44.60 4.96 17.27
C LEU C 441 44.58 5.36 18.75
N THR C 442 45.77 5.51 19.32
CA THR C 442 45.88 5.67 20.77
C THR C 442 46.81 6.81 21.19
N ALA C 443 47.14 7.68 20.22
CA ALA C 443 48.13 8.76 20.43
C ALA C 443 47.96 9.53 21.72
N GLN C 444 46.71 9.84 22.08
CA GLN C 444 46.43 10.70 23.23
C GLN C 444 47.03 10.21 24.55
N GLU C 445 47.42 8.95 24.63
CA GLU C 445 47.95 8.45 25.88
C GLU C 445 49.40 8.84 26.12
N VAL C 446 50.05 9.39 25.12
CA VAL C 446 51.38 10.02 25.33
C VAL C 446 51.26 11.22 26.30
N ALA C 447 50.07 11.82 26.33
CA ALA C 447 49.79 12.94 27.23
C ALA C 447 49.83 12.52 28.71
N GLN C 448 49.47 11.27 28.97
CA GLN C 448 49.54 10.70 30.31
C GLN C 448 50.99 10.49 30.73
N MET C 449 51.82 10.01 29.81
CA MET C 449 53.27 9.91 30.04
C MET C 449 53.83 11.27 30.44
N VAL C 450 53.37 12.31 29.75
CA VAL C 450 53.77 13.68 30.08
C VAL C 450 53.28 14.02 31.47
N ARG C 451 51.98 13.83 31.70
CA ARG C 451 51.38 14.13 33.00
C ARG C 451 52.14 13.50 34.18
N TYR C 452 52.45 12.22 34.04
CA TYR C 452 53.09 11.47 35.10
C TYR C 452 54.61 11.42 35.00
N GLU C 453 55.16 12.23 34.08
CA GLU C 453 56.61 12.46 33.97
C GLU C 453 57.39 11.17 33.75
N LEU C 454 56.94 10.37 32.80
CA LEU C 454 57.57 9.09 32.48
C LEU C 454 58.49 9.22 31.26
N PRO C 455 59.81 8.99 31.46
CA PRO C 455 60.79 9.16 30.39
C PRO C 455 60.82 8.00 29.38
N VAL C 456 59.69 7.74 28.73
CA VAL C 456 59.64 6.70 27.71
C VAL C 456 60.20 7.25 26.41
N ILE C 457 61.05 6.46 25.75
CA ILE C 457 61.54 6.85 24.42
C ILE C 457 60.70 6.15 23.36
N ILE C 458 59.97 6.94 22.58
CA ILE C 458 59.11 6.41 21.52
C ILE C 458 59.73 6.64 20.15
N PHE C 459 60.05 5.55 19.45
CA PHE C 459 60.46 5.60 18.07
C PHE C 459 59.25 5.45 17.17
N LEU C 460 58.81 6.57 16.60
CA LEU C 460 57.66 6.59 15.70
C LEU C 460 58.15 6.39 14.28
N ILE C 461 57.81 5.24 13.70
CA ILE C 461 58.27 4.91 12.35
C ILE C 461 57.28 5.44 11.33
N ASN C 462 57.55 6.64 10.84
CA ASN C 462 56.69 7.27 9.85
C ASN C 462 57.10 6.87 8.45
N ASN C 463 56.42 5.85 7.93
CA ASN C 463 56.61 5.40 6.55
C ASN C 463 55.38 5.67 5.69
N ARG C 464 54.47 6.51 6.19
CA ARG C 464 53.33 7.02 5.43
C ARG C 464 52.25 5.99 5.09
N GLY C 465 51.94 5.11 6.05
CA GLY C 465 50.81 4.20 5.88
C GLY C 465 50.97 2.84 6.52
N TYR C 466 49.99 1.98 6.24
CA TYR C 466 49.98 0.61 6.72
C TYR C 466 50.86 -0.24 5.81
N VAL C 467 52.17 -0.13 5.99
CA VAL C 467 53.13 -0.80 5.11
C VAL C 467 53.04 -2.32 5.15
N ILE C 468 52.90 -2.90 6.34
CA ILE C 468 52.70 -4.36 6.49
C ILE C 468 51.58 -4.85 5.58
N GLU C 469 50.67 -3.94 5.23
CA GLU C 469 49.52 -4.27 4.41
C GLU C 469 49.75 -3.90 2.95
N ILE C 470 50.42 -2.76 2.73
CA ILE C 470 50.81 -2.31 1.39
C ILE C 470 51.70 -3.34 0.68
N ALA C 471 52.61 -3.97 1.43
CA ALA C 471 53.54 -4.92 0.86
C ALA C 471 52.85 -6.22 0.44
N ILE C 472 51.72 -6.51 1.07
CA ILE C 472 51.06 -7.82 0.96
C ILE C 472 49.81 -7.75 0.07
N HIS C 473 48.97 -6.77 0.32
CA HIS C 473 47.68 -6.63 -0.36
C HIS C 473 47.29 -5.17 -0.34
N ASP C 474 47.69 -4.44 -1.37
CA ASP C 474 47.54 -2.98 -1.38
C ASP C 474 46.18 -2.50 -1.89
N GLY C 475 45.70 -1.42 -1.30
CA GLY C 475 44.45 -0.80 -1.71
C GLY C 475 44.36 0.56 -1.04
N PRO C 476 43.41 1.42 -1.47
CA PRO C 476 43.32 2.79 -0.94
C PRO C 476 43.20 2.89 0.57
N TYR C 477 42.77 1.81 1.20
CA TYR C 477 42.54 1.72 2.64
C TYR C 477 43.83 1.70 3.45
N ASN C 478 44.97 1.57 2.78
CA ASN C 478 46.25 1.50 3.47
C ASN C 478 46.92 2.87 3.68
N TYR C 479 46.30 3.92 3.17
CA TYR C 479 46.92 5.24 3.10
C TYR C 479 46.22 6.25 4.01
N ILE C 480 46.97 6.80 4.96
CA ILE C 480 46.40 7.62 6.00
C ILE C 480 46.89 9.06 5.92
N LYS C 481 46.17 9.98 6.56
CA LYS C 481 46.59 11.36 6.71
C LYS C 481 47.85 11.44 7.59
N ASN C 482 48.93 11.98 7.02
CA ASN C 482 50.16 12.19 7.74
C ASN C 482 49.97 13.25 8.83
N TRP C 483 50.66 13.09 9.96
CA TRP C 483 50.67 14.10 11.02
C TRP C 483 52.06 14.65 11.19
N ASP C 484 52.16 15.80 11.86
CA ASP C 484 53.45 16.25 12.39
C ASP C 484 53.60 15.61 13.76
N TYR C 485 54.09 14.37 13.78
CA TYR C 485 54.17 13.59 15.01
C TYR C 485 55.07 14.22 16.04
N ALA C 486 56.20 14.77 15.61
CA ALA C 486 57.11 15.47 16.52
C ALA C 486 56.44 16.69 17.15
N GLY C 487 55.67 17.42 16.37
CA GLY C 487 54.98 18.63 16.83
C GLY C 487 53.90 18.38 17.86
N LEU C 488 53.46 17.13 17.96
CA LEU C 488 52.38 16.75 18.86
C LEU C 488 52.79 16.82 20.34
N MET C 489 54.10 16.72 20.61
CA MET C 489 54.59 16.79 21.98
C MET C 489 54.32 18.10 22.68
N GLU C 490 54.60 19.21 21.99
CA GLU C 490 54.31 20.53 22.56
C GLU C 490 52.84 20.70 22.84
N VAL C 491 51.98 20.10 22.01
CA VAL C 491 50.55 20.16 22.22
C VAL C 491 50.19 19.55 23.58
N PHE C 492 50.73 18.37 23.87
CA PHE C 492 50.49 17.72 25.15
C PHE C 492 51.23 18.41 26.32
N ASN C 493 52.33 19.09 26.03
CA ASN C 493 53.02 19.84 27.07
C ASN C 493 52.17 21.00 27.57
N ALA C 494 51.65 21.79 26.63
CA ALA C 494 50.85 22.99 26.91
C ALA C 494 51.50 23.92 27.94
N GLY C 495 52.82 24.08 27.86
CA GLY C 495 53.58 24.91 28.82
C GLY C 495 53.85 24.29 30.19
N GLU C 496 53.36 23.07 30.42
CA GLU C 496 53.55 22.36 31.70
C GLU C 496 54.62 21.27 31.64
N GLY C 497 54.37 20.26 30.82
CA GLY C 497 55.17 19.05 30.81
C GLY C 497 56.56 19.14 30.20
N HIS C 498 57.29 18.04 30.31
CA HIS C 498 58.68 17.98 29.84
C HIS C 498 58.86 16.94 28.73
N GLY C 499 57.83 16.75 27.91
CA GLY C 499 57.93 15.92 26.73
C GLY C 499 58.75 16.58 25.62
N LEU C 500 59.45 15.76 24.84
CA LEU C 500 60.21 16.23 23.69
C LEU C 500 59.73 15.58 22.39
N GLY C 501 59.62 16.38 21.34
CA GLY C 501 59.31 15.88 20.02
C GLY C 501 60.42 16.22 19.02
N LEU C 502 61.00 15.19 18.42
CA LEU C 502 62.12 15.38 17.49
C LEU C 502 61.93 14.62 16.17
N LYS C 503 62.46 15.19 15.09
CA LYS C 503 62.47 14.52 13.78
C LYS C 503 63.83 13.92 13.52
N ALA C 504 63.84 12.67 13.06
CA ALA C 504 65.07 12.04 12.60
C ALA C 504 64.90 11.73 11.12
N THR C 505 65.80 12.29 10.32
CA THR C 505 65.65 12.27 8.87
C THR C 505 66.88 11.64 8.22
N THR C 506 67.97 11.61 8.97
CA THR C 506 69.23 10.98 8.57
C THR C 506 69.75 10.22 9.79
N PRO C 507 70.70 9.29 9.58
CA PRO C 507 71.32 8.58 10.72
C PRO C 507 72.06 9.51 11.70
N LYS C 508 72.67 10.59 11.20
CA LYS C 508 73.25 11.60 12.08
C LYS C 508 72.15 12.25 12.92
N GLU C 509 71.04 12.59 12.27
CA GLU C 509 69.96 13.28 12.92
C GLU C 509 69.28 12.40 13.98
N LEU C 510 69.32 11.08 13.76
CA LEU C 510 68.77 10.12 14.72
C LEU C 510 69.70 9.95 15.91
N THR C 511 71.00 9.97 15.65
CA THR C 511 72.00 9.79 16.68
C THR C 511 71.91 10.95 17.68
N GLU C 512 71.70 12.15 17.15
CA GLU C 512 71.50 13.35 17.98
C GLU C 512 70.21 13.28 18.77
N ALA C 513 69.16 12.79 18.13
CA ALA C 513 67.86 12.69 18.77
C ALA C 513 67.86 11.74 19.97
N ILE C 514 68.59 10.63 19.85
CA ILE C 514 68.70 9.64 20.92
C ILE C 514 69.47 10.21 22.11
N ALA C 515 70.50 11.02 21.81
CA ALA C 515 71.27 11.70 22.84
C ALA C 515 70.39 12.63 23.66
N ARG C 516 69.52 13.38 22.97
CA ARG C 516 68.58 14.29 23.61
C ARG C 516 67.59 13.49 24.47
N ALA C 517 67.15 12.34 23.94
CA ALA C 517 66.15 11.51 24.60
C ALA C 517 66.67 10.98 25.92
N LYS C 518 67.91 10.50 25.92
CA LYS C 518 68.53 9.95 27.12
C LYS C 518 68.66 11.02 28.20
N ALA C 519 68.84 12.26 27.77
CA ALA C 519 68.97 13.39 28.68
C ALA C 519 67.62 13.90 29.23
N ASN C 520 66.53 13.48 28.61
CA ASN C 520 65.19 13.94 29.00
C ASN C 520 64.62 13.06 30.09
N THR C 521 64.84 13.45 31.34
CA THR C 521 64.55 12.57 32.46
C THR C 521 63.15 12.73 33.04
N ARG C 522 62.43 13.76 32.62
CA ARG C 522 61.15 14.08 33.24
C ARG C 522 59.95 14.06 32.28
N GLY C 523 60.11 13.42 31.13
CA GLY C 523 59.02 13.29 30.19
C GLY C 523 59.39 12.38 29.04
N PRO C 524 58.37 11.94 28.27
CA PRO C 524 58.59 11.06 27.12
C PRO C 524 59.27 11.78 25.98
N THR C 525 60.01 11.04 25.16
CA THR C 525 60.62 11.60 23.96
C THR C 525 60.15 10.83 22.75
N LEU C 526 59.44 11.52 21.86
CA LEU C 526 59.01 10.94 20.61
C LEU C 526 59.97 11.34 19.51
N ILE C 527 60.57 10.34 18.87
CA ILE C 527 61.41 10.57 17.70
C ILE C 527 60.69 10.09 16.45
N GLU C 528 60.24 11.04 15.63
CA GLU C 528 59.61 10.75 14.36
C GLU C 528 60.68 10.38 13.35
N CYS C 529 60.84 9.08 13.12
CA CYS C 529 61.79 8.58 12.15
C CYS C 529 61.13 8.47 10.79
N GLN C 530 61.64 9.24 9.83
CA GLN C 530 61.10 9.21 8.48
C GLN C 530 61.89 8.27 7.58
N ILE C 531 61.24 7.21 7.14
CA ILE C 531 61.82 6.29 6.16
C ILE C 531 60.86 6.13 4.99
N ASP C 532 61.39 5.64 3.86
CA ASP C 532 60.54 5.43 2.69
C ASP C 532 59.60 4.25 2.86
N ARG C 533 58.42 4.39 2.26
CA ARG C 533 57.36 3.40 2.36
C ARG C 533 57.78 2.03 1.82
N THR C 534 58.79 2.05 0.95
CA THR C 534 59.25 0.87 0.24
C THR C 534 60.23 0.07 1.10
N ASP C 535 60.69 0.68 2.18
CA ASP C 535 61.82 0.21 2.97
C ASP C 535 61.38 -0.59 4.20
N CYS C 536 60.77 -1.75 3.96
CA CYS C 536 60.41 -2.65 5.05
C CYS C 536 61.31 -3.88 5.02
N THR C 537 61.22 -4.71 6.04
CA THR C 537 62.05 -5.90 6.12
C THR C 537 61.66 -6.91 5.04
N ASP C 538 62.65 -7.61 4.50
CA ASP C 538 62.40 -8.77 3.62
C ASP C 538 61.60 -9.82 4.39
N MET C 539 61.89 -9.92 5.67
CA MET C 539 61.23 -10.84 6.57
C MET C 539 59.70 -10.64 6.49
N LEU C 540 59.25 -9.40 6.56
CA LEU C 540 57.81 -9.09 6.49
C LEU C 540 57.20 -9.55 5.18
N VAL C 541 57.86 -9.26 4.07
CA VAL C 541 57.36 -9.65 2.76
C VAL C 541 57.21 -11.17 2.66
N GLN C 542 58.27 -11.91 2.99
CA GLN C 542 58.23 -13.38 2.96
C GLN C 542 57.10 -13.93 3.82
N TRP C 543 57.09 -13.54 5.09
CA TRP C 543 56.06 -13.98 6.04
C TRP C 543 54.66 -13.64 5.57
N GLY C 544 54.48 -12.38 5.14
CA GLY C 544 53.18 -11.87 4.72
C GLY C 544 52.58 -12.60 3.53
N ARG C 545 53.37 -12.84 2.49
CA ARG C 545 52.88 -13.53 1.31
C ARG C 545 52.28 -14.90 1.63
N LYS C 546 52.96 -15.66 2.48
CA LYS C 546 52.50 -17.00 2.83
C LYS C 546 51.23 -16.94 3.69
N VAL C 547 51.24 -16.09 4.70
CA VAL C 547 50.11 -15.94 5.60
C VAL C 547 48.86 -15.46 4.85
N ALA C 548 49.01 -14.44 4.01
CA ALA C 548 47.90 -13.91 3.23
C ALA C 548 47.29 -14.94 2.27
N SER C 549 48.13 -15.73 1.60
CA SER C 549 47.61 -16.71 0.65
C SER C 549 46.91 -17.85 1.39
N THR C 550 47.32 -18.11 2.62
CA THR C 550 46.69 -19.13 3.45
C THR C 550 45.33 -18.67 3.99
N ASN C 551 45.24 -17.42 4.43
CA ASN C 551 43.96 -16.84 4.87
C ASN C 551 42.95 -16.64 3.73
N ALA C 552 43.43 -16.63 2.48
CA ALA C 552 42.56 -16.43 1.34
C ALA C 552 42.21 -17.75 0.67
N ARG C 553 42.73 -18.85 1.25
CA ARG C 553 42.53 -20.21 0.73
C ARG C 553 41.05 -20.51 0.49
N LYS C 554 40.74 -21.15 -0.64
CA LYS C 554 39.35 -21.48 -0.98
C LYS C 554 38.86 -22.87 -0.50
N THR C 555 39.78 -23.81 -0.30
CA THR C 555 39.41 -25.18 0.10
C THR C 555 40.05 -25.63 1.43
N THR D 2 31.56 -11.39 -13.10
CA THR D 2 31.49 -12.38 -11.98
C THR D 2 31.12 -11.74 -10.65
N TYR D 3 29.93 -12.04 -10.16
CA TYR D 3 29.30 -11.29 -9.08
C TYR D 3 29.46 -11.96 -7.70
N THR D 4 30.01 -11.21 -6.75
CA THR D 4 30.40 -11.81 -5.47
C THR D 4 29.52 -11.41 -4.28
N VAL D 5 29.66 -12.15 -3.18
CA VAL D 5 28.94 -11.90 -1.94
C VAL D 5 29.13 -10.46 -1.48
N GLY D 6 30.36 -9.98 -1.48
CA GLY D 6 30.64 -8.59 -1.11
C GLY D 6 29.96 -7.56 -2.00
N MET D 7 29.83 -7.86 -3.29
CA MET D 7 29.13 -6.97 -4.22
C MET D 7 27.64 -6.93 -3.89
N TYR D 8 27.09 -8.08 -3.49
CA TYR D 8 25.69 -8.19 -3.09
C TYR D 8 25.43 -7.27 -1.92
N LEU D 9 26.31 -7.32 -0.93
CA LEU D 9 26.22 -6.45 0.23
C LEU D 9 26.27 -4.98 -0.18
N ALA D 10 27.17 -4.65 -1.10
CA ALA D 10 27.34 -3.28 -1.54
C ALA D 10 26.07 -2.75 -2.20
N GLU D 11 25.48 -3.55 -3.09
CA GLU D 11 24.27 -3.13 -3.80
C GLU D 11 23.08 -2.96 -2.86
N ARG D 12 23.00 -3.78 -1.83
CA ARG D 12 21.94 -3.64 -0.83
C ARG D 12 22.12 -2.38 -0.01
N LEU D 13 23.36 -2.09 0.36
CA LEU D 13 23.64 -0.86 1.11
C LEU D 13 23.26 0.38 0.28
N VAL D 14 23.54 0.33 -1.02
CA VAL D 14 23.18 1.41 -1.90
C VAL D 14 21.65 1.59 -1.97
N GLN D 15 20.93 0.46 -1.97
CA GLN D 15 19.47 0.45 -2.00
C GLN D 15 18.86 1.02 -0.71
N ILE D 16 19.60 0.95 0.40
CA ILE D 16 19.18 1.59 1.64
C ILE D 16 19.12 3.11 1.44
N GLY D 17 19.98 3.62 0.56
CA GLY D 17 20.14 5.06 0.34
C GLY D 17 21.45 5.58 0.89
N LEU D 18 22.36 4.67 1.21
CA LEU D 18 23.71 5.04 1.63
C LEU D 18 24.53 5.54 0.45
N LYS D 19 25.34 6.58 0.69
CA LYS D 19 26.28 7.09 -0.31
C LYS D 19 27.69 6.92 0.21
N HIS D 20 27.81 6.46 1.46
CA HIS D 20 29.10 6.28 2.11
C HIS D 20 29.02 5.09 3.08
N HIS D 21 30.15 4.42 3.25
CA HIS D 21 30.34 3.53 4.39
C HIS D 21 31.74 3.80 4.94
N PHE D 22 31.89 3.50 6.23
CA PHE D 22 33.11 3.80 6.97
C PHE D 22 33.82 2.51 7.26
N ALA D 23 35.17 2.55 7.24
CA ALA D 23 35.97 1.33 7.38
C ALA D 23 37.31 1.54 8.06
N VAL D 24 37.79 0.50 8.73
CA VAL D 24 39.19 0.40 9.11
C VAL D 24 39.70 -0.95 8.57
N ALA D 25 40.78 -0.91 7.81
CA ALA D 25 41.32 -2.10 7.17
C ALA D 25 41.91 -3.08 8.16
N GLY D 26 41.78 -4.36 7.85
CA GLY D 26 42.45 -5.45 8.54
C GLY D 26 42.45 -6.65 7.63
N ASP D 27 43.40 -7.55 7.81
CA ASP D 27 43.51 -8.69 6.91
C ASP D 27 42.22 -9.52 6.75
N TYR D 28 41.40 -9.63 7.80
CA TYR D 28 40.11 -10.34 7.73
C TYR D 28 39.05 -9.66 6.87
N ASN D 29 39.28 -8.40 6.50
CA ASN D 29 38.27 -7.67 5.72
C ASN D 29 38.74 -7.03 4.41
N LEU D 30 40.01 -7.21 4.06
CA LEU D 30 40.55 -6.55 2.87
C LEU D 30 39.83 -6.93 1.60
N VAL D 31 39.61 -8.23 1.38
CA VAL D 31 38.89 -8.69 0.19
C VAL D 31 37.47 -8.14 0.17
N LEU D 32 36.83 -8.13 1.34
CA LEU D 32 35.49 -7.55 1.46
C LEU D 32 35.49 -6.08 1.05
N LEU D 33 36.44 -5.32 1.59
CA LEU D 33 36.63 -3.93 1.20
C LEU D 33 36.84 -3.74 -0.32
N ASP D 34 37.59 -4.66 -0.94
CA ASP D 34 37.77 -4.67 -2.40
C ASP D 34 36.43 -4.81 -3.09
N GLN D 35 35.58 -5.71 -2.60
CA GLN D 35 34.28 -5.95 -3.23
C GLN D 35 33.41 -4.71 -3.15
N LEU D 36 33.44 -4.05 -1.99
CA LEU D 36 32.65 -2.85 -1.76
C LEU D 36 33.12 -1.68 -2.64
N LEU D 37 34.43 -1.61 -2.89
CA LEU D 37 35.00 -0.54 -3.71
C LEU D 37 34.54 -0.59 -5.16
N LEU D 38 34.13 -1.77 -5.61
CA LEU D 38 33.69 -1.95 -6.99
C LEU D 38 32.35 -1.29 -7.27
N ASN D 39 31.63 -0.92 -6.21
CA ASN D 39 30.38 -0.21 -6.35
C ASN D 39 30.60 1.31 -6.36
N LYS D 40 30.46 1.92 -7.54
CA LYS D 40 30.70 3.34 -7.71
C LYS D 40 29.59 4.24 -7.16
N ASP D 41 28.48 3.63 -6.70
CA ASP D 41 27.36 4.40 -6.17
C ASP D 41 27.60 4.89 -4.74
N MET D 42 28.67 4.42 -4.10
CA MET D 42 29.06 4.93 -2.79
C MET D 42 30.56 5.02 -2.60
N LYS D 43 30.96 5.84 -1.64
CA LYS D 43 32.38 6.03 -1.31
C LYS D 43 32.75 5.32 -0.01
N GLN D 44 33.93 4.73 -0.01
CA GLN D 44 34.43 4.06 1.17
C GLN D 44 35.34 5.04 1.87
N ILE D 45 35.02 5.43 3.09
CA ILE D 45 35.89 6.38 3.78
C ILE D 45 36.51 5.78 5.04
N TYR D 46 37.67 6.27 5.44
CA TYR D 46 38.47 5.57 6.47
C TYR D 46 38.60 6.31 7.77
N CYS D 47 38.65 5.56 8.88
CA CYS D 47 38.75 6.13 10.21
C CYS D 47 40.04 5.74 10.92
N CYS D 48 40.36 6.48 11.98
CA CYS D 48 41.57 6.23 12.75
C CYS D 48 41.47 4.94 13.56
N ASN D 49 40.39 4.80 14.31
CA ASN D 49 40.15 3.60 15.06
C ASN D 49 38.68 3.20 14.99
N GLU D 50 38.37 2.01 15.48
CA GLU D 50 37.08 1.40 15.28
C GLU D 50 35.99 2.00 16.15
N LEU D 51 36.36 2.53 17.30
CA LEU D 51 35.39 3.24 18.14
C LEU D 51 34.86 4.45 17.40
N ASN D 52 35.79 5.26 16.89
CA ASN D 52 35.46 6.40 16.04
C ASN D 52 34.71 6.00 14.78
N CYS D 53 35.08 4.86 14.20
CA CYS D 53 34.48 4.36 12.98
C CYS D 53 32.99 4.14 13.22
N GLY D 54 32.68 3.42 14.29
CA GLY D 54 31.31 3.17 14.69
C GLY D 54 30.53 4.45 14.97
N PHE D 55 31.14 5.37 15.72
CA PHE D 55 30.49 6.65 16.00
C PHE D 55 30.33 7.54 14.76
N SER D 56 31.21 7.37 13.77
CA SER D 56 31.06 8.05 12.49
C SER D 56 29.81 7.54 11.78
N ALA D 57 29.62 6.23 11.83
CA ALA D 57 28.45 5.61 11.22
C ALA D 57 27.20 6.11 11.94
N GLU D 58 27.27 6.15 13.26
CA GLU D 58 26.16 6.65 14.06
C GLU D 58 25.76 8.06 13.62
N GLY D 59 26.73 8.95 13.49
CA GLY D 59 26.49 10.31 13.04
C GLY D 59 25.87 10.37 11.66
N TYR D 60 26.35 9.53 10.75
CA TYR D 60 25.85 9.43 9.39
C TYR D 60 24.39 8.99 9.37
N ALA D 61 24.05 8.04 10.24
CA ALA D 61 22.67 7.57 10.38
C ALA D 61 21.71 8.71 10.75
N ARG D 62 22.18 9.64 11.59
CA ARG D 62 21.38 10.78 12.01
C ARG D 62 20.94 11.65 10.83
N SER D 63 21.81 11.87 9.85
CA SER D 63 21.48 12.71 8.72
C SER D 63 20.96 11.94 7.51
N ASN D 64 21.43 10.71 7.32
CA ASN D 64 21.03 9.93 6.16
C ASN D 64 19.84 8.99 6.40
N GLY D 65 19.72 8.44 7.61
CA GLY D 65 18.64 7.54 7.94
C GLY D 65 19.16 6.19 8.43
N ALA D 66 20.31 5.79 7.89
CA ALA D 66 20.99 4.55 8.24
C ALA D 66 22.46 4.68 7.92
N ALA D 67 23.27 3.71 8.33
CA ALA D 67 24.71 3.73 8.03
C ALA D 67 25.35 2.34 8.08
N ALA D 68 26.59 2.26 7.61
CA ALA D 68 27.33 1.01 7.68
C ALA D 68 28.80 1.25 8.04
N ALA D 69 29.35 0.38 8.88
CA ALA D 69 30.78 0.42 9.20
C ALA D 69 31.38 -0.95 9.03
N VAL D 70 32.60 -1.01 8.50
CA VAL D 70 33.27 -2.27 8.24
C VAL D 70 34.57 -2.39 9.03
N VAL D 71 34.67 -3.42 9.85
CA VAL D 71 35.82 -3.58 10.72
C VAL D 71 36.42 -4.97 10.65
N THR D 72 37.56 -5.15 11.32
CA THR D 72 38.19 -6.47 11.36
C THR D 72 37.80 -7.21 12.65
N PHE D 73 37.94 -8.54 12.62
CA PHE D 73 37.51 -9.42 13.70
C PHE D 73 38.13 -9.11 15.08
N SER D 74 37.29 -9.16 16.13
CA SER D 74 37.66 -8.89 17.52
C SER D 74 38.30 -7.53 17.84
N VAL D 75 39.55 -7.38 17.45
CA VAL D 75 40.31 -6.17 17.78
C VAL D 75 39.63 -4.91 17.24
N GLY D 76 38.93 -5.05 16.11
CA GLY D 76 38.14 -3.95 15.59
C GLY D 76 36.72 -4.02 16.14
N ALA D 77 36.09 -5.18 15.97
CA ALA D 77 34.66 -5.32 16.26
C ALA D 77 34.26 -4.97 17.70
N ILE D 78 35.04 -5.41 18.68
CA ILE D 78 34.62 -5.22 20.06
C ILE D 78 34.45 -3.76 20.39
N SER D 79 35.44 -2.92 20.06
CA SER D 79 35.29 -1.50 20.40
C SER D 79 34.19 -0.84 19.57
N ALA D 80 33.98 -1.31 18.35
CA ALA D 80 32.83 -0.85 17.57
C ALA D 80 31.47 -1.20 18.22
N MET D 81 31.45 -2.27 19.02
CA MET D 81 30.25 -2.65 19.77
C MET D 81 29.79 -1.60 20.77
N ASN D 82 30.72 -0.75 21.21
CA ASN D 82 30.39 0.38 22.05
C ASN D 82 29.50 1.32 21.25
N ALA D 83 29.92 1.60 20.03
CA ALA D 83 29.13 2.44 19.16
C ALA D 83 27.81 1.80 18.77
N LEU D 84 27.82 0.48 18.53
CA LEU D 84 26.60 -0.27 18.23
C LEU D 84 25.58 -0.13 19.37
N GLY D 85 26.03 -0.32 20.61
CA GLY D 85 25.17 -0.11 21.76
C GLY D 85 24.61 1.30 21.75
N GLY D 86 25.49 2.26 21.42
CA GLY D 86 25.09 3.63 21.24
C GLY D 86 23.99 3.80 20.22
N ALA D 87 24.14 3.16 19.06
CA ALA D 87 23.13 3.22 18.03
C ALA D 87 21.80 2.63 18.53
N TYR D 88 21.87 1.57 19.31
CA TYR D 88 20.66 0.94 19.87
C TYR D 88 19.98 1.91 20.80
N ALA D 89 20.77 2.52 21.68
CA ALA D 89 20.29 3.51 22.62
C ALA D 89 19.65 4.71 21.94
N GLU D 90 20.22 5.14 20.81
CA GLU D 90 19.75 6.35 20.14
C GLU D 90 18.81 6.04 18.95
N ASN D 91 18.34 4.81 18.88
CA ASN D 91 17.40 4.37 17.83
C ASN D 91 17.86 4.62 16.38
N LEU D 92 19.08 4.21 16.07
CA LEU D 92 19.66 4.43 14.75
C LEU D 92 20.09 3.12 14.11
N PRO D 93 19.60 2.82 12.89
CA PRO D 93 19.98 1.58 12.19
C PRO D 93 21.38 1.63 11.55
N VAL D 94 22.40 1.46 12.39
CA VAL D 94 23.76 1.27 11.91
C VAL D 94 23.95 -0.23 11.65
N ILE D 95 24.57 -0.57 10.53
CA ILE D 95 24.95 -1.96 10.28
C ILE D 95 26.45 -2.11 10.46
N LEU D 96 26.86 -2.91 11.44
CA LEU D 96 28.27 -3.21 11.60
C LEU D 96 28.63 -4.50 10.86
N ILE D 97 29.54 -4.41 9.91
CA ILE D 97 30.03 -5.60 9.22
C ILE D 97 31.47 -5.92 9.63
N SER D 98 31.67 -7.09 10.21
CA SER D 98 33.02 -7.52 10.58
C SER D 98 33.58 -8.53 9.60
N GLY D 99 34.87 -8.41 9.33
CA GLY D 99 35.62 -9.48 8.69
C GLY D 99 35.66 -10.62 9.68
N ALA D 100 35.75 -11.85 9.18
CA ALA D 100 35.81 -13.01 10.06
C ALA D 100 36.79 -14.05 9.52
N PRO D 101 37.25 -14.98 10.37
CA PRO D 101 38.17 -16.02 9.93
C PRO D 101 37.68 -16.84 8.72
N ASN D 102 38.63 -17.39 7.97
CA ASN D 102 38.35 -18.29 6.87
C ASN D 102 37.40 -19.41 7.29
N SER D 103 36.38 -19.69 6.48
CA SER D 103 35.37 -20.68 6.84
C SER D 103 35.96 -22.08 6.98
N ASN D 104 37.09 -22.32 6.33
CA ASN D 104 37.76 -23.62 6.41
C ASN D 104 38.49 -23.85 7.73
N ASP D 105 38.61 -22.81 8.54
CA ASP D 105 39.22 -22.91 9.86
C ASP D 105 38.23 -23.38 10.90
N GLN D 106 36.95 -23.23 10.58
CA GLN D 106 35.89 -23.60 11.48
C GLN D 106 35.86 -25.08 11.79
N GLY D 107 35.83 -25.39 13.08
CA GLY D 107 35.77 -26.77 13.57
C GLY D 107 37.06 -27.57 13.40
N THR D 108 38.18 -26.88 13.21
CA THR D 108 39.46 -27.58 12.98
C THR D 108 40.31 -27.61 14.23
N GLY D 109 39.98 -26.73 15.19
CA GLY D 109 40.75 -26.61 16.40
C GLY D 109 41.94 -25.68 16.22
N HIS D 110 42.00 -25.00 15.09
CA HIS D 110 43.01 -23.98 14.82
C HIS D 110 42.81 -22.76 15.72
N ILE D 111 43.90 -22.27 16.29
CA ILE D 111 43.88 -21.02 17.03
C ILE D 111 44.22 -19.90 16.03
N LEU D 112 43.43 -18.84 16.03
CA LEU D 112 43.62 -17.77 15.05
C LEU D 112 44.00 -16.44 15.68
N HIS D 113 44.69 -15.61 14.91
CA HIS D 113 45.08 -14.29 15.38
C HIS D 113 43.83 -13.42 15.54
N HIS D 114 43.92 -12.44 16.46
CA HIS D 114 42.81 -11.57 16.84
C HIS D 114 41.71 -12.34 17.57
N THR D 115 42.04 -13.49 18.15
CA THR D 115 41.11 -14.19 19.01
C THR D 115 41.70 -14.37 20.41
N ILE D 116 40.85 -14.74 21.36
CA ILE D 116 41.29 -14.86 22.74
C ILE D 116 42.17 -16.09 22.95
N GLY D 117 42.38 -16.88 21.91
CA GLY D 117 43.35 -17.97 21.96
C GLY D 117 42.76 -19.36 22.14
N LYS D 118 41.43 -19.44 22.14
CA LYS D 118 40.77 -20.72 22.27
C LYS D 118 40.50 -21.30 20.89
N THR D 119 40.08 -22.56 20.84
CA THR D 119 39.88 -23.27 19.57
C THR D 119 38.63 -22.80 18.82
N ASP D 120 37.68 -22.18 19.52
CA ASP D 120 36.50 -21.67 18.83
C ASP D 120 36.46 -20.15 18.98
N TYR D 121 35.64 -19.48 18.20
CA TYR D 121 35.66 -18.02 18.23
C TYR D 121 34.29 -17.46 17.89
N SER D 122 33.27 -18.11 18.43
CA SER D 122 31.89 -17.65 18.30
C SER D 122 31.55 -16.61 19.36
N TYR D 123 32.56 -16.22 20.14
CA TYR D 123 32.33 -15.28 21.23
C TYR D 123 31.92 -13.90 20.70
N GLN D 124 32.45 -13.51 19.55
CA GLN D 124 32.14 -12.20 19.00
C GLN D 124 30.65 -12.03 18.67
N LEU D 125 30.08 -13.01 17.96
CA LEU D 125 28.67 -12.99 17.62
C LEU D 125 27.79 -12.95 18.87
N GLU D 126 28.16 -13.72 19.91
CA GLU D 126 27.40 -13.74 21.14
C GLU D 126 27.41 -12.36 21.82
N MET D 127 28.53 -11.66 21.74
CA MET D 127 28.61 -10.33 22.30
C MET D 127 27.76 -9.36 21.48
N ALA D 128 27.81 -9.49 20.16
CA ALA D 128 27.07 -8.59 19.28
C ALA D 128 25.54 -8.70 19.48
N ARG D 129 25.06 -9.90 19.74
CA ARG D 129 23.65 -10.11 19.98
C ARG D 129 23.08 -9.26 21.11
N GLN D 130 23.91 -9.06 22.13
CA GLN D 130 23.57 -8.25 23.29
C GLN D 130 23.15 -6.80 22.95
N VAL D 131 23.71 -6.25 21.87
CA VAL D 131 23.51 -4.84 21.54
C VAL D 131 22.89 -4.59 20.15
N THR D 132 22.25 -5.58 19.57
CA THR D 132 21.66 -5.48 18.23
C THR D 132 20.26 -6.07 18.14
N CYS D 133 19.52 -5.74 17.09
CA CYS D 133 18.21 -6.34 16.86
C CYS D 133 18.33 -7.57 15.95
N ALA D 134 19.48 -7.70 15.31
CA ALA D 134 19.75 -8.81 14.40
C ALA D 134 21.25 -8.99 14.27
N ALA D 135 21.68 -10.24 14.18
CA ALA D 135 23.09 -10.58 14.16
C ALA D 135 23.27 -11.92 13.45
N GLU D 136 24.00 -11.90 12.33
CA GLU D 136 24.23 -13.09 11.52
C GLU D 136 25.69 -13.24 11.17
N SER D 137 26.09 -14.49 10.99
CA SER D 137 27.45 -14.85 10.65
C SER D 137 27.44 -15.58 9.31
N ILE D 138 28.06 -14.98 8.29
CA ILE D 138 28.05 -15.56 6.95
C ILE D 138 29.27 -16.41 6.78
N THR D 139 29.03 -17.68 6.47
CA THR D 139 30.08 -18.67 6.45
C THR D 139 29.99 -19.54 5.19
N ASP D 140 29.02 -19.24 4.32
CA ASP D 140 28.86 -19.85 3.01
C ASP D 140 28.12 -18.86 2.07
N ALA D 141 28.36 -18.99 0.77
CA ALA D 141 27.78 -18.04 -0.20
C ALA D 141 26.28 -18.21 -0.41
N HIS D 142 25.79 -19.43 -0.27
CA HIS D 142 24.40 -19.72 -0.57
CA HIS D 142 24.38 -19.77 -0.55
C HIS D 142 23.43 -19.07 0.41
N SER D 143 23.74 -19.11 1.70
CA SER D 143 22.85 -18.51 2.70
C SER D 143 23.13 -17.01 2.92
N ALA D 144 24.17 -16.48 2.25
CA ALA D 144 24.56 -15.07 2.40
C ALA D 144 23.47 -14.06 2.07
N PRO D 145 22.81 -14.17 0.88
CA PRO D 145 21.72 -13.24 0.58
C PRO D 145 20.65 -13.16 1.67
N ALA D 146 20.14 -14.31 2.12
CA ALA D 146 19.06 -14.33 3.11
C ALA D 146 19.46 -13.62 4.40
N LYS D 147 20.69 -13.86 4.83
CA LYS D 147 21.23 -13.24 6.05
C LYS D 147 21.42 -11.72 5.91
N ILE D 148 22.01 -11.31 4.78
CA ILE D 148 22.23 -9.89 4.51
C ILE D 148 20.88 -9.18 4.52
N ASP D 149 19.93 -9.72 3.77
CA ASP D 149 18.61 -9.12 3.66
C ASP D 149 17.90 -9.07 5.00
N HIS D 150 18.05 -10.12 5.81
CA HIS D 150 17.46 -10.16 7.15
C HIS D 150 17.97 -9.06 8.07
N VAL D 151 19.29 -8.87 8.16
CA VAL D 151 19.82 -7.86 9.08
C VAL D 151 19.42 -6.46 8.63
N ILE D 152 19.54 -6.18 7.34
CA ILE D 152 19.20 -4.85 6.82
C ILE D 152 17.73 -4.52 7.05
N ARG D 153 16.84 -5.43 6.66
CA ARG D 153 15.42 -5.18 6.79
C ARG D 153 14.99 -5.02 8.25
N THR D 154 15.56 -5.84 9.13
CA THR D 154 15.22 -5.77 10.55
C THR D 154 15.70 -4.44 11.14
N ALA D 155 16.95 -4.08 10.84
CA ALA D 155 17.52 -2.83 11.31
C ALA D 155 16.64 -1.63 10.93
N LEU D 156 16.26 -1.55 9.65
CA LEU D 156 15.47 -0.42 9.16
C LEU D 156 14.07 -0.38 9.75
N ARG D 157 13.45 -1.54 9.91
CA ARG D 157 12.07 -1.62 10.43
C ARG D 157 12.05 -1.21 11.90
N GLU D 158 13.05 -1.67 12.64
CA GLU D 158 13.07 -1.47 14.09
C GLU D 158 13.78 -0.20 14.51
N ARG D 159 14.45 0.47 13.58
CA ARG D 159 15.34 1.58 13.90
C ARG D 159 16.33 1.16 15.01
N LYS D 160 17.00 0.05 14.79
CA LYS D 160 18.03 -0.45 15.70
C LYS D 160 19.21 -0.95 14.87
N PRO D 161 20.41 -0.99 15.47
CA PRO D 161 21.56 -1.49 14.72
C PRO D 161 21.54 -3.01 14.54
N ALA D 162 22.30 -3.49 13.57
CA ALA D 162 22.44 -4.93 13.36
C ALA D 162 23.89 -5.29 13.05
N TYR D 163 24.22 -6.58 13.12
CA TYR D 163 25.59 -7.03 12.96
C TYR D 163 25.74 -8.10 11.88
N LEU D 164 26.86 -8.04 11.17
CA LEU D 164 27.19 -9.04 10.16
C LEU D 164 28.63 -9.53 10.22
N ASP D 165 28.78 -10.85 10.11
CA ASP D 165 30.07 -11.50 9.91
C ASP D 165 30.18 -11.93 8.48
N ILE D 166 31.31 -11.68 7.85
CA ILE D 166 31.59 -12.39 6.62
C ILE D 166 32.97 -13.03 6.68
N ALA D 167 33.00 -14.36 6.57
CA ALA D 167 34.26 -15.10 6.51
C ALA D 167 35.09 -14.56 5.34
N CYS D 168 36.37 -14.30 5.58
CA CYS D 168 37.20 -13.58 4.63
C CYS D 168 37.28 -14.26 3.29
N ASN D 169 37.29 -15.60 3.27
CA ASN D 169 37.34 -16.33 2.02
C ASN D 169 36.01 -16.29 1.27
N ILE D 170 34.96 -15.84 1.93
CA ILE D 170 33.63 -15.90 1.31
C ILE D 170 33.18 -14.61 0.63
N ALA D 171 33.80 -13.49 0.99
CA ALA D 171 33.55 -12.22 0.35
C ALA D 171 33.72 -12.27 -1.18
N SER D 172 34.65 -13.11 -1.65
CA SER D 172 34.97 -13.31 -3.08
C SER D 172 34.08 -14.29 -3.81
N GLU D 173 33.28 -15.05 -3.08
CA GLU D 173 32.57 -16.19 -3.65
C GLU D 173 31.43 -15.75 -4.55
N PRO D 174 31.15 -16.51 -5.62
CA PRO D 174 30.03 -16.17 -6.50
C PRO D 174 28.74 -16.09 -5.71
N CYS D 175 27.84 -15.23 -6.13
CA CYS D 175 26.61 -14.98 -5.41
C CYS D 175 25.52 -14.53 -6.37
N VAL D 176 24.27 -14.83 -6.06
CA VAL D 176 23.15 -14.32 -6.86
C VAL D 176 23.09 -12.79 -6.69
N ARG D 177 22.43 -12.11 -7.62
CA ARG D 177 22.29 -10.65 -7.57
C ARG D 177 21.03 -10.27 -6.82
N PRO D 178 21.03 -9.11 -6.16
CA PRO D 178 19.81 -8.64 -5.49
C PRO D 178 18.81 -8.05 -6.48
N GLY D 179 17.52 -8.30 -6.25
CA GLY D 179 16.47 -7.78 -7.11
C GLY D 179 16.15 -6.33 -6.82
N PRO D 180 15.40 -5.68 -7.74
CA PRO D 180 14.95 -4.31 -7.52
C PRO D 180 13.96 -4.23 -6.36
N VAL D 181 13.97 -3.11 -5.65
CA VAL D 181 13.05 -2.92 -4.55
C VAL D 181 12.39 -1.55 -4.56
N SER D 182 11.17 -1.49 -4.00
CA SER D 182 10.49 -0.23 -3.76
C SER D 182 11.28 0.51 -2.71
N SER D 183 11.53 -0.17 -1.60
CA SER D 183 12.29 0.35 -0.47
C SER D 183 12.73 -0.85 0.36
N LEU D 184 13.84 -0.72 1.08
CA LEU D 184 14.26 -1.78 1.98
C LEU D 184 13.60 -1.63 3.35
N LEU D 185 12.88 -0.53 3.53
CA LEU D 185 12.07 -0.34 4.73
C LEU D 185 10.64 -0.83 4.49
N SER D 186 10.18 -1.76 5.33
CA SER D 186 8.80 -2.19 5.30
C SER D 186 8.24 -2.43 6.70
N GLU D 187 7.36 -1.53 7.15
CA GLU D 187 6.71 -1.66 8.46
C GLU D 187 5.63 -2.75 8.37
N PRO D 188 5.20 -3.32 9.51
CA PRO D 188 4.09 -4.28 9.43
C PRO D 188 2.79 -3.62 8.99
N GLU D 189 1.97 -4.33 8.23
CA GLU D 189 0.69 -3.79 7.76
C GLU D 189 -0.13 -3.33 8.97
N ILE D 190 -0.75 -2.17 8.82
CA ILE D 190 -1.41 -1.50 9.93
C ILE D 190 -2.78 -2.12 10.29
N ASP D 191 -3.02 -2.30 11.58
CA ASP D 191 -4.27 -2.86 12.10
C ASP D 191 -5.33 -1.76 12.23
N HIS D 192 -6.30 -1.77 11.32
CA HIS D 192 -7.25 -0.67 11.24
C HIS D 192 -8.31 -0.64 12.34
N THR D 193 -8.67 -1.81 12.88
CA THR D 193 -9.56 -1.88 14.02
C THR D 193 -8.93 -1.17 15.20
N SER D 194 -7.65 -1.47 15.47
CA SER D 194 -6.93 -0.89 16.60
C SER D 194 -6.68 0.61 16.45
N LEU D 195 -6.27 1.02 15.26
CA LEU D 195 -6.06 2.43 14.95
C LEU D 195 -7.30 3.24 15.20
N LYS D 196 -8.44 2.78 14.68
CA LYS D 196 -9.70 3.49 14.81
C LYS D 196 -10.08 3.66 16.29
N ALA D 197 -9.91 2.60 17.07
CA ALA D 197 -10.30 2.62 18.47
C ALA D 197 -9.41 3.53 19.31
N ALA D 198 -8.11 3.56 18.99
CA ALA D 198 -7.14 4.43 19.65
C ALA D 198 -7.42 5.90 19.36
N VAL D 199 -7.70 6.23 18.10
CA VAL D 199 -8.01 7.60 17.70
C VAL D 199 -9.32 8.05 18.34
N ASP D 200 -10.35 7.22 18.25
CA ASP D 200 -11.63 7.48 18.89
C ASP D 200 -11.52 7.75 20.41
N ALA D 201 -10.73 6.93 21.09
CA ALA D 201 -10.53 7.06 22.54
C ALA D 201 -9.78 8.36 22.90
N THR D 202 -8.78 8.71 22.07
CA THR D 202 -8.01 9.91 22.27
C THR D 202 -8.83 11.18 21.99
N VAL D 203 -9.62 11.16 20.92
CA VAL D 203 -10.48 12.28 20.56
C VAL D 203 -11.50 12.52 21.67
N ALA D 204 -12.10 11.43 22.18
CA ALA D 204 -13.07 11.53 23.26
C ALA D 204 -12.46 12.21 24.50
N LEU D 205 -11.25 11.78 24.88
CA LEU D 205 -10.55 12.38 26.01
C LEU D 205 -10.21 13.85 25.75
N LEU D 206 -9.70 14.15 24.56
CA LEU D 206 -9.39 15.52 24.17
C LEU D 206 -10.62 16.44 24.16
N GLU D 207 -11.74 15.93 23.65
CA GLU D 207 -12.97 16.70 23.59
C GLU D 207 -13.43 17.16 24.96
N LYS D 208 -13.33 16.29 25.97
CA LYS D 208 -13.81 16.69 27.29
C LYS D 208 -12.75 17.40 28.16
N SER D 209 -11.60 17.69 27.54
CA SER D 209 -10.50 18.38 28.22
C SER D 209 -10.62 19.89 28.14
N ALA D 210 -10.11 20.57 29.17
CA ALA D 210 -10.03 22.03 29.20
C ALA D 210 -8.70 22.54 28.61
N SER D 211 -7.58 21.94 29.01
CA SER D 211 -6.27 22.36 28.49
C SER D 211 -5.27 21.22 28.28
N PRO D 212 -5.30 20.61 27.08
CA PRO D 212 -4.32 19.59 26.70
C PRO D 212 -2.97 20.21 26.37
N VAL D 213 -1.91 19.51 26.70
CA VAL D 213 -0.56 19.93 26.33
C VAL D 213 0.08 18.80 25.54
N MET D 214 0.97 19.15 24.61
CA MET D 214 1.80 18.20 23.90
C MET D 214 3.21 18.21 24.46
N LEU D 215 3.74 17.02 24.77
CA LEU D 215 5.11 16.88 25.22
C LEU D 215 5.81 15.92 24.27
N LEU D 216 6.89 16.40 23.66
CA LEU D 216 7.58 15.65 22.61
C LEU D 216 8.87 14.99 23.11
N GLY D 217 9.06 13.74 22.74
CA GLY D 217 10.23 12.99 23.17
C GLY D 217 11.25 12.63 22.10
N SER D 218 12.35 12.02 22.51
CA SER D 218 13.49 11.79 21.64
C SER D 218 13.34 10.63 20.65
N LYS D 219 12.22 9.92 20.69
CA LYS D 219 11.97 8.92 19.64
C LYS D 219 11.13 9.45 18.46
N LEU D 220 10.84 10.75 18.46
CA LEU D 220 9.97 11.34 17.45
C LEU D 220 10.54 11.22 16.03
N ARG D 221 11.86 11.40 15.91
CA ARG D 221 12.51 11.34 14.61
C ARG D 221 12.61 9.91 14.09
N ALA D 222 12.99 8.98 14.95
CA ALA D 222 13.09 7.57 14.58
C ALA D 222 11.74 7.06 14.11
N ALA D 223 10.68 7.52 14.76
CA ALA D 223 9.30 7.18 14.39
C ALA D 223 8.86 7.89 13.11
N ASN D 224 9.76 8.71 12.57
CA ASN D 224 9.50 9.49 11.35
C ASN D 224 8.18 10.28 11.49
N ALA D 225 8.07 11.00 12.60
CA ALA D 225 6.81 11.61 13.03
C ALA D 225 6.88 13.12 13.25
N LEU D 226 7.91 13.77 12.68
CA LEU D 226 8.07 15.22 12.82
C LEU D 226 6.95 16.01 12.13
N ALA D 227 6.76 15.79 10.83
CA ALA D 227 5.74 16.50 10.07
C ALA D 227 4.33 16.26 10.62
N ALA D 228 4.05 15.00 10.98
CA ALA D 228 2.75 14.64 11.55
C ALA D 228 2.51 15.35 12.88
N THR D 229 3.56 15.54 13.65
CA THR D 229 3.46 16.21 14.95
C THR D 229 3.07 17.68 14.82
N GLU D 230 3.69 18.39 13.90
CA GLU D 230 3.37 19.81 13.76
C GLU D 230 2.05 20.04 13.02
N THR D 231 1.60 19.04 12.25
CA THR D 231 0.25 19.06 11.68
C THR D 231 -0.78 18.94 12.81
N LEU D 232 -0.54 18.02 13.73
CA LEU D 232 -1.41 17.84 14.90
C LEU D 232 -1.43 19.08 15.77
N ALA D 233 -0.27 19.70 15.94
CA ALA D 233 -0.14 20.91 16.73
C ALA D 233 -0.93 22.07 16.13
N ASP D 234 -1.00 22.11 14.79
CA ASP D 234 -1.76 23.14 14.08
C ASP D 234 -3.25 22.99 14.32
N LYS D 235 -3.70 21.75 14.38
CA LYS D 235 -5.11 21.43 14.58
C LYS D 235 -5.55 21.67 16.03
N LEU D 236 -4.73 21.22 16.98
CA LEU D 236 -5.05 21.34 18.39
C LEU D 236 -4.92 22.75 18.95
N GLN D 237 -4.06 23.56 18.35
CA GLN D 237 -3.82 24.96 18.78
C GLN D 237 -3.10 25.04 20.13
N CYS D 238 -2.79 23.90 20.73
CA CYS D 238 -2.35 23.85 22.13
C CYS D 238 -0.85 24.13 22.31
N ALA D 239 -0.42 24.19 23.57
CA ALA D 239 0.98 24.39 23.90
C ALA D 239 1.77 23.17 23.52
N VAL D 240 2.94 23.39 22.92
CA VAL D 240 3.86 22.32 22.55
C VAL D 240 5.15 22.50 23.33
N THR D 241 5.54 21.46 24.06
CA THR D 241 6.76 21.47 24.85
C THR D 241 7.66 20.31 24.44
N ILE D 242 8.95 20.45 24.70
CA ILE D 242 9.92 19.41 24.37
C ILE D 242 10.62 18.88 25.60
N MET D 243 10.96 17.60 25.58
CA MET D 243 11.90 17.03 26.54
C MET D 243 13.31 17.40 26.06
N ALA D 244 14.27 17.45 27.00
CA ALA D 244 15.64 17.81 26.64
C ALA D 244 16.13 17.15 25.34
N ALA D 245 15.99 15.83 25.25
CA ALA D 245 16.57 15.08 24.15
C ALA D 245 15.82 15.25 22.83
N ALA D 246 14.72 16.00 22.87
CA ALA D 246 13.93 16.25 21.69
C ALA D 246 14.15 17.65 21.11
N LYS D 247 15.21 18.32 21.55
CA LYS D 247 15.50 19.66 21.04
C LYS D 247 15.69 19.65 19.53
N GLY D 248 14.91 20.46 18.82
CA GLY D 248 15.05 20.56 17.38
C GLY D 248 14.05 19.71 16.63
N PHE D 249 13.29 18.92 17.38
CA PHE D 249 12.29 18.05 16.78
C PHE D 249 11.00 18.79 16.52
N PHE D 250 10.97 20.07 16.91
CA PHE D 250 9.82 20.93 16.67
C PHE D 250 10.29 22.35 16.39
N PRO D 251 9.69 23.03 15.39
CA PRO D 251 10.10 24.40 15.08
C PRO D 251 9.78 25.39 16.21
N GLU D 252 10.82 26.04 16.73
CA GLU D 252 10.65 27.00 17.85
C GLU D 252 10.02 28.32 17.37
N ASP D 253 9.95 28.46 16.05
CA ASP D 253 9.24 29.51 15.32
C ASP D 253 7.73 29.47 15.56
N HIS D 254 7.22 28.27 15.82
CA HIS D 254 5.79 27.95 15.87
C HIS D 254 5.04 28.71 16.94
N ALA D 255 3.80 29.09 16.63
CA ALA D 255 2.94 29.83 17.55
C ALA D 255 2.69 29.10 18.88
N GLY D 256 2.71 27.77 18.82
CA GLY D 256 2.38 26.95 19.97
C GLY D 256 3.57 26.50 20.80
N PHE D 257 4.79 26.81 20.36
CA PHE D 257 5.99 26.36 21.08
C PHE D 257 6.10 27.07 22.41
N ARG D 258 6.26 26.30 23.48
CA ARG D 258 6.30 26.86 24.83
C ARG D 258 7.55 26.49 25.63
N GLY D 259 8.46 25.73 25.01
CA GLY D 259 9.77 25.50 25.60
C GLY D 259 10.07 24.13 26.20
N LEU D 260 11.00 24.12 27.14
CA LEU D 260 11.60 22.91 27.64
C LEU D 260 10.93 22.41 28.91
N TYR D 261 10.50 21.15 28.88
CA TYR D 261 10.09 20.47 30.09
C TYR D 261 11.19 19.50 30.54
N TRP D 262 11.74 19.77 31.71
CA TRP D 262 12.81 18.97 32.28
C TRP D 262 12.81 19.16 33.79
N GLY D 263 11.72 18.75 34.43
CA GLY D 263 11.57 18.88 35.87
C GLY D 263 11.79 20.29 36.40
N GLU D 264 12.66 20.41 37.38
CA GLU D 264 12.94 21.70 38.01
C GLU D 264 13.86 22.61 37.17
N VAL D 265 14.41 22.10 36.08
CA VAL D 265 15.21 22.95 35.18
C VAL D 265 14.46 23.34 33.90
N SER D 266 13.15 23.17 33.93
CA SER D 266 12.26 23.61 32.85
C SER D 266 12.32 25.12 32.69
N ASN D 267 11.86 25.61 31.55
CA ASN D 267 11.62 27.05 31.38
C ASN D 267 10.52 27.50 32.36
N PRO D 268 10.60 28.72 32.90
CA PRO D 268 9.58 29.18 33.85
C PRO D 268 8.15 28.90 33.40
N GLY D 269 7.32 28.39 34.30
CA GLY D 269 5.91 28.10 34.01
C GLY D 269 5.64 26.76 33.35
N VAL D 270 6.61 26.24 32.61
CA VAL D 270 6.42 25.02 31.81
C VAL D 270 6.16 23.79 32.66
N GLN D 271 6.90 23.61 33.76
CA GLN D 271 6.65 22.50 34.68
C GLN D 271 5.16 22.46 35.08
N GLU D 272 4.64 23.59 35.55
CA GLU D 272 3.23 23.69 35.90
C GLU D 272 2.32 23.39 34.69
N LEU D 273 2.66 23.93 33.52
CA LEU D 273 1.92 23.65 32.30
C LEU D 273 1.66 22.17 32.03
N VAL D 274 2.71 21.34 32.05
CA VAL D 274 2.56 19.93 31.70
C VAL D 274 2.10 19.06 32.89
N GLU D 275 2.70 19.29 34.06
CA GLU D 275 2.41 18.52 35.27
C GLU D 275 0.94 18.64 35.64
N THR D 276 0.32 19.75 35.23
CA THR D 276 -1.04 20.09 35.67
C THR D 276 -2.08 19.91 34.55
N SER D 277 -1.62 19.51 33.37
CA SER D 277 -2.50 19.37 32.21
C SER D 277 -3.63 18.39 32.40
N ASP D 278 -4.78 18.80 31.88
CA ASP D 278 -6.00 18.02 31.81
C ASP D 278 -5.81 16.73 31.01
N ALA D 279 -5.01 16.82 29.95
CA ALA D 279 -4.77 15.71 29.03
C ALA D 279 -3.41 15.87 28.35
N LEU D 280 -2.39 15.25 28.91
CA LEU D 280 -1.04 15.38 28.40
C LEU D 280 -0.76 14.41 27.25
N LEU D 281 -0.67 14.97 26.05
CA LEU D 281 -0.34 14.19 24.86
C LEU D 281 1.17 14.02 24.81
N CYS D 282 1.61 12.89 25.32
CA CYS D 282 3.01 12.62 25.51
C CYS D 282 3.52 11.71 24.38
N ILE D 283 4.33 12.27 23.47
CA ILE D 283 4.61 11.63 22.19
C ILE D 283 6.06 11.18 22.03
N ALA D 284 6.25 9.88 21.90
CA ALA D 284 7.57 9.26 21.68
C ALA D 284 8.61 9.60 22.77
N PRO D 285 8.21 9.54 24.05
CA PRO D 285 9.12 9.90 25.13
C PRO D 285 10.14 8.82 25.46
N VAL D 286 11.28 9.21 26.01
CA VAL D 286 12.18 8.27 26.67
C VAL D 286 12.34 8.74 28.10
N PHE D 287 11.66 8.06 29.02
CA PHE D 287 11.73 8.39 30.43
C PHE D 287 12.80 7.57 31.14
N ASN D 288 13.93 8.22 31.43
CA ASN D 288 14.99 7.59 32.20
C ASN D 288 15.36 8.46 33.38
N ASP D 289 16.41 8.08 34.10
CA ASP D 289 16.80 8.79 35.33
C ASP D 289 17.32 10.19 35.04
N TYR D 290 17.84 10.40 33.84
CA TYR D 290 18.32 11.72 33.40
C TYR D 290 17.18 12.64 32.97
N SER D 291 16.29 12.11 32.13
CA SER D 291 15.19 12.91 31.58
C SER D 291 14.12 13.22 32.60
N THR D 292 13.87 12.30 33.53
CA THR D 292 12.87 12.53 34.58
C THR D 292 13.47 13.23 35.79
N VAL D 293 14.76 13.58 35.69
CA VAL D 293 15.50 14.26 36.77
C VAL D 293 15.37 13.49 38.08
N GLY D 294 16.00 12.32 38.14
CA GLY D 294 15.94 11.44 39.30
C GLY D 294 14.54 11.00 39.69
N TRP D 295 13.71 10.71 38.70
CA TRP D 295 12.33 10.20 38.89
C TRP D 295 11.38 11.20 39.54
N SER D 296 11.76 12.48 39.56
CA SER D 296 10.94 13.53 40.16
C SER D 296 9.97 14.18 39.16
N ALA D 297 10.28 14.06 37.88
CA ALA D 297 9.46 14.67 36.83
C ALA D 297 9.09 13.65 35.76
N TRP D 298 8.13 12.80 36.07
CA TRP D 298 7.78 11.67 35.23
C TRP D 298 6.27 11.53 35.16
N PRO D 299 5.65 12.20 34.16
CA PRO D 299 4.19 12.27 34.04
C PRO D 299 3.62 10.94 33.59
N LYS D 300 2.66 10.42 34.36
CA LYS D 300 1.97 9.19 34.00
C LYS D 300 0.58 9.13 34.64
N GLY D 301 -0.16 8.08 34.33
CA GLY D 301 -1.46 7.87 34.94
C GLY D 301 -2.62 8.26 34.01
N PRO D 302 -3.84 8.37 34.57
CA PRO D 302 -5.09 8.51 33.79
C PRO D 302 -5.11 9.72 32.84
N ASN D 303 -4.47 10.83 33.23
CA ASN D 303 -4.48 12.05 32.43
C ASN D 303 -3.44 12.08 31.29
N VAL D 304 -2.67 11.01 31.13
CA VAL D 304 -1.62 11.00 30.11
C VAL D 304 -1.96 10.11 28.93
N ILE D 305 -1.84 10.67 27.73
CA ILE D 305 -1.91 9.88 26.50
C ILE D 305 -0.48 9.54 26.10
N LEU D 306 -0.10 8.30 26.34
CA LEU D 306 1.24 7.84 26.06
C LEU D 306 1.28 7.28 24.65
N ALA D 307 1.90 8.02 23.75
CA ALA D 307 1.96 7.64 22.35
C ALA D 307 3.37 7.26 21.96
N GLU D 308 3.61 5.95 21.87
CA GLU D 308 4.93 5.41 21.57
C GLU D 308 5.01 5.02 20.08
N PRO D 309 6.21 4.68 19.57
CA PRO D 309 6.35 4.39 18.12
C PRO D 309 5.46 3.31 17.57
N ASP D 310 4.85 2.56 18.47
CA ASP D 310 4.34 1.21 18.20
C ASP D 310 2.93 1.01 18.75
N ARG D 311 2.56 1.88 19.69
CA ARG D 311 1.40 1.64 20.54
C ARG D 311 0.96 2.94 21.19
N VAL D 312 -0.29 2.99 21.65
CA VAL D 312 -0.84 4.13 22.35
C VAL D 312 -1.60 3.67 23.58
N THR D 313 -1.33 4.29 24.72
CA THR D 313 -2.04 3.98 25.96
C THR D 313 -2.82 5.21 26.41
N VAL D 314 -4.12 5.07 26.49
CA VAL D 314 -5.01 6.18 26.82
C VAL D 314 -6.24 5.70 27.55
N ASP D 315 -6.51 6.32 28.70
CA ASP D 315 -7.73 6.06 29.48
C ASP D 315 -7.88 4.60 29.91
N GLY D 316 -6.76 3.99 30.33
CA GLY D 316 -6.77 2.62 30.87
C GLY D 316 -6.83 1.49 29.84
N ARG D 317 -6.47 1.80 28.60
CA ARG D 317 -6.38 0.80 27.53
C ARG D 317 -5.15 1.01 26.67
N ALA D 318 -4.55 -0.09 26.25
CA ALA D 318 -3.42 -0.03 25.34
C ALA D 318 -3.87 -0.50 23.95
N TYR D 319 -3.47 0.25 22.93
CA TYR D 319 -3.83 -0.05 21.54
C TYR D 319 -2.55 -0.25 20.76
N ASP D 320 -2.39 -1.42 20.15
CA ASP D 320 -1.15 -1.72 19.42
C ASP D 320 -1.42 -2.09 17.96
N GLY D 321 -0.36 -2.23 17.18
CA GLY D 321 -0.47 -2.72 15.81
C GLY D 321 -0.52 -1.67 14.73
N PHE D 322 0.00 -0.48 15.01
CA PHE D 322 0.05 0.59 14.01
C PHE D 322 1.25 1.49 14.31
N THR D 323 1.67 2.28 13.33
CA THR D 323 2.80 3.18 13.52
C THR D 323 2.34 4.46 14.18
N LEU D 324 3.25 5.09 14.93
CA LEU D 324 2.98 6.39 15.54
C LEU D 324 2.56 7.42 14.47
N ARG D 325 3.29 7.44 13.37
CA ARG D 325 3.03 8.35 12.27
C ARG D 325 1.59 8.25 11.75
N ALA D 326 1.10 7.04 11.56
CA ALA D 326 -0.29 6.82 11.12
C ALA D 326 -1.29 7.29 12.17
N PHE D 327 -0.95 7.09 13.44
CA PHE D 327 -1.80 7.53 14.54
C PHE D 327 -1.92 9.04 14.56
N LEU D 328 -0.78 9.73 14.45
CA LEU D 328 -0.73 11.19 14.50
C LEU D 328 -1.42 11.84 13.31
N GLN D 329 -1.28 11.25 12.12
CA GLN D 329 -1.98 11.74 10.94
C GLN D 329 -3.50 11.62 11.11
N ALA D 330 -3.95 10.43 11.52
CA ALA D 330 -5.37 10.16 11.73
C ALA D 330 -5.97 11.02 12.84
N LEU D 331 -5.21 11.24 13.91
CA LEU D 331 -5.67 12.06 15.03
C LEU D 331 -5.85 13.52 14.61
N ALA D 332 -4.95 14.01 13.76
CA ALA D 332 -5.03 15.39 13.26
C ALA D 332 -6.30 15.67 12.45
N GLU D 333 -6.86 14.65 11.80
CA GLU D 333 -8.10 14.80 11.01
C GLU D 333 -9.27 15.07 11.96
N LYS D 334 -9.27 14.40 13.10
CA LYS D 334 -10.44 14.35 13.98
C LYS D 334 -10.33 15.21 15.25
N ALA D 335 -9.12 15.59 15.63
CA ALA D 335 -8.89 16.35 16.88
C ALA D 335 -9.62 17.68 16.91
N PRO D 336 -10.15 18.07 18.09
CA PRO D 336 -10.75 19.39 18.27
C PRO D 336 -9.69 20.49 18.50
N ALA D 337 -10.12 21.74 18.44
CA ALA D 337 -9.24 22.86 18.76
C ALA D 337 -9.30 23.13 20.27
N ARG D 338 -8.13 23.09 20.93
CA ARG D 338 -8.03 23.33 22.36
C ARG D 338 -6.86 24.27 22.69
N PRO D 339 -7.08 25.60 22.58
CA PRO D 339 -5.96 26.54 22.67
C PRO D 339 -5.58 27.01 24.08
N ALA D 340 -6.40 26.67 25.09
CA ALA D 340 -6.21 27.14 26.47
C ALA D 340 -4.76 27.10 26.98
N SER D 341 -4.07 25.99 26.74
CA SER D 341 -2.68 25.85 27.21
C SER D 341 -1.75 26.89 26.60
N ALA D 342 -1.95 27.18 25.32
CA ALA D 342 -1.09 28.12 24.60
C ALA D 342 -1.36 29.58 25.01
N GLN D 343 -2.64 29.94 25.13
CA GLN D 343 -3.00 31.32 25.48
C GLN D 343 -2.80 31.64 26.96
N LYS D 344 -2.57 30.62 27.79
CA LYS D 344 -2.29 30.82 29.23
C LYS D 344 -0.79 30.82 29.56
N SER D 345 0.05 30.89 28.54
CA SER D 345 1.50 30.80 28.74
C SER D 345 2.28 31.58 27.69
N SER D 346 3.50 31.97 28.05
CA SER D 346 4.32 32.83 27.19
C SER D 346 5.30 32.03 26.36
N VAL D 347 5.70 32.59 25.22
CA VAL D 347 6.77 32.03 24.39
C VAL D 347 8.07 32.02 25.22
N PRO D 348 8.81 30.88 25.22
CA PRO D 348 9.96 30.74 26.09
C PRO D 348 11.06 31.72 25.67
N THR D 349 11.71 32.32 26.67
CA THR D 349 12.80 33.24 26.47
C THR D 349 13.97 32.77 27.32
N CYS D 350 15.18 33.21 26.99
CA CYS D 350 16.34 32.76 27.77
C CYS D 350 17.33 33.87 28.06
N SER D 351 17.48 34.20 29.34
CA SER D 351 18.31 35.32 29.78
C SER D 351 19.80 34.99 29.72
N LEU D 352 20.55 35.74 28.91
CA LEU D 352 22.00 35.51 28.78
C LEU D 352 22.79 36.76 29.17
N THR D 353 23.64 36.64 30.18
CA THR D 353 24.39 37.80 30.68
C THR D 353 25.49 38.26 29.71
N ALA D 354 25.46 39.54 29.38
CA ALA D 354 26.40 40.14 28.42
C ALA D 354 27.59 40.76 29.14
N THR D 355 28.75 40.65 28.53
CA THR D 355 30.00 41.13 29.11
C THR D 355 30.56 42.24 28.20
N SER D 356 31.76 42.75 28.51
CA SER D 356 32.40 43.68 27.60
C SER D 356 33.34 42.93 26.66
N ASP D 357 33.76 43.61 25.60
CA ASP D 357 34.66 43.07 24.56
C ASP D 357 35.91 42.42 25.10
N GLU D 358 36.55 43.07 26.08
CA GLU D 358 37.88 42.70 26.52
C GLU D 358 37.93 41.87 27.81
N ALA D 359 36.77 41.67 28.41
CA ALA D 359 36.66 40.82 29.58
C ALA D 359 36.99 39.39 29.20
N GLY D 360 37.44 38.60 30.16
CA GLY D 360 37.67 37.16 29.97
C GLY D 360 36.40 36.50 29.48
N LEU D 361 36.57 35.52 28.61
CA LEU D 361 35.44 34.85 27.99
C LEU D 361 34.58 34.12 29.03
N THR D 362 33.27 34.14 28.77
CA THR D 362 32.27 33.64 29.69
C THR D 362 31.37 32.63 28.98
N ASN D 363 30.90 31.64 29.74
CA ASN D 363 29.97 30.63 29.26
C ASN D 363 28.76 31.24 28.55
N ASP D 364 28.09 32.21 29.18
CA ASP D 364 26.92 32.87 28.60
C ASP D 364 27.26 33.55 27.28
N GLU D 365 28.45 34.12 27.20
CA GLU D 365 28.89 34.85 26.03
C GLU D 365 29.21 33.90 24.87
N ILE D 366 29.65 32.68 25.18
CA ILE D 366 29.86 31.66 24.14
C ILE D 366 28.51 31.28 23.51
N VAL D 367 27.51 31.08 24.36
CA VAL D 367 26.16 30.73 23.92
C VAL D 367 25.60 31.84 23.03
N ARG D 368 25.83 33.08 23.43
CA ARG D 368 25.36 34.23 22.68
C ARG D 368 25.94 34.24 21.26
N HIS D 369 27.22 33.94 21.16
CA HIS D 369 27.91 33.91 19.87
C HIS D 369 27.48 32.75 18.99
N ILE D 370 27.38 31.55 19.57
CA ILE D 370 26.92 30.38 18.81
C ILE D 370 25.47 30.56 18.36
N ASN D 371 24.63 31.10 19.23
CA ASN D 371 23.24 31.35 18.89
C ASN D 371 23.11 32.21 17.62
N ALA D 372 23.98 33.20 17.49
CA ALA D 372 24.01 34.11 16.34
C ALA D 372 24.49 33.42 15.06
N LEU D 373 25.25 32.35 15.21
CA LEU D 373 25.70 31.54 14.07
C LEU D 373 24.60 30.69 13.44
N LEU D 374 23.68 30.21 14.27
CA LEU D 374 22.67 29.25 13.82
C LEU D 374 21.80 29.80 12.70
N THR D 375 21.68 29.02 11.63
CA THR D 375 20.78 29.31 10.55
C THR D 375 19.88 28.09 10.36
N SER D 376 18.88 28.19 9.48
CA SER D 376 17.99 27.08 9.19
C SER D 376 18.76 25.91 8.57
N ASN D 377 19.96 26.21 8.08
CA ASN D 377 20.80 25.23 7.42
C ASN D 377 21.89 24.64 8.35
N THR D 378 21.76 24.88 9.66
CA THR D 378 22.76 24.46 10.62
C THR D 378 22.40 23.14 11.31
N THR D 379 23.43 22.35 11.60
CA THR D 379 23.30 21.18 12.47
C THR D 379 24.26 21.40 13.65
N LEU D 380 23.69 21.44 14.85
CA LEU D 380 24.46 21.66 16.06
C LEU D 380 24.62 20.34 16.81
N VAL D 381 25.87 19.94 17.05
CA VAL D 381 26.16 18.71 17.76
C VAL D 381 26.65 19.07 19.15
N ALA D 382 25.94 18.59 20.17
CA ALA D 382 26.23 18.99 21.54
C ALA D 382 26.68 17.81 22.40
N GLU D 383 27.91 17.88 22.87
CA GLU D 383 28.50 16.79 23.64
C GLU D 383 27.96 16.67 25.08
N THR D 384 28.04 15.47 25.64
CA THR D 384 27.73 15.25 27.04
C THR D 384 28.66 16.11 27.89
N GLY D 385 28.08 16.78 28.88
CA GLY D 385 28.81 17.74 29.70
C GLY D 385 27.97 18.98 29.76
N ASP D 386 28.56 20.12 30.13
CA ASP D 386 27.81 21.38 30.19
C ASP D 386 27.25 21.82 28.82
N SER D 387 27.77 21.24 27.74
CA SER D 387 27.28 21.55 26.42
C SER D 387 25.84 21.11 26.21
N TRP D 388 25.42 20.05 26.92
CA TRP D 388 24.02 19.63 26.91
C TRP D 388 23.15 20.80 27.32
N PHE D 389 23.62 21.50 28.35
CA PHE D 389 22.83 22.50 29.03
C PHE D 389 22.76 23.80 28.28
N ASN D 390 23.84 24.24 27.66
CA ASN D 390 23.64 25.43 26.84
C ASN D 390 23.13 25.16 25.43
N ALA D 391 23.06 23.88 25.06
CA ALA D 391 22.28 23.51 23.90
C ALA D 391 20.81 23.82 24.20
N MET D 392 20.36 23.49 25.41
CA MET D 392 19.00 23.78 25.83
C MET D 392 18.72 25.27 25.80
N ARG D 393 19.76 26.06 26.00
CA ARG D 393 19.62 27.50 26.19
C ARG D 393 19.59 28.30 24.88
N MET D 394 19.66 27.62 23.75
CA MET D 394 19.65 28.30 22.48
C MET D 394 18.28 28.37 21.85
N THR D 395 18.00 29.52 21.23
CA THR D 395 16.83 29.68 20.39
C THR D 395 17.24 29.29 18.97
N LEU D 396 16.68 28.21 18.46
CA LEU D 396 17.09 27.74 17.16
C LEU D 396 16.08 28.09 16.08
N PRO D 397 16.56 28.69 14.98
CA PRO D 397 15.71 29.03 13.83
C PRO D 397 15.04 27.78 13.19
N ARG D 398 13.89 27.98 12.57
CA ARG D 398 13.16 26.90 11.92
C ARG D 398 14.06 26.22 10.89
N GLY D 399 14.15 24.89 10.94
CA GLY D 399 14.99 24.13 10.01
C GLY D 399 16.29 23.66 10.63
N ALA D 400 16.76 24.36 11.66
CA ALA D 400 18.01 24.01 12.33
C ALA D 400 17.87 22.66 13.03
N ARG D 401 18.97 21.92 13.06
CA ARG D 401 19.02 20.57 13.64
C ARG D 401 19.93 20.53 14.85
N VAL D 402 19.52 19.82 15.88
CA VAL D 402 20.37 19.61 17.03
C VAL D 402 20.53 18.12 17.18
N GLU D 403 21.75 17.70 17.49
CA GLU D 403 22.05 16.29 17.72
C GLU D 403 22.54 16.09 19.16
N LEU D 404 21.81 15.26 19.90
CA LEU D 404 22.18 14.94 21.26
C LEU D 404 22.26 13.43 21.42
N GLU D 405 23.04 12.99 22.39
CA GLU D 405 23.19 11.57 22.65
C GLU D 405 22.93 11.33 24.14
N MET D 406 21.72 11.68 24.57
CA MET D 406 21.40 11.76 26.00
C MET D 406 21.06 10.42 26.64
N GLN D 407 20.86 9.38 25.83
CA GLN D 407 20.58 8.05 26.37
C GLN D 407 21.89 7.25 26.58
N TRP D 408 22.76 7.22 25.57
CA TRP D 408 24.05 6.56 25.68
C TRP D 408 25.03 7.39 26.50
N GLY D 409 25.22 8.65 26.10
CA GLY D 409 26.03 9.60 26.85
C GLY D 409 27.49 9.23 26.95
N HIS D 410 28.08 8.79 25.84
CA HIS D 410 29.48 8.44 25.75
C HIS D 410 30.26 9.71 25.40
N ILE D 411 31.00 10.27 26.35
CA ILE D 411 31.83 11.45 26.06
C ILE D 411 32.81 11.14 24.93
N GLY D 412 33.05 12.12 24.06
CA GLY D 412 33.87 11.91 22.89
C GLY D 412 33.05 11.62 21.65
N TRP D 413 31.83 11.14 21.85
CA TRP D 413 30.88 10.87 20.75
C TRP D 413 30.81 12.05 19.81
N SER D 414 30.76 13.24 20.39
CA SER D 414 30.69 14.49 19.67
C SER D 414 31.47 14.53 18.36
N VAL D 415 32.77 14.21 18.42
CA VAL D 415 33.68 14.48 17.30
C VAL D 415 33.48 13.53 16.12
N PRO D 416 33.66 12.20 16.32
CA PRO D 416 33.43 11.31 15.20
C PRO D 416 31.98 11.36 14.71
N SER D 417 31.04 11.57 15.61
CA SER D 417 29.66 11.67 15.23
C SER D 417 29.40 12.83 14.26
N ALA D 418 29.98 13.99 14.56
CA ALA D 418 29.87 15.16 13.70
C ALA D 418 30.52 14.91 12.34
N PHE D 419 31.61 14.15 12.34
CA PHE D 419 32.32 13.80 11.13
C PHE D 419 31.43 13.01 10.17
N GLY D 420 30.83 11.95 10.68
CA GLY D 420 29.92 11.14 9.90
C GLY D 420 28.72 11.93 9.49
N ASN D 421 28.16 12.69 10.43
CA ASN D 421 27.00 13.53 10.13
C ASN D 421 27.27 14.50 8.99
N ALA D 422 28.46 15.13 9.03
CA ALA D 422 28.88 16.04 7.97
C ALA D 422 28.98 15.34 6.62
N MET D 423 29.61 14.16 6.61
CA MET D 423 29.70 13.34 5.39
C MET D 423 28.33 13.10 4.77
N GLY D 424 27.32 12.90 5.61
CA GLY D 424 25.98 12.57 5.17
C GLY D 424 25.09 13.75 4.84
N SER D 425 25.61 14.96 5.05
CA SER D 425 24.88 16.18 4.72
C SER D 425 25.86 17.32 4.47
N GLN D 426 26.59 17.21 3.37
CA GLN D 426 27.70 18.13 3.11
C GLN D 426 27.24 19.53 2.75
N ASP D 427 25.96 19.67 2.45
CA ASP D 427 25.32 20.93 2.08
C ASP D 427 25.01 21.84 3.28
N ARG D 428 25.03 21.26 4.49
CA ARG D 428 24.68 21.98 5.73
C ARG D 428 25.90 22.53 6.44
N GLN D 429 25.70 23.52 7.30
CA GLN D 429 26.78 24.01 8.18
C GLN D 429 26.80 23.17 9.44
N HIS D 430 27.96 22.63 9.76
CA HIS D 430 28.08 21.78 10.96
C HIS D 430 28.84 22.45 12.07
N VAL D 431 28.19 22.52 13.24
CA VAL D 431 28.77 23.17 14.41
C VAL D 431 28.81 22.17 15.55
N VAL D 432 29.95 22.10 16.24
CA VAL D 432 30.13 21.19 17.35
C VAL D 432 30.42 21.93 18.64
N MET D 433 29.76 21.54 19.73
CA MET D 433 30.14 21.98 21.06
C MET D 433 30.68 20.78 21.82
N VAL D 434 31.94 20.88 22.23
CA VAL D 434 32.59 19.76 22.89
C VAL D 434 33.51 20.22 24.00
N GLY D 435 33.43 19.54 25.15
CA GLY D 435 34.25 19.86 26.31
C GLY D 435 35.67 19.37 26.11
N ASP D 436 36.58 19.88 26.92
CA ASP D 436 38.00 19.51 26.83
C ASP D 436 38.22 18.06 27.20
N GLY D 437 37.48 17.60 28.21
CA GLY D 437 37.59 16.21 28.66
C GLY D 437 37.12 15.25 27.60
N SER D 438 35.97 15.54 26.98
CA SER D 438 35.39 14.68 25.95
C SER D 438 36.29 14.61 24.73
N PHE D 439 36.86 15.76 24.37
CA PHE D 439 37.66 15.85 23.15
C PHE D 439 38.85 14.89 23.19
N GLN D 440 39.41 14.69 24.38
CA GLN D 440 40.61 13.86 24.50
C GLN D 440 40.38 12.39 24.15
N LEU D 441 39.15 11.92 24.28
CA LEU D 441 38.85 10.52 23.97
C LEU D 441 38.92 10.21 22.49
N THR D 442 38.53 11.15 21.63
CA THR D 442 38.31 10.87 20.22
C THR D 442 38.95 11.92 19.31
N ALA D 443 39.80 12.76 19.90
CA ALA D 443 40.43 13.88 19.19
C ALA D 443 40.92 13.56 17.77
N GLN D 444 41.59 12.41 17.61
CA GLN D 444 42.22 12.05 16.35
C GLN D 444 41.30 12.08 15.13
N GLU D 445 39.99 12.04 15.35
CA GLU D 445 39.08 12.03 14.21
C GLU D 445 38.91 13.40 13.55
N VAL D 446 39.41 14.45 14.20
CA VAL D 446 39.45 15.77 13.55
C VAL D 446 40.38 15.72 12.33
N ALA D 447 41.35 14.79 12.36
CA ALA D 447 42.27 14.57 11.26
C ALA D 447 41.56 14.07 10.01
N GLN D 448 40.49 13.30 10.21
CA GLN D 448 39.65 12.82 9.10
C GLN D 448 38.88 13.97 8.46
N MET D 449 38.37 14.88 9.28
CA MET D 449 37.70 16.09 8.80
C MET D 449 38.66 16.88 7.91
N VAL D 450 39.93 16.93 8.33
CA VAL D 450 40.97 17.59 7.55
C VAL D 450 41.16 16.83 6.25
N ARG D 451 41.38 15.52 6.35
CA ARG D 451 41.59 14.67 5.19
C ARG D 451 40.51 14.82 4.13
N TYR D 452 39.25 14.82 4.55
CA TYR D 452 38.12 14.89 3.65
C TYR D 452 37.59 16.30 3.40
N GLU D 453 38.32 17.28 3.90
CA GLU D 453 38.06 18.72 3.66
C GLU D 453 36.65 19.13 4.08
N LEU D 454 36.28 18.76 5.31
CA LEU D 454 34.97 19.10 5.85
C LEU D 454 35.00 20.33 6.76
N PRO D 455 34.27 21.40 6.38
CA PRO D 455 34.34 22.66 7.11
C PRO D 455 33.48 22.67 8.36
N VAL D 456 33.77 21.77 9.31
CA VAL D 456 33.05 21.71 10.58
C VAL D 456 33.64 22.75 11.51
N ILE D 457 32.78 23.53 12.17
CA ILE D 457 33.25 24.46 13.19
C ILE D 457 33.10 23.81 14.57
N ILE D 458 34.23 23.60 15.22
CA ILE D 458 34.27 22.97 16.54
C ILE D 458 34.56 23.99 17.64
N PHE D 459 33.60 24.16 18.53
CA PHE D 459 33.79 24.98 19.71
C PHE D 459 34.27 24.06 20.84
N LEU D 460 35.56 24.13 21.14
CA LEU D 460 36.15 23.36 22.22
C LEU D 460 36.09 24.17 23.50
N ILE D 461 35.30 23.72 24.46
CA ILE D 461 35.11 24.46 25.70
C ILE D 461 36.16 23.98 26.69
N ASN D 462 37.28 24.71 26.76
CA ASN D 462 38.36 24.39 27.68
C ASN D 462 38.17 25.04 29.04
N ASN D 463 37.56 24.29 29.95
CA ASN D 463 37.37 24.75 31.32
C ASN D 463 38.21 23.98 32.31
N ARG D 464 39.19 23.24 31.79
CA ARG D 464 40.22 22.54 32.58
C ARG D 464 39.71 21.38 33.42
N GLY D 465 38.82 20.57 32.85
CA GLY D 465 38.38 19.35 33.52
C GLY D 465 36.94 18.92 33.29
N TYR D 466 36.55 17.87 33.99
CA TYR D 466 35.20 17.33 33.95
C TYR D 466 34.29 18.15 34.85
N VAL D 467 33.89 19.33 34.37
CA VAL D 467 33.18 20.28 35.20
C VAL D 467 31.79 19.77 35.63
N ILE D 468 31.08 19.12 34.72
CA ILE D 468 29.79 18.51 35.04
C ILE D 468 29.89 17.60 36.26
N GLU D 469 31.11 17.12 36.53
CA GLU D 469 31.38 16.22 37.64
C GLU D 469 31.93 16.98 38.83
N ILE D 470 32.78 17.97 38.57
CA ILE D 470 33.36 18.84 39.60
C ILE D 470 32.27 19.56 40.38
N ALA D 471 31.22 19.98 39.68
CA ALA D 471 30.15 20.75 40.28
C ALA D 471 29.29 19.89 41.19
N ILE D 472 29.27 18.58 40.93
CA ILE D 472 28.33 17.66 41.55
C ILE D 472 28.98 16.79 42.61
N HIS D 473 30.13 16.20 42.27
CA HIS D 473 30.86 15.28 43.14
C HIS D 473 32.32 15.35 42.79
N ASP D 474 33.06 16.21 43.46
CA ASP D 474 34.44 16.48 43.07
C ASP D 474 35.45 15.52 43.69
N GLY D 475 36.50 15.20 42.93
CA GLY D 475 37.60 14.34 43.40
C GLY D 475 38.72 14.45 42.40
N PRO D 476 39.93 13.95 42.76
CA PRO D 476 41.12 14.10 41.88
C PRO D 476 40.92 13.57 40.45
N TYR D 477 39.91 12.71 40.28
CA TYR D 477 39.62 12.04 39.02
C TYR D 477 38.99 12.97 38.00
N ASN D 478 38.63 14.17 38.41
CA ASN D 478 37.97 15.12 37.51
C ASN D 478 38.95 16.04 36.78
N TYR D 479 40.24 15.93 37.10
CA TYR D 479 41.23 16.87 36.61
C TYR D 479 42.20 16.23 35.62
N ILE D 480 42.25 16.77 34.42
CA ILE D 480 43.00 16.19 33.32
C ILE D 480 44.17 17.06 32.86
N LYS D 481 45.10 16.46 32.14
CA LYS D 481 46.21 17.20 31.53
C LYS D 481 45.67 18.13 30.42
N ASN D 482 45.92 19.42 30.57
CA ASN D 482 45.54 20.39 29.56
C ASN D 482 46.35 20.19 28.27
N TRP D 483 45.74 20.47 27.12
CA TRP D 483 46.44 20.42 25.86
C TRP D 483 46.42 21.80 25.24
N ASP D 484 47.29 22.03 24.27
CA ASP D 484 47.16 23.17 23.38
C ASP D 484 46.23 22.74 22.23
N TYR D 485 44.93 22.82 22.49
CA TYR D 485 43.93 22.30 21.56
C TYR D 485 43.99 23.00 20.21
N ALA D 486 44.16 24.32 20.21
CA ALA D 486 44.30 25.07 18.97
C ALA D 486 45.52 24.60 18.17
N GLY D 487 46.63 24.36 18.85
CA GLY D 487 47.87 23.95 18.19
C GLY D 487 47.80 22.58 17.52
N LEU D 488 46.78 21.80 17.88
CA LEU D 488 46.64 20.44 17.39
C LEU D 488 46.26 20.41 15.90
N MET D 489 45.66 21.49 15.40
CA MET D 489 45.23 21.54 14.01
C MET D 489 46.38 21.48 13.02
N GLU D 490 47.43 22.27 13.26
CA GLU D 490 48.63 22.19 12.43
C GLU D 490 49.24 20.79 12.43
N VAL D 491 49.15 20.09 13.56
CA VAL D 491 49.67 18.72 13.65
C VAL D 491 48.93 17.84 12.63
N PHE D 492 47.61 17.91 12.60
CA PHE D 492 46.83 17.13 11.65
C PHE D 492 46.96 17.66 10.21
N ASN D 493 47.26 18.95 10.04
CA ASN D 493 47.50 19.49 8.71
C ASN D 493 48.75 18.90 8.07
N ALA D 494 49.86 18.91 8.82
CA ALA D 494 51.16 18.43 8.37
C ALA D 494 51.58 18.98 6.99
N GLY D 495 51.28 20.26 6.75
CA GLY D 495 51.58 20.90 5.46
C GLY D 495 50.64 20.56 4.30
N GLU D 496 49.65 19.71 4.54
CA GLU D 496 48.67 19.33 3.51
C GLU D 496 47.32 20.03 3.67
N GLY D 497 46.62 19.73 4.75
CA GLY D 497 45.24 20.16 4.94
C GLY D 497 44.97 21.63 5.22
N HIS D 498 43.69 21.96 5.30
CA HIS D 498 43.24 23.33 5.48
C HIS D 498 42.48 23.53 6.78
N GLY D 499 42.85 22.78 7.82
CA GLY D 499 42.30 23.00 9.14
C GLY D 499 42.86 24.25 9.80
N LEU D 500 42.02 24.89 10.63
CA LEU D 500 42.42 26.05 11.42
C LEU D 500 42.28 25.80 12.91
N GLY D 501 43.27 26.24 13.68
CA GLY D 501 43.19 26.21 15.14
C GLY D 501 43.34 27.60 15.74
N LEU D 502 42.31 28.03 16.48
CA LEU D 502 42.29 29.37 17.06
C LEU D 502 41.95 29.37 18.54
N LYS D 503 42.50 30.34 19.27
CA LYS D 503 42.17 30.54 20.69
C LYS D 503 41.18 31.69 20.81
N ALA D 504 40.14 31.49 21.62
CA ALA D 504 39.23 32.57 21.97
C ALA D 504 39.31 32.78 23.46
N THR D 505 39.69 33.98 23.87
CA THR D 505 40.03 34.26 25.25
C THR D 505 39.17 35.39 25.79
N THR D 506 38.61 36.16 24.88
CA THR D 506 37.69 37.27 25.18
C THR D 506 36.56 37.18 24.15
N PRO D 507 35.42 37.84 24.41
CA PRO D 507 34.33 37.90 23.42
C PRO D 507 34.73 38.53 22.09
N LYS D 508 35.62 39.52 22.12
CA LYS D 508 36.15 40.08 20.88
C LYS D 508 36.95 39.01 20.14
N GLU D 509 37.75 38.28 20.89
CA GLU D 509 38.63 37.30 20.29
C GLU D 509 37.84 36.14 19.70
N LEU D 510 36.68 35.87 20.27
CA LEU D 510 35.79 34.82 19.78
C LEU D 510 35.06 35.28 18.53
N THR D 511 34.66 36.56 18.51
CA THR D 511 33.95 37.13 17.38
C THR D 511 34.84 37.06 16.12
N GLU D 512 36.14 37.34 16.30
CA GLU D 512 37.11 37.25 15.22
C GLU D 512 37.32 35.81 14.77
N ALA D 513 37.35 34.89 15.72
CA ALA D 513 37.59 33.49 15.43
C ALA D 513 36.46 32.87 14.60
N ILE D 514 35.23 33.29 14.87
CA ILE D 514 34.06 32.79 14.15
C ILE D 514 34.06 33.32 12.71
N ALA D 515 34.48 34.58 12.54
CA ALA D 515 34.65 35.17 11.21
C ALA D 515 35.63 34.37 10.36
N ARG D 516 36.76 33.99 10.96
CA ARG D 516 37.79 33.19 10.30
C ARG D 516 37.23 31.82 9.95
N ALA D 517 36.44 31.26 10.87
CA ALA D 517 35.88 29.93 10.70
C ALA D 517 34.93 29.87 9.50
N LYS D 518 34.05 30.86 9.40
CA LYS D 518 33.08 30.92 8.31
C LYS D 518 33.81 31.00 6.98
N ALA D 519 34.97 31.65 6.97
CA ALA D 519 35.77 31.82 5.74
C ALA D 519 36.57 30.56 5.37
N ASN D 520 36.71 29.63 6.31
CA ASN D 520 37.50 28.44 6.08
C ASN D 520 36.64 27.35 5.45
N THR D 521 36.66 27.29 4.12
CA THR D 521 35.72 26.45 3.40
C THR D 521 36.24 25.03 3.10
N ARG D 522 37.54 24.79 3.33
CA ARG D 522 38.13 23.52 2.93
C ARG D 522 38.72 22.68 4.07
N GLY D 523 38.32 22.99 5.30
CA GLY D 523 38.77 22.25 6.47
C GLY D 523 38.05 22.66 7.74
N PRO D 524 38.18 21.84 8.80
CA PRO D 524 37.53 22.14 10.07
C PRO D 524 38.21 23.29 10.77
N THR D 525 37.45 24.00 11.59
CA THR D 525 37.99 25.06 12.42
C THR D 525 37.70 24.76 13.88
N LEU D 526 38.75 24.54 14.66
CA LEU D 526 38.63 24.37 16.09
C LEU D 526 38.92 25.69 16.80
N ILE D 527 37.94 26.15 17.56
CA ILE D 527 38.09 27.33 18.41
C ILE D 527 38.17 26.90 19.87
N GLU D 528 39.37 27.02 20.45
CA GLU D 528 39.58 26.70 21.85
C GLU D 528 39.09 27.86 22.66
N CYS D 529 37.90 27.73 23.22
CA CYS D 529 37.31 28.75 24.08
C CYS D 529 37.74 28.50 25.52
N GLN D 530 38.47 29.45 26.09
CA GLN D 530 38.88 29.36 27.47
C GLN D 530 37.91 30.08 28.40
N ILE D 531 37.28 29.31 29.26
CA ILE D 531 36.44 29.86 30.32
C ILE D 531 36.83 29.27 31.67
N ASP D 532 36.45 29.94 32.75
CA ASP D 532 36.81 29.47 34.08
C ASP D 532 36.03 28.23 34.44
N ARG D 533 36.69 27.36 35.21
CA ARG D 533 36.12 26.10 35.68
C ARG D 533 34.83 26.29 36.49
N THR D 534 34.68 27.46 37.09
CA THR D 534 33.61 27.77 38.00
C THR D 534 32.36 28.21 37.23
N ASP D 535 32.54 28.49 35.94
CA ASP D 535 31.55 29.17 35.10
C ASP D 535 30.69 28.19 34.27
N CYS D 536 29.90 27.38 34.95
CA CYS D 536 28.99 26.46 34.28
C CYS D 536 27.56 26.95 34.49
N THR D 537 26.62 26.33 33.81
CA THR D 537 25.23 26.74 33.91
C THR D 537 24.65 26.41 35.30
N ASP D 538 23.79 27.29 35.81
CA ASP D 538 23.00 26.99 37.02
C ASP D 538 22.15 25.74 36.77
N MET D 539 21.72 25.61 35.52
CA MET D 539 20.90 24.49 35.09
C MET D 539 21.60 23.18 35.42
N LEU D 540 22.90 23.09 35.10
CA LEU D 540 23.69 21.87 35.38
C LEU D 540 23.75 21.56 36.88
N VAL D 541 24.01 22.59 37.68
CA VAL D 541 24.12 22.41 39.13
C VAL D 541 22.80 21.88 39.71
N GLN D 542 21.69 22.55 39.40
CA GLN D 542 20.37 22.11 39.85
C GLN D 542 20.08 20.67 39.44
N TRP D 543 20.16 20.40 38.15
CA TRP D 543 19.91 19.05 37.60
C TRP D 543 20.82 18.02 38.24
N GLY D 544 22.11 18.31 38.30
CA GLY D 544 23.11 17.40 38.84
C GLY D 544 22.90 16.99 40.27
N ARG D 545 22.65 17.96 41.15
CA ARG D 545 22.40 17.67 42.56
C ARG D 545 21.29 16.64 42.78
N LYS D 546 20.17 16.78 42.05
CA LYS D 546 19.03 15.89 42.23
C LYS D 546 19.33 14.50 41.69
N VAL D 547 19.93 14.47 40.50
CA VAL D 547 20.26 13.20 39.84
C VAL D 547 21.27 12.42 40.67
N ALA D 548 22.34 13.08 41.11
CA ALA D 548 23.38 12.41 41.90
C ALA D 548 22.86 11.86 43.23
N SER D 549 21.99 12.60 43.92
CA SER D 549 21.45 12.12 45.19
C SER D 549 20.49 10.96 44.98
N THR D 550 19.84 10.93 43.82
CA THR D 550 18.96 9.80 43.48
C THR D 550 19.74 8.53 43.12
N ASN D 551 20.82 8.67 42.35
CA ASN D 551 21.71 7.55 42.07
C ASN D 551 22.47 7.01 43.28
N ALA D 552 22.59 7.82 44.33
CA ALA D 552 23.29 7.40 45.54
C ALA D 552 22.33 6.91 46.62
N ARG D 553 21.04 6.91 46.30
CA ARG D 553 19.96 6.51 47.20
C ARG D 553 20.25 5.13 47.83
N LYS D 554 20.01 5.00 49.13
CA LYS D 554 20.27 3.73 49.83
C LYS D 554 19.07 2.77 49.93
N THR D 555 17.85 3.30 49.82
CA THR D 555 16.63 2.45 49.90
C THR D 555 15.74 2.51 48.65
N THR E 2 -59.27 -2.04 -36.39
CA THR E 2 -58.52 -1.31 -35.31
C THR E 2 -57.10 -0.87 -35.70
N TYR E 3 -56.92 0.44 -35.86
CA TYR E 3 -55.75 1.02 -36.53
C TYR E 3 -54.67 1.49 -35.54
N THR E 4 -53.46 0.97 -35.69
CA THR E 4 -52.41 1.19 -34.69
C THR E 4 -51.31 2.16 -35.15
N VAL E 5 -50.50 2.58 -34.19
CA VAL E 5 -49.36 3.46 -34.42
C VAL E 5 -48.44 2.86 -35.46
N GLY E 6 -48.15 1.56 -35.37
CA GLY E 6 -47.27 0.89 -36.33
C GLY E 6 -47.83 0.89 -37.75
N MET E 7 -49.15 0.77 -37.85
CA MET E 7 -49.80 0.84 -39.15
C MET E 7 -49.70 2.23 -39.75
N TYR E 8 -49.75 3.24 -38.89
CA TYR E 8 -49.64 4.63 -39.33
C TYR E 8 -48.25 4.86 -39.95
N LEU E 9 -47.23 4.34 -39.27
CA LEU E 9 -45.87 4.42 -39.76
C LEU E 9 -45.78 3.75 -41.12
N ALA E 10 -46.41 2.60 -41.24
CA ALA E 10 -46.32 1.78 -42.44
C ALA E 10 -46.89 2.54 -43.62
N GLU E 11 -48.06 3.12 -43.42
CA GLU E 11 -48.78 3.81 -44.49
C GLU E 11 -48.04 5.06 -44.96
N ARG E 12 -47.36 5.73 -44.02
CA ARG E 12 -46.51 6.89 -44.35
C ARG E 12 -45.28 6.48 -45.16
N LEU E 13 -44.66 5.37 -44.78
CA LEU E 13 -43.54 4.84 -45.53
C LEU E 13 -43.96 4.50 -46.96
N VAL E 14 -45.13 3.90 -47.11
CA VAL E 14 -45.66 3.60 -48.43
C VAL E 14 -45.87 4.88 -49.27
N GLN E 15 -46.36 5.94 -48.63
CA GLN E 15 -46.57 7.24 -49.26
C GLN E 15 -45.26 7.89 -49.70
N ILE E 16 -44.15 7.58 -49.02
CA ILE E 16 -42.84 8.04 -49.47
C ILE E 16 -42.54 7.45 -50.86
N GLY E 17 -43.04 6.25 -51.11
CA GLY E 17 -42.76 5.54 -52.34
C GLY E 17 -41.91 4.32 -52.11
N LEU E 18 -41.79 3.92 -50.85
CA LEU E 18 -41.07 2.71 -50.48
C LEU E 18 -41.90 1.48 -50.87
N LYS E 19 -41.23 0.46 -51.37
CA LYS E 19 -41.86 -0.84 -51.60
C LYS E 19 -41.23 -1.92 -50.68
N HIS E 20 -40.21 -1.52 -49.94
CA HIS E 20 -39.48 -2.42 -49.06
C HIS E 20 -38.98 -1.65 -47.84
N HIS E 21 -38.87 -2.36 -46.73
CA HIS E 21 -38.10 -1.89 -45.60
C HIS E 21 -37.29 -3.06 -45.08
N PHE E 22 -36.17 -2.74 -44.45
CA PHE E 22 -35.23 -3.74 -43.98
C PHE E 22 -35.29 -3.83 -42.46
N ALA E 23 -35.11 -5.03 -41.92
CA ALA E 23 -35.28 -5.27 -40.48
C ALA E 23 -34.40 -6.38 -39.93
N VAL E 24 -34.03 -6.25 -38.67
CA VAL E 24 -33.52 -7.36 -37.87
C VAL E 24 -34.38 -7.44 -36.62
N ALA E 25 -34.97 -8.60 -36.39
CA ALA E 25 -35.87 -8.81 -35.25
C ALA E 25 -35.19 -8.67 -33.91
N GLY E 26 -35.92 -8.13 -32.94
CA GLY E 26 -35.52 -8.13 -31.54
C GLY E 26 -36.79 -7.98 -30.71
N ASP E 27 -36.77 -8.42 -29.46
CA ASP E 27 -37.98 -8.34 -28.64
C ASP E 27 -38.58 -6.93 -28.54
N TYR E 28 -37.76 -5.89 -28.52
CA TYR E 28 -38.24 -4.50 -28.48
C TYR E 28 -38.96 -4.03 -29.76
N ASN E 29 -38.90 -4.80 -30.83
CA ASN E 29 -39.51 -4.39 -32.11
C ASN E 29 -40.43 -5.39 -32.79
N LEU E 30 -40.64 -6.55 -32.18
CA LEU E 30 -41.47 -7.59 -32.79
C LEU E 30 -42.90 -7.13 -33.07
N VAL E 31 -43.55 -6.50 -32.10
CA VAL E 31 -44.90 -6.03 -32.30
C VAL E 31 -44.92 -4.98 -33.41
N LEU E 32 -43.92 -4.12 -33.42
CA LEU E 32 -43.82 -3.10 -34.48
C LEU E 32 -43.70 -3.74 -35.86
N LEU E 33 -42.82 -4.73 -35.98
CA LEU E 33 -42.70 -5.53 -37.20
C LEU E 33 -44.04 -6.16 -37.62
N ASP E 34 -44.81 -6.66 -36.65
CA ASP E 34 -46.13 -7.23 -36.93
C ASP E 34 -47.06 -6.19 -37.55
N GLN E 35 -47.03 -4.97 -37.01
CA GLN E 35 -47.84 -3.88 -37.55
C GLN E 35 -47.45 -3.56 -38.98
N LEU E 36 -46.15 -3.51 -39.24
CA LEU E 36 -45.65 -3.20 -40.59
C LEU E 36 -46.03 -4.28 -41.61
N LEU E 37 -46.04 -5.55 -41.17
CA LEU E 37 -46.35 -6.65 -42.05
C LEU E 37 -47.79 -6.62 -42.53
N LEU E 38 -48.66 -5.91 -41.82
CA LEU E 38 -50.08 -5.84 -42.19
C LEU E 38 -50.31 -4.97 -43.42
N ASN E 39 -49.28 -4.24 -43.83
CA ASN E 39 -49.37 -3.40 -45.01
C ASN E 39 -48.83 -4.16 -46.23
N LYS E 40 -49.75 -4.56 -47.11
CA LYS E 40 -49.38 -5.36 -48.27
C LYS E 40 -48.76 -4.55 -49.40
N ASP E 41 -48.65 -3.23 -49.23
CA ASP E 41 -48.06 -2.38 -50.25
C ASP E 41 -46.53 -2.35 -50.19
N MET E 42 -45.96 -2.99 -49.16
CA MET E 42 -44.51 -3.17 -49.11
C MET E 42 -44.09 -4.51 -48.54
N LYS E 43 -42.84 -4.91 -48.79
CA LYS E 43 -42.29 -6.16 -48.27
C LYS E 43 -41.27 -5.88 -47.18
N GLN E 44 -41.30 -6.70 -46.15
CA GLN E 44 -40.36 -6.58 -45.06
C GLN E 44 -39.26 -7.57 -45.37
N ILE E 45 -38.02 -7.10 -45.51
CA ILE E 45 -36.94 -8.04 -45.79
C ILE E 45 -35.89 -8.03 -44.69
N TYR E 46 -35.21 -9.16 -44.50
CA TYR E 46 -34.37 -9.32 -43.31
C TYR E 46 -32.89 -9.37 -43.58
N CYS E 47 -32.10 -8.85 -42.63
CA CYS E 47 -30.65 -8.81 -42.76
C CYS E 47 -29.94 -9.58 -41.67
N CYS E 48 -28.66 -9.88 -41.90
CA CYS E 48 -27.84 -10.68 -40.97
C CYS E 48 -27.55 -9.89 -39.72
N ASN E 49 -27.02 -8.68 -39.91
CA ASN E 49 -26.74 -7.79 -38.79
C ASN E 49 -27.18 -6.37 -39.10
N GLU E 50 -27.16 -5.55 -38.06
CA GLU E 50 -27.72 -4.19 -38.13
C GLU E 50 -26.84 -3.20 -38.90
N LEU E 51 -25.53 -3.44 -38.94
CA LEU E 51 -24.67 -2.60 -39.77
C LEU E 51 -25.06 -2.81 -41.23
N ASN E 52 -25.16 -4.08 -41.64
CA ASN E 52 -25.57 -4.42 -42.99
C ASN E 52 -26.99 -3.96 -43.29
N CYS E 53 -27.85 -4.05 -42.29
CA CYS E 53 -29.23 -3.62 -42.40
C CYS E 53 -29.30 -2.15 -42.79
N GLY E 54 -28.57 -1.30 -42.06
CA GLY E 54 -28.48 0.12 -42.34
C GLY E 54 -27.89 0.44 -43.70
N PHE E 55 -26.80 -0.23 -44.06
CA PHE E 55 -26.21 -0.09 -45.40
C PHE E 55 -27.10 -0.62 -46.53
N SER E 56 -27.91 -1.63 -46.25
CA SER E 56 -28.91 -2.09 -47.23
C SER E 56 -29.92 -0.96 -47.48
N ALA E 57 -30.36 -0.31 -46.41
CA ALA E 57 -31.30 0.80 -46.54
C ALA E 57 -30.65 1.93 -47.35
N GLU E 58 -29.37 2.20 -47.04
CA GLU E 58 -28.60 3.23 -47.76
C GLU E 58 -28.59 2.96 -49.26
N GLY E 59 -28.26 1.73 -49.63
CA GLY E 59 -28.29 1.30 -51.02
C GLY E 59 -29.64 1.45 -51.68
N TYR E 60 -30.70 1.06 -50.97
CA TYR E 60 -32.08 1.22 -51.44
C TYR E 60 -32.45 2.69 -51.71
N ALA E 61 -32.00 3.58 -50.84
CA ALA E 61 -32.25 5.01 -50.99
C ALA E 61 -31.68 5.54 -52.31
N ARG E 62 -30.49 5.02 -52.67
CA ARG E 62 -29.82 5.39 -53.91
C ARG E 62 -30.68 5.15 -55.15
N SER E 63 -31.41 4.04 -55.18
CA SER E 63 -32.21 3.71 -56.35
C SER E 63 -33.68 4.11 -56.21
N ASN E 64 -34.19 4.11 -55.00
CA ASN E 64 -35.57 4.45 -54.77
C ASN E 64 -35.81 5.94 -54.43
N GLY E 65 -34.88 6.55 -53.70
CA GLY E 65 -35.04 7.95 -53.32
C GLY E 65 -35.02 8.12 -51.81
N ALA E 66 -35.52 7.11 -51.09
CA ALA E 66 -35.49 7.06 -49.62
C ALA E 66 -35.52 5.59 -49.17
N ALA E 67 -35.35 5.34 -47.87
CA ALA E 67 -35.41 3.98 -47.34
C ALA E 67 -35.72 3.94 -45.84
N ALA E 68 -36.01 2.75 -45.33
CA ALA E 68 -36.29 2.58 -43.91
C ALA E 68 -35.72 1.27 -43.40
N ALA E 69 -35.11 1.32 -42.22
CA ALA E 69 -34.60 0.15 -41.53
C ALA E 69 -35.17 0.09 -40.11
N VAL E 70 -35.51 -1.11 -39.66
CA VAL E 70 -36.07 -1.29 -38.33
C VAL E 70 -35.19 -2.19 -37.48
N VAL E 71 -34.72 -1.66 -36.36
CA VAL E 71 -33.81 -2.41 -35.51
C VAL E 71 -34.27 -2.46 -34.06
N THR E 72 -33.56 -3.23 -33.23
CA THR E 72 -33.87 -3.27 -31.81
C THR E 72 -32.97 -2.29 -31.04
N PHE E 73 -33.39 -1.94 -29.84
CA PHE E 73 -32.71 -0.93 -29.02
C PHE E 73 -31.24 -1.25 -28.67
N SER E 74 -30.39 -0.23 -28.74
CA SER E 74 -28.95 -0.28 -28.43
C SER E 74 -28.11 -1.26 -29.24
N VAL E 75 -28.27 -2.55 -28.95
CA VAL E 75 -27.47 -3.59 -29.59
C VAL E 75 -27.65 -3.57 -31.11
N GLY E 76 -28.86 -3.26 -31.55
CA GLY E 76 -29.10 -3.05 -32.97
C GLY E 76 -28.81 -1.62 -33.43
N ALA E 77 -29.39 -0.66 -32.72
CA ALA E 77 -29.38 0.74 -33.15
C ALA E 77 -27.98 1.36 -33.27
N ILE E 78 -27.11 1.06 -32.31
CA ILE E 78 -25.81 1.72 -32.31
C ILE E 78 -25.03 1.39 -33.57
N SER E 79 -24.97 0.13 -33.97
CA SER E 79 -24.18 -0.19 -35.16
C SER E 79 -24.86 0.33 -36.40
N ALA E 80 -26.19 0.40 -36.38
CA ALA E 80 -26.92 1.02 -37.50
C ALA E 80 -26.63 2.51 -37.61
N MET E 81 -26.24 3.15 -36.51
CA MET E 81 -25.84 4.57 -36.52
C MET E 81 -24.61 4.84 -37.40
N ASN E 82 -23.79 3.82 -37.62
CA ASN E 82 -22.67 3.94 -38.52
C ASN E 82 -23.21 4.15 -39.91
N ALA E 83 -24.20 3.35 -40.27
CA ALA E 83 -24.88 3.47 -41.57
C ALA E 83 -25.65 4.78 -41.69
N LEU E 84 -26.29 5.21 -40.59
CA LEU E 84 -26.96 6.51 -40.56
C LEU E 84 -26.01 7.65 -40.88
N GLY E 85 -24.86 7.68 -40.21
CA GLY E 85 -23.81 8.65 -40.46
C GLY E 85 -23.40 8.61 -41.92
N GLY E 86 -23.30 7.38 -42.44
CA GLY E 86 -23.04 7.17 -43.85
C GLY E 86 -24.09 7.82 -44.74
N ALA E 87 -25.37 7.65 -44.39
CA ALA E 87 -26.44 8.24 -45.16
C ALA E 87 -26.38 9.76 -45.11
N TYR E 88 -26.05 10.33 -43.95
CA TYR E 88 -25.86 11.76 -43.80
C TYR E 88 -24.74 12.25 -44.73
N ALA E 89 -23.61 11.55 -44.69
CA ALA E 89 -22.47 11.87 -45.50
C ALA E 89 -22.77 11.81 -46.99
N GLU E 90 -23.63 10.88 -47.40
CA GLU E 90 -23.92 10.65 -48.81
C GLU E 90 -25.26 11.24 -49.21
N ASN E 91 -25.82 12.12 -48.38
CA ASN E 91 -27.06 12.85 -48.68
C ASN E 91 -28.28 12.00 -49.06
N LEU E 92 -28.54 10.97 -48.25
CA LEU E 92 -29.62 10.01 -48.51
C LEU E 92 -30.57 9.93 -47.33
N PRO E 93 -31.88 10.15 -47.58
CA PRO E 93 -32.90 10.10 -46.52
C PRO E 93 -33.29 8.67 -46.10
N VAL E 94 -32.43 8.04 -45.30
CA VAL E 94 -32.75 6.78 -44.67
C VAL E 94 -33.46 7.09 -43.35
N ILE E 95 -34.54 6.40 -43.05
CA ILE E 95 -35.18 6.52 -41.76
C ILE E 95 -34.89 5.27 -40.92
N LEU E 96 -34.19 5.46 -39.80
CA LEU E 96 -33.92 4.36 -38.90
C LEU E 96 -34.96 4.33 -37.80
N ILE E 97 -35.70 3.23 -37.71
CA ILE E 97 -36.68 3.10 -36.64
C ILE E 97 -36.19 2.07 -35.64
N SER E 98 -36.01 2.47 -34.40
CA SER E 98 -35.62 1.53 -33.37
C SER E 98 -36.79 1.13 -32.46
N GLY E 99 -36.81 -0.14 -32.06
CA GLY E 99 -37.68 -0.57 -30.98
C GLY E 99 -37.15 0.10 -29.73
N ALA E 100 -38.00 0.33 -28.75
CA ALA E 100 -37.57 0.95 -27.51
C ALA E 100 -38.29 0.34 -26.31
N PRO E 101 -37.72 0.50 -25.10
CA PRO E 101 -38.35 -0.04 -23.88
C PRO E 101 -39.80 0.37 -23.68
N ASN E 102 -40.53 -0.45 -22.93
CA ASN E 102 -41.91 -0.19 -22.57
C ASN E 102 -42.03 1.19 -21.92
N SER E 103 -43.00 1.98 -22.36
CA SER E 103 -43.14 3.33 -21.84
C SER E 103 -43.41 3.36 -20.32
N ASN E 104 -43.98 2.28 -19.79
CA ASN E 104 -44.24 2.20 -18.35
C ASN E 104 -42.98 2.00 -17.51
N ASP E 105 -41.86 1.71 -18.17
CA ASP E 105 -40.56 1.54 -17.49
C ASP E 105 -39.88 2.88 -17.26
N GLN E 106 -40.32 3.88 -18.01
CA GLN E 106 -39.74 5.19 -17.95
C GLN E 106 -39.94 5.84 -16.60
N GLY E 107 -38.85 6.34 -16.03
CA GLY E 107 -38.88 7.02 -14.75
C GLY E 107 -39.13 6.14 -13.53
N THR E 108 -38.96 4.82 -13.66
CA THR E 108 -39.21 3.91 -12.54
C THR E 108 -37.93 3.50 -11.83
N GLY E 109 -36.79 3.75 -12.49
CA GLY E 109 -35.50 3.29 -11.98
C GLY E 109 -35.18 1.85 -12.35
N HIS E 110 -36.04 1.22 -13.16
CA HIS E 110 -35.78 -0.11 -13.67
C HIS E 110 -34.56 -0.16 -14.57
N ILE E 111 -33.70 -1.16 -14.38
CA ILE E 111 -32.61 -1.42 -15.32
C ILE E 111 -33.14 -2.39 -16.38
N LEU E 112 -32.92 -2.08 -17.65
CA LEU E 112 -33.43 -2.89 -18.73
C LEU E 112 -32.34 -3.57 -19.57
N HIS E 113 -32.68 -4.72 -20.16
CA HIS E 113 -31.74 -5.41 -21.04
C HIS E 113 -31.44 -4.59 -22.30
N HIS E 114 -30.28 -4.83 -22.89
CA HIS E 114 -29.78 -4.04 -24.02
C HIS E 114 -29.51 -2.58 -23.64
N THR E 115 -29.29 -2.31 -22.37
CA THR E 115 -28.86 -0.96 -21.97
C THR E 115 -27.53 -1.06 -21.27
N ILE E 116 -26.91 0.09 -21.04
CA ILE E 116 -25.59 0.11 -20.40
C ILE E 116 -25.67 -0.15 -18.91
N GLY E 117 -26.88 -0.36 -18.39
CA GLY E 117 -27.08 -0.79 -17.00
C GLY E 117 -27.44 0.29 -16.00
N LYS E 118 -27.62 1.51 -16.50
CA LYS E 118 -28.03 2.62 -15.65
C LYS E 118 -29.54 2.70 -15.63
N THR E 119 -30.09 3.53 -14.74
CA THR E 119 -31.53 3.64 -14.53
C THR E 119 -32.25 4.37 -15.67
N ASP E 120 -31.53 5.19 -16.43
CA ASP E 120 -32.15 5.86 -17.57
C ASP E 120 -31.48 5.36 -18.85
N TYR E 121 -32.09 5.66 -20.00
CA TYR E 121 -31.61 5.09 -21.26
C TYR E 121 -31.93 6.00 -22.43
N SER E 122 -31.84 7.31 -22.17
CA SER E 122 -31.97 8.33 -23.19
C SER E 122 -30.66 8.54 -23.93
N TYR E 123 -29.66 7.69 -23.64
CA TYR E 123 -28.37 7.82 -24.32
C TYR E 123 -28.45 7.54 -25.82
N GLN E 124 -29.31 6.61 -26.21
CA GLN E 124 -29.46 6.26 -27.62
C GLN E 124 -29.93 7.44 -28.49
N LEU E 125 -30.96 8.14 -28.03
CA LEU E 125 -31.48 9.28 -28.77
C LEU E 125 -30.44 10.39 -28.87
N GLU E 126 -29.67 10.58 -27.81
CA GLU E 126 -28.62 11.59 -27.82
C GLU E 126 -27.55 11.25 -28.86
N MET E 127 -27.22 9.98 -28.98
CA MET E 127 -26.25 9.55 -29.97
C MET E 127 -26.79 9.72 -31.39
N ALA E 128 -28.07 9.38 -31.58
CA ALA E 128 -28.69 9.49 -32.90
C ALA E 128 -28.75 10.93 -33.42
N ARG E 129 -28.97 11.89 -32.51
CA ARG E 129 -29.03 13.29 -32.91
C ARG E 129 -27.76 13.79 -33.60
N GLN E 130 -26.63 13.24 -33.15
CA GLN E 130 -25.31 13.53 -33.73
C GLN E 130 -25.19 13.24 -35.23
N VAL E 131 -25.95 12.26 -35.73
CA VAL E 131 -25.83 11.85 -37.13
C VAL E 131 -27.14 11.92 -37.95
N THR E 132 -28.08 12.77 -37.54
CA THR E 132 -29.39 12.87 -38.21
C THR E 132 -29.85 14.31 -38.32
N CYS E 133 -30.82 14.57 -39.19
CA CYS E 133 -31.42 15.89 -39.31
C CYS E 133 -32.67 16.00 -38.43
N ALA E 134 -33.17 14.86 -37.95
CA ALA E 134 -34.35 14.79 -37.08
C ALA E 134 -34.31 13.49 -36.29
N ALA E 135 -34.74 13.56 -35.03
CA ALA E 135 -34.69 12.40 -34.15
C ALA E 135 -35.78 12.55 -33.11
N GLU E 136 -36.72 11.60 -33.09
CA GLU E 136 -37.84 11.64 -32.17
C GLU E 136 -38.00 10.32 -31.46
N SER E 137 -38.53 10.39 -30.25
CA SER E 137 -38.78 9.22 -29.44
C SER E 137 -40.28 9.12 -29.16
N ILE E 138 -40.93 8.09 -29.68
CA ILE E 138 -42.39 7.95 -29.48
C ILE E 138 -42.66 7.16 -28.23
N THR E 139 -43.40 7.76 -27.31
CA THR E 139 -43.61 7.18 -25.99
C THR E 139 -45.09 7.23 -25.58
N ASP E 140 -45.93 7.76 -26.48
CA ASP E 140 -47.39 7.78 -26.33
C ASP E 140 -48.03 7.81 -27.73
N ALA E 141 -49.26 7.31 -27.84
CA ALA E 141 -49.92 7.21 -29.14
C ALA E 141 -50.37 8.55 -29.72
N HIS E 142 -50.72 9.49 -28.84
CA HIS E 142 -51.28 10.77 -29.26
CA HIS E 142 -51.28 10.80 -29.24
C HIS E 142 -50.28 11.65 -30.02
N SER E 143 -49.04 11.70 -29.56
CA SER E 143 -48.04 12.53 -30.21
C SER E 143 -47.32 11.80 -31.34
N ALA E 144 -47.61 10.51 -31.49
CA ALA E 144 -46.93 9.68 -32.51
C ALA E 144 -47.06 10.19 -33.95
N PRO E 145 -48.29 10.48 -34.41
CA PRO E 145 -48.42 11.04 -35.76
C PRO E 145 -47.53 12.25 -36.05
N ALA E 146 -47.56 13.25 -35.18
CA ALA E 146 -46.79 14.48 -35.38
C ALA E 146 -45.29 14.19 -35.49
N LYS E 147 -44.79 13.32 -34.63
CA LYS E 147 -43.39 12.91 -34.64
C LYS E 147 -43.00 12.15 -35.90
N ILE E 148 -43.80 11.17 -36.29
CA ILE E 148 -43.56 10.37 -37.50
C ILE E 148 -43.52 11.28 -38.74
N ASP E 149 -44.53 12.13 -38.87
CA ASP E 149 -44.61 13.06 -39.99
C ASP E 149 -43.43 14.04 -40.01
N HIS E 150 -43.01 14.51 -38.83
CA HIS E 150 -41.86 15.39 -38.72
C HIS E 150 -40.56 14.76 -39.21
N VAL E 151 -40.23 13.55 -38.73
CA VAL E 151 -38.96 12.94 -39.18
C VAL E 151 -38.95 12.63 -40.68
N ILE E 152 -40.06 12.08 -41.19
CA ILE E 152 -40.16 11.77 -42.62
C ILE E 152 -40.05 13.02 -43.51
N ARG E 153 -40.84 14.04 -43.20
CA ARG E 153 -40.83 15.25 -44.02
C ARG E 153 -39.47 15.95 -43.97
N THR E 154 -38.85 15.99 -42.78
CA THR E 154 -37.54 16.63 -42.62
C THR E 154 -36.48 15.88 -43.42
N ALA E 155 -36.49 14.56 -43.31
CA ALA E 155 -35.55 13.70 -44.02
C ALA E 155 -35.62 13.96 -45.52
N LEU E 156 -36.83 13.91 -46.07
CA LEU E 156 -37.02 14.07 -47.50
C LEU E 156 -36.64 15.46 -48.00
N ARG E 157 -37.02 16.49 -47.26
CA ARG E 157 -36.69 17.88 -47.63
C ARG E 157 -35.18 18.14 -47.63
N GLU E 158 -34.50 17.64 -46.61
CA GLU E 158 -33.08 17.90 -46.44
C GLU E 158 -32.18 16.88 -47.10
N ARG E 159 -32.75 15.77 -47.58
CA ARG E 159 -31.96 14.66 -48.11
C ARG E 159 -30.92 14.23 -47.08
N LYS E 160 -31.40 13.98 -45.86
CA LYS E 160 -30.58 13.52 -44.76
C LYS E 160 -31.35 12.45 -44.02
N PRO E 161 -30.65 11.55 -43.31
CA PRO E 161 -31.36 10.51 -42.56
C PRO E 161 -32.01 11.05 -41.30
N ALA E 162 -32.97 10.30 -40.79
CA ALA E 162 -33.66 10.65 -39.54
C ALA E 162 -33.86 9.42 -38.66
N TYR E 163 -34.18 9.64 -37.39
CA TYR E 163 -34.28 8.54 -36.42
C TYR E 163 -35.61 8.52 -35.69
N LEU E 164 -36.14 7.32 -35.47
CA LEU E 164 -37.35 7.13 -34.69
C LEU E 164 -37.25 6.07 -33.62
N ASP E 165 -37.75 6.40 -32.43
CA ASP E 165 -38.00 5.44 -31.35
C ASP E 165 -39.45 5.13 -31.29
N ILE E 166 -39.78 3.86 -31.15
CA ILE E 166 -41.14 3.52 -30.72
C ILE E 166 -41.05 2.57 -29.53
N ALA E 167 -41.59 3.01 -28.40
CA ALA E 167 -41.77 2.15 -27.23
C ALA E 167 -42.56 0.92 -27.66
N CYS E 168 -42.06 -0.26 -27.28
CA CYS E 168 -42.62 -1.53 -27.73
C CYS E 168 -44.11 -1.69 -27.44
N ASN E 169 -44.56 -1.19 -26.29
CA ASN E 169 -45.97 -1.28 -25.91
C ASN E 169 -46.83 -0.29 -26.67
N ILE E 170 -46.22 0.62 -27.39
CA ILE E 170 -47.00 1.64 -28.10
C ILE E 170 -47.25 1.35 -29.57
N ALA E 171 -46.44 0.50 -30.17
CA ALA E 171 -46.66 0.06 -31.54
C ALA E 171 -48.09 -0.48 -31.81
N SER E 172 -48.70 -1.12 -30.80
CA SER E 172 -50.05 -1.71 -30.84
C SER E 172 -51.16 -0.72 -30.55
N GLU E 173 -50.82 0.46 -30.04
CA GLU E 173 -51.84 1.38 -29.53
C GLU E 173 -52.70 1.99 -30.64
N PRO E 174 -54.00 2.23 -30.35
CA PRO E 174 -54.87 2.86 -31.34
C PRO E 174 -54.31 4.20 -31.77
N CYS E 175 -54.55 4.57 -33.02
CA CYS E 175 -53.95 5.76 -33.59
C CYS E 175 -54.86 6.29 -34.70
N VAL E 176 -54.85 7.61 -34.89
CA VAL E 176 -55.54 8.20 -36.05
C VAL E 176 -54.87 7.74 -37.35
N ARG E 177 -55.60 7.85 -38.47
CA ARG E 177 -55.09 7.41 -39.75
C ARG E 177 -54.46 8.59 -40.47
N PRO E 178 -53.42 8.32 -41.29
CA PRO E 178 -52.81 9.40 -42.07
C PRO E 178 -53.68 9.82 -43.27
N GLY E 179 -53.72 11.11 -43.56
CA GLY E 179 -54.52 11.62 -44.67
C GLY E 179 -53.80 11.46 -46.01
N PRO E 180 -54.52 11.67 -47.11
CA PRO E 180 -53.94 11.60 -48.45
C PRO E 180 -52.99 12.76 -48.68
N VAL E 181 -51.94 12.53 -49.46
CA VAL E 181 -50.98 13.58 -49.76
C VAL E 181 -50.64 13.63 -51.23
N SER E 182 -50.28 14.82 -51.69
CA SER E 182 -49.68 15.01 -53.02
C SER E 182 -48.32 14.30 -53.07
N SER E 183 -47.51 14.61 -52.07
CA SER E 183 -46.17 14.06 -51.90
C SER E 183 -45.75 14.34 -50.47
N LEU E 184 -44.87 13.51 -49.93
CA LEU E 184 -44.33 13.76 -48.61
C LEU E 184 -43.11 14.66 -48.69
N LEU E 185 -42.66 14.94 -49.91
CA LEU E 185 -41.60 15.91 -50.14
C LEU E 185 -42.18 17.30 -50.40
N SER E 186 -41.77 18.26 -49.58
CA SER E 186 -42.12 19.65 -49.83
C SER E 186 -40.94 20.56 -49.49
N GLU E 187 -40.33 21.13 -50.55
CA GLU E 187 -39.28 22.13 -50.41
C GLU E 187 -39.88 23.47 -49.96
N PRO E 188 -39.06 24.37 -49.39
CA PRO E 188 -39.61 25.69 -49.05
C PRO E 188 -39.97 26.50 -50.28
N GLU E 189 -41.01 27.32 -50.17
CA GLU E 189 -41.46 28.09 -51.33
C GLU E 189 -40.30 28.97 -51.82
N ILE E 190 -40.14 29.04 -53.14
CA ILE E 190 -38.97 29.67 -53.73
C ILE E 190 -39.07 31.19 -53.67
N ASP E 191 -37.94 31.84 -53.32
CA ASP E 191 -37.83 33.32 -53.26
C ASP E 191 -37.49 33.89 -54.64
N HIS E 192 -38.49 34.51 -55.26
CA HIS E 192 -38.35 34.94 -56.64
C HIS E 192 -37.42 36.13 -56.86
N THR E 193 -37.35 37.02 -55.87
CA THR E 193 -36.42 38.15 -55.92
C THR E 193 -34.98 37.64 -55.97
N SER E 194 -34.67 36.70 -55.09
CA SER E 194 -33.33 36.13 -55.02
C SER E 194 -32.95 35.29 -56.24
N LEU E 195 -33.87 34.45 -56.72
CA LEU E 195 -33.64 33.66 -57.92
C LEU E 195 -33.29 34.56 -59.12
N LYS E 196 -34.09 35.60 -59.34
CA LYS E 196 -33.92 36.48 -60.48
C LYS E 196 -32.55 37.14 -60.42
N ALA E 197 -32.15 37.61 -59.24
CA ALA E 197 -30.88 38.31 -59.07
C ALA E 197 -29.68 37.39 -59.29
N ALA E 198 -29.79 36.14 -58.84
CA ALA E 198 -28.75 35.14 -59.00
C ALA E 198 -28.57 34.73 -60.44
N VAL E 199 -29.67 34.53 -61.15
CA VAL E 199 -29.63 34.19 -62.57
C VAL E 199 -29.06 35.35 -63.38
N ASP E 200 -29.56 36.56 -63.14
CA ASP E 200 -29.05 37.76 -63.78
C ASP E 200 -27.56 37.93 -63.58
N ALA E 201 -27.08 37.74 -62.34
CA ALA E 201 -25.65 37.89 -62.04
C ALA E 201 -24.82 36.81 -62.74
N THR E 202 -25.39 35.59 -62.79
CA THR E 202 -24.79 34.42 -63.44
C THR E 202 -24.87 34.43 -64.97
N VAL E 203 -25.99 34.88 -65.52
CA VAL E 203 -26.11 35.04 -66.96
C VAL E 203 -25.12 36.12 -67.42
N ALA E 204 -25.14 37.26 -66.75
CA ALA E 204 -24.22 38.36 -67.03
C ALA E 204 -22.78 37.86 -67.00
N LEU E 205 -22.40 37.15 -65.95
CA LEU E 205 -21.05 36.61 -65.89
C LEU E 205 -20.78 35.66 -67.05
N LEU E 206 -21.72 34.76 -67.35
CA LEU E 206 -21.58 33.86 -68.50
C LEU E 206 -21.51 34.62 -69.83
N GLU E 207 -22.30 35.67 -69.97
CA GLU E 207 -22.29 36.43 -71.19
C GLU E 207 -20.89 36.97 -71.45
N LYS E 208 -20.31 37.67 -70.49
CA LYS E 208 -18.97 38.21 -70.67
C LYS E 208 -17.82 37.21 -70.47
N SER E 209 -18.12 35.91 -70.38
CA SER E 209 -17.07 34.89 -70.39
C SER E 209 -16.58 34.57 -71.80
N ALA E 210 -15.34 34.09 -71.85
CA ALA E 210 -14.77 33.60 -73.09
C ALA E 210 -14.83 32.08 -73.10
N SER E 211 -14.31 31.44 -72.05
CA SER E 211 -14.40 30.00 -71.96
C SER E 211 -14.83 29.44 -70.60
N PRO E 212 -16.15 29.39 -70.36
CA PRO E 212 -16.73 28.82 -69.17
C PRO E 212 -16.64 27.31 -69.19
N VAL E 213 -16.41 26.72 -68.02
CA VAL E 213 -16.41 25.28 -67.87
C VAL E 213 -17.45 24.89 -66.81
N MET E 214 -18.09 23.74 -67.00
CA MET E 214 -18.95 23.16 -65.97
C MET E 214 -18.21 22.04 -65.21
N LEU E 215 -18.27 22.11 -63.88
CA LEU E 215 -17.69 21.07 -63.03
C LEU E 215 -18.77 20.52 -62.12
N LEU E 216 -19.06 19.24 -62.25
CA LEU E 216 -20.19 18.62 -61.57
C LEU E 216 -19.77 17.86 -60.31
N GLY E 217 -20.54 18.02 -59.24
CA GLY E 217 -20.20 17.44 -57.94
C GLY E 217 -21.17 16.39 -57.44
N SER E 218 -20.84 15.78 -56.32
CA SER E 218 -21.56 14.60 -55.85
C SER E 218 -22.93 14.84 -55.21
N LYS E 219 -23.31 16.11 -55.05
CA LYS E 219 -24.63 16.41 -54.54
C LYS E 219 -25.65 16.62 -55.66
N LEU E 220 -25.24 16.37 -56.90
CA LEU E 220 -26.07 16.71 -58.03
C LEU E 220 -27.37 15.91 -58.02
N ARG E 221 -27.25 14.64 -57.66
CA ARG E 221 -28.41 13.74 -57.63
C ARG E 221 -29.36 14.06 -56.48
N ALA E 222 -28.81 14.26 -55.28
CA ALA E 222 -29.61 14.60 -54.12
C ALA E 222 -30.41 15.88 -54.39
N ALA E 223 -29.79 16.82 -55.11
CA ALA E 223 -30.45 18.07 -55.47
C ALA E 223 -31.46 17.87 -56.62
N ASN E 224 -31.60 16.62 -57.04
CA ASN E 224 -32.50 16.26 -58.14
C ASN E 224 -32.30 17.16 -59.36
N ALA E 225 -31.05 17.26 -59.81
CA ALA E 225 -30.63 18.29 -60.74
C ALA E 225 -29.90 17.73 -61.97
N LEU E 226 -30.08 16.43 -62.23
CA LEU E 226 -29.43 15.76 -63.36
C LEU E 226 -29.95 16.25 -64.71
N ALA E 227 -31.26 16.19 -64.91
CA ALA E 227 -31.87 16.64 -66.18
C ALA E 227 -31.63 18.13 -66.42
N ALA E 228 -31.76 18.94 -65.37
CA ALA E 228 -31.51 20.37 -65.48
C ALA E 228 -30.07 20.67 -65.91
N THR E 229 -29.12 19.89 -65.40
CA THR E 229 -27.70 20.06 -65.72
C THR E 229 -27.39 19.80 -67.19
N GLU E 230 -27.96 18.74 -67.77
CA GLU E 230 -27.65 18.48 -69.17
C GLU E 230 -28.45 19.37 -70.12
N THR E 231 -29.55 19.93 -69.65
CA THR E 231 -30.26 20.98 -70.40
C THR E 231 -29.38 22.23 -70.47
N LEU E 232 -28.79 22.60 -69.33
CA LEU E 232 -27.91 23.76 -69.26
C LEU E 232 -26.69 23.52 -70.15
N ALA E 233 -26.17 22.31 -70.15
CA ALA E 233 -25.00 21.96 -70.95
C ALA E 233 -25.27 22.04 -72.45
N ASP E 234 -26.50 21.75 -72.84
CA ASP E 234 -26.95 21.87 -74.22
C ASP E 234 -26.99 23.31 -74.68
N LYS E 235 -27.42 24.21 -73.80
CA LYS E 235 -27.53 25.62 -74.09
C LYS E 235 -26.15 26.27 -74.12
N LEU E 236 -25.33 25.98 -73.12
CA LEU E 236 -24.00 26.59 -73.02
C LEU E 236 -23.00 26.12 -74.07
N GLN E 237 -23.16 24.88 -74.53
CA GLN E 237 -22.25 24.25 -75.52
C GLN E 237 -20.88 23.94 -74.95
N CYS E 238 -20.66 24.22 -73.66
CA CYS E 238 -19.31 24.24 -73.09
C CYS E 238 -18.84 22.86 -72.63
N ALA E 239 -17.58 22.80 -72.20
CA ALA E 239 -17.00 21.57 -71.67
C ALA E 239 -17.65 21.23 -70.37
N VAL E 240 -18.00 19.95 -70.21
CA VAL E 240 -18.57 19.43 -68.97
C VAL E 240 -17.60 18.42 -68.37
N THR E 241 -17.22 18.65 -67.12
CA THR E 241 -16.28 17.79 -66.41
C THR E 241 -16.91 17.33 -65.11
N ILE E 242 -16.45 16.19 -64.60
CA ILE E 242 -16.97 15.64 -63.35
C ILE E 242 -15.91 15.52 -62.28
N MET E 243 -16.31 15.68 -61.04
CA MET E 243 -15.45 15.31 -59.91
C MET E 243 -15.60 13.81 -59.74
N ALA E 244 -14.62 13.17 -59.12
CA ALA E 244 -14.62 11.71 -58.93
C ALA E 244 -15.97 11.18 -58.45
N ALA E 245 -16.49 11.76 -57.39
CA ALA E 245 -17.71 11.26 -56.76
C ALA E 245 -18.97 11.52 -57.57
N ALA E 246 -18.83 12.22 -58.68
CA ALA E 246 -19.97 12.54 -59.54
C ALA E 246 -20.02 11.67 -60.80
N LYS E 247 -19.24 10.59 -60.82
CA LYS E 247 -19.23 9.69 -61.95
C LYS E 247 -20.62 9.14 -62.22
N GLY E 248 -21.12 9.34 -63.42
CA GLY E 248 -22.40 8.79 -63.81
C GLY E 248 -23.52 9.78 -63.68
N PHE E 249 -23.22 10.94 -63.11
CA PHE E 249 -24.20 12.02 -62.97
C PHE E 249 -24.39 12.83 -64.25
N PHE E 250 -23.63 12.47 -65.30
CA PHE E 250 -23.70 13.12 -66.60
C PHE E 250 -23.40 12.07 -67.70
N PRO E 251 -24.19 12.07 -68.79
CA PRO E 251 -23.94 11.12 -69.88
C PRO E 251 -22.60 11.37 -70.60
N GLU E 252 -21.74 10.36 -70.57
CA GLU E 252 -20.42 10.45 -71.21
C GLU E 252 -20.51 10.37 -72.73
N ASP E 253 -21.72 10.03 -73.20
CA ASP E 253 -22.15 10.05 -74.60
C ASP E 253 -22.13 11.48 -75.15
N HIS E 254 -22.32 12.45 -74.28
CA HIS E 254 -22.61 13.84 -74.61
C HIS E 254 -21.45 14.54 -75.34
N ALA E 255 -21.80 15.39 -76.30
CA ALA E 255 -20.81 16.12 -77.09
C ALA E 255 -19.87 16.97 -76.23
N GLY E 256 -20.36 17.46 -75.11
CA GLY E 256 -19.57 18.34 -74.26
C GLY E 256 -18.81 17.68 -73.13
N PHE E 257 -18.97 16.37 -72.97
CA PHE E 257 -18.28 15.67 -71.90
C PHE E 257 -16.76 15.65 -72.12
N ARG E 258 -16.02 16.10 -71.10
CA ARG E 258 -14.57 16.23 -71.23
C ARG E 258 -13.78 15.47 -70.18
N GLY E 259 -14.48 14.83 -69.24
CA GLY E 259 -13.84 13.86 -68.36
C GLY E 259 -13.69 14.25 -66.91
N LEU E 260 -12.68 13.65 -66.27
CA LEU E 260 -12.53 13.72 -64.82
C LEU E 260 -11.60 14.83 -64.38
N TYR E 261 -12.10 15.66 -63.47
CA TYR E 261 -11.24 16.62 -62.80
C TYR E 261 -10.99 16.13 -61.39
N TRP E 262 -9.73 15.85 -61.09
CA TRP E 262 -9.34 15.34 -59.78
C TRP E 262 -7.87 15.67 -59.54
N GLY E 263 -7.54 16.96 -59.49
CA GLY E 263 -6.17 17.42 -59.33
C GLY E 263 -5.19 16.84 -60.32
N GLU E 264 -4.12 16.27 -59.80
CA GLU E 264 -3.08 15.71 -60.65
C GLU E 264 -3.44 14.36 -61.27
N VAL E 265 -4.54 13.74 -60.83
CA VAL E 265 -4.96 12.49 -61.45
C VAL E 265 -6.14 12.68 -62.42
N SER E 266 -6.36 13.93 -62.83
CA SER E 266 -7.33 14.25 -63.87
C SER E 266 -6.96 13.60 -65.21
N ASN E 267 -7.93 13.50 -66.12
CA ASN E 267 -7.64 13.12 -67.50
C ASN E 267 -6.75 14.20 -68.13
N PRO E 268 -5.83 13.81 -69.04
CA PRO E 268 -4.92 14.80 -69.62
C PRO E 268 -5.63 16.08 -70.10
N GLY E 269 -5.05 17.22 -69.80
CA GLY E 269 -5.60 18.50 -70.21
C GLY E 269 -6.70 19.09 -69.33
N VAL E 270 -7.46 18.21 -68.67
CA VAL E 270 -8.64 18.63 -67.88
C VAL E 270 -8.30 19.55 -66.71
N GLN E 271 -7.21 19.25 -66.01
CA GLN E 271 -6.78 20.13 -64.92
C GLN E 271 -6.61 21.56 -65.44
N GLU E 272 -5.86 21.74 -66.52
CA GLU E 272 -5.72 23.05 -67.15
C GLU E 272 -7.08 23.63 -67.54
N LEU E 273 -7.93 22.81 -68.15
CA LEU E 273 -9.28 23.25 -68.55
C LEU E 273 -10.06 23.97 -67.46
N VAL E 274 -10.15 23.36 -66.27
CA VAL E 274 -10.98 23.94 -65.22
C VAL E 274 -10.24 24.97 -64.38
N GLU E 275 -8.99 24.69 -64.04
CA GLU E 275 -8.17 25.55 -63.18
C GLU E 275 -7.99 26.93 -63.83
N THR E 276 -8.06 26.94 -65.16
CA THR E 276 -7.74 28.13 -65.94
C THR E 276 -8.99 28.82 -66.53
N SER E 277 -10.15 28.25 -66.25
CA SER E 277 -11.41 28.75 -66.81
C SER E 277 -11.73 30.16 -66.40
N ASP E 278 -12.23 30.91 -67.39
CA ASP E 278 -12.72 32.28 -67.27
C ASP E 278 -13.85 32.38 -66.25
N ALA E 279 -14.70 31.34 -66.21
CA ALA E 279 -15.91 31.30 -65.39
C ALA E 279 -16.33 29.86 -65.11
N LEU E 280 -15.89 29.33 -63.96
CA LEU E 280 -16.11 27.95 -63.66
C LEU E 280 -17.45 27.75 -62.99
N LEU E 281 -18.37 27.12 -63.71
CA LEU E 281 -19.67 26.81 -63.19
C LEU E 281 -19.61 25.52 -62.37
N CYS E 282 -19.41 25.68 -61.08
CA CYS E 282 -19.11 24.57 -60.20
C CYS E 282 -20.39 24.15 -59.46
N ILE E 283 -20.94 23.01 -59.85
CA ILE E 283 -22.32 22.63 -59.47
C ILE E 283 -22.44 21.47 -58.48
N ALA E 284 -22.95 21.79 -57.29
CA ALA E 284 -23.20 20.80 -56.25
C ALA E 284 -21.94 20.04 -55.80
N PRO E 285 -20.81 20.76 -55.63
CA PRO E 285 -19.56 20.09 -55.28
C PRO E 285 -19.50 19.68 -53.81
N VAL E 286 -18.68 18.68 -53.51
CA VAL E 286 -18.24 18.40 -52.15
C VAL E 286 -16.73 18.46 -52.14
N PHE E 287 -16.19 19.55 -51.60
CA PHE E 287 -14.74 19.74 -51.53
C PHE E 287 -14.22 19.28 -50.19
N ASN E 288 -13.58 18.11 -50.18
CA ASN E 288 -12.90 17.63 -48.99
C ASN E 288 -11.43 17.29 -49.28
N ASP E 289 -10.76 16.67 -48.32
CA ASP E 289 -9.34 16.36 -48.47
C ASP E 289 -9.07 15.30 -49.52
N TYR E 290 -10.05 14.45 -49.80
CA TYR E 290 -9.93 13.41 -50.83
C TYR E 290 -10.21 13.98 -52.22
N SER E 291 -11.28 14.76 -52.34
CA SER E 291 -11.70 15.29 -53.65
C SER E 291 -10.79 16.41 -54.17
N THR E 292 -10.26 17.21 -53.25
CA THR E 292 -9.34 18.28 -53.61
C THR E 292 -7.89 17.81 -53.62
N VAL E 293 -7.69 16.50 -53.44
CA VAL E 293 -6.36 15.88 -53.43
C VAL E 293 -5.42 16.64 -52.49
N GLY E 294 -5.70 16.53 -51.20
CA GLY E 294 -4.90 17.20 -50.17
C GLY E 294 -4.85 18.71 -50.31
N TRP E 295 -5.99 19.32 -50.67
CA TRP E 295 -6.14 20.78 -50.77
C TRP E 295 -5.36 21.44 -51.91
N SER E 296 -4.85 20.63 -52.84
CA SER E 296 -4.06 21.14 -53.96
C SER E 296 -4.90 21.46 -55.18
N ALA E 297 -6.10 20.89 -55.25
CA ALA E 297 -7.01 21.11 -56.38
C ALA E 297 -8.41 21.55 -55.91
N TRP E 298 -8.53 22.80 -55.51
CA TRP E 298 -9.74 23.29 -54.92
C TRP E 298 -10.06 24.66 -55.47
N PRO E 299 -10.85 24.70 -56.56
CA PRO E 299 -11.13 25.93 -57.28
C PRO E 299 -12.09 26.82 -56.51
N LYS E 300 -11.71 28.08 -56.34
CA LYS E 300 -12.52 29.06 -55.61
C LYS E 300 -12.11 30.47 -56.01
N GLY E 301 -12.84 31.46 -55.50
CA GLY E 301 -12.55 32.86 -55.76
C GLY E 301 -13.43 33.50 -56.83
N PRO E 302 -13.04 34.70 -57.32
CA PRO E 302 -13.89 35.54 -58.17
C PRO E 302 -14.39 34.84 -59.45
N ASN E 303 -13.56 33.97 -60.03
CA ASN E 303 -13.90 33.29 -61.29
C ASN E 303 -14.81 32.06 -61.14
N VAL E 304 -15.23 31.76 -59.92
CA VAL E 304 -16.03 30.56 -59.68
C VAL E 304 -17.50 30.86 -59.35
N ILE E 305 -18.40 30.22 -60.08
CA ILE E 305 -19.82 30.26 -59.73
C ILE E 305 -20.12 29.01 -58.93
N LEU E 306 -20.23 29.19 -57.61
CA LEU E 306 -20.44 28.09 -56.70
C LEU E 306 -21.95 27.87 -56.52
N ALA E 307 -22.46 26.80 -57.11
CA ALA E 307 -23.89 26.54 -57.12
C ALA E 307 -24.20 25.32 -56.27
N GLU E 308 -24.67 25.59 -55.06
CA GLU E 308 -24.95 24.54 -54.10
C GLU E 308 -26.46 24.22 -54.09
N PRO E 309 -26.89 23.17 -53.36
CA PRO E 309 -28.29 22.74 -53.43
C PRO E 309 -29.29 23.80 -53.01
N ASP E 310 -28.80 24.86 -52.42
CA ASP E 310 -29.56 25.72 -51.54
C ASP E 310 -29.31 27.20 -51.83
N ARG E 311 -28.21 27.47 -52.53
CA ARG E 311 -27.66 28.80 -52.61
C ARG E 311 -26.65 28.89 -53.77
N VAL E 312 -26.43 30.11 -54.25
CA VAL E 312 -25.47 30.36 -55.31
C VAL E 312 -24.57 31.52 -54.92
N THR E 313 -23.26 31.36 -55.08
CA THR E 313 -22.30 32.43 -54.81
C THR E 313 -21.57 32.80 -56.09
N VAL E 314 -21.72 34.05 -56.52
CA VAL E 314 -21.17 34.49 -57.80
C VAL E 314 -20.81 35.97 -57.75
N ASP E 315 -19.56 36.26 -58.12
CA ASP E 315 -19.07 37.64 -58.24
C ASP E 315 -19.20 38.42 -56.93
N GLY E 316 -18.86 37.76 -55.82
CA GLY E 316 -18.82 38.42 -54.50
C GLY E 316 -20.16 38.64 -53.81
N ARG E 317 -21.17 37.86 -54.19
CA ARG E 317 -22.49 37.91 -53.57
C ARG E 317 -23.05 36.50 -53.45
N ALA E 318 -23.70 36.23 -52.32
CA ALA E 318 -24.38 34.97 -52.10
C ALA E 318 -25.89 35.16 -52.22
N TYR E 319 -26.54 34.27 -52.95
CA TYR E 319 -27.98 34.35 -53.20
C TYR E 319 -28.61 33.09 -52.66
N ASP E 320 -29.56 33.22 -51.74
CA ASP E 320 -30.17 32.03 -51.10
C ASP E 320 -31.68 32.03 -51.25
N GLY E 321 -32.31 30.92 -50.86
CA GLY E 321 -33.77 30.85 -50.82
C GLY E 321 -34.45 30.23 -52.02
N PHE E 322 -33.72 29.40 -52.76
CA PHE E 322 -34.28 28.68 -53.91
C PHE E 322 -33.54 27.36 -54.08
N THR E 323 -34.15 26.41 -54.79
CA THR E 323 -33.51 25.12 -55.03
C THR E 323 -32.51 25.22 -56.19
N LEU E 324 -31.51 24.35 -56.18
CA LEU E 324 -30.53 24.28 -57.27
C LEU E 324 -31.20 23.98 -58.59
N ARG E 325 -32.19 23.09 -58.54
CA ARG E 325 -32.92 22.67 -59.73
C ARG E 325 -33.64 23.85 -60.41
N ALA E 326 -34.30 24.69 -59.61
CA ALA E 326 -34.95 25.89 -60.14
C ALA E 326 -33.97 26.89 -60.72
N PHE E 327 -32.79 26.98 -60.11
CA PHE E 327 -31.71 27.85 -60.58
C PHE E 327 -31.22 27.41 -61.96
N LEU E 328 -30.94 26.11 -62.08
CA LEU E 328 -30.41 25.54 -63.30
C LEU E 328 -31.40 25.56 -64.46
N GLN E 329 -32.68 25.35 -64.17
CA GLN E 329 -33.73 25.51 -65.18
C GLN E 329 -33.81 26.93 -65.68
N ALA E 330 -33.89 27.89 -64.77
CA ALA E 330 -33.99 29.30 -65.12
C ALA E 330 -32.76 29.80 -65.87
N LEU E 331 -31.58 29.31 -65.48
CA LEU E 331 -30.32 29.73 -66.08
C LEU E 331 -30.23 29.23 -67.53
N ALA E 332 -30.77 28.04 -67.77
CA ALA E 332 -30.77 27.46 -69.12
C ALA E 332 -31.62 28.22 -70.13
N GLU E 333 -32.66 28.91 -69.66
CA GLU E 333 -33.46 29.78 -70.51
C GLU E 333 -32.64 30.97 -71.01
N LYS E 334 -31.80 31.54 -70.14
CA LYS E 334 -31.18 32.83 -70.39
C LYS E 334 -29.70 32.75 -70.81
N ALA E 335 -29.05 31.61 -70.55
CA ALA E 335 -27.61 31.46 -70.77
C ALA E 335 -27.21 31.61 -72.24
N PRO E 336 -26.05 32.24 -72.50
CA PRO E 336 -25.53 32.35 -73.86
C PRO E 336 -24.82 31.06 -74.30
N ALA E 337 -24.51 30.95 -75.57
CA ALA E 337 -23.70 29.85 -76.07
C ALA E 337 -22.22 30.19 -75.98
N ARG E 338 -21.46 29.37 -75.26
CA ARG E 338 -20.03 29.57 -75.08
C ARG E 338 -19.25 28.28 -75.29
N PRO E 339 -18.96 27.95 -76.55
CA PRO E 339 -18.38 26.63 -76.88
C PRO E 339 -16.86 26.51 -76.74
N ALA E 340 -16.14 27.62 -76.60
CA ALA E 340 -14.67 27.64 -76.58
C ALA E 340 -14.00 26.50 -75.79
N SER E 341 -14.49 26.22 -74.58
CA SER E 341 -13.93 25.17 -73.72
C SER E 341 -14.02 23.79 -74.34
N ALA E 342 -15.14 23.53 -75.02
CA ALA E 342 -15.38 22.23 -75.64
C ALA E 342 -14.53 22.06 -76.89
N GLN E 343 -14.46 23.09 -77.74
CA GLN E 343 -13.73 22.97 -79.01
C GLN E 343 -12.21 23.04 -78.85
N LYS E 344 -11.76 23.44 -77.67
CA LYS E 344 -10.33 23.51 -77.36
C LYS E 344 -9.81 22.28 -76.61
N SER E 345 -10.61 21.22 -76.57
CA SER E 345 -10.26 20.01 -75.81
C SER E 345 -10.89 18.73 -76.36
N SER E 346 -10.24 17.60 -76.10
CA SER E 346 -10.65 16.33 -76.69
C SER E 346 -11.52 15.51 -75.76
N VAL E 347 -12.36 14.68 -76.35
CA VAL E 347 -13.18 13.75 -75.58
C VAL E 347 -12.23 12.79 -74.83
N PRO E 348 -12.47 12.58 -73.53
CA PRO E 348 -11.52 11.84 -72.71
C PRO E 348 -11.45 10.39 -73.17
N THR E 349 -10.22 9.87 -73.22
CA THR E 349 -9.99 8.47 -73.58
C THR E 349 -9.20 7.82 -72.45
N CYS E 350 -9.21 6.49 -72.36
CA CYS E 350 -8.46 5.85 -71.28
C CYS E 350 -7.69 4.63 -71.72
N SER E 351 -6.37 4.72 -71.66
CA SER E 351 -5.46 3.67 -72.15
C SER E 351 -5.42 2.43 -71.22
N LEU E 352 -5.81 1.27 -71.74
CA LEU E 352 -5.81 0.04 -70.93
C LEU E 352 -4.91 -1.02 -71.57
N THR E 353 -3.87 -1.44 -70.85
CA THR E 353 -2.94 -2.41 -71.41
C THR E 353 -3.53 -3.83 -71.55
N ALA E 354 -3.45 -4.35 -72.77
CA ALA E 354 -4.00 -5.67 -73.11
C ALA E 354 -2.94 -6.77 -72.95
N THR E 355 -3.39 -7.93 -72.51
CA THR E 355 -2.51 -9.06 -72.25
C THR E 355 -2.90 -10.22 -73.19
N SER E 356 -2.28 -11.39 -73.04
CA SER E 356 -2.74 -12.57 -73.80
C SER E 356 -3.75 -13.39 -72.97
N ASP E 357 -4.47 -14.28 -73.64
CA ASP E 357 -5.49 -15.13 -73.02
C ASP E 357 -5.02 -15.85 -71.77
N GLU E 358 -3.79 -16.38 -71.80
CA GLU E 358 -3.32 -17.35 -70.81
C GLU E 358 -2.38 -16.75 -69.77
N ALA E 359 -2.03 -15.48 -69.94
CA ALA E 359 -1.22 -14.76 -68.96
C ALA E 359 -2.00 -14.62 -67.65
N GLY E 360 -1.29 -14.44 -66.54
CA GLY E 360 -1.92 -14.15 -65.26
C GLY E 360 -2.81 -12.91 -65.34
N LEU E 361 -3.95 -12.96 -64.65
CA LEU E 361 -4.91 -11.87 -64.71
C LEU E 361 -4.30 -10.57 -64.20
N THR E 362 -4.73 -9.47 -64.82
CA THR E 362 -4.17 -8.14 -64.62
C THR E 362 -5.28 -7.14 -64.32
N ASN E 363 -4.97 -6.19 -63.45
CA ASN E 363 -5.87 -5.09 -63.12
C ASN E 363 -6.52 -4.44 -64.35
N ASP E 364 -5.68 -4.04 -65.32
CA ASP E 364 -6.18 -3.40 -66.55
C ASP E 364 -7.14 -4.30 -67.30
N GLU E 365 -6.82 -5.59 -67.32
CA GLU E 365 -7.63 -6.57 -68.01
C GLU E 365 -9.00 -6.80 -67.36
N ILE E 366 -9.06 -6.69 -66.02
CA ILE E 366 -10.33 -6.75 -65.31
C ILE E 366 -11.24 -5.58 -65.72
N VAL E 367 -10.65 -4.39 -65.77
CA VAL E 367 -11.36 -3.18 -66.19
C VAL E 367 -11.91 -3.33 -67.60
N ARG E 368 -11.06 -3.86 -68.49
CA ARG E 368 -11.46 -4.08 -69.86
C ARG E 368 -12.69 -4.97 -69.97
N HIS E 369 -12.73 -6.03 -69.15
CA HIS E 369 -13.84 -6.97 -69.14
C HIS E 369 -15.12 -6.38 -68.54
N ILE E 370 -14.99 -5.69 -67.41
CA ILE E 370 -16.14 -5.05 -66.78
C ILE E 370 -16.71 -3.93 -67.68
N ASN E 371 -15.83 -3.14 -68.28
CA ASN E 371 -16.27 -2.10 -69.19
C ASN E 371 -17.17 -2.66 -70.27
N ALA E 372 -16.80 -3.82 -70.82
CA ALA E 372 -17.57 -4.47 -71.87
C ALA E 372 -18.93 -4.94 -71.38
N LEU E 373 -19.06 -5.18 -70.08
CA LEU E 373 -20.32 -5.62 -69.46
C LEU E 373 -21.36 -4.51 -69.36
N LEU E 374 -20.89 -3.27 -69.17
CA LEU E 374 -21.76 -2.15 -68.89
C LEU E 374 -22.75 -1.85 -70.03
N THR E 375 -24.02 -1.73 -69.66
CA THR E 375 -25.07 -1.32 -70.59
C THR E 375 -25.76 -0.11 -69.97
N SER E 376 -26.70 0.49 -70.69
CA SER E 376 -27.51 1.59 -70.16
C SER E 376 -28.36 1.15 -68.98
N ASN E 377 -28.51 -0.15 -68.84
CA ASN E 377 -29.34 -0.74 -67.81
C ASN E 377 -28.51 -1.24 -66.62
N THR E 378 -27.24 -0.85 -66.56
CA THR E 378 -26.34 -1.31 -65.51
C THR E 378 -26.21 -0.31 -64.34
N THR E 379 -26.08 -0.86 -63.13
CA THR E 379 -25.66 -0.09 -61.97
C THR E 379 -24.37 -0.71 -61.46
N LEU E 380 -23.30 0.08 -61.46
CA LEU E 380 -21.98 -0.36 -61.02
C LEU E 380 -21.71 0.19 -59.63
N VAL E 381 -21.43 -0.70 -58.67
CA VAL E 381 -21.12 -0.31 -57.30
C VAL E 381 -19.63 -0.51 -57.08
N ALA E 382 -18.94 0.57 -56.70
CA ALA E 382 -17.47 0.51 -56.58
C ALA E 382 -17.00 0.79 -55.15
N GLU E 383 -16.38 -0.21 -54.55
CA GLU E 383 -15.94 -0.12 -53.17
C GLU E 383 -14.72 0.79 -52.95
N THR E 384 -14.58 1.30 -51.72
CA THR E 384 -13.40 2.04 -51.33
C THR E 384 -12.19 1.12 -51.48
N GLY E 385 -11.11 1.67 -52.01
CA GLY E 385 -9.92 0.90 -52.34
C GLY E 385 -9.59 1.18 -53.78
N ASP E 386 -8.80 0.33 -54.41
CA ASP E 386 -8.41 0.54 -55.82
C ASP E 386 -9.60 0.53 -56.78
N SER E 387 -10.72 -0.06 -56.34
CA SER E 387 -11.95 -0.06 -57.12
C SER E 387 -12.49 1.35 -57.44
N TRP E 388 -12.27 2.30 -56.52
CA TRP E 388 -12.56 3.72 -56.79
C TRP E 388 -11.89 4.13 -58.08
N PHE E 389 -10.64 3.71 -58.21
CA PHE E 389 -9.79 4.21 -59.26
C PHE E 389 -10.06 3.61 -60.62
N ASN E 390 -10.34 2.31 -60.68
CA ASN E 390 -10.75 1.83 -61.99
C ASN E 390 -12.23 2.01 -62.32
N ALA E 391 -13.02 2.48 -61.35
CA ALA E 391 -14.35 3.01 -61.64
C ALA E 391 -14.16 4.28 -62.44
N MET E 392 -13.21 5.11 -62.04
CA MET E 392 -12.88 6.32 -62.81
C MET E 392 -12.43 5.99 -64.23
N ARG E 393 -11.88 4.81 -64.43
CA ARG E 393 -11.23 4.47 -65.69
C ARG E 393 -12.16 3.85 -66.70
N MET E 394 -13.44 3.76 -66.36
CA MET E 394 -14.39 3.18 -67.29
C MET E 394 -15.18 4.21 -68.09
N THR E 395 -15.43 3.88 -69.35
CA THR E 395 -16.32 4.65 -70.19
C THR E 395 -17.69 4.05 -70.03
N LEU E 396 -18.61 4.82 -69.48
CA LEU E 396 -19.93 4.27 -69.23
C LEU E 396 -20.97 4.75 -70.22
N PRO E 397 -21.73 3.81 -70.78
CA PRO E 397 -22.80 4.14 -71.71
C PRO E 397 -23.87 5.01 -71.09
N ARG E 398 -24.54 5.81 -71.91
CA ARG E 398 -25.64 6.66 -71.46
C ARG E 398 -26.71 5.83 -70.74
N GLY E 399 -27.08 6.27 -69.54
CA GLY E 399 -28.09 5.58 -68.76
C GLY E 399 -27.50 4.76 -67.63
N ALA E 400 -26.23 4.39 -67.77
CA ALA E 400 -25.57 3.57 -66.76
C ALA E 400 -25.37 4.35 -65.47
N ARG E 401 -25.46 3.64 -64.36
CA ARG E 401 -25.36 4.25 -63.05
C ARG E 401 -24.11 3.78 -62.32
N VAL E 402 -23.43 4.70 -61.66
CA VAL E 402 -22.33 4.35 -60.77
C VAL E 402 -22.70 4.77 -59.35
N GLU E 403 -22.37 3.92 -58.40
CA GLU E 403 -22.56 4.23 -56.98
C GLU E 403 -21.23 4.26 -56.25
N LEU E 404 -20.90 5.41 -55.67
CA LEU E 404 -19.68 5.59 -54.91
C LEU E 404 -20.01 6.10 -53.51
N GLU E 405 -19.12 5.83 -52.56
CA GLU E 405 -19.32 6.27 -51.20
C GLU E 405 -18.05 7.00 -50.75
N MET E 406 -17.74 8.08 -51.45
CA MET E 406 -16.43 8.72 -51.30
C MET E 406 -16.32 9.70 -50.14
N GLN E 407 -17.45 10.05 -49.54
CA GLN E 407 -17.42 10.92 -48.37
C GLN E 407 -17.29 10.11 -47.08
N TRP E 408 -18.14 9.08 -46.91
CA TRP E 408 -18.07 8.22 -45.73
C TRP E 408 -16.89 7.25 -45.84
N GLY E 409 -16.83 6.51 -46.94
CA GLY E 409 -15.70 5.62 -47.22
C GLY E 409 -15.54 4.48 -46.24
N HIS E 410 -16.65 3.82 -45.91
CA HIS E 410 -16.64 2.69 -45.00
C HIS E 410 -16.45 1.43 -45.83
N ILE E 411 -15.24 0.86 -45.81
CA ILE E 411 -15.02 -0.44 -46.50
C ILE E 411 -16.05 -1.51 -46.09
N GLY E 412 -16.44 -2.34 -47.03
CA GLY E 412 -17.52 -3.30 -46.80
C GLY E 412 -18.88 -2.77 -47.24
N TRP E 413 -19.02 -1.44 -47.30
CA TRP E 413 -20.27 -0.78 -47.70
C TRP E 413 -20.80 -1.40 -48.97
N SER E 414 -19.86 -1.69 -49.87
CA SER E 414 -20.12 -2.26 -51.19
C SER E 414 -21.22 -3.30 -51.24
N VAL E 415 -21.10 -4.33 -50.41
CA VAL E 415 -21.94 -5.53 -50.48
C VAL E 415 -23.40 -5.30 -50.02
N PRO E 416 -23.61 -4.90 -48.74
CA PRO E 416 -25.02 -4.65 -48.33
C PRO E 416 -25.68 -3.52 -49.13
N SER E 417 -24.89 -2.53 -49.51
CA SER E 417 -25.39 -1.43 -50.32
C SER E 417 -25.90 -1.90 -51.68
N ALA E 418 -25.14 -2.76 -52.35
CA ALA E 418 -25.57 -3.35 -53.60
C ALA E 418 -26.85 -4.18 -53.45
N PHE E 419 -26.96 -4.86 -52.30
CA PHE E 419 -28.11 -5.70 -52.00
C PHE E 419 -29.37 -4.86 -51.93
N GLY E 420 -29.31 -3.78 -51.15
CA GLY E 420 -30.43 -2.86 -51.01
C GLY E 420 -30.76 -2.21 -52.31
N ASN E 421 -29.72 -1.73 -52.98
CA ASN E 421 -29.88 -1.12 -54.30
C ASN E 421 -30.58 -2.06 -55.30
N ALA E 422 -30.15 -3.32 -55.35
CA ALA E 422 -30.77 -4.33 -56.22
C ALA E 422 -32.24 -4.55 -55.88
N MET E 423 -32.56 -4.64 -54.59
CA MET E 423 -33.97 -4.72 -54.14
C MET E 423 -34.81 -3.58 -54.69
N GLY E 424 -34.25 -2.37 -54.73
CA GLY E 424 -34.98 -1.19 -55.14
C GLY E 424 -35.00 -0.92 -56.63
N SER E 425 -34.33 -1.77 -57.39
CA SER E 425 -34.30 -1.67 -58.85
C SER E 425 -34.01 -3.05 -59.48
N GLN E 426 -34.97 -3.96 -59.32
CA GLN E 426 -34.79 -5.35 -59.72
C GLN E 426 -34.71 -5.56 -61.22
N ASP E 427 -35.13 -4.54 -61.98
CA ASP E 427 -35.15 -4.55 -63.44
C ASP E 427 -33.76 -4.28 -64.08
N ARG E 428 -32.82 -3.76 -63.28
CA ARG E 428 -31.49 -3.38 -63.77
C ARG E 428 -30.48 -4.50 -63.58
N GLN E 429 -29.35 -4.44 -64.29
CA GLN E 429 -28.23 -5.34 -63.99
C GLN E 429 -27.34 -4.72 -62.93
N HIS E 430 -27.04 -5.48 -61.88
CA HIS E 430 -26.19 -4.97 -60.81
C HIS E 430 -24.80 -5.59 -60.80
N VAL E 431 -23.79 -4.73 -60.83
CA VAL E 431 -22.39 -5.15 -60.86
C VAL E 431 -21.66 -4.51 -59.69
N VAL E 432 -20.88 -5.31 -58.96
CA VAL E 432 -20.14 -4.83 -57.81
C VAL E 432 -18.64 -5.04 -58.02
N MET E 433 -17.85 -4.03 -57.69
CA MET E 433 -16.42 -4.20 -57.59
C MET E 433 -16.03 -4.03 -56.14
N VAL E 434 -15.45 -5.07 -55.58
CA VAL E 434 -15.10 -5.07 -54.16
C VAL E 434 -13.76 -5.75 -53.92
N GLY E 435 -12.92 -5.12 -53.11
CA GLY E 435 -11.64 -5.69 -52.72
C GLY E 435 -11.80 -6.79 -51.69
N ASP E 436 -10.74 -7.58 -51.50
CA ASP E 436 -10.78 -8.70 -50.59
C ASP E 436 -10.88 -8.24 -49.16
N GLY E 437 -10.17 -7.17 -48.82
CA GLY E 437 -10.19 -6.61 -47.48
C GLY E 437 -11.56 -6.11 -47.08
N SER E 438 -12.19 -5.38 -48.00
CA SER E 438 -13.54 -4.84 -47.76
C SER E 438 -14.57 -5.93 -47.62
N PHE E 439 -14.45 -6.98 -48.44
CA PHE E 439 -15.45 -8.03 -48.48
C PHE E 439 -15.59 -8.72 -47.12
N GLN E 440 -14.48 -8.85 -46.41
CA GLN E 440 -14.47 -9.54 -45.13
C GLN E 440 -15.31 -8.88 -44.05
N LEU E 441 -15.52 -7.57 -44.16
CA LEU E 441 -16.32 -6.84 -43.17
C LEU E 441 -17.79 -7.18 -43.21
N THR E 442 -18.33 -7.44 -44.41
CA THR E 442 -19.79 -7.53 -44.61
C THR E 442 -20.20 -8.72 -45.46
N ALA E 443 -19.25 -9.63 -45.69
CA ALA E 443 -19.44 -10.79 -46.55
C ALA E 443 -20.80 -11.48 -46.38
N GLN E 444 -21.25 -11.67 -45.14
CA GLN E 444 -22.47 -12.43 -44.86
C GLN E 444 -23.71 -11.94 -45.57
N GLU E 445 -23.69 -10.73 -46.09
CA GLU E 445 -24.89 -10.21 -46.76
C GLU E 445 -25.07 -10.74 -48.20
N VAL E 446 -24.06 -11.42 -48.72
CA VAL E 446 -24.22 -12.10 -49.99
C VAL E 446 -25.26 -13.23 -49.83
N ALA E 447 -25.40 -13.72 -48.59
CA ALA E 447 -26.36 -14.77 -48.27
C ALA E 447 -27.80 -14.28 -48.45
N GLN E 448 -28.02 -12.99 -48.23
CA GLN E 448 -29.31 -12.35 -48.44
C GLN E 448 -29.64 -12.25 -49.94
N MET E 449 -28.63 -11.93 -50.74
CA MET E 449 -28.77 -11.94 -52.19
C MET E 449 -29.19 -13.33 -52.67
N VAL E 450 -28.61 -14.36 -52.06
CA VAL E 450 -28.98 -15.74 -52.36
C VAL E 450 -30.43 -15.96 -51.94
N ARG E 451 -30.72 -15.65 -50.68
CA ARG E 451 -32.06 -15.83 -50.13
C ARG E 451 -33.16 -15.20 -51.03
N TYR E 452 -32.94 -13.98 -51.47
CA TYR E 452 -33.93 -13.25 -52.24
C TYR E 452 -33.74 -13.36 -53.76
N GLU E 453 -32.83 -14.25 -54.16
CA GLU E 453 -32.64 -14.60 -55.57
C GLU E 453 -32.31 -13.38 -56.43
N LEU E 454 -31.33 -12.60 -55.96
CA LEU E 454 -30.89 -11.40 -56.68
C LEU E 454 -29.63 -11.65 -57.51
N PRO E 455 -29.74 -11.54 -58.85
CA PRO E 455 -28.61 -11.86 -59.74
C PRO E 455 -27.57 -10.74 -59.80
N VAL E 456 -26.97 -10.40 -58.67
CA VAL E 456 -25.88 -9.42 -58.64
C VAL E 456 -24.58 -10.07 -59.05
N ILE E 457 -23.83 -9.42 -59.94
CA ILE E 457 -22.50 -9.93 -60.29
C ILE E 457 -21.45 -9.20 -59.47
N ILE E 458 -20.74 -9.94 -58.63
CA ILE E 458 -19.73 -9.39 -57.74
C ILE E 458 -18.33 -9.74 -58.23
N PHE E 459 -17.57 -8.74 -58.61
CA PHE E 459 -16.15 -8.91 -58.92
C PHE E 459 -15.31 -8.70 -57.68
N LEU E 460 -14.85 -9.79 -57.08
CA LEU E 460 -14.03 -9.75 -55.88
C LEU E 460 -12.58 -9.64 -56.30
N ILE E 461 -11.97 -8.50 -56.04
CA ILE E 461 -10.57 -8.29 -56.43
C ILE E 461 -9.63 -8.80 -55.34
N ASN E 462 -9.19 -10.04 -55.46
CA ASN E 462 -8.29 -10.64 -54.49
C ASN E 462 -6.84 -10.33 -54.81
N ASN E 463 -6.31 -9.27 -54.19
CA ASN E 463 -4.89 -8.93 -54.32
C ASN E 463 -4.11 -9.13 -53.04
N ARG E 464 -4.72 -9.86 -52.09
CA ARG E 464 -4.08 -10.29 -50.86
C ARG E 464 -3.75 -9.19 -49.85
N GLY E 465 -4.68 -8.24 -49.69
CA GLY E 465 -4.54 -7.23 -48.64
C GLY E 465 -5.08 -5.85 -48.97
N TYR E 466 -4.85 -4.94 -48.03
CA TYR E 466 -5.22 -3.54 -48.17
C TYR E 466 -4.20 -2.82 -49.08
N VAL E 467 -4.32 -3.05 -50.38
CA VAL E 467 -3.35 -2.52 -51.32
C VAL E 467 -3.32 -0.98 -51.39
N ILE E 468 -4.49 -0.34 -51.35
CA ILE E 468 -4.57 1.12 -51.30
C ILE E 468 -3.68 1.68 -50.17
N GLU E 469 -3.44 0.85 -49.16
CA GLU E 469 -2.69 1.25 -47.99
C GLU E 469 -1.23 0.79 -48.11
N ILE E 470 -1.04 -0.42 -48.64
CA ILE E 470 0.29 -0.97 -48.90
C ILE E 470 1.11 -0.06 -49.82
N ALA E 471 0.45 0.51 -50.83
CA ALA E 471 1.14 1.36 -51.80
C ALA E 471 1.58 2.69 -51.20
N ILE E 472 0.89 3.11 -50.14
CA ILE E 472 1.04 4.46 -49.59
C ILE E 472 1.85 4.49 -48.29
N HIS E 473 1.49 3.60 -47.37
CA HIS E 473 2.08 3.54 -46.04
C HIS E 473 1.98 2.13 -45.52
N ASP E 474 3.00 1.33 -45.77
CA ASP E 474 2.91 -0.10 -45.50
C ASP E 474 3.29 -0.49 -44.08
N GLY E 475 2.64 -1.52 -43.56
CA GLY E 475 2.93 -2.05 -42.24
C GLY E 475 2.18 -3.36 -42.08
N PRO E 476 2.51 -4.14 -41.05
CA PRO E 476 1.90 -5.47 -40.87
C PRO E 476 0.38 -5.47 -40.83
N TYR E 477 -0.20 -4.32 -40.55
CA TYR E 477 -1.65 -4.18 -40.42
C TYR E 477 -2.39 -4.26 -41.76
N ASN E 478 -1.63 -4.28 -42.85
CA ASN E 478 -2.21 -4.28 -44.19
C ASN E 478 -2.42 -5.69 -44.74
N TYR E 479 -2.01 -6.69 -43.99
CA TYR E 479 -2.03 -8.05 -44.48
C TYR E 479 -3.04 -8.95 -43.77
N ILE E 480 -3.96 -9.51 -44.53
CA ILE E 480 -5.11 -10.24 -43.97
C ILE E 480 -5.09 -11.73 -44.32
N LYS E 481 -5.84 -12.52 -43.56
CA LYS E 481 -6.02 -13.93 -43.87
C LYS E 481 -6.79 -14.06 -45.17
N ASN E 482 -6.19 -14.74 -46.14
CA ASN E 482 -6.88 -15.04 -47.39
C ASN E 482 -8.03 -16.03 -47.19
N TRP E 483 -9.09 -15.87 -47.97
CA TRP E 483 -10.20 -16.83 -47.97
C TRP E 483 -10.31 -17.50 -49.33
N ASP E 484 -11.04 -18.61 -49.37
CA ASP E 484 -11.51 -19.14 -50.63
C ASP E 484 -12.83 -18.45 -50.92
N TYR E 485 -12.76 -17.25 -51.50
CA TYR E 485 -13.94 -16.41 -51.74
C TYR E 485 -14.96 -17.08 -52.66
N ALA E 486 -14.48 -17.74 -53.72
CA ALA E 486 -15.36 -18.50 -54.62
C ALA E 486 -16.10 -19.61 -53.88
N GLY E 487 -15.40 -20.34 -53.02
CA GLY E 487 -16.00 -21.45 -52.29
C GLY E 487 -17.08 -21.03 -51.29
N LEU E 488 -17.12 -19.74 -50.97
CA LEU E 488 -18.07 -19.21 -49.99
C LEU E 488 -19.52 -19.25 -50.47
N MET E 489 -19.70 -19.29 -51.78
CA MET E 489 -21.04 -19.30 -52.35
C MET E 489 -21.82 -20.56 -52.01
N GLU E 490 -21.20 -21.72 -52.18
CA GLU E 490 -21.83 -22.97 -51.81
C GLU E 490 -22.21 -22.97 -50.33
N VAL E 491 -21.41 -22.33 -49.49
CA VAL E 491 -21.73 -22.26 -48.07
C VAL E 491 -23.08 -21.56 -47.87
N PHE E 492 -23.27 -20.42 -48.52
CA PHE E 492 -24.52 -19.69 -48.44
C PHE E 492 -25.69 -20.38 -49.18
N ASN E 493 -25.37 -21.18 -50.19
CA ASN E 493 -26.39 -21.95 -50.87
C ASN E 493 -27.01 -23.01 -49.97
N ALA E 494 -26.15 -23.78 -49.30
CA ALA E 494 -26.55 -24.89 -48.44
C ALA E 494 -27.59 -25.82 -49.09
N GLY E 495 -27.41 -26.09 -50.38
CA GLY E 495 -28.36 -26.92 -51.15
C GLY E 495 -29.68 -26.26 -51.56
N GLU E 496 -29.90 -25.01 -51.16
CA GLU E 496 -31.13 -24.27 -51.51
C GLU E 496 -30.92 -23.30 -52.65
N GLY E 497 -30.06 -22.31 -52.41
CA GLY E 497 -29.92 -21.16 -53.32
C GLY E 497 -29.27 -21.41 -54.67
N HIS E 498 -29.24 -20.35 -55.49
CA HIS E 498 -28.70 -20.43 -56.84
C HIS E 498 -27.50 -19.52 -57.03
N GLY E 499 -26.74 -19.29 -55.97
CA GLY E 499 -25.51 -18.53 -56.06
C GLY E 499 -24.39 -19.30 -56.74
N LEU E 500 -23.52 -18.57 -57.46
CA LEU E 500 -22.37 -19.17 -58.11
C LEU E 500 -21.05 -18.57 -57.63
N GLY E 501 -20.07 -19.43 -57.39
CA GLY E 501 -18.72 -18.98 -57.01
C GLY E 501 -17.67 -19.44 -58.00
N LEU E 502 -16.97 -18.49 -58.61
CA LEU E 502 -16.00 -18.81 -59.65
C LEU E 502 -14.66 -18.11 -59.44
N LYS E 503 -13.57 -18.76 -59.85
CA LYS E 503 -12.24 -18.18 -59.83
C LYS E 503 -11.85 -17.72 -61.22
N ALA E 504 -11.33 -16.50 -61.31
CA ALA E 504 -10.76 -16.03 -62.56
C ALA E 504 -9.28 -15.78 -62.33
N THR E 505 -8.46 -16.45 -63.10
CA THR E 505 -7.04 -16.46 -62.86
C THR E 505 -6.27 -15.99 -64.09
N THR E 506 -6.95 -16.02 -65.22
CA THR E 506 -6.44 -15.53 -66.50
C THR E 506 -7.57 -14.75 -67.18
N PRO E 507 -7.26 -13.91 -68.18
CA PRO E 507 -8.31 -13.23 -68.94
C PRO E 507 -9.29 -14.17 -69.65
N LYS E 508 -8.81 -15.33 -70.12
CA LYS E 508 -9.70 -16.33 -70.69
C LYS E 508 -10.64 -16.85 -69.61
N GLU E 509 -10.08 -17.10 -68.43
CA GLU E 509 -10.84 -17.67 -67.33
C GLU E 509 -11.88 -16.68 -66.82
N LEU E 510 -11.58 -15.39 -66.96
CA LEU E 510 -12.52 -14.31 -66.57
C LEU E 510 -13.65 -14.15 -67.57
N THR E 511 -13.30 -14.33 -68.84
CA THR E 511 -14.26 -14.19 -69.92
C THR E 511 -15.32 -15.28 -69.79
N GLU E 512 -14.88 -16.49 -69.43
CA GLU E 512 -15.79 -17.62 -69.19
C GLU E 512 -16.65 -17.40 -67.97
N ALA E 513 -16.05 -16.83 -66.92
CA ALA E 513 -16.76 -16.60 -65.68
C ALA E 513 -17.91 -15.59 -65.85
N ILE E 514 -17.69 -14.58 -66.69
CA ILE E 514 -18.69 -13.55 -66.95
C ILE E 514 -19.84 -14.14 -67.76
N ALA E 515 -19.53 -15.05 -68.67
CA ALA E 515 -20.55 -15.75 -69.45
C ALA E 515 -21.49 -16.54 -68.53
N ARG E 516 -20.90 -17.23 -67.56
CA ARG E 516 -21.64 -18.01 -66.58
C ARG E 516 -22.50 -17.09 -65.72
N ALA E 517 -21.93 -15.94 -65.36
CA ALA E 517 -22.61 -14.99 -64.49
C ALA E 517 -23.88 -14.44 -65.15
N LYS E 518 -23.78 -14.09 -66.43
CA LYS E 518 -24.91 -13.53 -67.17
C LYS E 518 -26.03 -14.56 -67.24
N ALA E 519 -25.67 -15.83 -67.31
CA ALA E 519 -26.64 -16.90 -67.42
C ALA E 519 -27.31 -17.23 -66.09
N ASN E 520 -26.71 -16.78 -64.98
CA ASN E 520 -27.22 -17.10 -63.64
C ASN E 520 -28.29 -16.11 -63.19
N THR E 521 -29.54 -16.46 -63.46
CA THR E 521 -30.62 -15.48 -63.33
C THR E 521 -31.29 -15.49 -61.96
N ARG E 522 -31.00 -16.49 -61.13
CA ARG E 522 -31.71 -16.66 -59.87
C ARG E 522 -30.84 -16.55 -58.61
N GLY E 523 -29.64 -16.00 -58.75
CA GLY E 523 -28.75 -15.79 -57.61
C GLY E 523 -27.53 -14.99 -57.96
N PRO E 524 -26.80 -14.52 -56.95
CA PRO E 524 -25.60 -13.71 -57.20
C PRO E 524 -24.47 -14.56 -57.77
N THR E 525 -23.57 -13.93 -58.51
CA THR E 525 -22.36 -14.60 -58.97
C THR E 525 -21.14 -13.85 -58.48
N LEU E 526 -20.34 -14.51 -57.64
CA LEU E 526 -19.08 -13.94 -57.18
C LEU E 526 -17.96 -14.50 -58.04
N ILE E 527 -17.22 -13.59 -58.68
CA ILE E 527 -16.01 -13.96 -59.40
C ILE E 527 -14.79 -13.48 -58.63
N GLU E 528 -14.05 -14.43 -58.06
CA GLU E 528 -12.82 -14.13 -57.37
C GLU E 528 -11.72 -13.90 -58.42
N CYS E 529 -11.39 -12.63 -58.65
CA CYS E 529 -10.32 -12.27 -59.58
C CYS E 529 -9.01 -12.17 -58.84
N GLN E 530 -8.07 -13.04 -59.18
CA GLN E 530 -6.76 -13.02 -58.57
C GLN E 530 -5.75 -12.24 -59.39
N ILE E 531 -5.29 -11.13 -58.82
CA ILE E 531 -4.23 -10.31 -59.42
C ILE E 531 -3.09 -10.14 -58.41
N ASP E 532 -1.92 -9.74 -58.88
CA ASP E 532 -0.80 -9.51 -57.99
C ASP E 532 -0.95 -8.24 -57.17
N ARG E 533 -0.45 -8.31 -55.93
CA ARG E 533 -0.55 -7.22 -54.96
C ARG E 533 0.09 -5.91 -55.45
N THR E 534 1.02 -6.06 -56.39
CA THR E 534 1.81 -4.98 -56.91
C THR E 534 1.05 -4.22 -58.02
N ASP E 535 -0.06 -4.81 -58.46
CA ASP E 535 -0.74 -4.42 -59.70
C ASP E 535 -1.95 -3.52 -59.43
N CYS E 536 -1.69 -2.31 -58.91
CA CYS E 536 -2.75 -1.34 -58.70
C CYS E 536 -2.58 -0.20 -59.70
N THR E 537 -3.57 0.69 -59.75
CA THR E 537 -3.52 1.81 -60.69
C THR E 537 -2.41 2.79 -60.31
N ASP E 538 -1.74 3.35 -61.31
CA ASP E 538 -0.83 4.48 -61.12
C ASP E 538 -1.59 5.64 -60.48
N MET E 539 -2.84 5.80 -60.88
CA MET E 539 -3.73 6.82 -60.35
C MET E 539 -3.76 6.76 -58.82
N LEU E 540 -3.94 5.56 -58.26
CA LEU E 540 -3.97 5.38 -56.80
C LEU E 540 -2.68 5.83 -56.14
N VAL E 541 -1.55 5.42 -56.71
CA VAL E 541 -0.24 5.79 -56.16
C VAL E 541 -0.06 7.31 -56.14
N GLN E 542 -0.31 7.97 -57.26
CA GLN E 542 -0.22 9.43 -57.35
C GLN E 542 -1.11 10.13 -56.34
N TRP E 543 -2.41 9.81 -56.37
CA TRP E 543 -3.39 10.40 -55.47
C TRP E 543 -3.00 10.15 -54.02
N GLY E 544 -2.68 8.90 -53.70
CA GLY E 544 -2.34 8.50 -52.33
C GLY E 544 -1.15 9.23 -51.72
N ARG E 545 -0.07 9.34 -52.48
CA ARG E 545 1.12 10.01 -51.97
C ARG E 545 0.85 11.44 -51.51
N LYS E 546 0.04 12.17 -52.28
CA LYS E 546 -0.25 13.57 -51.96
C LYS E 546 -1.19 13.67 -50.75
N VAL E 547 -2.22 12.84 -50.76
CA VAL E 547 -3.20 12.84 -49.68
C VAL E 547 -2.55 12.45 -48.35
N ALA E 548 -1.75 11.38 -48.36
CA ALA E 548 -1.06 10.92 -47.14
C ALA E 548 -0.09 11.94 -46.56
N SER E 549 0.68 12.61 -47.42
CA SER E 549 1.62 13.60 -46.93
C SER E 549 0.91 14.85 -46.41
N THR E 550 -0.29 15.11 -46.91
CA THR E 550 -1.10 16.22 -46.43
C THR E 550 -1.73 15.91 -45.07
N ASN E 551 -2.23 14.68 -44.90
CA ASN E 551 -2.78 14.25 -43.62
C ASN E 551 -1.73 14.10 -42.51
N ALA E 552 -0.47 13.99 -42.90
CA ALA E 552 0.60 13.82 -41.93
C ALA E 552 1.32 15.15 -41.67
N ARG E 553 0.83 16.21 -42.30
CA ARG E 553 1.40 17.55 -42.21
C ARG E 553 1.56 17.98 -40.75
N LYS E 554 2.70 18.58 -40.41
CA LYS E 554 2.98 19.03 -39.03
C LYS E 554 2.57 20.46 -38.70
N THR E 555 2.46 21.33 -39.71
CA THR E 555 2.10 22.74 -39.49
C THR E 555 0.85 23.21 -40.25
N THR F 2 14.28 8.62 -29.74
CA THR F 2 13.21 9.67 -29.83
C THR F 2 11.80 9.13 -29.49
N TYR F 3 11.29 9.55 -28.34
CA TYR F 3 10.12 8.94 -27.70
C TYR F 3 8.79 9.66 -28.00
N THR F 4 7.84 8.94 -28.56
CA THR F 4 6.62 9.57 -29.07
C THR F 4 5.37 9.34 -28.21
N VAL F 5 4.33 10.13 -28.49
CA VAL F 5 3.02 10.00 -27.84
C VAL F 5 2.49 8.58 -27.94
N GLY F 6 2.58 7.99 -29.13
CA GLY F 6 2.12 6.62 -29.33
C GLY F 6 2.87 5.60 -28.49
N MET F 7 4.16 5.83 -28.30
CA MET F 7 4.99 4.95 -27.49
C MET F 7 4.60 5.04 -26.02
N TYR F 8 4.24 6.25 -25.60
CA TYR F 8 3.76 6.50 -24.24
C TYR F 8 2.50 5.68 -23.97
N LEU F 9 1.56 5.74 -24.91
CA LEU F 9 0.34 4.95 -24.82
C LEU F 9 0.66 3.46 -24.72
N ALA F 10 1.59 3.00 -25.55
CA ALA F 10 1.97 1.59 -25.59
C ALA F 10 2.52 1.13 -24.25
N GLU F 11 3.42 1.90 -23.67
CA GLU F 11 4.04 1.55 -22.39
C GLU F 11 3.02 1.52 -21.23
N ARG F 12 2.05 2.42 -21.28
CA ARG F 12 0.98 2.43 -20.28
C ARG F 12 0.09 1.20 -20.42
N LEU F 13 -0.22 0.82 -21.66
CA LEU F 13 -1.03 -0.37 -21.89
C LEU F 13 -0.31 -1.60 -21.35
N VAL F 14 1.00 -1.65 -21.56
CA VAL F 14 1.81 -2.76 -21.04
C VAL F 14 1.78 -2.80 -19.51
N GLN F 15 1.80 -1.62 -18.89
CA GLN F 15 1.73 -1.49 -17.44
C GLN F 15 0.38 -1.92 -16.85
N ILE F 16 -0.67 -1.84 -17.66
CA ILE F 16 -1.98 -2.38 -17.27
C ILE F 16 -1.88 -3.89 -17.09
N GLY F 17 -0.99 -4.52 -17.85
CA GLY F 17 -0.84 -5.97 -17.86
C GLY F 17 -1.35 -6.57 -19.15
N LEU F 18 -1.54 -5.73 -20.16
CA LEU F 18 -1.92 -6.18 -21.50
C LEU F 18 -0.72 -6.84 -22.20
N LYS F 19 -0.99 -7.93 -22.92
CA LYS F 19 0.02 -8.57 -23.77
C LYS F 19 -0.41 -8.50 -25.23
N HIS F 20 -1.61 -7.97 -25.46
CA HIS F 20 -2.19 -7.85 -26.79
C HIS F 20 -3.08 -6.61 -26.88
N HIS F 21 -3.15 -6.03 -28.07
CA HIS F 21 -4.19 -5.08 -28.40
C HIS F 21 -4.70 -5.41 -29.80
N PHE F 22 -5.97 -5.08 -30.05
CA PHE F 22 -6.64 -5.44 -31.28
C PHE F 22 -6.81 -4.20 -32.14
N ALA F 23 -6.72 -4.37 -33.45
CA ALA F 23 -6.73 -3.21 -34.33
C ALA F 23 -7.32 -3.50 -35.71
N VAL F 24 -7.93 -2.46 -36.31
CA VAL F 24 -8.22 -2.45 -37.74
C VAL F 24 -7.58 -1.19 -38.32
N ALA F 25 -6.77 -1.36 -39.36
CA ALA F 25 -6.01 -0.26 -39.92
C ALA F 25 -6.89 0.76 -40.64
N GLY F 26 -6.50 2.02 -40.57
CA GLY F 26 -7.11 3.08 -41.36
C GLY F 26 -6.11 4.22 -41.43
N ASP F 27 -6.21 5.06 -42.45
CA ASP F 27 -5.20 6.11 -42.62
C ASP F 27 -5.06 7.03 -41.40
N TYR F 28 -6.15 7.27 -40.66
CA TYR F 28 -6.10 8.08 -39.43
C TYR F 28 -5.33 7.46 -38.26
N ASN F 29 -5.01 6.17 -38.36
CA ASN F 29 -4.36 5.47 -37.25
C ASN F 29 -3.09 4.71 -37.59
N LEU F 30 -2.63 4.77 -38.84
CA LEU F 30 -1.46 4.01 -39.27
C LEU F 30 -0.20 4.38 -38.49
N VAL F 31 0.08 5.67 -38.37
CA VAL F 31 1.25 6.10 -37.62
C VAL F 31 1.15 5.67 -36.16
N LEU F 32 -0.05 5.76 -35.59
CA LEU F 32 -0.26 5.33 -34.20
C LEU F 32 0.03 3.84 -34.05
N LEU F 33 -0.47 3.04 -35.00
CA LEU F 33 -0.18 1.61 -35.05
C LEU F 33 1.31 1.31 -35.15
N ASP F 34 2.02 2.11 -35.95
CA ASP F 34 3.49 2.04 -36.02
C ASP F 34 4.15 2.24 -34.66
N GLN F 35 3.70 3.25 -33.93
CA GLN F 35 4.25 3.54 -32.59
C GLN F 35 4.02 2.39 -31.63
N LEU F 36 2.82 1.81 -31.67
CA LEU F 36 2.47 0.69 -30.81
C LEU F 36 3.29 -0.56 -31.13
N LEU F 37 3.61 -0.76 -32.41
CA LEU F 37 4.37 -1.93 -32.84
C LEU F 37 5.80 -1.93 -32.33
N LEU F 38 6.32 -0.76 -31.99
CA LEU F 38 7.68 -0.64 -31.50
C LEU F 38 7.84 -1.20 -30.09
N ASN F 39 6.72 -1.45 -29.41
CA ASN F 39 6.74 -2.05 -28.09
C ASN F 39 6.65 -3.57 -28.17
N LYS F 40 7.78 -4.23 -27.90
CA LYS F 40 7.86 -5.68 -28.02
C LYS F 40 7.21 -6.44 -26.86
N ASP F 41 6.71 -5.72 -25.86
CA ASP F 41 6.07 -6.36 -24.70
C ASP F 41 4.63 -6.77 -24.98
N MET F 42 4.11 -6.36 -26.13
CA MET F 42 2.78 -6.81 -26.56
C MET F 42 2.66 -7.02 -28.07
N LYS F 43 1.65 -7.79 -28.47
CA LYS F 43 1.42 -8.09 -29.86
C LYS F 43 0.18 -7.35 -30.37
N GLN F 44 0.29 -6.87 -31.60
CA GLN F 44 -0.81 -6.16 -32.23
C GLN F 44 -1.53 -7.15 -33.11
N ILE F 45 -2.79 -7.43 -32.81
CA ILE F 45 -3.49 -8.43 -33.63
C ILE F 45 -4.66 -7.80 -34.37
N TYR F 46 -5.02 -8.37 -35.52
CA TYR F 46 -5.95 -7.68 -36.42
C TYR F 46 -7.31 -8.35 -36.56
N CYS F 47 -8.34 -7.53 -36.76
CA CYS F 47 -9.71 -8.04 -36.89
C CYS F 47 -10.32 -7.71 -38.25
N CYS F 48 -11.39 -8.43 -38.59
CA CYS F 48 -12.09 -8.22 -39.86
C CYS F 48 -12.81 -6.88 -39.90
N ASN F 49 -13.62 -6.62 -38.88
CA ASN F 49 -14.32 -5.36 -38.76
C ASN F 49 -14.28 -4.84 -37.35
N GLU F 50 -14.69 -3.59 -37.19
CA GLU F 50 -14.54 -2.88 -35.92
C GLU F 50 -15.51 -3.33 -34.84
N LEU F 51 -16.70 -3.81 -35.24
CA LEU F 51 -17.62 -4.37 -34.27
C LEU F 51 -16.96 -5.58 -33.61
N ASN F 52 -16.43 -6.48 -34.44
CA ASN F 52 -15.71 -7.66 -33.96
C ASN F 52 -14.45 -7.29 -33.20
N CYS F 53 -13.80 -6.22 -33.64
CA CYS F 53 -12.60 -5.74 -32.97
C CYS F 53 -12.90 -5.36 -31.52
N GLY F 54 -13.92 -4.53 -31.32
CA GLY F 54 -14.40 -4.18 -30.01
C GLY F 54 -14.81 -5.36 -29.15
N PHE F 55 -15.55 -6.30 -29.73
CA PHE F 55 -15.96 -7.51 -28.99
C PHE F 55 -14.81 -8.46 -28.69
N SER F 56 -13.77 -8.41 -29.51
CA SER F 56 -12.56 -9.15 -29.24
C SER F 56 -11.88 -8.57 -28.01
N ALA F 57 -11.85 -7.25 -27.92
CA ALA F 57 -11.26 -6.60 -26.76
C ALA F 57 -12.08 -6.94 -25.51
N GLU F 58 -13.40 -6.91 -25.66
CA GLU F 58 -14.28 -7.25 -24.56
C GLU F 58 -13.96 -8.63 -24.01
N GLY F 59 -13.79 -9.60 -24.91
CA GLY F 59 -13.49 -10.98 -24.55
C GLY F 59 -12.17 -11.08 -23.83
N TYR F 60 -11.16 -10.36 -24.34
CA TYR F 60 -9.83 -10.29 -23.75
C TYR F 60 -9.87 -9.72 -22.33
N ALA F 61 -10.69 -8.70 -22.11
CA ALA F 61 -10.87 -8.10 -20.79
C ALA F 61 -11.38 -9.12 -19.77
N ARG F 62 -12.25 -10.03 -20.22
CA ARG F 62 -12.78 -11.07 -19.36
C ARG F 62 -11.70 -11.98 -18.76
N SER F 63 -10.70 -12.34 -19.56
CA SER F 63 -9.63 -13.22 -19.09
C SER F 63 -8.41 -12.48 -18.55
N ASN F 64 -8.12 -11.31 -19.11
CA ASN F 64 -6.92 -10.57 -18.73
C ASN F 64 -7.17 -9.51 -17.63
N GLY F 65 -8.34 -8.89 -17.65
CA GLY F 65 -8.67 -7.89 -16.66
C GLY F 65 -9.05 -6.57 -17.31
N ALA F 66 -8.37 -6.28 -18.43
CA ALA F 66 -8.61 -5.08 -19.23
C ALA F 66 -8.21 -5.37 -20.68
N ALA F 67 -8.51 -4.44 -21.59
CA ALA F 67 -8.16 -4.61 -23.01
C ALA F 67 -8.10 -3.28 -23.74
N ALA F 68 -7.57 -3.32 -24.96
CA ALA F 68 -7.49 -2.13 -25.81
C ALA F 68 -7.77 -2.48 -27.27
N ALA F 69 -8.54 -1.61 -27.94
CA ALA F 69 -8.77 -1.75 -29.36
C ALA F 69 -8.48 -0.43 -30.07
N VAL F 70 -7.88 -0.51 -31.25
CA VAL F 70 -7.51 0.68 -32.00
C VAL F 70 -8.21 0.72 -33.34
N VAL F 71 -8.97 1.79 -33.58
CA VAL F 71 -9.77 1.90 -34.80
C VAL F 71 -9.54 3.22 -35.51
N THR F 72 -10.10 3.34 -36.72
CA THR F 72 -10.05 4.61 -37.45
C THR F 72 -11.32 5.47 -37.19
N PHE F 73 -11.19 6.77 -37.44
CA PHE F 73 -12.24 7.75 -37.13
C PHE F 73 -13.61 7.47 -37.81
N SER F 74 -14.69 7.64 -37.04
CA SER F 74 -16.10 7.44 -37.46
C SER F 74 -16.46 6.07 -38.01
N VAL F 75 -16.00 5.78 -39.22
CA VAL F 75 -16.34 4.55 -39.89
C VAL F 75 -15.94 3.32 -39.07
N GLY F 76 -14.84 3.42 -38.34
CA GLY F 76 -14.43 2.38 -37.41
C GLY F 76 -15.06 2.59 -36.05
N ALA F 77 -14.86 3.79 -35.50
CA ALA F 77 -15.21 4.07 -34.12
C ALA F 77 -16.69 3.85 -33.79
N ILE F 78 -17.59 4.28 -34.67
CA ILE F 78 -19.00 4.19 -34.34
C ILE F 78 -19.45 2.77 -34.05
N SER F 79 -19.07 1.84 -34.91
CA SER F 79 -19.54 0.47 -34.69
C SER F 79 -18.84 -0.15 -33.50
N ALA F 80 -17.59 0.24 -33.25
CA ALA F 80 -16.92 -0.16 -32.01
C ALA F 80 -17.62 0.34 -30.74
N MET F 81 -18.33 1.46 -30.85
CA MET F 81 -19.13 1.99 -29.72
C MET F 81 -20.22 1.06 -29.26
N ASN F 82 -20.66 0.17 -30.15
CA ASN F 82 -21.59 -0.89 -29.77
C ASN F 82 -20.91 -1.79 -28.76
N ALA F 83 -19.70 -2.22 -29.09
CA ALA F 83 -18.89 -3.02 -28.20
C ALA F 83 -18.53 -2.28 -26.91
N LEU F 84 -18.21 -0.98 -27.00
CA LEU F 84 -17.96 -0.16 -25.80
C LEU F 84 -19.16 -0.16 -24.84
N GLY F 85 -20.35 0.10 -25.37
CA GLY F 85 -21.58 0.00 -24.58
C GLY F 85 -21.73 -1.38 -23.96
N GLY F 86 -21.38 -2.40 -24.72
CA GLY F 86 -21.32 -3.75 -24.20
C GLY F 86 -20.36 -3.90 -23.01
N ALA F 87 -19.16 -3.32 -23.15
CA ALA F 87 -18.18 -3.36 -22.07
C ALA F 87 -18.72 -2.63 -20.84
N TYR F 88 -19.40 -1.51 -21.04
CA TYR F 88 -20.00 -0.77 -19.93
C TYR F 88 -21.03 -1.63 -19.22
N ALA F 89 -21.89 -2.26 -20.01
CA ALA F 89 -22.95 -3.12 -19.50
C ALA F 89 -22.38 -4.30 -18.73
N GLU F 90 -21.24 -4.82 -19.18
CA GLU F 90 -20.67 -6.04 -18.59
C GLU F 90 -19.51 -5.74 -17.64
N ASN F 91 -19.39 -4.48 -17.25
CA ASN F 91 -18.38 -4.04 -16.28
C ASN F 91 -16.93 -4.41 -16.60
N LEU F 92 -16.52 -4.15 -17.85
CA LEU F 92 -15.17 -4.47 -18.31
C LEU F 92 -14.43 -3.23 -18.82
N PRO F 93 -13.22 -2.98 -18.30
CA PRO F 93 -12.43 -1.82 -18.72
C PRO F 93 -11.71 -2.01 -20.06
N VAL F 94 -12.46 -1.89 -21.14
CA VAL F 94 -11.89 -1.84 -22.49
C VAL F 94 -11.54 -0.39 -22.78
N ILE F 95 -10.37 -0.17 -23.37
CA ILE F 95 -10.01 1.15 -23.84
C ILE F 95 -10.09 1.21 -25.36
N LEU F 96 -10.97 2.04 -25.87
CA LEU F 96 -11.05 2.22 -27.31
C LEU F 96 -10.26 3.44 -27.72
N ILE F 97 -9.26 3.21 -28.58
CA ILE F 97 -8.45 4.31 -29.11
C ILE F 97 -8.74 4.53 -30.59
N SER F 98 -9.21 5.72 -30.93
CA SER F 98 -9.51 6.05 -32.31
C SER F 98 -8.45 6.96 -32.90
N GLY F 99 -8.09 6.71 -34.15
CA GLY F 99 -7.35 7.68 -34.94
C GLY F 99 -8.27 8.86 -35.15
N ALA F 100 -7.69 10.04 -35.30
CA ALA F 100 -8.48 11.26 -35.51
C ALA F 100 -7.81 12.17 -36.53
N PRO F 101 -8.58 13.12 -37.11
CA PRO F 101 -8.03 14.04 -38.09
C PRO F 101 -6.82 14.82 -37.59
N ASN F 102 -5.97 15.25 -38.53
CA ASN F 102 -4.81 16.09 -38.25
C ASN F 102 -5.22 17.30 -37.43
N SER F 103 -4.46 17.62 -36.38
CA SER F 103 -4.82 18.72 -35.49
C SER F 103 -4.84 20.06 -36.22
N ASN F 104 -4.09 20.17 -37.32
CA ASN F 104 -4.05 21.41 -38.08
C ASN F 104 -5.31 21.68 -38.89
N ASP F 105 -6.18 20.67 -38.97
CA ASP F 105 -7.45 20.80 -39.69
C ASP F 105 -8.51 21.41 -38.80
N GLN F 106 -8.25 21.36 -37.50
CA GLN F 106 -9.20 21.85 -36.52
C GLN F 106 -9.42 23.35 -36.65
N GLY F 107 -10.69 23.74 -36.70
CA GLY F 107 -11.09 25.15 -36.78
C GLY F 107 -10.79 25.82 -38.11
N THR F 108 -10.55 25.04 -39.16
CA THR F 108 -10.23 25.62 -40.47
C THR F 108 -11.43 25.62 -41.41
N GLY F 109 -12.44 24.83 -41.07
CA GLY F 109 -13.63 24.73 -41.91
C GLY F 109 -13.45 23.69 -43.00
N HIS F 110 -12.35 22.95 -42.93
CA HIS F 110 -12.11 21.84 -43.86
C HIS F 110 -13.10 20.71 -43.62
N ILE F 111 -13.64 20.16 -44.68
CA ILE F 111 -14.46 18.95 -44.61
C ILE F 111 -13.54 17.75 -44.79
N LEU F 112 -13.65 16.76 -43.92
CA LEU F 112 -12.72 15.63 -43.96
C LEU F 112 -13.39 14.31 -44.27
N HIS F 113 -12.64 13.38 -44.86
CA HIS F 113 -13.17 12.06 -45.15
C HIS F 113 -13.46 11.31 -43.86
N HIS F 114 -14.40 10.36 -43.94
CA HIS F 114 -14.92 9.63 -42.76
C HIS F 114 -15.67 10.54 -41.79
N THR F 115 -16.17 11.68 -42.26
CA THR F 115 -17.04 12.51 -41.41
C THR F 115 -18.38 12.68 -42.09
N ILE F 116 -19.34 13.23 -41.35
CA ILE F 116 -20.68 13.38 -41.88
C ILE F 116 -20.78 14.53 -42.87
N GLY F 117 -19.68 15.24 -43.09
CA GLY F 117 -19.61 16.25 -44.14
C GLY F 117 -19.73 17.69 -43.68
N LYS F 118 -19.81 17.91 -42.37
CA LYS F 118 -19.88 19.25 -41.82
C LYS F 118 -18.48 19.74 -41.52
N THR F 119 -18.37 21.02 -41.19
CA THR F 119 -17.07 21.67 -40.96
C THR F 119 -16.41 21.25 -39.63
N ASP F 120 -17.19 20.78 -38.67
CA ASP F 120 -16.61 20.33 -37.43
C ASP F 120 -16.87 18.82 -37.28
N TYR F 121 -16.17 18.17 -36.36
CA TYR F 121 -16.28 16.72 -36.25
C TYR F 121 -16.05 16.27 -34.82
N SER F 122 -16.59 17.03 -33.89
CA SER F 122 -16.58 16.69 -32.48
C SER F 122 -17.75 15.75 -32.14
N TYR F 123 -18.51 15.34 -33.15
CA TYR F 123 -19.65 14.47 -32.92
C TYR F 123 -19.26 13.10 -32.36
N GLN F 124 -18.10 12.59 -32.79
CA GLN F 124 -17.65 11.28 -32.33
C GLN F 124 -17.40 11.22 -30.83
N LEU F 125 -16.68 12.21 -30.30
CA LEU F 125 -16.42 12.28 -28.86
C LEU F 125 -17.72 12.41 -28.05
N GLU F 126 -18.67 13.18 -28.56
CA GLU F 126 -19.95 13.34 -27.89
C GLU F 126 -20.71 12.02 -27.80
N MET F 127 -20.61 11.22 -28.86
CA MET F 127 -21.24 9.90 -28.89
C MET F 127 -20.54 8.95 -27.92
N ALA F 128 -19.21 9.00 -27.88
CA ALA F 128 -18.43 8.13 -27.01
C ALA F 128 -18.69 8.39 -25.53
N ARG F 129 -18.93 9.65 -25.16
CA ARG F 129 -19.22 9.98 -23.77
C ARG F 129 -20.42 9.23 -23.22
N GLN F 130 -21.43 9.04 -24.09
CA GLN F 130 -22.65 8.34 -23.77
C GLN F 130 -22.45 6.91 -23.24
N VAL F 131 -21.37 6.25 -23.66
CA VAL F 131 -21.13 4.84 -23.31
C VAL F 131 -19.76 4.57 -22.64
N THR F 132 -19.18 5.60 -22.01
CA THR F 132 -17.88 5.46 -21.33
C THR F 132 -17.83 6.16 -19.98
N CYS F 133 -16.85 5.81 -19.15
CA CYS F 133 -16.67 6.50 -17.87
C CYS F 133 -15.68 7.64 -18.02
N ALA F 134 -14.94 7.64 -19.14
CA ALA F 134 -13.97 8.68 -19.45
C ALA F 134 -13.77 8.72 -20.95
N ALA F 135 -13.57 9.92 -21.50
CA ALA F 135 -13.43 10.14 -22.93
C ALA F 135 -12.64 11.39 -23.16
N GLU F 136 -11.49 11.25 -23.83
CA GLU F 136 -10.59 12.38 -24.07
C GLU F 136 -10.14 12.40 -25.51
N SER F 137 -9.88 13.60 -26.00
CA SER F 137 -9.42 13.81 -27.36
C SER F 137 -8.02 14.43 -27.30
N ILE F 138 -7.01 13.73 -27.80
CA ILE F 138 -5.64 14.25 -27.77
C ILE F 138 -5.35 14.99 -29.04
N THR F 139 -4.97 16.24 -28.88
CA THR F 139 -4.84 17.15 -30.00
C THR F 139 -3.54 17.94 -29.92
N ASP F 140 -2.75 17.66 -28.88
CA ASP F 140 -1.39 18.20 -28.69
C ASP F 140 -0.57 17.24 -27.83
N ALA F 141 0.75 17.25 -28.00
CA ALA F 141 1.62 16.30 -27.30
C ALA F 141 1.75 16.58 -25.80
N HIS F 142 1.66 17.85 -25.42
CA HIS F 142 1.91 18.25 -24.05
CA HIS F 142 1.89 18.28 -24.03
C HIS F 142 0.83 17.73 -23.09
N SER F 143 -0.43 17.82 -23.49
CA SER F 143 -1.51 17.35 -22.64
C SER F 143 -1.81 15.85 -22.79
N ALA F 144 -1.10 15.20 -23.71
CA ALA F 144 -1.33 13.79 -24.02
C ALA F 144 -1.12 12.84 -22.83
N PRO F 145 0.01 12.95 -22.11
CA PRO F 145 0.19 12.08 -20.94
C PRO F 145 -0.96 12.16 -19.92
N ALA F 146 -1.38 13.36 -19.56
CA ALA F 146 -2.41 13.53 -18.53
C ALA F 146 -3.71 12.87 -18.95
N LYS F 147 -4.06 13.03 -20.23
CA LYS F 147 -5.29 12.45 -20.77
C LYS F 147 -5.22 10.94 -20.83
N ILE F 148 -4.11 10.41 -21.32
CA ILE F 148 -3.93 8.96 -21.41
C ILE F 148 -4.05 8.36 -20.02
N ASP F 149 -3.31 8.92 -19.06
CA ASP F 149 -3.33 8.43 -17.69
C ASP F 149 -4.72 8.53 -17.06
N HIS F 150 -5.42 9.61 -17.33
CA HIS F 150 -6.78 9.79 -16.83
C HIS F 150 -7.75 8.69 -17.31
N VAL F 151 -7.79 8.42 -18.62
CA VAL F 151 -8.74 7.41 -19.11
C VAL F 151 -8.41 6.02 -18.59
N ILE F 152 -7.12 5.65 -18.61
CA ILE F 152 -6.71 4.33 -18.13
C ILE F 152 -7.04 4.14 -16.65
N ARG F 153 -6.64 5.10 -15.83
CA ARG F 153 -6.88 4.98 -14.39
C ARG F 153 -8.36 4.95 -14.03
N THR F 154 -9.16 5.76 -14.75
CA THR F 154 -10.61 5.80 -14.48
C THR F 154 -11.25 4.48 -14.88
N ALA F 155 -10.89 3.98 -16.06
CA ALA F 155 -11.41 2.71 -16.56
C ALA F 155 -11.18 1.58 -15.56
N LEU F 156 -9.93 1.45 -15.09
CA LEU F 156 -9.55 0.38 -14.19
C LEU F 156 -10.25 0.48 -12.82
N ARG F 157 -10.31 1.70 -12.30
CA ARG F 157 -10.92 1.93 -10.99
C ARG F 157 -12.42 1.62 -11.02
N GLU F 158 -13.08 2.07 -12.08
CA GLU F 158 -14.52 1.92 -12.19
C GLU F 158 -14.99 0.63 -12.85
N ARG F 159 -14.05 -0.12 -13.44
CA ARG F 159 -14.37 -1.31 -14.23
C ARG F 159 -15.40 -0.93 -15.30
N LYS F 160 -15.07 0.11 -16.07
CA LYS F 160 -15.88 0.60 -17.14
C LYS F 160 -14.98 0.95 -18.32
N PRO F 161 -15.51 0.92 -19.54
CA PRO F 161 -14.66 1.26 -20.68
C PRO F 161 -14.40 2.76 -20.79
N ALA F 162 -13.34 3.13 -21.50
CA ALA F 162 -13.03 4.53 -21.74
C ALA F 162 -12.61 4.74 -23.19
N TYR F 163 -12.60 6.00 -23.62
CA TYR F 163 -12.33 6.34 -25.03
C TYR F 163 -11.18 7.32 -25.19
N LEU F 164 -10.39 7.11 -26.26
CA LEU F 164 -9.30 8.01 -26.61
C LEU F 164 -9.26 8.40 -28.08
N ASP F 165 -9.10 9.69 -28.34
CA ASP F 165 -8.75 10.24 -29.66
C ASP F 165 -7.30 10.55 -29.72
N ILE F 166 -6.63 10.16 -30.80
CA ILE F 166 -5.33 10.76 -31.07
C ILE F 166 -5.27 11.28 -32.49
N ALA F 167 -5.07 12.59 -32.62
CA ALA F 167 -4.89 13.22 -33.91
C ALA F 167 -3.73 12.55 -34.62
N CYS F 168 -3.93 12.20 -35.88
CA CYS F 168 -2.97 11.36 -36.60
C CYS F 168 -1.56 11.97 -36.65
N ASN F 169 -1.46 13.28 -36.74
CA ASN F 169 -0.16 13.97 -36.79
C ASN F 169 0.52 14.01 -35.43
N ILE F 170 -0.22 13.67 -34.38
CA ILE F 170 0.32 13.78 -33.04
C ILE F 170 0.89 12.49 -32.45
N ALA F 171 0.49 11.35 -33.01
CA ALA F 171 1.04 10.06 -32.61
C ALA F 171 2.58 10.00 -32.70
N SER F 172 3.13 10.73 -33.67
CA SER F 172 4.59 10.83 -33.92
C SER F 172 5.34 11.85 -33.06
N GLU F 173 4.59 12.71 -32.37
CA GLU F 173 5.19 13.86 -31.69
C GLU F 173 6.01 13.46 -30.46
N PRO F 174 7.12 14.15 -30.21
CA PRO F 174 7.91 13.86 -29.02
C PRO F 174 7.04 13.96 -27.76
N CYS F 175 7.37 13.15 -26.76
CA CYS F 175 6.56 13.06 -25.56
C CYS F 175 7.43 12.65 -24.38
N VAL F 176 7.09 13.08 -23.17
CA VAL F 176 7.77 12.59 -21.97
C VAL F 176 7.49 11.10 -21.80
N ARG F 177 8.34 10.42 -21.03
CA ARG F 177 8.17 8.98 -20.79
C ARG F 177 7.32 8.75 -19.54
N PRO F 178 6.58 7.64 -19.49
CA PRO F 178 5.84 7.30 -18.27
C PRO F 178 6.74 6.74 -17.16
N GLY F 179 6.43 7.11 -15.92
CA GLY F 179 7.20 6.64 -14.77
C GLY F 179 6.80 5.25 -14.35
N PRO F 180 7.62 4.62 -13.49
CA PRO F 180 7.30 3.29 -12.97
C PRO F 180 6.10 3.37 -12.05
N VAL F 181 5.30 2.30 -12.00
CA VAL F 181 4.13 2.25 -11.13
C VAL F 181 4.02 0.94 -10.37
N SER F 182 3.39 1.01 -9.20
CA SER F 182 3.04 -0.16 -8.43
C SER F 182 1.97 -0.92 -9.21
N SER F 183 0.94 -0.18 -9.61
CA SER F 183 -0.18 -0.69 -10.39
C SER F 183 -0.90 0.51 -10.96
N LEU F 184 -1.55 0.33 -12.11
CA LEU F 184 -2.37 1.40 -12.67
C LEU F 184 -3.78 1.40 -12.08
N LEU F 185 -4.07 0.39 -11.26
CA LEU F 185 -5.32 0.32 -10.52
C LEU F 185 -5.15 0.91 -9.13
N SER F 186 -5.95 1.92 -8.81
CA SER F 186 -5.97 2.46 -7.46
C SER F 186 -7.39 2.82 -7.03
N GLU F 187 -7.92 2.05 -6.08
CA GLU F 187 -9.25 2.31 -5.53
C GLU F 187 -9.16 3.46 -4.55
N PRO F 188 -10.28 4.13 -4.23
CA PRO F 188 -10.21 5.18 -3.20
C PRO F 188 -9.87 4.60 -1.83
N GLU F 189 -9.11 5.35 -1.03
CA GLU F 189 -8.77 4.90 0.32
C GLU F 189 -10.05 4.58 1.10
N ILE F 190 -10.01 3.48 1.83
CA ILE F 190 -11.20 2.93 2.47
C ILE F 190 -11.58 3.69 3.75
N ASP F 191 -12.88 3.96 3.90
CA ASP F 191 -13.42 4.66 5.07
C ASP F 191 -13.69 3.68 6.20
N HIS F 192 -12.83 3.71 7.22
CA HIS F 192 -12.86 2.69 8.27
C HIS F 192 -14.03 2.81 9.25
N THR F 193 -14.51 4.03 9.47
CA THR F 193 -15.70 4.25 10.29
C THR F 193 -16.90 3.57 9.64
N SER F 194 -17.06 3.77 8.33
CA SER F 194 -18.19 3.20 7.60
C SER F 194 -18.12 1.68 7.47
N LEU F 195 -16.93 1.16 7.16
CA LEU F 195 -16.71 -0.28 7.08
C LEU F 195 -17.08 -0.98 8.39
N LYS F 196 -16.59 -0.44 9.51
CA LYS F 196 -16.85 -1.03 10.82
C LYS F 196 -18.34 -1.09 11.12
N ALA F 197 -19.06 -0.01 10.82
CA ALA F 197 -20.48 0.10 11.12
C ALA F 197 -21.32 -0.81 10.24
N ALA F 198 -20.91 -0.98 8.98
CA ALA F 198 -21.58 -1.89 8.06
C ALA F 198 -21.41 -3.35 8.48
N VAL F 199 -20.20 -3.73 8.84
CA VAL F 199 -19.91 -5.10 9.27
C VAL F 199 -20.66 -5.39 10.58
N ASP F 200 -20.57 -4.47 11.55
CA ASP F 200 -21.29 -4.60 12.81
C ASP F 200 -22.79 -4.78 12.63
N ALA F 201 -23.40 -3.99 11.74
CA ALA F 201 -24.83 -4.06 11.47
C ALA F 201 -25.22 -5.37 10.80
N THR F 202 -24.39 -5.85 9.87
CA THR F 202 -24.63 -7.11 9.19
C THR F 202 -24.46 -8.32 10.11
N VAL F 203 -23.44 -8.29 10.96
CA VAL F 203 -23.21 -9.35 11.95
C VAL F 203 -24.40 -9.43 12.90
N ALA F 204 -24.88 -8.28 13.35
CA ALA F 204 -26.02 -8.21 14.28
C ALA F 204 -27.25 -8.87 13.66
N LEU F 205 -27.54 -8.55 12.41
CA LEU F 205 -28.66 -9.13 11.70
C LEU F 205 -28.47 -10.65 11.49
N LEU F 206 -27.28 -11.06 11.10
CA LEU F 206 -26.97 -12.48 10.90
C LEU F 206 -27.09 -13.27 12.21
N GLU F 207 -26.59 -12.71 13.30
CA GLU F 207 -26.65 -13.37 14.59
C GLU F 207 -28.07 -13.69 15.01
N LYS F 208 -29.00 -12.80 14.75
CA LYS F 208 -30.38 -13.05 15.18
C LYS F 208 -31.22 -13.80 14.14
N SER F 209 -30.58 -14.22 13.05
CA SER F 209 -31.23 -14.98 11.99
C SER F 209 -31.25 -16.47 12.26
N ALA F 210 -32.30 -17.12 11.74
CA ALA F 210 -32.42 -18.59 11.75
C ALA F 210 -31.77 -19.23 10.52
N SER F 211 -32.05 -18.71 9.32
CA SER F 211 -31.51 -19.28 8.10
C SER F 211 -31.16 -18.24 7.01
N PRO F 212 -29.95 -17.70 7.06
CA PRO F 212 -29.44 -16.80 6.03
C PRO F 212 -29.06 -17.53 4.77
N VAL F 213 -29.28 -16.91 3.63
CA VAL F 213 -28.87 -17.47 2.35
C VAL F 213 -27.96 -16.45 1.66
N MET F 214 -27.01 -16.94 0.86
CA MET F 214 -26.21 -16.09 0.00
C MET F 214 -26.71 -16.18 -1.44
N LEU F 215 -26.90 -15.02 -2.07
CA LEU F 215 -27.25 -14.96 -3.47
C LEU F 215 -26.22 -14.14 -4.20
N LEU F 216 -25.57 -14.75 -5.19
CA LEU F 216 -24.44 -14.13 -5.89
C LEU F 216 -24.81 -13.56 -7.26
N GLY F 217 -24.35 -12.34 -7.52
CA GLY F 217 -24.67 -11.63 -8.75
C GLY F 217 -23.53 -11.44 -9.73
N SER F 218 -23.84 -10.91 -10.91
CA SER F 218 -22.88 -10.85 -12.01
C SER F 218 -21.82 -9.76 -11.90
N LYS F 219 -21.86 -8.95 -10.84
CA LYS F 219 -20.80 -7.98 -10.60
C LYS F 219 -19.69 -8.52 -9.67
N LEU F 220 -19.81 -9.78 -9.27
CA LEU F 220 -18.90 -10.35 -8.29
C LEU F 220 -17.44 -10.36 -8.77
N ARG F 221 -17.25 -10.67 -10.05
CA ARG F 221 -15.91 -10.73 -10.63
C ARG F 221 -15.29 -9.34 -10.81
N ALA F 222 -16.07 -8.40 -11.34
CA ALA F 222 -15.60 -7.03 -11.52
C ALA F 222 -15.17 -6.44 -10.19
N ALA F 223 -15.91 -6.77 -9.13
CA ALA F 223 -15.59 -6.33 -7.78
C ALA F 223 -14.42 -7.09 -7.20
N ASN F 224 -13.87 -8.02 -8.00
CA ASN F 224 -12.72 -8.83 -7.59
C ASN F 224 -12.98 -9.50 -6.23
N ALA F 225 -14.13 -10.14 -6.14
CA ALA F 225 -14.67 -10.61 -4.86
C ALA F 225 -14.96 -12.12 -4.81
N LEU F 226 -14.41 -12.88 -5.75
CA LEU F 226 -14.62 -14.33 -5.80
C LEU F 226 -14.05 -15.08 -4.60
N ALA F 227 -12.75 -14.91 -4.34
CA ALA F 227 -12.10 -15.58 -3.21
C ALA F 227 -12.73 -15.17 -1.87
N ALA F 228 -13.00 -13.88 -1.70
CA ALA F 228 -13.63 -13.37 -0.48
C ALA F 228 -15.00 -14.00 -0.24
N THR F 229 -15.76 -14.20 -1.32
CA THR F 229 -17.10 -14.79 -1.25
C THR F 229 -17.07 -16.23 -0.75
N GLU F 230 -16.14 -17.05 -1.25
CA GLU F 230 -16.13 -18.42 -0.79
C GLU F 230 -15.48 -18.59 0.58
N THR F 231 -14.70 -17.60 1.00
CA THR F 231 -14.19 -17.55 2.35
C THR F 231 -15.36 -17.28 3.30
N LEU F 232 -16.20 -16.32 2.93
CA LEU F 232 -17.39 -15.99 3.71
C LEU F 232 -18.36 -17.18 3.79
N ALA F 233 -18.51 -17.88 2.67
CA ALA F 233 -19.36 -19.07 2.60
C ALA F 233 -18.87 -20.20 3.52
N ASP F 234 -17.55 -20.32 3.65
CA ASP F 234 -16.96 -21.31 4.54
C ASP F 234 -17.26 -21.02 6.01
N LYS F 235 -17.26 -19.73 6.36
CA LYS F 235 -17.54 -19.27 7.72
C LYS F 235 -19.02 -19.39 8.05
N LEU F 236 -19.88 -18.94 7.15
CA LEU F 236 -21.31 -18.96 7.37
C LEU F 236 -21.94 -20.35 7.34
N GLN F 237 -21.35 -21.28 6.58
CA GLN F 237 -21.87 -22.65 6.43
C GLN F 237 -23.18 -22.71 5.67
N CYS F 238 -23.70 -21.56 5.23
CA CYS F 238 -25.05 -21.46 4.69
C CYS F 238 -25.15 -21.84 3.22
N ALA F 239 -26.39 -21.87 2.72
CA ALA F 239 -26.65 -22.17 1.33
C ALA F 239 -26.14 -21.03 0.46
N VAL F 240 -25.50 -21.39 -0.64
CA VAL F 240 -25.01 -20.44 -1.63
C VAL F 240 -25.75 -20.68 -2.94
N THR F 241 -26.37 -19.64 -3.46
CA THR F 241 -27.10 -19.71 -4.72
C THR F 241 -26.58 -18.65 -5.69
N ILE F 242 -26.77 -18.88 -6.98
CA ILE F 242 -26.32 -17.95 -8.01
C ILE F 242 -27.47 -17.41 -8.85
N MET F 243 -27.35 -16.16 -9.25
CA MET F 243 -28.21 -15.63 -10.31
C MET F 243 -27.66 -16.13 -11.66
N ALA F 244 -28.52 -16.18 -12.66
CA ALA F 244 -28.14 -16.70 -13.98
C ALA F 244 -26.79 -16.17 -14.45
N ALA F 245 -26.62 -14.85 -14.40
CA ALA F 245 -25.43 -14.22 -14.97
C ALA F 245 -24.18 -14.42 -14.13
N ALA F 246 -24.32 -15.09 -12.99
CA ALA F 246 -23.19 -15.32 -12.09
C ALA F 246 -22.70 -16.77 -12.15
N LYS F 247 -23.11 -17.49 -13.18
CA LYS F 247 -22.68 -18.87 -13.32
C LYS F 247 -21.17 -18.97 -13.42
N GLY F 248 -20.57 -19.74 -12.53
CA GLY F 248 -19.14 -19.98 -12.58
C GLY F 248 -18.39 -19.08 -11.63
N PHE F 249 -19.11 -18.17 -10.99
CA PHE F 249 -18.52 -17.25 -10.01
C PHE F 249 -18.37 -17.90 -8.63
N PHE F 250 -18.82 -19.15 -8.52
CA PHE F 250 -18.72 -19.91 -7.29
C PHE F 250 -18.52 -21.39 -7.64
N PRO F 251 -17.60 -22.08 -6.93
CA PRO F 251 -17.36 -23.49 -7.22
C PRO F 251 -18.56 -24.39 -6.88
N GLU F 252 -19.08 -25.09 -7.89
CA GLU F 252 -20.28 -25.96 -7.72
C GLU F 252 -19.92 -27.24 -6.97
N ASP F 253 -18.61 -27.43 -6.79
CA ASP F 253 -17.98 -28.47 -5.97
C ASP F 253 -18.33 -28.29 -4.49
N HIS F 254 -18.53 -27.04 -4.09
CA HIS F 254 -18.64 -26.59 -2.71
C HIS F 254 -19.79 -27.23 -1.95
N ALA F 255 -19.56 -27.53 -0.67
CA ALA F 255 -20.57 -28.12 0.21
C ALA F 255 -21.85 -27.30 0.33
N GLY F 256 -21.73 -25.98 0.23
CA GLY F 256 -22.85 -25.06 0.37
C GLY F 256 -23.57 -24.66 -0.91
N PHE F 257 -23.08 -25.09 -2.07
CA PHE F 257 -23.69 -24.73 -3.33
C PHE F 257 -25.09 -25.37 -3.49
N ARG F 258 -26.09 -24.55 -3.79
CA ARG F 258 -27.46 -25.02 -3.84
C ARG F 258 -28.16 -24.71 -5.16
N GLY F 259 -27.45 -24.04 -6.07
CA GLY F 259 -27.93 -23.91 -7.44
C GLY F 259 -28.40 -22.54 -7.89
N LEU F 260 -29.29 -22.55 -8.88
CA LEU F 260 -29.69 -21.35 -9.60
C LEU F 260 -30.96 -20.73 -9.05
N TYR F 261 -30.89 -19.45 -8.74
CA TYR F 261 -32.08 -18.68 -8.43
C TYR F 261 -32.40 -17.81 -9.63
N TRP F 262 -33.56 -18.04 -10.24
CA TRP F 262 -34.00 -17.28 -11.40
C TRP F 262 -35.51 -17.38 -11.47
N GLY F 263 -36.18 -16.82 -10.47
CA GLY F 263 -37.64 -16.87 -10.39
C GLY F 263 -38.24 -18.26 -10.53
N GLU F 264 -39.17 -18.39 -11.46
CA GLU F 264 -39.87 -19.66 -11.67
C GLU F 264 -39.04 -20.69 -12.46
N VAL F 265 -37.88 -20.29 -12.97
CA VAL F 265 -37.01 -21.24 -13.65
C VAL F 265 -35.80 -21.63 -12.80
N SER F 266 -35.88 -21.35 -11.51
CA SER F 266 -34.89 -21.80 -10.53
C SER F 266 -34.84 -23.33 -10.45
N ASN F 267 -33.77 -23.86 -9.86
CA ASN F 267 -33.70 -25.27 -9.51
C ASN F 267 -34.76 -25.55 -8.44
N PRO F 268 -35.37 -26.75 -8.46
CA PRO F 268 -36.41 -27.06 -7.47
C PRO F 268 -36.01 -26.70 -6.03
N GLY F 269 -36.93 -26.07 -5.30
CA GLY F 269 -36.70 -25.67 -3.90
C GLY F 269 -35.97 -24.36 -3.70
N VAL F 270 -35.14 -23.97 -4.68
CA VAL F 270 -34.29 -22.78 -4.55
C VAL F 270 -35.07 -21.46 -4.44
N GLN F 271 -36.11 -21.32 -5.24
CA GLN F 271 -36.97 -20.13 -5.14
C GLN F 271 -37.44 -19.95 -3.68
N GLU F 272 -38.01 -20.99 -3.10
CA GLU F 272 -38.44 -20.96 -1.69
C GLU F 272 -37.29 -20.65 -0.75
N LEU F 273 -36.13 -21.28 -0.99
CA LEU F 273 -34.92 -21.00 -0.21
C LEU F 273 -34.59 -19.52 -0.06
N VAL F 274 -34.51 -18.79 -1.17
CA VAL F 274 -34.08 -17.40 -1.10
C VAL F 274 -35.23 -16.43 -0.78
N GLU F 275 -36.36 -16.64 -1.43
CA GLU F 275 -37.54 -15.79 -1.28
C GLU F 275 -38.02 -15.76 0.17
N THR F 276 -37.71 -16.83 0.91
CA THR F 276 -38.22 -17.02 2.26
C THR F 276 -37.15 -16.83 3.34
N SER F 277 -35.92 -16.54 2.92
CA SER F 277 -34.81 -16.40 3.86
C SER F 277 -35.00 -15.32 4.90
N ASP F 278 -34.59 -15.66 6.11
CA ASP F 278 -34.53 -14.77 7.26
C ASP F 278 -33.63 -13.55 7.01
N ALA F 279 -32.53 -13.77 6.29
CA ALA F 279 -31.54 -12.73 6.03
C ALA F 279 -30.78 -13.05 4.73
N LEU F 280 -31.24 -12.47 3.62
CA LEU F 280 -30.67 -12.76 2.32
C LEU F 280 -29.45 -11.89 2.06
N LEU F 281 -28.27 -12.52 2.07
CA LEU F 281 -27.03 -11.85 1.75
C LEU F 281 -26.87 -11.82 0.24
N CYS F 282 -27.29 -10.69 -0.33
CA CYS F 282 -27.39 -10.56 -1.77
C CYS F 282 -26.19 -9.75 -2.30
N ILE F 283 -25.27 -10.44 -2.97
CA ILE F 283 -23.93 -9.91 -3.24
C ILE F 283 -23.66 -9.60 -4.70
N ALA F 284 -23.43 -8.32 -4.99
CA ALA F 284 -23.08 -7.84 -6.33
C ALA F 284 -24.15 -8.17 -7.41
N PRO F 285 -25.43 -8.02 -7.08
CA PRO F 285 -26.47 -8.39 -8.04
C PRO F 285 -26.68 -7.36 -9.15
N VAL F 286 -27.20 -7.82 -10.28
CA VAL F 286 -27.75 -6.93 -11.30
C VAL F 286 -29.21 -7.32 -11.51
N PHE F 287 -30.11 -6.52 -10.95
CA PHE F 287 -31.54 -6.78 -11.09
C PHE F 287 -32.11 -6.02 -12.26
N ASN F 288 -32.35 -6.73 -13.35
CA ASN F 288 -33.04 -6.16 -14.50
C ASN F 288 -34.25 -6.99 -14.87
N ASP F 289 -34.89 -6.64 -15.99
CA ASP F 289 -36.14 -7.31 -16.39
C ASP F 289 -35.92 -8.75 -16.81
N TYR F 290 -34.69 -9.09 -17.23
CA TYR F 290 -34.35 -10.46 -17.55
C TYR F 290 -34.04 -11.29 -16.29
N SER F 291 -33.18 -10.76 -15.42
CA SER F 291 -32.75 -11.49 -14.23
C SER F 291 -33.86 -11.66 -13.18
N THR F 292 -34.75 -10.67 -13.07
CA THR F 292 -35.86 -10.75 -12.12
C THR F 292 -37.07 -11.42 -12.75
N VAL F 293 -36.92 -11.89 -13.99
CA VAL F 293 -38.00 -12.56 -14.75
C VAL F 293 -39.28 -11.69 -14.76
N GLY F 294 -39.20 -10.56 -15.47
CA GLY F 294 -40.30 -9.61 -15.56
C GLY F 294 -40.75 -9.03 -14.22
N TRP F 295 -39.78 -8.75 -13.35
CA TRP F 295 -40.03 -8.11 -12.05
C TRP F 295 -40.79 -8.98 -11.04
N SER F 296 -40.89 -10.29 -11.32
CA SER F 296 -41.60 -11.22 -10.44
C SER F 296 -40.70 -11.86 -9.38
N ALA F 297 -39.40 -11.84 -9.60
CA ALA F 297 -38.44 -12.45 -8.70
C ALA F 297 -37.33 -11.46 -8.35
N TRP F 298 -37.66 -10.49 -7.49
CA TRP F 298 -36.74 -9.40 -7.17
C TRP F 298 -36.75 -9.15 -5.68
N PRO F 299 -35.84 -9.83 -4.94
CA PRO F 299 -35.81 -9.78 -3.48
C PRO F 299 -35.28 -8.45 -2.99
N LYS F 300 -36.05 -7.82 -2.11
CA LYS F 300 -35.68 -6.53 -1.52
C LYS F 300 -36.40 -6.33 -0.19
N GLY F 301 -36.05 -5.24 0.50
CA GLY F 301 -36.71 -4.90 1.76
C GLY F 301 -35.88 -5.22 2.98
N PRO F 302 -36.51 -5.18 4.17
CA PRO F 302 -35.81 -5.26 5.47
C PRO F 302 -34.96 -6.52 5.64
N ASN F 303 -35.40 -7.65 5.08
CA ASN F 303 -34.67 -8.93 5.21
C ASN F 303 -33.46 -9.11 4.28
N VAL F 304 -33.18 -8.12 3.45
CA VAL F 304 -32.12 -8.27 2.45
C VAL F 304 -30.90 -7.42 2.79
N ILE F 305 -29.73 -8.06 2.77
CA ILE F 305 -28.47 -7.34 2.85
C ILE F 305 -27.97 -7.16 1.43
N LEU F 306 -28.12 -5.94 0.94
CA LEU F 306 -27.73 -5.60 -0.42
C LEU F 306 -26.28 -5.14 -0.41
N ALA F 307 -25.39 -5.97 -0.92
CA ALA F 307 -23.97 -5.67 -0.90
C ALA F 307 -23.47 -5.44 -2.31
N GLU F 308 -23.26 -4.17 -2.65
CA GLU F 308 -22.88 -3.79 -4.01
C GLU F 308 -21.37 -3.51 -4.03
N PRO F 309 -20.76 -3.27 -5.21
CA PRO F 309 -19.30 -3.11 -5.29
C PRO F 309 -18.73 -2.00 -4.42
N ASP F 310 -19.61 -1.13 -3.93
CA ASP F 310 -19.29 0.24 -3.54
C ASP F 310 -19.89 0.58 -2.19
N ARG F 311 -20.90 -0.18 -1.80
CA ARG F 311 -21.80 0.21 -0.75
C ARG F 311 -22.59 -1.00 -0.24
N VAL F 312 -23.10 -0.90 0.99
CA VAL F 312 -23.89 -1.97 1.60
C VAL F 312 -25.14 -1.37 2.24
N THR F 313 -26.30 -1.94 1.93
CA THR F 313 -27.56 -1.51 2.53
C THR F 313 -28.14 -2.64 3.38
N VAL F 314 -28.29 -2.38 4.68
CA VAL F 314 -28.72 -3.39 5.62
C VAL F 314 -29.50 -2.74 6.75
N ASP F 315 -30.70 -3.27 7.01
CA ASP F 315 -31.53 -2.87 8.16
C ASP F 315 -31.89 -1.38 8.15
N GLY F 316 -32.16 -0.84 6.97
CA GLY F 316 -32.61 0.55 6.83
C GLY F 316 -31.52 1.60 6.85
N ARG F 317 -30.28 1.18 6.62
CA ARG F 317 -29.15 2.10 6.53
C ARG F 317 -28.25 1.75 5.36
N ALA F 318 -27.72 2.77 4.69
CA ALA F 318 -26.75 2.57 3.63
C ALA F 318 -25.36 2.97 4.10
N TYR F 319 -24.38 2.12 3.85
CA TYR F 319 -23.01 2.38 4.27
C TYR F 319 -22.14 2.43 3.02
N ASP F 320 -21.44 3.54 2.83
CA ASP F 320 -20.62 3.71 1.62
C ASP F 320 -19.15 3.99 1.93
N GLY F 321 -18.31 4.01 0.91
CA GLY F 321 -16.91 4.42 1.07
C GLY F 321 -15.90 3.31 1.30
N PHE F 322 -16.23 2.10 0.86
CA PHE F 322 -15.31 0.96 0.94
C PHE F 322 -15.61 -0.02 -0.19
N THR F 323 -14.65 -0.87 -0.52
CA THR F 323 -14.83 -1.84 -1.58
C THR F 323 -15.61 -3.04 -1.06
N LEU F 324 -16.31 -3.74 -1.95
CA LEU F 324 -17.05 -4.95 -1.61
C LEU F 324 -16.09 -6.00 -1.07
N ARG F 325 -14.93 -6.12 -1.72
CA ARG F 325 -13.91 -7.09 -1.31
C ARG F 325 -13.48 -6.91 0.14
N ALA F 326 -13.24 -5.66 0.56
CA ALA F 326 -12.86 -5.36 1.95
C ALA F 326 -13.98 -5.69 2.91
N PHE F 327 -15.22 -5.44 2.49
CA PHE F 327 -16.41 -5.74 3.29
C PHE F 327 -16.55 -7.24 3.53
N LEU F 328 -16.44 -8.01 2.45
CA LEU F 328 -16.56 -9.47 2.52
C LEU F 328 -15.43 -10.14 3.34
N GLN F 329 -14.20 -9.62 3.22
CA GLN F 329 -13.09 -10.10 4.03
C GLN F 329 -13.34 -9.85 5.51
N ALA F 330 -13.72 -8.61 5.84
CA ALA F 330 -14.00 -8.21 7.23
C ALA F 330 -15.18 -8.95 7.85
N LEU F 331 -16.22 -9.17 7.04
CA LEU F 331 -17.40 -9.89 7.49
C LEU F 331 -17.11 -11.35 7.80
N ALA F 332 -16.24 -11.98 7.00
CA ALA F 332 -15.83 -13.36 7.22
C ALA F 332 -15.11 -13.59 8.56
N GLU F 333 -14.40 -12.56 9.06
CA GLU F 333 -13.72 -12.65 10.35
C GLU F 333 -14.74 -12.76 11.48
N LYS F 334 -15.83 -12.01 11.35
CA LYS F 334 -16.78 -11.80 12.46
C LYS F 334 -18.09 -12.59 12.35
N ALA F 335 -18.43 -13.06 11.15
CA ALA F 335 -19.70 -13.76 10.92
C ALA F 335 -19.85 -15.03 11.75
N PRO F 336 -21.09 -15.30 12.22
CA PRO F 336 -21.39 -16.55 12.91
C PRO F 336 -21.64 -17.71 11.95
N ALA F 337 -21.69 -18.94 12.47
CA ALA F 337 -22.03 -20.10 11.66
C ALA F 337 -23.55 -20.29 11.66
N ARG F 338 -24.14 -20.32 10.46
CA ARG F 338 -25.58 -20.47 10.29
C ARG F 338 -25.92 -21.48 9.18
N PRO F 339 -25.88 -22.78 9.52
CA PRO F 339 -25.97 -23.82 8.49
C PRO F 339 -27.39 -24.22 8.06
N ALA F 340 -28.40 -23.75 8.78
CA ALA F 340 -29.81 -24.14 8.53
C ALA F 340 -30.22 -24.20 7.05
N SER F 341 -29.90 -23.17 6.28
CA SER F 341 -30.26 -23.12 4.85
C SER F 341 -29.67 -24.26 4.06
N ALA F 342 -28.42 -24.61 4.37
CA ALA F 342 -27.71 -25.67 3.65
C ALA F 342 -28.23 -27.07 4.00
N GLN F 343 -28.48 -27.31 5.29
CA GLN F 343 -28.91 -28.62 5.73
C GLN F 343 -30.41 -28.88 5.47
N LYS F 344 -31.15 -27.84 5.10
CA LYS F 344 -32.57 -27.97 4.77
C LYS F 344 -32.83 -28.07 3.26
N SER F 345 -31.77 -28.29 2.48
CA SER F 345 -31.90 -28.30 1.02
C SER F 345 -30.84 -29.18 0.36
N SER F 346 -31.16 -29.66 -0.84
CA SER F 346 -30.32 -30.63 -1.55
C SER F 346 -29.38 -29.96 -2.55
N VAL F 347 -28.25 -30.61 -2.81
CA VAL F 347 -27.32 -30.21 -3.85
C VAL F 347 -28.08 -30.27 -5.19
N PRO F 348 -27.96 -29.21 -6.02
CA PRO F 348 -28.74 -29.13 -7.25
C PRO F 348 -28.34 -30.22 -8.24
N THR F 349 -29.35 -30.80 -8.88
CA THR F 349 -29.13 -31.82 -9.88
C THR F 349 -29.89 -31.40 -11.13
N CYS F 350 -29.53 -31.94 -12.28
CA CYS F 350 -30.20 -31.56 -13.53
C CYS F 350 -30.50 -32.73 -14.46
N SER F 351 -31.79 -32.99 -14.66
CA SER F 351 -32.27 -34.15 -15.41
C SER F 351 -32.10 -33.95 -16.91
N LEU F 352 -31.34 -34.83 -17.56
CA LEU F 352 -31.10 -34.73 -19.01
C LEU F 352 -31.52 -36.00 -19.70
N THR F 353 -32.48 -35.90 -20.61
CA THR F 353 -33.00 -37.09 -21.31
C THR F 353 -32.00 -37.70 -22.31
N ALA F 354 -31.77 -38.99 -22.17
CA ALA F 354 -30.80 -39.71 -22.98
C ALA F 354 -31.49 -40.39 -24.17
N THR F 355 -30.80 -40.43 -25.29
CA THR F 355 -31.35 -40.97 -26.52
C THR F 355 -30.50 -42.17 -26.94
N SER F 356 -30.76 -42.76 -28.09
CA SER F 356 -29.88 -43.80 -28.63
C SER F 356 -28.83 -43.19 -29.57
N ASP F 357 -27.79 -43.98 -29.86
CA ASP F 357 -26.68 -43.58 -30.71
C ASP F 357 -27.11 -42.98 -32.05
N GLU F 358 -28.10 -43.63 -32.68
CA GLU F 358 -28.44 -43.37 -34.09
C GLU F 358 -29.68 -42.47 -34.29
N ALA F 359 -30.34 -42.13 -33.20
CA ALA F 359 -31.45 -41.20 -33.21
C ALA F 359 -30.95 -39.82 -33.63
N GLY F 360 -31.84 -39.00 -34.18
CA GLY F 360 -31.54 -37.61 -34.51
C GLY F 360 -31.08 -36.86 -33.28
N LEU F 361 -30.11 -35.97 -33.48
CA LEU F 361 -29.52 -35.22 -32.37
C LEU F 361 -30.54 -34.38 -31.64
N THR F 362 -30.35 -34.28 -30.33
CA THR F 362 -31.31 -33.66 -29.41
C THR F 362 -30.60 -32.63 -28.56
N ASN F 363 -31.32 -31.56 -28.22
CA ASN F 363 -30.83 -30.52 -27.34
C ASN F 363 -30.20 -31.07 -26.06
N ASP F 364 -30.93 -31.93 -25.36
CA ASP F 364 -30.46 -32.53 -24.10
C ASP F 364 -29.19 -33.33 -24.29
N GLU F 365 -29.09 -33.99 -25.44
CA GLU F 365 -27.93 -34.82 -25.76
C GLU F 365 -26.69 -33.96 -26.07
N ILE F 366 -26.88 -32.78 -26.65
CA ILE F 366 -25.78 -31.83 -26.85
C ILE F 366 -25.21 -31.37 -25.50
N VAL F 367 -26.09 -31.03 -24.57
CA VAL F 367 -25.69 -30.60 -23.22
C VAL F 367 -24.92 -31.70 -22.52
N ARG F 368 -25.39 -32.93 -22.66
CA ARG F 368 -24.74 -34.10 -22.07
C ARG F 368 -23.30 -34.27 -22.55
N HIS F 369 -23.11 -34.06 -23.85
CA HIS F 369 -21.79 -34.17 -24.47
C HIS F 369 -20.86 -33.04 -24.06
N ILE F 370 -21.35 -31.80 -24.07
CA ILE F 370 -20.54 -30.64 -23.69
C ILE F 370 -20.18 -30.71 -22.19
N ASN F 371 -21.13 -31.13 -21.37
CA ASN F 371 -20.88 -31.28 -19.95
C ASN F 371 -19.70 -32.20 -19.69
N ALA F 372 -19.60 -33.29 -20.45
CA ALA F 372 -18.51 -34.25 -20.34
C ALA F 372 -17.15 -33.69 -20.79
N LEU F 373 -17.17 -32.66 -21.64
CA LEU F 373 -15.96 -31.98 -22.09
C LEU F 373 -15.35 -31.08 -21.04
N LEU F 374 -16.18 -30.49 -20.18
CA LEU F 374 -15.74 -29.46 -19.24
C LEU F 374 -14.70 -30.00 -18.26
N THR F 375 -13.60 -29.28 -18.14
CA THR F 375 -12.57 -29.56 -17.15
C THR F 375 -12.37 -28.27 -16.34
N SER F 376 -11.56 -28.35 -15.29
CA SER F 376 -11.21 -27.20 -14.47
C SER F 376 -10.48 -26.14 -15.31
N ASN F 377 -9.97 -26.57 -16.44
CA ASN F 377 -9.20 -25.71 -17.34
C ASN F 377 -10.04 -25.17 -18.52
N THR F 378 -11.36 -25.33 -18.44
CA THR F 378 -12.24 -24.90 -19.52
C THR F 378 -12.83 -23.50 -19.32
N THR F 379 -12.99 -22.77 -20.42
CA THR F 379 -13.80 -21.56 -20.47
C THR F 379 -14.92 -21.77 -21.49
N LEU F 380 -16.16 -21.71 -21.00
CA LEU F 380 -17.34 -21.93 -21.81
C LEU F 380 -17.97 -20.57 -22.10
N VAL F 381 -18.12 -20.25 -23.39
CA VAL F 381 -18.76 -19.01 -23.82
C VAL F 381 -20.15 -19.34 -24.35
N ALA F 382 -21.18 -18.75 -23.75
CA ALA F 382 -22.54 -19.09 -24.12
C ALA F 382 -23.27 -17.89 -24.69
N GLU F 383 -23.70 -18.03 -25.94
CA GLU F 383 -24.37 -16.95 -26.66
C GLU F 383 -25.81 -16.70 -26.20
N THR F 384 -26.30 -15.50 -26.44
CA THR F 384 -27.69 -15.16 -26.25
C THR F 384 -28.55 -16.05 -27.15
N GLY F 385 -29.64 -16.58 -26.59
CA GLY F 385 -30.47 -17.55 -27.26
C GLY F 385 -30.62 -18.73 -26.33
N ASP F 386 -31.05 -19.88 -26.85
CA ASP F 386 -31.25 -21.06 -26.01
C ASP F 386 -29.95 -21.52 -25.34
N SER F 387 -28.81 -21.06 -25.84
CA SER F 387 -27.52 -21.40 -25.24
C SER F 387 -27.38 -20.85 -23.82
N TRP F 388 -28.03 -19.72 -23.53
CA TRP F 388 -28.08 -19.20 -22.16
C TRP F 388 -28.61 -20.28 -21.25
N PHE F 389 -29.66 -20.95 -21.71
CA PHE F 389 -30.42 -21.82 -20.88
C PHE F 389 -29.76 -23.14 -20.65
N ASN F 390 -29.12 -23.71 -21.66
CA ASN F 390 -28.40 -24.93 -21.33
C ASN F 390 -26.99 -24.72 -20.76
N ALA F 391 -26.53 -23.48 -20.76
CA ALA F 391 -25.40 -23.10 -19.93
C ALA F 391 -25.79 -23.27 -18.46
N MET F 392 -27.00 -22.82 -18.10
CA MET F 392 -27.53 -22.97 -16.76
C MET F 392 -27.65 -24.44 -16.36
N ARG F 393 -27.82 -25.30 -17.36
CA ARG F 393 -28.11 -26.72 -17.11
C ARG F 393 -26.87 -27.58 -16.94
N MET F 394 -25.68 -26.98 -17.00
CA MET F 394 -24.46 -27.74 -16.86
C MET F 394 -23.90 -27.73 -15.44
N THR F 395 -23.38 -28.89 -15.03
CA THR F 395 -22.62 -29.00 -13.79
C THR F 395 -21.17 -28.73 -14.14
N LEU F 396 -20.61 -27.63 -13.64
CA LEU F 396 -19.26 -27.28 -14.01
C LEU F 396 -18.27 -27.61 -12.91
N PRO F 397 -17.18 -28.30 -13.28
CA PRO F 397 -16.12 -28.63 -12.33
C PRO F 397 -15.46 -27.39 -11.75
N ARG F 398 -14.92 -27.50 -10.54
CA ARG F 398 -14.22 -26.41 -9.88
C ARG F 398 -13.08 -25.88 -10.75
N GLY F 399 -13.03 -24.57 -10.94
CA GLY F 399 -12.02 -23.96 -11.78
C GLY F 399 -12.54 -23.54 -13.14
N ALA F 400 -13.59 -24.22 -13.62
CA ALA F 400 -14.16 -23.94 -14.94
C ALA F 400 -14.78 -22.55 -14.96
N ARG F 401 -14.69 -21.89 -16.12
CA ARG F 401 -15.17 -20.53 -16.29
C ARG F 401 -16.31 -20.48 -17.30
N VAL F 402 -17.34 -19.70 -16.99
CA VAL F 402 -18.42 -19.46 -17.92
C VAL F 402 -18.46 -17.97 -18.22
N GLU F 403 -18.66 -17.63 -19.50
CA GLU F 403 -18.79 -16.25 -19.93
C GLU F 403 -20.16 -16.01 -20.52
N LEU F 404 -20.90 -15.10 -19.90
CA LEU F 404 -22.23 -14.72 -20.35
C LEU F 404 -22.28 -13.22 -20.58
N GLU F 405 -23.18 -12.78 -21.46
CA GLU F 405 -23.33 -11.37 -21.75
C GLU F 405 -24.81 -11.01 -21.59
N MET F 406 -25.34 -11.24 -20.40
CA MET F 406 -26.79 -11.21 -20.17
C MET F 406 -27.36 -9.81 -19.95
N GLN F 407 -26.50 -8.81 -19.79
CA GLN F 407 -26.96 -7.43 -19.66
C GLN F 407 -27.05 -6.73 -21.04
N TRP F 408 -26.00 -6.83 -21.86
CA TRP F 408 -26.01 -6.27 -23.19
C TRP F 408 -26.81 -7.15 -24.13
N GLY F 409 -26.47 -8.43 -24.19
CA GLY F 409 -27.25 -9.40 -24.98
C GLY F 409 -27.22 -9.15 -26.48
N HIS F 410 -26.05 -8.84 -27.01
CA HIS F 410 -25.87 -8.61 -28.44
C HIS F 410 -25.56 -9.92 -29.12
N ILE F 411 -26.51 -10.50 -29.85
CA ILE F 411 -26.24 -11.75 -30.57
C ILE F 411 -25.03 -11.62 -31.50
N GLY F 412 -24.24 -12.67 -31.59
CA GLY F 412 -23.00 -12.61 -32.36
C GLY F 412 -21.80 -12.34 -31.48
N TRP F 413 -22.04 -11.73 -30.32
CA TRP F 413 -20.98 -11.44 -29.33
C TRP F 413 -20.12 -12.66 -29.11
N SER F 414 -20.78 -13.80 -29.03
CA SER F 414 -20.15 -15.09 -28.80
C SER F 414 -18.78 -15.28 -29.45
N VAL F 415 -18.74 -15.09 -30.77
CA VAL F 415 -17.60 -15.48 -31.60
C VAL F 415 -16.37 -14.58 -31.42
N PRO F 416 -16.48 -13.28 -31.73
CA PRO F 416 -15.31 -12.43 -31.49
C PRO F 416 -14.89 -12.36 -30.01
N SER F 417 -15.87 -12.45 -29.11
CA SER F 417 -15.57 -12.47 -27.69
C SER F 417 -14.71 -13.65 -27.31
N ALA F 418 -15.06 -14.84 -27.81
CA ALA F 418 -14.29 -16.05 -27.55
C ALA F 418 -12.88 -15.92 -28.11
N PHE F 419 -12.78 -15.27 -29.27
CA PHE F 419 -11.50 -15.07 -29.93
C PHE F 419 -10.53 -14.28 -29.06
N GLY F 420 -10.99 -13.13 -28.59
CA GLY F 420 -10.22 -12.28 -27.69
C GLY F 420 -9.93 -12.98 -26.39
N ASN F 421 -10.95 -13.64 -25.83
CA ASN F 421 -10.77 -14.41 -24.60
C ASN F 421 -9.69 -15.46 -24.73
N ALA F 422 -9.68 -16.18 -25.85
CA ALA F 422 -8.68 -17.20 -26.13
C ALA F 422 -7.27 -16.60 -26.24
N MET F 423 -7.15 -15.49 -26.96
CA MET F 423 -5.89 -14.73 -27.01
C MET F 423 -5.32 -14.42 -25.64
N GLY F 424 -6.20 -14.07 -24.70
CA GLY F 424 -5.80 -13.65 -23.36
C GLY F 424 -5.62 -14.78 -22.36
N SER F 425 -5.86 -16.01 -22.79
CA SER F 425 -5.67 -17.19 -21.93
C SER F 425 -5.46 -18.42 -22.82
N GLN F 426 -4.32 -18.46 -23.49
CA GLN F 426 -4.05 -19.48 -24.51
C GLN F 426 -3.82 -20.85 -23.91
N ASP F 427 -3.62 -20.89 -22.59
CA ASP F 427 -3.33 -22.12 -21.84
C ASP F 427 -4.61 -22.93 -21.54
N ARG F 428 -5.77 -22.29 -21.68
CA ARG F 428 -7.07 -22.90 -21.35
C ARG F 428 -7.74 -23.52 -22.56
N GLN F 429 -8.68 -24.44 -22.33
CA GLN F 429 -9.53 -24.95 -23.41
C GLN F 429 -10.74 -24.04 -23.58
N HIS F 430 -10.96 -23.59 -24.81
CA HIS F 430 -12.08 -22.67 -25.07
C HIS F 430 -13.21 -23.34 -25.82
N VAL F 431 -14.40 -23.26 -25.24
CA VAL F 431 -15.59 -23.88 -25.82
C VAL F 431 -16.66 -22.82 -26.01
N VAL F 432 -17.26 -22.80 -27.20
CA VAL F 432 -18.31 -21.84 -27.54
C VAL F 432 -19.62 -22.53 -27.86
N MET F 433 -20.70 -22.01 -27.31
CA MET F 433 -22.05 -22.40 -27.70
C MET F 433 -22.71 -21.23 -28.38
N VAL F 434 -23.03 -21.40 -29.65
CA VAL F 434 -23.59 -20.30 -30.45
C VAL F 434 -24.70 -20.80 -31.38
N GLY F 435 -25.80 -20.04 -31.41
CA GLY F 435 -26.92 -20.35 -32.29
C GLY F 435 -26.62 -19.98 -33.73
N ASP F 436 -27.40 -20.54 -34.64
CA ASP F 436 -27.20 -20.27 -36.06
C ASP F 436 -27.46 -18.81 -36.41
N GLY F 437 -28.48 -18.22 -35.79
CA GLY F 437 -28.82 -16.84 -36.05
C GLY F 437 -27.73 -15.89 -35.60
N SER F 438 -27.20 -16.14 -34.41
CA SER F 438 -26.15 -15.29 -33.84
C SER F 438 -24.87 -15.40 -34.64
N PHE F 439 -24.56 -16.60 -35.11
CA PHE F 439 -23.32 -16.84 -35.81
C PHE F 439 -23.22 -15.98 -37.05
N GLN F 440 -24.34 -15.77 -37.73
CA GLN F 440 -24.36 -15.01 -38.98
C GLN F 440 -23.91 -13.55 -38.85
N LEU F 441 -24.08 -12.96 -37.67
CA LEU F 441 -23.70 -11.58 -37.45
C LEU F 441 -22.19 -11.34 -37.47
N THR F 442 -21.44 -12.29 -36.94
CA THR F 442 -20.02 -12.09 -36.69
C THR F 442 -19.15 -13.26 -37.19
N ALA F 443 -19.73 -14.12 -38.03
CA ALA F 443 -19.08 -15.34 -38.51
C ALA F 443 -17.62 -15.15 -38.94
N GLN F 444 -17.35 -14.07 -39.67
CA GLN F 444 -16.03 -13.83 -40.24
C GLN F 444 -14.87 -13.85 -39.24
N GLU F 445 -15.16 -13.71 -37.96
CA GLU F 445 -14.07 -13.70 -36.97
C GLU F 445 -13.51 -15.07 -36.64
N VAL F 446 -14.18 -16.12 -37.11
CA VAL F 446 -13.63 -17.49 -37.01
C VAL F 446 -12.36 -17.57 -37.86
N ALA F 447 -12.28 -16.73 -38.89
CA ALA F 447 -11.10 -16.67 -39.76
C ALA F 447 -9.86 -16.19 -39.03
N GLN F 448 -10.06 -15.30 -38.05
CA GLN F 448 -8.97 -14.84 -37.18
C GLN F 448 -8.46 -15.96 -36.26
N MET F 449 -9.38 -16.77 -35.74
CA MET F 449 -9.01 -17.94 -34.96
C MET F 449 -8.13 -18.85 -35.80
N VAL F 450 -8.48 -19.00 -37.07
CA VAL F 450 -7.69 -19.79 -38.01
C VAL F 450 -6.33 -19.12 -38.17
N ARG F 451 -6.35 -17.84 -38.51
CA ARG F 451 -5.11 -17.09 -38.72
C ARG F 451 -4.12 -17.23 -37.56
N TYR F 452 -4.62 -17.08 -36.34
CA TYR F 452 -3.76 -17.10 -35.16
C TYR F 452 -3.66 -18.47 -34.49
N GLU F 453 -4.20 -19.48 -35.17
CA GLU F 453 -4.06 -20.90 -34.78
C GLU F 453 -4.58 -21.17 -33.37
N LEU F 454 -5.80 -20.71 -33.11
CA LEU F 454 -6.43 -20.89 -31.81
C LEU F 454 -7.43 -22.05 -31.81
N PRO F 455 -7.14 -23.10 -30.99
CA PRO F 455 -7.96 -24.31 -31.00
C PRO F 455 -9.26 -24.14 -30.20
N VAL F 456 -10.11 -23.20 -30.61
CA VAL F 456 -11.42 -23.02 -29.99
C VAL F 456 -12.39 -24.05 -30.54
N ILE F 457 -13.14 -24.71 -29.66
CA ILE F 457 -14.19 -25.62 -30.11
C ILE F 457 -15.53 -24.88 -30.12
N ILE F 458 -16.10 -24.74 -31.30
CA ILE F 458 -17.36 -24.03 -31.48
C ILE F 458 -18.52 -24.99 -31.74
N PHE F 459 -19.47 -25.04 -30.81
CA PHE F 459 -20.71 -25.79 -31.01
C PHE F 459 -21.74 -24.87 -31.64
N LEU F 460 -21.97 -25.04 -32.93
CA LEU F 460 -22.95 -24.24 -33.66
C LEU F 460 -24.30 -24.96 -33.62
N ILE F 461 -25.26 -24.37 -32.90
CA ILE F 461 -26.57 -25.01 -32.74
C ILE F 461 -27.46 -24.59 -33.89
N ASN F 462 -27.49 -25.39 -34.94
CA ASN F 462 -28.33 -25.12 -36.09
C ASN F 462 -29.74 -25.67 -35.90
N ASN F 463 -30.64 -24.81 -35.42
CA ASN F 463 -32.06 -25.16 -35.31
C ASN F 463 -32.95 -24.40 -36.26
N ARG F 464 -32.33 -23.79 -37.28
CA ARG F 464 -33.00 -23.13 -38.40
C ARG F 464 -33.80 -21.87 -38.04
N GLY F 465 -33.22 -21.01 -37.21
CA GLY F 465 -33.85 -19.75 -36.88
C GLY F 465 -33.64 -19.21 -35.47
N TYR F 466 -34.28 -18.07 -35.21
CA TYR F 466 -34.28 -17.41 -33.90
C TYR F 466 -35.29 -18.12 -32.97
N VAL F 467 -34.90 -19.27 -32.44
CA VAL F 467 -35.84 -20.12 -31.71
C VAL F 467 -36.31 -19.49 -30.41
N ILE F 468 -35.41 -18.82 -29.71
CA ILE F 468 -35.76 -18.08 -28.50
C ILE F 468 -36.91 -17.11 -28.74
N GLU F 469 -37.08 -16.73 -30.01
CA GLU F 469 -38.11 -15.80 -30.42
C GLU F 469 -39.32 -16.53 -30.96
N ILE F 470 -39.09 -17.60 -31.72
CA ILE F 470 -40.14 -18.43 -32.30
C ILE F 470 -41.01 -19.02 -31.20
N ALA F 471 -40.40 -19.37 -30.08
CA ALA F 471 -41.11 -20.02 -28.96
C ALA F 471 -42.01 -19.04 -28.22
N ILE F 472 -41.66 -17.76 -28.31
CA ILE F 472 -42.29 -16.72 -27.51
C ILE F 472 -43.27 -15.84 -28.31
N HIS F 473 -42.82 -15.38 -29.48
CA HIS F 473 -43.59 -14.47 -30.31
C HIS F 473 -43.14 -14.69 -31.75
N ASP F 474 -43.83 -15.57 -32.45
CA ASP F 474 -43.39 -15.98 -33.79
C ASP F 474 -43.88 -15.05 -34.91
N GLY F 475 -43.04 -14.88 -35.93
CA GLY F 475 -43.39 -14.08 -37.11
C GLY F 475 -42.34 -14.37 -38.16
N PRO F 476 -42.60 -13.96 -39.42
CA PRO F 476 -41.67 -14.27 -40.52
C PRO F 476 -40.23 -13.82 -40.29
N TYR F 477 -40.05 -12.85 -39.39
CA TYR F 477 -38.76 -12.26 -39.06
C TYR F 477 -37.83 -13.19 -38.29
N ASN F 478 -38.35 -14.32 -37.85
CA ASN F 478 -37.56 -15.28 -37.07
C ASN F 478 -36.84 -16.33 -37.92
N TYR F 479 -37.07 -16.29 -39.23
CA TYR F 479 -36.58 -17.32 -40.12
C TYR F 479 -35.52 -16.81 -41.09
N ILE F 480 -34.34 -17.43 -41.01
CA ILE F 480 -33.15 -16.99 -41.74
C ILE F 480 -32.70 -17.99 -42.80
N LYS F 481 -31.89 -17.53 -43.74
CA LYS F 481 -31.26 -18.39 -44.73
C LYS F 481 -30.26 -19.33 -44.06
N ASN F 482 -30.48 -20.63 -44.20
CA ASN F 482 -29.56 -21.62 -43.69
C ASN F 482 -28.21 -21.56 -44.42
N TRP F 483 -27.12 -21.83 -43.70
CA TRP F 483 -25.82 -21.96 -44.34
C TRP F 483 -25.28 -23.38 -44.18
N ASP F 484 -24.28 -23.73 -44.97
CA ASP F 484 -23.47 -24.90 -44.68
C ASP F 484 -22.37 -24.46 -43.71
N TYR F 485 -22.70 -24.42 -42.43
CA TYR F 485 -21.80 -23.88 -41.44
C TYR F 485 -20.48 -24.66 -41.34
N ALA F 486 -20.57 -25.98 -41.40
CA ALA F 486 -19.37 -26.83 -41.40
C ALA F 486 -18.47 -26.52 -42.62
N GLY F 487 -19.08 -26.29 -43.79
CA GLY F 487 -18.32 -26.05 -45.01
C GLY F 487 -17.56 -24.73 -45.01
N LEU F 488 -17.94 -23.84 -44.10
CA LEU F 488 -17.36 -22.50 -44.01
C LEU F 488 -15.90 -22.52 -43.54
N MET F 489 -15.52 -23.57 -42.82
CA MET F 489 -14.14 -23.68 -42.32
C MET F 489 -13.09 -23.78 -43.41
N GLU F 490 -13.33 -24.63 -44.42
CA GLU F 490 -12.43 -24.71 -45.56
C GLU F 490 -12.30 -23.37 -46.27
N VAL F 491 -13.40 -22.60 -46.32
CA VAL F 491 -13.35 -21.28 -46.94
C VAL F 491 -12.32 -20.41 -46.22
N PHE F 492 -12.36 -20.39 -44.88
CA PHE F 492 -11.41 -19.59 -44.12
C PHE F 492 -10.01 -20.20 -44.13
N ASN F 493 -9.91 -21.51 -44.33
CA ASN F 493 -8.60 -22.15 -44.42
C ASN F 493 -7.85 -21.71 -45.68
N ALA F 494 -8.55 -21.76 -46.81
CA ALA F 494 -8.00 -21.43 -48.13
C ALA F 494 -6.64 -22.09 -48.41
N GLY F 495 -6.50 -23.35 -48.02
CA GLY F 495 -5.24 -24.09 -48.17
C GLY F 495 -4.12 -23.75 -47.20
N GLU F 496 -4.36 -22.80 -46.29
CA GLU F 496 -3.37 -22.40 -45.28
C GLU F 496 -3.65 -22.97 -43.89
N GLY F 497 -4.76 -22.54 -43.28
CA GLY F 497 -5.06 -22.83 -41.88
C GLY F 497 -5.42 -24.25 -41.51
N HIS F 498 -5.58 -24.47 -40.21
CA HIS F 498 -5.88 -25.80 -39.68
C HIS F 498 -7.25 -25.87 -39.00
N GLY F 499 -8.20 -25.09 -39.49
CA GLY F 499 -9.57 -25.16 -38.99
C GLY F 499 -10.28 -26.40 -39.48
N LEU F 500 -11.18 -26.94 -38.66
CA LEU F 500 -12.02 -28.09 -39.01
C LEU F 500 -13.50 -27.76 -38.96
N GLY F 501 -14.24 -28.21 -39.98
CA GLY F 501 -15.70 -28.09 -40.01
C GLY F 501 -16.38 -29.46 -40.07
N LEU F 502 -17.21 -29.74 -39.07
CA LEU F 502 -17.86 -31.04 -38.97
C LEU F 502 -19.35 -30.92 -38.71
N LYS F 503 -20.11 -31.90 -39.21
CA LYS F 503 -21.55 -31.98 -38.97
C LYS F 503 -21.84 -33.03 -37.91
N ALA F 504 -22.67 -32.68 -36.94
CA ALA F 504 -23.14 -33.65 -35.98
C ALA F 504 -24.64 -33.78 -36.13
N THR F 505 -25.10 -34.98 -36.43
CA THR F 505 -26.48 -35.19 -36.82
C THR F 505 -27.14 -36.22 -35.91
N THR F 506 -26.30 -37.00 -35.22
CA THR F 506 -26.73 -37.99 -34.24
C THR F 506 -25.78 -37.87 -33.06
N PRO F 507 -26.13 -38.42 -31.89
CA PRO F 507 -25.21 -38.45 -30.75
C PRO F 507 -23.91 -39.20 -31.01
N LYS F 508 -23.94 -40.27 -31.81
CA LYS F 508 -22.72 -40.95 -32.20
C LYS F 508 -21.87 -40.02 -33.06
N GLU F 509 -22.52 -39.29 -33.96
CA GLU F 509 -21.82 -38.41 -34.88
C GLU F 509 -21.20 -37.22 -34.15
N LEU F 510 -21.83 -36.82 -33.05
CA LEU F 510 -21.31 -35.75 -32.21
C LEU F 510 -20.11 -36.22 -31.38
N THR F 511 -20.20 -37.45 -30.89
CA THR F 511 -19.17 -38.03 -30.05
C THR F 511 -17.85 -38.13 -30.86
N GLU F 512 -17.98 -38.49 -32.14
CA GLU F 512 -16.84 -38.57 -33.06
C GLU F 512 -16.29 -37.17 -33.34
N ALA F 513 -17.19 -36.21 -33.52
CA ALA F 513 -16.79 -34.84 -33.85
C ALA F 513 -15.98 -34.19 -32.73
N ILE F 514 -16.34 -34.49 -31.48
CA ILE F 514 -15.65 -33.94 -30.30
C ILE F 514 -14.25 -34.55 -30.18
N ALA F 515 -14.14 -35.83 -30.49
CA ALA F 515 -12.85 -36.52 -30.52
C ALA F 515 -11.90 -35.85 -31.51
N ARG F 516 -12.42 -35.52 -32.71
CA ARG F 516 -11.65 -34.87 -33.74
C ARG F 516 -11.23 -33.48 -33.30
N ALA F 517 -12.15 -32.80 -32.62
CA ALA F 517 -11.94 -31.42 -32.14
C ALA F 517 -10.80 -31.36 -31.13
N LYS F 518 -10.80 -32.29 -30.17
CA LYS F 518 -9.77 -32.33 -29.15
C LYS F 518 -8.39 -32.57 -29.77
N ALA F 519 -8.37 -33.29 -30.89
CA ALA F 519 -7.12 -33.61 -31.58
C ALA F 519 -6.64 -32.47 -32.45
N ASN F 520 -7.50 -31.49 -32.71
CA ASN F 520 -7.15 -30.37 -33.59
C ASN F 520 -6.49 -29.24 -32.81
N THR F 521 -5.15 -29.28 -32.74
CA THR F 521 -4.42 -28.41 -31.83
C THR F 521 -4.01 -27.07 -32.44
N ARG F 522 -4.14 -26.92 -33.75
CA ARG F 522 -3.63 -25.72 -34.43
C ARG F 522 -4.70 -24.87 -35.13
N GLY F 523 -5.97 -25.08 -34.79
CA GLY F 523 -7.04 -24.29 -35.38
C GLY F 523 -8.38 -24.57 -34.73
N PRO F 524 -9.36 -23.69 -34.96
CA PRO F 524 -10.68 -23.85 -34.37
C PRO F 524 -11.42 -25.04 -35.00
N THR F 525 -12.34 -25.63 -34.23
CA THR F 525 -13.21 -26.67 -34.75
C THR F 525 -14.67 -26.27 -34.57
N LEU F 526 -15.36 -26.09 -35.68
CA LEU F 526 -16.78 -25.82 -35.67
C LEU F 526 -17.56 -27.11 -35.88
N ILE F 527 -18.40 -27.45 -34.91
CA ILE F 527 -19.32 -28.57 -35.03
C ILE F 527 -20.74 -28.06 -35.24
N GLU F 528 -21.24 -28.22 -36.46
CA GLU F 528 -22.60 -27.86 -36.77
C GLU F 528 -23.53 -28.93 -36.23
N CYS F 529 -24.15 -28.65 -35.09
CA CYS F 529 -25.11 -29.57 -34.49
C CYS F 529 -26.50 -29.29 -35.01
N GLN F 530 -27.09 -30.27 -35.68
CA GLN F 530 -28.44 -30.11 -36.20
C GLN F 530 -29.47 -30.68 -35.26
N ILE F 531 -30.29 -29.80 -34.71
CA ILE F 531 -31.44 -30.23 -33.92
C ILE F 531 -32.73 -29.59 -34.42
N ASP F 532 -33.88 -30.16 -34.05
CA ASP F 532 -35.14 -29.63 -34.52
C ASP F 532 -35.47 -28.31 -33.87
N ARG F 533 -36.14 -27.47 -34.65
CA ARG F 533 -36.53 -26.12 -34.20
C ARG F 533 -37.42 -26.14 -32.96
N THR F 534 -38.10 -27.27 -32.77
CA THR F 534 -39.09 -27.44 -31.72
C THR F 534 -38.44 -27.81 -30.40
N ASP F 535 -37.16 -28.18 -30.48
CA ASP F 535 -36.42 -28.83 -29.39
C ASP F 535 -35.59 -27.85 -28.57
N CYS F 536 -36.27 -26.91 -27.91
CA CYS F 536 -35.59 -25.97 -27.01
C CYS F 536 -35.91 -26.31 -25.57
N THR F 537 -35.22 -25.67 -24.63
CA THR F 537 -35.44 -25.95 -23.21
C THR F 537 -36.82 -25.49 -22.76
N ASP F 538 -37.44 -26.26 -21.86
CA ASP F 538 -38.66 -25.84 -21.17
C ASP F 538 -38.41 -24.55 -20.40
N MET F 539 -37.20 -24.46 -19.85
CA MET F 539 -36.72 -23.29 -19.16
C MET F 539 -36.92 -22.02 -20.00
N LEU F 540 -36.50 -22.04 -21.27
CA LEU F 540 -36.66 -20.90 -22.17
C LEU F 540 -38.13 -20.52 -22.34
N VAL F 541 -38.98 -21.51 -22.56
CA VAL F 541 -40.41 -21.25 -22.77
C VAL F 541 -41.01 -20.58 -21.54
N GLN F 542 -40.77 -21.15 -20.37
CA GLN F 542 -41.30 -20.58 -19.12
C GLN F 542 -40.83 -19.14 -18.91
N TRP F 543 -39.51 -18.95 -18.92
CA TRP F 543 -38.90 -17.63 -18.76
C TRP F 543 -39.42 -16.63 -19.80
N GLY F 544 -39.41 -17.03 -21.06
CA GLY F 544 -39.84 -16.17 -22.15
C GLY F 544 -41.27 -15.67 -22.06
N ARG F 545 -42.21 -16.56 -21.76
CA ARG F 545 -43.61 -16.16 -21.67
C ARG F 545 -43.81 -15.04 -20.66
N LYS F 546 -43.15 -15.13 -19.52
CA LYS F 546 -43.34 -14.14 -18.46
C LYS F 546 -42.69 -12.81 -18.85
N VAL F 547 -41.45 -12.88 -19.34
CA VAL F 547 -40.72 -11.71 -19.74
C VAL F 547 -41.43 -10.97 -20.89
N ALA F 548 -41.87 -11.70 -21.90
CA ALA F 548 -42.59 -11.09 -23.02
C ALA F 548 -43.90 -10.40 -22.65
N SER F 549 -44.68 -11.01 -21.75
CA SER F 549 -45.95 -10.41 -21.35
C SER F 549 -45.71 -9.18 -20.47
N THR F 550 -44.59 -9.17 -19.74
CA THR F 550 -44.21 -8.01 -18.94
C THR F 550 -43.73 -6.82 -19.80
N ASN F 551 -42.93 -7.10 -20.83
CA ASN F 551 -42.51 -6.06 -21.76
C ASN F 551 -43.63 -5.53 -22.65
N ALA F 552 -44.72 -6.28 -22.78
CA ALA F 552 -45.84 -5.84 -23.59
C ALA F 552 -46.94 -5.17 -22.74
N ARG F 553 -46.70 -5.09 -21.44
CA ARG F 553 -47.64 -4.56 -20.46
C ARG F 553 -48.17 -3.18 -20.91
N LYS F 554 -49.46 -2.95 -20.73
CA LYS F 554 -50.07 -1.67 -21.14
C LYS F 554 -50.17 -0.61 -20.02
N THR F 555 -50.15 -1.04 -18.75
CA THR F 555 -50.25 -0.11 -17.62
C THR F 555 -49.05 -0.15 -16.66
N THR G 2 -40.50 8.91 10.26
CA THR G 2 -40.55 8.53 8.81
C THR G 2 -39.53 9.31 7.95
N TYR G 3 -38.51 8.59 7.46
CA TYR G 3 -37.29 9.20 6.92
C TYR G 3 -37.32 9.27 5.39
N THR G 4 -37.15 10.47 4.84
CA THR G 4 -37.34 10.68 3.41
C THR G 4 -36.04 10.89 2.61
N VAL G 5 -36.16 10.77 1.29
CA VAL G 5 -35.07 11.05 0.34
C VAL G 5 -34.43 12.42 0.58
N GLY G 6 -35.26 13.44 0.76
CA GLY G 6 -34.76 14.79 1.05
C GLY G 6 -33.97 14.89 2.33
N MET G 7 -34.38 14.12 3.34
CA MET G 7 -33.69 14.09 4.61
C MET G 7 -32.34 13.42 4.47
N TYR G 8 -32.28 12.40 3.62
CA TYR G 8 -31.04 11.69 3.31
C TYR G 8 -30.03 12.66 2.71
N LEU G 9 -30.48 13.45 1.74
CA LEU G 9 -29.65 14.46 1.12
C LEU G 9 -29.13 15.44 2.16
N ALA G 10 -30.02 15.87 3.05
CA ALA G 10 -29.69 16.86 4.06
C ALA G 10 -28.59 16.35 4.98
N GLU G 11 -28.71 15.11 5.45
CA GLU G 11 -27.75 14.53 6.36
C GLU G 11 -26.38 14.32 5.70
N ARG G 12 -26.37 13.98 4.41
CA ARG G 12 -25.13 13.87 3.67
C ARG G 12 -24.43 15.23 3.51
N LEU G 13 -25.22 16.27 3.23
CA LEU G 13 -24.65 17.61 3.10
C LEU G 13 -24.02 18.02 4.44
N VAL G 14 -24.69 17.68 5.54
CA VAL G 14 -24.17 18.01 6.86
C VAL G 14 -22.85 17.28 7.09
N GLN G 15 -22.75 16.05 6.60
CA GLN G 15 -21.55 15.24 6.72
C GLN G 15 -20.37 15.78 5.90
N ILE G 16 -20.68 16.52 4.84
CA ILE G 16 -19.65 17.22 4.08
C ILE G 16 -18.97 18.28 4.96
N GLY G 17 -19.74 18.82 5.90
CA GLY G 17 -19.29 19.91 6.77
C GLY G 17 -19.98 21.21 6.45
N LEU G 18 -21.05 21.14 5.67
CA LEU G 18 -21.87 22.30 5.38
C LEU G 18 -22.68 22.73 6.59
N LYS G 19 -22.79 24.03 6.80
CA LYS G 19 -23.65 24.58 7.85
C LYS G 19 -24.75 25.43 7.21
N HIS G 20 -24.67 25.58 5.88
CA HIS G 20 -25.63 26.36 5.12
C HIS G 20 -25.81 25.76 3.73
N HIS G 21 -27.01 25.92 3.18
CA HIS G 21 -27.24 25.75 1.75
C HIS G 21 -28.09 26.92 1.27
N PHE G 22 -27.95 27.25 -0.01
CA PHE G 22 -28.61 28.39 -0.61
C PHE G 22 -29.74 27.91 -1.53
N ALA G 23 -30.83 28.67 -1.55
CA ALA G 23 -32.01 28.23 -2.31
C ALA G 23 -32.84 29.36 -2.90
N VAL G 24 -33.50 29.08 -4.01
CA VAL G 24 -34.59 29.89 -4.50
C VAL G 24 -35.78 28.96 -4.68
N ALA G 25 -36.90 29.33 -4.08
CA ALA G 25 -38.09 28.48 -4.11
C ALA G 25 -38.72 28.39 -5.48
N GLY G 26 -39.27 27.22 -5.78
CA GLY G 26 -40.12 27.03 -6.96
C GLY G 26 -40.98 25.80 -6.71
N ASP G 27 -42.12 25.70 -7.37
CA ASP G 27 -43.03 24.58 -7.10
C ASP G 27 -42.38 23.19 -7.23
N TYR G 28 -41.42 23.03 -8.13
CA TYR G 28 -40.71 21.75 -8.31
C TYR G 28 -39.76 21.38 -7.16
N ASN G 29 -39.51 22.31 -6.25
CA ASN G 29 -38.56 22.05 -5.16
C ASN G 29 -39.04 22.34 -3.74
N LEU G 30 -40.29 22.79 -3.61
CA LEU G 30 -40.84 23.16 -2.30
C LEU G 30 -40.81 22.02 -1.28
N VAL G 31 -41.29 20.86 -1.67
CA VAL G 31 -41.26 19.69 -0.79
C VAL G 31 -39.82 19.32 -0.42
N LEU G 32 -38.92 19.36 -1.40
CA LEU G 32 -37.50 19.12 -1.13
C LEU G 32 -36.95 20.10 -0.08
N LEU G 33 -37.25 21.39 -0.27
CA LEU G 33 -36.86 22.43 0.70
C LEU G 33 -37.42 22.15 2.10
N ASP G 34 -38.66 21.66 2.17
CA ASP G 34 -39.27 21.23 3.44
C ASP G 34 -38.45 20.15 4.10
N GLN G 35 -38.01 19.14 3.32
CA GLN G 35 -37.19 18.04 3.85
C GLN G 35 -35.88 18.55 4.41
N LEU G 36 -35.25 19.45 3.67
CA LEU G 36 -33.97 20.03 4.09
C LEU G 36 -34.09 20.88 5.36
N LEU G 37 -35.22 21.55 5.53
CA LEU G 37 -35.46 22.39 6.71
C LEU G 37 -35.56 21.61 8.01
N LEU G 38 -35.93 20.34 7.91
CA LEU G 38 -36.06 19.47 9.09
C LEU G 38 -34.71 19.15 9.71
N ASN G 39 -33.61 19.41 8.99
CA ASN G 39 -32.29 19.20 9.54
C ASN G 39 -31.76 20.46 10.21
N LYS G 40 -31.71 20.43 11.54
CA LYS G 40 -31.32 21.60 12.33
C LYS G 40 -29.81 21.85 12.34
N ASP G 41 -29.03 20.96 11.73
CA ASP G 41 -27.58 21.11 11.70
C ASP G 41 -27.10 22.10 10.64
N MET G 42 -28.03 22.53 9.78
CA MET G 42 -27.72 23.60 8.83
C MET G 42 -28.87 24.58 8.61
N LYS G 43 -28.54 25.75 8.07
CA LYS G 43 -29.53 26.79 7.78
C LYS G 43 -29.74 26.92 6.29
N GLN G 44 -31.00 27.11 5.91
CA GLN G 44 -31.38 27.28 4.54
C GLN G 44 -31.47 28.78 4.31
N ILE G 45 -30.65 29.32 3.43
CA ILE G 45 -30.72 30.74 3.19
C ILE G 45 -31.13 31.07 1.75
N TYR G 46 -31.76 32.22 1.54
CA TYR G 46 -32.42 32.50 0.26
C TYR G 46 -31.77 33.59 -0.58
N CYS G 47 -31.85 33.43 -1.89
CA CYS G 47 -31.26 34.40 -2.81
C CYS G 47 -32.28 35.07 -3.72
N CYS G 48 -31.88 36.18 -4.33
CA CYS G 48 -32.77 36.91 -5.23
C CYS G 48 -33.03 36.16 -6.51
N ASN G 49 -31.94 35.76 -7.18
CA ASN G 49 -32.05 34.96 -8.38
C ASN G 49 -31.06 33.81 -8.38
N GLU G 50 -31.23 32.90 -9.33
CA GLU G 50 -30.47 31.66 -9.36
C GLU G 50 -29.01 31.83 -9.78
N LEU G 51 -28.72 32.83 -10.61
CA LEU G 51 -27.34 33.11 -10.94
C LEU G 51 -26.58 33.47 -9.66
N ASN G 52 -27.16 34.40 -8.88
CA ASN G 52 -26.58 34.82 -7.61
C ASN G 52 -26.54 33.68 -6.61
N CYS G 53 -27.57 32.85 -6.63
CA CYS G 53 -27.65 31.68 -5.77
C CYS G 53 -26.43 30.77 -5.97
N GLY G 54 -26.16 30.45 -7.24
CA GLY G 54 -25.01 29.64 -7.60
C GLY G 54 -23.69 30.27 -7.20
N PHE G 55 -23.56 31.56 -7.46
CA PHE G 55 -22.34 32.28 -7.08
C PHE G 55 -22.17 32.45 -5.58
N SER G 56 -23.28 32.48 -4.85
CA SER G 56 -23.24 32.47 -3.39
C SER G 56 -22.66 31.15 -2.91
N ALA G 57 -23.10 30.04 -3.54
CA ALA G 57 -22.60 28.71 -3.21
C ALA G 57 -21.10 28.64 -3.52
N GLU G 58 -20.72 29.17 -4.68
CA GLU G 58 -19.32 29.24 -5.08
C GLU G 58 -18.48 29.95 -4.01
N GLY G 59 -18.94 31.11 -3.55
CA GLY G 59 -18.25 31.86 -2.51
C GLY G 59 -18.12 31.08 -1.21
N TYR G 60 -19.20 30.42 -0.81
CA TYR G 60 -19.24 29.56 0.38
C TYR G 60 -18.22 28.41 0.30
N ALA G 61 -18.13 27.77 -0.88
CA ALA G 61 -17.14 26.72 -1.13
C ALA G 61 -15.69 27.20 -0.86
N ARG G 62 -15.41 28.45 -1.21
CA ARG G 62 -14.09 29.03 -1.00
C ARG G 62 -13.66 29.05 0.46
N SER G 63 -14.60 29.32 1.37
CA SER G 63 -14.27 29.40 2.78
C SER G 63 -14.56 28.10 3.55
N ASN G 64 -15.59 27.37 3.13
CA ASN G 64 -15.98 26.15 3.81
C ASN G 64 -15.34 24.87 3.24
N GLY G 65 -15.15 24.82 1.93
CA GLY G 65 -14.55 23.66 1.28
C GLY G 65 -15.44 23.08 0.20
N ALA G 66 -16.75 23.21 0.42
CA ALA G 66 -17.78 22.77 -0.53
C ALA G 66 -19.06 23.56 -0.27
N ALA G 67 -20.06 23.41 -1.13
CA ALA G 67 -21.33 24.12 -0.96
C ALA G 67 -22.46 23.43 -1.70
N ALA G 68 -23.69 23.87 -1.43
CA ALA G 68 -24.86 23.36 -2.11
C ALA G 68 -25.87 24.48 -2.40
N ALA G 69 -26.48 24.42 -3.58
CA ALA G 69 -27.55 25.34 -3.96
C ALA G 69 -28.73 24.55 -4.49
N VAL G 70 -29.93 24.98 -4.15
CA VAL G 70 -31.15 24.29 -4.55
C VAL G 70 -32.04 25.21 -5.39
N VAL G 71 -32.35 24.78 -6.61
CA VAL G 71 -33.11 25.61 -7.53
C VAL G 71 -34.27 24.84 -8.16
N THR G 72 -35.12 25.56 -8.91
CA THR G 72 -36.23 24.92 -9.59
C THR G 72 -35.85 24.59 -11.03
N PHE G 73 -36.57 23.65 -11.64
CA PHE G 73 -36.28 23.13 -12.98
C PHE G 73 -36.24 24.18 -14.09
N SER G 74 -35.23 24.06 -14.97
CA SER G 74 -34.98 24.95 -16.13
C SER G 74 -34.81 26.43 -15.84
N VAL G 75 -35.89 27.10 -15.48
CA VAL G 75 -35.88 28.54 -15.28
C VAL G 75 -34.89 28.93 -14.19
N GLY G 76 -34.74 28.07 -13.18
CA GLY G 76 -33.72 28.28 -12.18
C GLY G 76 -32.40 27.66 -12.61
N ALA G 77 -32.44 26.36 -12.93
CA ALA G 77 -31.24 25.58 -13.14
C ALA G 77 -30.31 26.11 -14.22
N ILE G 78 -30.87 26.57 -15.34
CA ILE G 78 -30.01 26.96 -16.46
C ILE G 78 -29.07 28.11 -16.08
N SER G 79 -29.60 29.16 -15.47
CA SER G 79 -28.74 30.28 -15.10
C SER G 79 -27.77 29.89 -14.01
N ALA G 80 -28.18 28.98 -13.12
CA ALA G 80 -27.26 28.44 -12.12
C ALA G 80 -26.09 27.66 -12.76
N MET G 81 -26.31 27.11 -13.96
CA MET G 81 -25.25 26.42 -14.70
C MET G 81 -24.08 27.32 -15.07
N ASN G 82 -24.35 28.62 -15.15
CA ASN G 82 -23.29 29.59 -15.34
C ASN G 82 -22.36 29.52 -14.14
N ALA G 83 -22.96 29.56 -12.96
CA ALA G 83 -22.21 29.46 -11.72
C ALA G 83 -21.51 28.11 -11.57
N LEU G 84 -22.19 27.03 -11.99
CA LEU G 84 -21.59 25.69 -11.98
C LEU G 84 -20.32 25.65 -12.82
N GLY G 85 -20.40 26.19 -14.04
CA GLY G 85 -19.24 26.28 -14.92
C GLY G 85 -18.14 27.05 -14.24
N GLY G 86 -18.53 28.13 -13.56
CA GLY G 86 -17.61 28.91 -12.74
C GLY G 86 -16.92 28.07 -11.67
N ALA G 87 -17.70 27.24 -10.98
CA ALA G 87 -17.16 26.36 -9.95
C ALA G 87 -16.16 25.36 -10.55
N TYR G 88 -16.47 24.87 -11.75
CA TYR G 88 -15.59 23.94 -12.43
C TYR G 88 -14.28 24.63 -12.75
N ALA G 89 -14.40 25.83 -13.31
CA ALA G 89 -13.25 26.65 -13.68
C ALA G 89 -12.37 26.98 -12.47
N GLU G 90 -13.00 27.22 -11.33
CA GLU G 90 -12.27 27.62 -10.12
C GLU G 90 -12.04 26.47 -9.14
N ASN G 91 -12.21 25.24 -9.61
CA ASN G 91 -11.93 24.04 -8.82
C ASN G 91 -12.64 23.95 -7.46
N LEU G 92 -13.94 24.20 -7.45
CA LEU G 92 -14.71 24.23 -6.22
C LEU G 92 -15.88 23.26 -6.29
N PRO G 93 -15.98 22.34 -5.31
CA PRO G 93 -17.09 21.35 -5.31
C PRO G 93 -18.42 21.92 -4.82
N VAL G 94 -19.09 22.67 -5.68
CA VAL G 94 -20.47 23.08 -5.46
C VAL G 94 -21.40 21.97 -5.94
N ILE G 95 -22.41 21.64 -5.14
CA ILE G 95 -23.44 20.71 -5.59
C ILE G 95 -24.73 21.46 -5.92
N LEU G 96 -25.12 21.42 -7.18
CA LEU G 96 -26.39 22.03 -7.58
C LEU G 96 -27.49 20.98 -7.56
N ILE G 97 -28.52 21.23 -6.75
CA ILE G 97 -29.67 20.35 -6.71
C ILE G 97 -30.89 21.03 -7.35
N SER G 98 -31.42 20.43 -8.40
CA SER G 98 -32.62 20.99 -9.03
C SER G 98 -33.86 20.18 -8.67
N GLY G 99 -34.96 20.89 -8.43
CA GLY G 99 -36.27 20.26 -8.42
C GLY G 99 -36.55 19.79 -9.84
N ALA G 100 -37.35 18.74 -9.98
CA ALA G 100 -37.64 18.19 -11.30
C ALA G 100 -39.10 17.76 -11.36
N PRO G 101 -39.65 17.59 -12.58
CA PRO G 101 -41.04 17.15 -12.75
C PRO G 101 -41.36 15.84 -12.03
N ASN G 102 -42.63 15.68 -11.68
CA ASN G 102 -43.16 14.45 -11.09
C ASN G 102 -42.74 13.23 -11.90
N SER G 103 -42.26 12.19 -11.23
CA SER G 103 -41.79 10.99 -11.94
C SER G 103 -42.87 10.31 -12.76
N ASN G 104 -44.13 10.51 -12.38
CA ASN G 104 -45.25 9.91 -13.10
C ASN G 104 -45.55 10.59 -14.43
N ASP G 105 -44.92 11.73 -14.68
CA ASP G 105 -45.10 12.46 -15.93
C ASP G 105 -44.17 11.93 -16.99
N GLN G 106 -43.13 11.24 -16.55
CA GLN G 106 -42.12 10.70 -17.43
C GLN G 106 -42.67 9.67 -18.39
N GLY G 107 -42.38 9.85 -19.68
CA GLY G 107 -42.84 8.96 -20.74
C GLY G 107 -44.33 8.99 -21.03
N THR G 108 -45.02 10.05 -20.63
CA THR G 108 -46.47 10.14 -20.85
C THR G 108 -46.80 11.04 -22.04
N GLY G 109 -45.83 11.85 -22.46
CA GLY G 109 -46.07 12.79 -23.52
C GLY G 109 -46.67 14.08 -23.02
N HIS G 110 -46.78 14.22 -21.70
CA HIS G 110 -47.22 15.46 -21.09
C HIS G 110 -46.22 16.60 -21.32
N ILE G 111 -46.74 17.77 -21.68
CA ILE G 111 -45.92 18.98 -21.74
C ILE G 111 -45.99 19.66 -20.37
N LEU G 112 -44.84 20.02 -19.80
CA LEU G 112 -44.80 20.60 -18.47
C LEU G 112 -44.33 22.04 -18.43
N HIS G 113 -44.77 22.78 -17.43
CA HIS G 113 -44.31 24.16 -17.24
C HIS G 113 -42.81 24.20 -16.91
N HIS G 114 -42.17 25.31 -17.25
CA HIS G 114 -40.71 25.48 -17.11
C HIS G 114 -39.94 24.55 -18.04
N THR G 115 -40.56 24.08 -19.12
CA THR G 115 -39.83 23.33 -20.13
C THR G 115 -39.96 24.02 -21.47
N ILE G 116 -39.15 23.60 -22.42
CA ILE G 116 -39.15 24.22 -23.75
C ILE G 116 -40.38 23.85 -24.59
N GLY G 117 -41.24 23.00 -24.02
CA GLY G 117 -42.54 22.73 -24.64
C GLY G 117 -42.63 21.43 -25.40
N LYS G 118 -41.57 20.64 -25.35
CA LYS G 118 -41.55 19.34 -26.00
C LYS G 118 -42.02 18.27 -25.02
N THR G 119 -42.24 17.07 -25.53
CA THR G 119 -42.80 15.97 -24.73
C THR G 119 -41.79 15.37 -23.75
N ASP G 120 -40.51 15.55 -24.02
CA ASP G 120 -39.49 15.07 -23.10
C ASP G 120 -38.73 16.26 -22.52
N TYR G 121 -37.96 16.04 -21.47
CA TYR G 121 -37.28 17.16 -20.80
C TYR G 121 -36.00 16.71 -20.14
N SER G 122 -35.28 15.84 -20.85
CA SER G 122 -33.97 15.42 -20.44
C SER G 122 -32.89 16.38 -20.89
N TYR G 123 -33.30 17.51 -21.46
CA TYR G 123 -32.35 18.50 -21.97
C TYR G 123 -31.52 19.12 -20.83
N GLN G 124 -32.14 19.31 -19.67
CA GLN G 124 -31.45 19.93 -18.56
C GLN G 124 -30.24 19.13 -18.08
N LEU G 125 -30.44 17.82 -17.91
CA LEU G 125 -29.36 16.95 -17.47
C LEU G 125 -28.22 16.93 -18.49
N GLU G 126 -28.56 16.91 -19.77
CA GLU G 126 -27.54 16.92 -20.82
C GLU G 126 -26.70 18.19 -20.79
N MET G 127 -27.34 19.32 -20.44
CA MET G 127 -26.65 20.59 -20.34
C MET G 127 -25.74 20.59 -19.12
N ALA G 128 -26.22 20.03 -18.02
CA ALA G 128 -25.47 20.00 -16.78
C ALA G 128 -24.22 19.16 -16.91
N ARG G 129 -24.28 18.07 -17.66
CA ARG G 129 -23.12 17.21 -17.85
C ARG G 129 -21.91 17.97 -18.41
N GLN G 130 -22.19 18.92 -19.28
CA GLN G 130 -21.18 19.74 -19.91
C GLN G 130 -20.28 20.50 -18.93
N VAL G 131 -20.83 20.84 -17.75
CA VAL G 131 -20.10 21.67 -16.78
C VAL G 131 -19.93 21.04 -15.37
N THR G 132 -19.98 19.71 -15.29
CA THR G 132 -19.88 19.01 -14.01
C THR G 132 -19.03 17.75 -14.11
N CYS G 133 -18.58 17.24 -12.98
CA CYS G 133 -17.82 15.99 -12.97
C CYS G 133 -18.74 14.81 -12.73
N ALA G 134 -19.97 15.11 -12.28
CA ALA G 134 -20.98 14.11 -12.02
C ALA G 134 -22.37 14.74 -12.11
N ALA G 135 -23.33 14.00 -12.63
CA ALA G 135 -24.67 14.52 -12.86
C ALA G 135 -25.65 13.37 -12.86
N GLU G 136 -26.60 13.39 -11.92
CA GLU G 136 -27.56 12.32 -11.77
C GLU G 136 -28.97 12.87 -11.64
N SER G 137 -29.92 12.08 -12.12
CA SER G 137 -31.33 12.41 -12.05
C SER G 137 -32.05 11.37 -11.18
N ILE G 138 -32.59 11.81 -10.05
CA ILE G 138 -33.28 10.89 -9.14
C ILE G 138 -34.76 10.85 -9.47
N THR G 139 -35.22 9.65 -9.77
CA THR G 139 -36.55 9.47 -10.28
C THR G 139 -37.28 8.33 -9.56
N ASP G 140 -36.60 7.72 -8.59
CA ASP G 140 -37.15 6.71 -7.69
C ASP G 140 -36.38 6.72 -6.36
N ALA G 141 -37.05 6.30 -5.28
CA ALA G 141 -36.42 6.35 -3.95
C ALA G 141 -35.30 5.34 -3.72
N HIS G 142 -35.40 4.20 -4.39
CA HIS G 142 -34.48 3.10 -4.16
CA HIS G 142 -34.47 3.08 -4.19
C HIS G 142 -33.07 3.42 -4.65
N SER G 143 -32.96 4.04 -5.82
CA SER G 143 -31.64 4.35 -6.37
C SER G 143 -31.10 5.69 -5.87
N ALA G 144 -31.92 6.42 -5.10
CA ALA G 144 -31.58 7.76 -4.64
C ALA G 144 -30.30 7.83 -3.80
N PRO G 145 -30.16 6.95 -2.78
CA PRO G 145 -28.91 6.96 -1.99
C PRO G 145 -27.65 6.80 -2.82
N ALA G 146 -27.62 5.83 -3.72
CA ALA G 146 -26.43 5.58 -4.53
C ALA G 146 -26.04 6.80 -5.36
N LYS G 147 -27.04 7.45 -5.95
CA LYS G 147 -26.84 8.62 -6.78
C LYS G 147 -26.34 9.81 -5.97
N ILE G 148 -27.00 10.07 -4.83
CA ILE G 148 -26.60 11.17 -3.97
C ILE G 148 -25.14 10.99 -3.53
N ASP G 149 -24.82 9.79 -3.08
CA ASP G 149 -23.48 9.48 -2.60
C ASP G 149 -22.45 9.60 -3.72
N HIS G 150 -22.82 9.16 -4.92
CA HIS G 150 -21.94 9.26 -6.07
C HIS G 150 -21.58 10.73 -6.42
N VAL G 151 -22.58 11.62 -6.50
CA VAL G 151 -22.27 13.00 -6.87
C VAL G 151 -21.42 13.71 -5.82
N ILE G 152 -21.78 13.53 -4.56
CA ILE G 152 -21.04 14.17 -3.48
C ILE G 152 -19.60 13.67 -3.42
N ARG G 153 -19.41 12.36 -3.45
CA ARG G 153 -18.06 11.81 -3.34
C ARG G 153 -17.18 12.21 -4.51
N THR G 154 -17.76 12.23 -5.70
CA THR G 154 -17.02 12.60 -6.91
C THR G 154 -16.63 14.07 -6.87
N ALA G 155 -17.58 14.92 -6.51
CA ALA G 155 -17.33 16.35 -6.36
C ALA G 155 -16.16 16.64 -5.43
N LEU G 156 -16.20 16.04 -4.24
CA LEU G 156 -15.17 16.30 -3.24
C LEU G 156 -13.80 15.77 -3.65
N ARG G 157 -13.78 14.59 -4.25
CA ARG G 157 -12.53 13.97 -4.66
C ARG G 157 -11.85 14.78 -5.76
N GLU G 158 -12.66 15.24 -6.71
CA GLU G 158 -12.14 15.92 -7.89
C GLU G 158 -12.05 17.43 -7.75
N ARG G 159 -12.61 17.96 -6.66
CA ARG G 159 -12.72 19.42 -6.48
C ARG G 159 -13.38 20.04 -7.72
N LYS G 160 -14.55 19.49 -8.06
CA LYS G 160 -15.33 19.95 -9.20
C LYS G 160 -16.80 19.93 -8.80
N PRO G 161 -17.63 20.76 -9.43
CA PRO G 161 -19.04 20.76 -9.06
C PRO G 161 -19.77 19.55 -9.61
N ALA G 162 -20.93 19.25 -9.03
CA ALA G 162 -21.77 18.15 -9.51
C ALA G 162 -23.24 18.57 -9.50
N TYR G 163 -24.06 17.81 -10.21
CA TYR G 163 -25.48 18.15 -10.38
C TYR G 163 -26.43 17.05 -9.92
N LEU G 164 -27.54 17.46 -9.31
CA LEU G 164 -28.60 16.53 -8.90
C LEU G 164 -30.01 16.95 -9.29
N ASP G 165 -30.74 16.00 -9.84
CA ASP G 165 -32.19 16.13 -10.05
C ASP G 165 -32.92 15.37 -8.97
N ILE G 166 -33.95 15.98 -8.40
CA ILE G 166 -34.89 15.16 -7.65
C ILE G 166 -36.31 15.43 -8.11
N ALA G 167 -36.97 14.41 -8.63
CA ALA G 167 -38.40 14.51 -8.99
C ALA G 167 -39.19 14.96 -7.77
N CYS G 168 -40.04 15.97 -7.95
CA CYS G 168 -40.71 16.63 -6.85
C CYS G 168 -41.53 15.66 -5.97
N ASN G 169 -42.14 14.65 -6.58
CA ASN G 169 -42.92 13.66 -5.82
C ASN G 169 -42.05 12.68 -5.07
N ILE G 170 -40.74 12.70 -5.33
CA ILE G 170 -39.86 11.72 -4.70
C ILE G 170 -39.08 12.22 -3.49
N ALA G 171 -38.99 13.54 -3.35
CA ALA G 171 -38.40 14.16 -2.16
C ALA G 171 -39.04 13.67 -0.84
N SER G 172 -40.35 13.39 -0.88
CA SER G 172 -41.13 12.89 0.28
C SER G 172 -41.06 11.39 0.53
N GLU G 173 -40.52 10.65 -0.43
CA GLU G 173 -40.60 9.19 -0.39
C GLU G 173 -39.72 8.60 0.71
N PRO G 174 -40.19 7.51 1.35
CA PRO G 174 -39.37 6.83 2.35
C PRO G 174 -38.02 6.41 1.76
N CYS G 175 -37.00 6.41 2.61
CA CYS G 175 -35.63 6.20 2.14
C CYS G 175 -34.82 5.64 3.29
N VAL G 176 -33.82 4.81 2.98
CA VAL G 176 -32.89 4.33 3.99
C VAL G 176 -32.10 5.51 4.55
N ARG G 177 -31.52 5.35 5.75
CA ARG G 177 -30.72 6.39 6.36
C ARG G 177 -29.25 6.24 5.96
N PRO G 178 -28.50 7.36 5.92
CA PRO G 178 -27.08 7.29 5.63
C PRO G 178 -26.27 6.83 6.86
N GLY G 179 -25.23 6.05 6.63
CA GLY G 179 -24.40 5.54 7.71
C GLY G 179 -23.38 6.56 8.14
N PRO G 180 -22.73 6.32 9.30
CA PRO G 180 -21.64 7.19 9.79
C PRO G 180 -20.42 7.11 8.87
N VAL G 181 -19.70 8.22 8.74
CA VAL G 181 -18.51 8.24 7.92
C VAL G 181 -17.33 8.91 8.61
N SER G 182 -16.13 8.51 8.23
CA SER G 182 -14.90 9.17 8.64
C SER G 182 -14.90 10.55 7.99
N SER G 183 -15.10 10.56 6.68
CA SER G 183 -15.15 11.76 5.88
C SER G 183 -15.81 11.38 4.56
N LEU G 184 -16.48 12.32 3.91
CA LEU G 184 -17.01 12.07 2.58
C LEU G 184 -15.97 12.29 1.48
N LEU G 185 -14.80 12.78 1.87
CA LEU G 185 -13.66 12.92 0.96
C LEU G 185 -12.76 11.70 1.05
N SER G 186 -12.55 11.04 -0.08
CA SER G 186 -11.61 9.94 -0.14
C SER G 186 -10.84 9.95 -1.46
N GLU G 187 -9.55 10.30 -1.38
CA GLU G 187 -8.67 10.28 -2.55
C GLU G 187 -8.31 8.84 -2.88
N PRO G 188 -7.87 8.57 -4.13
CA PRO G 188 -7.40 7.21 -4.41
C PRO G 188 -6.14 6.86 -3.63
N GLU G 189 -6.02 5.60 -3.23
CA GLU G 189 -4.85 5.15 -2.49
C GLU G 189 -3.57 5.45 -3.28
N ILE G 190 -2.56 5.94 -2.57
CA ILE G 190 -1.37 6.49 -3.19
C ILE G 190 -0.43 5.39 -3.71
N ASP G 191 0.11 5.59 -4.91
CA ASP G 191 1.04 4.65 -5.53
C ASP G 191 2.47 4.95 -5.06
N HIS G 192 2.99 4.10 -4.19
CA HIS G 192 4.28 4.36 -3.53
C HIS G 192 5.52 4.18 -4.42
N THR G 193 5.44 3.29 -5.41
CA THR G 193 6.52 3.16 -6.38
C THR G 193 6.67 4.46 -7.16
N SER G 194 5.54 5.03 -7.60
CA SER G 194 5.56 6.25 -8.41
C SER G 194 5.97 7.48 -7.61
N LEU G 195 5.46 7.60 -6.38
CA LEU G 195 5.84 8.70 -5.49
C LEU G 195 7.35 8.72 -5.25
N LYS G 196 7.91 7.56 -4.90
CA LYS G 196 9.34 7.46 -4.59
C LYS G 196 10.19 7.90 -5.79
N ALA G 197 9.80 7.44 -6.99
CA ALA G 197 10.55 7.75 -8.21
C ALA G 197 10.48 9.23 -8.60
N ALA G 198 9.32 9.83 -8.38
CA ALA G 198 9.11 11.26 -8.63
C ALA G 198 9.92 12.13 -7.67
N VAL G 199 9.94 11.76 -6.40
CA VAL G 199 10.69 12.51 -5.41
C VAL G 199 12.19 12.35 -5.68
N ASP G 200 12.63 11.12 -5.92
CA ASP G 200 14.04 10.86 -6.24
C ASP G 200 14.52 11.66 -7.45
N ALA G 201 13.71 11.69 -8.51
CA ALA G 201 14.06 12.40 -9.74
C ALA G 201 14.11 13.92 -9.53
N THR G 202 13.18 14.45 -8.73
CA THR G 202 13.15 15.88 -8.39
C THR G 202 14.34 16.28 -7.48
N VAL G 203 14.66 15.45 -6.50
CA VAL G 203 15.77 15.69 -5.61
C VAL G 203 17.09 15.71 -6.39
N ALA G 204 17.25 14.73 -7.29
CA ALA G 204 18.44 14.66 -8.15
C ALA G 204 18.63 15.94 -8.97
N LEU G 205 17.54 16.42 -9.58
CA LEU G 205 17.57 17.66 -10.36
C LEU G 205 17.89 18.86 -9.50
N LEU G 206 17.26 18.94 -8.32
CA LEU G 206 17.48 20.03 -7.39
C LEU G 206 18.92 20.06 -6.87
N GLU G 207 19.46 18.88 -6.57
CA GLU G 207 20.82 18.76 -6.07
C GLU G 207 21.86 19.33 -7.02
N LYS G 208 21.68 19.09 -8.32
CA LYS G 208 22.66 19.58 -9.29
C LYS G 208 22.34 21.01 -9.81
N SER G 209 21.32 21.65 -9.24
CA SER G 209 20.95 23.02 -9.57
C SER G 209 21.72 24.07 -8.80
N ALA G 210 21.91 25.23 -9.43
CA ALA G 210 22.54 26.39 -8.81
C ALA G 210 21.50 27.30 -8.12
N SER G 211 20.39 27.58 -8.81
CA SER G 211 19.35 28.45 -8.27
C SER G 211 17.93 28.06 -8.69
N PRO G 212 17.29 27.17 -7.91
CA PRO G 212 15.89 26.79 -8.10
C PRO G 212 14.96 27.89 -7.62
N VAL G 213 13.85 28.05 -8.32
CA VAL G 213 12.81 28.98 -7.89
C VAL G 213 11.50 28.20 -7.77
N MET G 214 10.65 28.63 -6.84
CA MET G 214 9.30 28.11 -6.72
C MET G 214 8.31 29.09 -7.31
N LEU G 215 7.43 28.58 -8.17
CA LEU G 215 6.33 29.37 -8.73
C LEU G 215 5.00 28.71 -8.39
N LEU G 216 4.13 29.45 -7.70
CA LEU G 216 2.90 28.89 -7.16
C LEU G 216 1.68 29.28 -7.98
N GLY G 217 0.82 28.29 -8.25
CA GLY G 217 -0.35 28.51 -9.09
C GLY G 217 -1.68 28.43 -8.34
N SER G 218 -2.76 28.71 -9.08
CA SER G 218 -4.08 28.86 -8.49
C SER G 218 -4.80 27.56 -8.15
N LYS G 219 -4.18 26.41 -8.42
CA LYS G 219 -4.75 25.14 -7.95
C LYS G 219 -4.20 24.68 -6.59
N LEU G 220 -3.34 25.50 -5.98
CA LEU G 220 -2.65 25.13 -4.76
C LEU G 220 -3.61 24.84 -3.60
N ARG G 221 -4.67 25.64 -3.50
CA ARG G 221 -5.64 25.50 -2.43
C ARG G 221 -6.55 24.30 -2.63
N ALA G 222 -7.05 24.13 -3.85
CA ALA G 222 -7.87 22.98 -4.17
C ALA G 222 -7.12 21.68 -3.89
N ALA G 223 -5.82 21.67 -4.17
CA ALA G 223 -4.97 20.51 -3.91
C ALA G 223 -4.64 20.37 -2.42
N ASN G 224 -5.18 21.28 -1.62
CA ASN G 224 -4.99 21.31 -0.17
C ASN G 224 -3.48 21.25 0.18
N ALA G 225 -2.72 22.12 -0.46
CA ALA G 225 -1.26 22.02 -0.47
C ALA G 225 -0.56 23.28 0.05
N LEU G 226 -1.28 24.13 0.77
CA LEU G 226 -0.73 25.39 1.30
C LEU G 226 0.36 25.17 2.34
N ALA G 227 0.04 24.42 3.40
CA ALA G 227 0.99 24.13 4.47
C ALA G 227 2.22 23.37 3.96
N ALA G 228 1.99 22.39 3.06
CA ALA G 228 3.07 21.60 2.50
C ALA G 228 4.03 22.46 1.68
N THR G 229 3.47 23.46 1.01
CA THR G 229 4.25 24.37 0.18
C THR G 229 5.21 25.22 1.00
N GLU G 230 4.73 25.78 2.11
CA GLU G 230 5.61 26.62 2.89
C GLU G 230 6.61 25.82 3.75
N THR G 231 6.28 24.55 3.98
CA THR G 231 7.23 23.62 4.60
C THR G 231 8.38 23.36 3.63
N LEU G 232 8.04 23.13 2.36
CA LEU G 232 9.03 22.92 1.33
C LEU G 232 9.90 24.16 1.13
N ALA G 233 9.26 25.33 1.17
CA ALA G 233 9.96 26.59 1.02
C ALA G 233 10.97 26.84 2.14
N ASP G 234 10.65 26.38 3.35
CA ASP G 234 11.52 26.47 4.52
C ASP G 234 12.77 25.61 4.34
N LYS G 235 12.59 24.44 3.75
CA LYS G 235 13.68 23.49 3.52
C LYS G 235 14.59 23.94 2.38
N LEU G 236 13.98 24.39 1.28
CA LEU G 236 14.73 24.82 0.10
C LEU G 236 15.46 26.15 0.26
N GLN G 237 14.92 27.03 1.09
CA GLN G 237 15.50 28.38 1.34
C GLN G 237 15.38 29.30 0.13
N CYS G 238 14.76 28.80 -0.94
CA CYS G 238 14.80 29.49 -2.23
C CYS G 238 13.74 30.57 -2.38
N ALA G 239 13.80 31.30 -3.50
CA ALA G 239 12.83 32.34 -3.81
C ALA G 239 11.48 31.70 -4.08
N VAL G 240 10.44 32.30 -3.51
CA VAL G 240 9.06 31.87 -3.74
C VAL G 240 8.33 32.98 -4.45
N THR G 241 7.76 32.67 -5.62
CA THR G 241 6.97 33.63 -6.40
C THR G 241 5.57 33.10 -6.64
N ILE G 242 4.62 34.01 -6.89
CA ILE G 242 3.23 33.64 -7.15
C ILE G 242 2.76 34.07 -8.53
N MET G 243 1.90 33.27 -9.13
CA MET G 243 1.15 33.70 -10.30
C MET G 243 -0.01 34.56 -9.81
N ALA G 244 -0.52 35.43 -10.67
CA ALA G 244 -1.58 36.35 -10.30
C ALA G 244 -2.70 35.69 -9.51
N ALA G 245 -3.20 34.58 -10.01
CA ALA G 245 -4.37 33.94 -9.43
C ALA G 245 -4.07 33.19 -8.13
N ALA G 246 -2.81 33.18 -7.73
CA ALA G 246 -2.38 32.51 -6.51
C ALA G 246 -2.08 33.49 -5.38
N LYS G 247 -2.54 34.73 -5.53
CA LYS G 247 -2.31 35.71 -4.47
C LYS G 247 -2.95 35.29 -3.16
N GLY G 248 -2.14 35.24 -2.12
CA GLY G 248 -2.62 34.88 -0.78
C GLY G 248 -2.43 33.42 -0.46
N PHE G 249 -1.96 32.65 -1.43
CA PHE G 249 -1.70 31.23 -1.23
C PHE G 249 -0.35 30.99 -0.56
N PHE G 250 0.37 32.08 -0.29
CA PHE G 250 1.65 32.03 0.39
C PHE G 250 1.82 33.27 1.24
N PRO G 251 2.34 33.12 2.48
CA PRO G 251 2.53 34.27 3.37
C PRO G 251 3.61 35.25 2.86
N GLU G 252 3.22 36.49 2.61
CA GLU G 252 4.12 37.51 2.08
C GLU G 252 5.10 38.00 3.14
N ASP G 253 4.82 37.57 4.37
CA ASP G 253 5.65 37.75 5.56
C ASP G 253 6.97 36.99 5.43
N HIS G 254 6.92 35.88 4.69
CA HIS G 254 7.98 34.88 4.60
C HIS G 254 9.29 35.43 4.06
N ALA G 255 10.40 34.93 4.61
CA ALA G 255 11.75 35.34 4.19
C ALA G 255 12.03 35.08 2.70
N GLY G 256 11.39 34.07 2.14
CA GLY G 256 11.63 33.68 0.75
C GLY G 256 10.68 34.27 -0.28
N PHE G 257 9.66 35.01 0.17
CA PHE G 257 8.69 35.60 -0.75
C PHE G 257 9.33 36.68 -1.62
N ARG G 258 9.18 36.54 -2.93
CA ARG G 258 9.81 37.45 -3.88
C ARG G 258 8.84 38.14 -4.84
N GLY G 259 7.56 37.84 -4.72
CA GLY G 259 6.54 38.60 -5.42
C GLY G 259 5.83 37.94 -6.58
N LEU G 260 5.34 38.78 -7.48
CA LEU G 260 4.45 38.36 -8.55
C LEU G 260 5.17 38.07 -9.85
N TYR G 261 4.94 36.88 -10.40
CA TYR G 261 5.36 36.56 -11.75
C TYR G 261 4.14 36.59 -12.66
N TRP G 262 4.16 37.50 -13.62
CA TRP G 262 3.06 37.66 -14.55
C TRP G 262 3.61 38.34 -15.79
N GLY G 263 4.55 37.66 -16.45
CA GLY G 263 5.20 38.17 -17.67
C GLY G 263 5.78 39.55 -17.50
N GLU G 264 5.39 40.47 -18.38
CA GLU G 264 5.95 41.83 -18.37
C GLU G 264 5.36 42.73 -17.27
N VAL G 265 4.32 42.26 -16.58
CA VAL G 265 3.78 43.03 -15.46
C VAL G 265 4.19 42.46 -14.10
N SER G 266 5.20 41.59 -14.11
CA SER G 266 5.81 41.08 -12.88
C SER G 266 6.42 42.22 -12.06
N ASN G 267 6.67 41.94 -10.77
CA ASN G 267 7.48 42.84 -9.95
C ASN G 267 8.91 42.91 -10.54
N PRO G 268 9.57 44.08 -10.46
CA PRO G 268 10.93 44.20 -11.02
C PRO G 268 11.86 43.05 -10.63
N GLY G 269 12.60 42.54 -11.61
CA GLY G 269 13.54 41.43 -11.39
C GLY G 269 12.94 40.02 -11.42
N VAL G 270 11.66 39.90 -11.08
CA VAL G 270 11.02 38.59 -10.91
C VAL G 270 10.92 37.81 -12.21
N GLN G 271 10.58 38.48 -13.31
CA GLN G 271 10.56 37.83 -14.62
C GLN G 271 11.89 37.12 -14.88
N GLU G 272 12.99 37.85 -14.74
CA GLU G 272 14.33 37.28 -14.89
C GLU G 272 14.59 36.13 -13.91
N LEU G 273 14.18 36.32 -12.65
CA LEU G 273 14.29 35.26 -11.63
C LEU G 273 13.74 33.89 -12.06
N VAL G 274 12.50 33.86 -12.55
CA VAL G 274 11.88 32.57 -12.87
C VAL G 274 12.23 32.10 -14.28
N GLU G 275 12.23 33.02 -15.25
CA GLU G 275 12.45 32.70 -16.67
C GLU G 275 13.85 32.10 -16.85
N THR G 276 14.75 32.45 -15.93
CA THR G 276 16.16 32.11 -16.05
C THR G 276 16.60 31.01 -15.08
N SER G 277 15.67 30.55 -14.24
CA SER G 277 15.96 29.56 -13.21
C SER G 277 16.53 28.24 -13.77
N ASP G 278 17.54 27.75 -13.04
CA ASP G 278 18.16 26.46 -13.24
C ASP G 278 17.14 25.31 -13.14
N ALA G 279 16.18 25.44 -12.23
CA ALA G 279 15.20 24.41 -11.95
C ALA G 279 13.94 25.04 -11.35
N LEU G 280 12.96 25.31 -12.21
CA LEU G 280 11.74 25.97 -11.78
C LEU G 280 10.73 24.99 -11.23
N LEU G 281 10.52 25.05 -9.92
CA LEU G 281 9.53 24.22 -9.26
C LEU G 281 8.18 24.90 -9.40
N CYS G 282 7.44 24.47 -10.39
CA CYS G 282 6.20 25.11 -10.79
C CYS G 282 5.00 24.32 -10.26
N ILE G 283 4.35 24.85 -9.24
CA ILE G 283 3.40 24.07 -8.43
C ILE G 283 1.94 24.48 -8.60
N ALA G 284 1.14 23.55 -9.11
CA ALA G 284 -0.31 23.71 -9.28
C ALA G 284 -0.69 24.92 -10.15
N PRO G 285 0.01 25.10 -11.28
CA PRO G 285 -0.25 26.26 -12.13
C PRO G 285 -1.48 26.09 -13.00
N VAL G 286 -2.06 27.22 -13.40
CA VAL G 286 -3.05 27.23 -14.48
C VAL G 286 -2.52 28.18 -15.55
N PHE G 287 -1.99 27.61 -16.62
CA PHE G 287 -1.47 28.40 -17.73
C PHE G 287 -2.55 28.61 -18.80
N ASN G 288 -3.11 29.81 -18.82
CA ASN G 288 -4.02 30.19 -19.89
C ASN G 288 -3.56 31.48 -20.54
N ASP G 289 -4.38 32.01 -21.45
CA ASP G 289 -4.02 33.20 -22.22
C ASP G 289 -3.90 34.45 -21.36
N TYR G 290 -4.59 34.46 -20.23
CA TYR G 290 -4.51 35.58 -19.30
C TYR G 290 -3.28 35.48 -18.41
N SER G 291 -3.05 34.32 -17.81
CA SER G 291 -1.93 34.13 -16.88
C SER G 291 -0.57 34.13 -17.57
N THR G 292 -0.50 33.63 -18.80
CA THR G 292 0.75 33.62 -19.56
C THR G 292 0.94 34.90 -20.36
N VAL G 293 0.00 35.84 -20.20
CA VAL G 293 0.02 37.14 -20.90
C VAL G 293 0.19 36.94 -22.41
N GLY G 294 -0.86 36.41 -23.02
CA GLY G 294 -0.87 36.11 -24.45
C GLY G 294 0.21 35.15 -24.90
N TRP G 295 0.49 34.14 -24.09
CA TRP G 295 1.45 33.07 -24.41
C TRP G 295 2.92 33.52 -24.45
N SER G 296 3.19 34.71 -23.90
CA SER G 296 4.55 35.26 -23.90
C SER G 296 5.35 34.89 -22.66
N ALA G 297 4.64 34.51 -21.59
CA ALA G 297 5.28 34.16 -20.33
C ALA G 297 4.79 32.81 -19.81
N TRP G 298 5.28 31.75 -20.44
CA TRP G 298 4.80 30.40 -20.18
C TRP G 298 5.99 29.45 -20.06
N PRO G 299 6.50 29.28 -18.83
CA PRO G 299 7.70 28.48 -18.59
C PRO G 299 7.41 27.00 -18.75
N LYS G 300 8.22 26.35 -19.59
CA LYS G 300 8.12 24.91 -19.82
C LYS G 300 9.44 24.34 -20.31
N GLY G 301 9.49 23.02 -20.47
CA GLY G 301 10.67 22.35 -20.98
C GLY G 301 11.52 21.68 -19.91
N PRO G 302 12.76 21.29 -20.26
CA PRO G 302 13.61 20.45 -19.42
C PRO G 302 13.89 21.02 -18.02
N ASN G 303 14.01 22.35 -17.91
CA ASN G 303 14.31 23.00 -16.64
C ASN G 303 13.13 23.18 -15.68
N VAL G 304 11.95 22.71 -16.07
CA VAL G 304 10.75 22.93 -15.27
C VAL G 304 10.26 21.65 -14.61
N ILE G 305 10.03 21.73 -13.29
CA ILE G 305 9.36 20.68 -12.56
C ILE G 305 7.89 21.07 -12.47
N LEU G 306 7.08 20.43 -13.30
CA LEU G 306 5.66 20.70 -13.36
C LEU G 306 4.94 19.80 -12.37
N ALA G 307 4.49 20.39 -11.27
CA ALA G 307 3.83 19.63 -10.20
C ALA G 307 2.35 19.96 -10.14
N GLU G 308 1.53 19.08 -10.69
CA GLU G 308 0.09 19.30 -10.76
C GLU G 308 -0.61 18.53 -9.62
N PRO G 309 -1.93 18.74 -9.41
CA PRO G 309 -2.63 18.10 -8.28
C PRO G 309 -2.53 16.58 -8.23
N ASP G 310 -2.12 15.99 -9.34
CA ASP G 310 -2.39 14.62 -9.69
C ASP G 310 -1.14 13.88 -10.16
N ARG G 311 -0.13 14.65 -10.56
CA ARG G 311 0.97 14.14 -11.34
C ARG G 311 2.15 15.12 -11.31
N VAL G 312 3.35 14.60 -11.60
CA VAL G 312 4.56 15.42 -11.64
C VAL G 312 5.35 15.08 -12.89
N THR G 313 5.76 16.12 -13.62
CA THR G 313 6.59 15.94 -14.81
C THR G 313 7.95 16.60 -14.57
N VAL G 314 9.00 15.80 -14.65
CA VAL G 314 10.34 16.27 -14.34
C VAL G 314 11.39 15.48 -15.11
N ASP G 315 12.24 16.21 -15.84
CA ASP G 315 13.38 15.63 -16.56
C ASP G 315 12.95 14.60 -17.61
N GLY G 316 11.86 14.88 -18.32
CA GLY G 316 11.40 14.04 -19.42
C GLY G 316 10.63 12.79 -19.04
N ARG G 317 10.11 12.77 -17.81
CA ARG G 317 9.25 11.68 -17.35
C ARG G 317 8.05 12.22 -16.59
N ALA G 318 6.91 11.56 -16.74
CA ALA G 318 5.72 11.91 -15.99
C ALA G 318 5.45 10.83 -14.95
N TYR G 319 5.16 11.26 -13.73
CA TYR G 319 4.89 10.35 -12.63
C TYR G 319 3.49 10.62 -12.10
N ASP G 320 2.64 9.59 -12.10
CA ASP G 320 1.23 9.78 -11.71
C ASP G 320 0.84 8.85 -10.56
N GLY G 321 -0.37 9.04 -10.03
CA GLY G 321 -0.91 8.15 -9.01
C GLY G 321 -0.70 8.52 -7.55
N PHE G 322 -0.49 9.81 -7.28
CA PHE G 322 -0.36 10.31 -5.92
C PHE G 322 -0.87 11.74 -5.88
N THR G 323 -1.18 12.23 -4.69
CA THR G 323 -1.64 13.60 -4.52
C THR G 323 -0.44 14.57 -4.48
N LEU G 324 -0.69 15.80 -4.91
CA LEU G 324 0.32 16.85 -4.82
C LEU G 324 0.80 17.05 -3.39
N ARG G 325 -0.14 17.05 -2.46
CA ARG G 325 0.16 17.22 -1.03
C ARG G 325 1.16 16.17 -0.52
N ALA G 326 0.96 14.91 -0.88
CA ALA G 326 1.87 13.84 -0.49
C ALA G 326 3.26 14.01 -1.12
N PHE G 327 3.29 14.50 -2.36
CA PHE G 327 4.52 14.75 -3.08
C PHE G 327 5.33 15.86 -2.41
N LEU G 328 4.65 16.95 -2.06
CA LEU G 328 5.30 18.10 -1.45
C LEU G 328 5.81 17.81 -0.03
N GLN G 329 5.05 17.01 0.71
CA GLN G 329 5.49 16.57 2.04
C GLN G 329 6.75 15.72 1.95
N ALA G 330 6.72 14.71 1.06
CA ALA G 330 7.85 13.79 0.87
C ALA G 330 9.10 14.49 0.33
N LEU G 331 8.89 15.45 -0.57
CA LEU G 331 9.99 16.22 -1.15
C LEU G 331 10.68 17.10 -0.09
N ALA G 332 9.90 17.67 0.83
CA ALA G 332 10.44 18.49 1.91
C ALA G 332 11.37 17.72 2.86
N GLU G 333 11.15 16.42 3.01
CA GLU G 333 12.03 15.58 3.83
C GLU G 333 13.42 15.47 3.22
N LYS G 334 13.46 15.36 1.89
CA LYS G 334 14.67 14.99 1.17
C LYS G 334 15.37 16.15 0.44
N ALA G 335 14.66 17.24 0.19
CA ALA G 335 15.20 18.37 -0.58
C ALA G 335 16.44 19.00 0.06
N PRO G 336 17.41 19.42 -0.77
CA PRO G 336 18.57 20.15 -0.26
C PRO G 336 18.27 21.63 -0.05
N ALA G 337 19.19 22.35 0.59
CA ALA G 337 19.07 23.79 0.76
C ALA G 337 19.69 24.49 -0.43
N ARG G 338 18.92 25.33 -1.11
CA ARG G 338 19.38 26.08 -2.28
C ARG G 338 18.95 27.54 -2.23
N PRO G 339 19.70 28.39 -1.49
CA PRO G 339 19.23 29.75 -1.22
C PRO G 339 19.56 30.79 -2.29
N ALA G 340 20.38 30.43 -3.28
CA ALA G 340 20.87 31.39 -4.29
C ALA G 340 19.81 32.35 -4.85
N SER G 341 18.64 31.81 -5.20
CA SER G 341 17.56 32.61 -5.79
C SER G 341 17.09 33.70 -4.83
N ALA G 342 17.00 33.37 -3.55
CA ALA G 342 16.49 34.30 -2.54
C ALA G 342 17.51 35.39 -2.23
N GLN G 343 18.78 35.03 -2.08
CA GLN G 343 19.81 35.99 -1.73
C GLN G 343 20.24 36.87 -2.90
N LYS G 344 19.83 36.51 -4.12
CA LYS G 344 20.14 37.29 -5.31
C LYS G 344 18.99 38.23 -5.72
N SER G 345 18.01 38.40 -4.85
CA SER G 345 16.83 39.20 -5.16
C SER G 345 16.23 39.87 -3.94
N SER G 346 15.49 40.96 -4.17
CA SER G 346 14.93 41.75 -3.08
C SER G 346 13.47 41.40 -2.78
N VAL G 347 13.06 41.64 -1.54
CA VAL G 347 11.67 41.51 -1.13
C VAL G 347 10.84 42.50 -1.95
N PRO G 348 9.70 42.03 -2.52
CA PRO G 348 8.94 42.88 -3.42
C PRO G 348 8.34 44.08 -2.70
N THR G 349 8.39 45.22 -3.37
CA THR G 349 7.84 46.45 -2.85
C THR G 349 6.90 47.02 -3.91
N CYS G 350 5.99 47.90 -3.51
CA CYS G 350 5.06 48.48 -4.47
C CYS G 350 4.83 49.98 -4.27
N SER G 351 5.26 50.75 -5.27
CA SER G 351 5.22 52.23 -5.22
C SER G 351 3.80 52.76 -5.42
N LEU G 352 3.28 53.49 -4.43
CA LEU G 352 1.93 54.04 -4.52
C LEU G 352 1.98 55.54 -4.35
N THR G 353 1.53 56.28 -5.37
CA THR G 353 1.58 57.74 -5.31
C THR G 353 0.57 58.36 -4.32
N ALA G 354 1.10 59.21 -3.44
CA ALA G 354 0.30 59.84 -2.38
C ALA G 354 -0.18 61.22 -2.81
N THR G 355 -1.41 61.55 -2.40
CA THR G 355 -2.05 62.81 -2.78
C THR G 355 -2.27 63.65 -1.52
N SER G 356 -2.92 64.81 -1.64
CA SER G 356 -3.33 65.55 -0.45
C SER G 356 -4.75 65.15 -0.01
N ASP G 357 -5.11 65.52 1.22
CA ASP G 357 -6.43 65.24 1.81
C ASP G 357 -7.62 65.62 0.94
N GLU G 358 -7.54 66.80 0.31
CA GLU G 358 -8.69 67.44 -0.34
C GLU G 358 -8.70 67.32 -1.86
N ALA G 359 -7.64 66.74 -2.42
CA ALA G 359 -7.58 66.43 -3.85
C ALA G 359 -8.63 65.37 -4.21
N GLY G 360 -9.04 65.35 -5.48
CA GLY G 360 -9.96 64.32 -5.96
C GLY G 360 -9.38 62.94 -5.72
N LEU G 361 -10.25 61.99 -5.39
CA LEU G 361 -9.82 60.62 -5.09
C LEU G 361 -9.10 59.96 -6.28
N THR G 362 -8.10 59.15 -5.94
CA THR G 362 -7.21 58.56 -6.91
C THR G 362 -7.13 57.06 -6.69
N ASN G 363 -6.97 56.33 -7.79
CA ASN G 363 -6.80 54.88 -7.77
C ASN G 363 -5.74 54.42 -6.75
N ASP G 364 -4.54 55.02 -6.83
CA ASP G 364 -3.44 54.68 -5.92
C ASP G 364 -3.79 54.92 -4.46
N GLU G 365 -4.54 55.99 -4.21
CA GLU G 365 -4.96 56.36 -2.88
C GLU G 365 -6.04 55.39 -2.31
N ILE G 366 -6.88 54.83 -3.17
CA ILE G 366 -7.82 53.80 -2.75
C ILE G 366 -7.07 52.56 -2.27
N VAL G 367 -6.07 52.14 -3.05
CA VAL G 367 -5.23 50.99 -2.71
C VAL G 367 -4.54 51.20 -1.37
N ARG G 368 -4.02 52.41 -1.16
CA ARG G 368 -3.32 52.76 0.06
C ARG G 368 -4.22 52.62 1.28
N HIS G 369 -5.48 53.04 1.13
CA HIS G 369 -6.47 52.94 2.20
C HIS G 369 -6.92 51.51 2.49
N ILE G 370 -7.19 50.74 1.45
CA ILE G 370 -7.59 49.34 1.60
C ILE G 370 -6.45 48.50 2.18
N ASN G 371 -5.23 48.75 1.72
CA ASN G 371 -4.06 48.07 2.25
C ASN G 371 -3.95 48.21 3.77
N ALA G 372 -4.23 49.42 4.26
CA ALA G 372 -4.19 49.71 5.69
C ALA G 372 -5.30 49.01 6.48
N LEU G 373 -6.39 48.66 5.80
CA LEU G 373 -7.49 47.90 6.40
C LEU G 373 -7.15 46.43 6.66
N LEU G 374 -6.33 45.86 5.78
CA LEU G 374 -6.08 44.42 5.80
C LEU G 374 -5.44 43.96 7.11
N THR G 375 -6.02 42.92 7.70
CA THR G 375 -5.47 42.26 8.88
C THR G 375 -5.34 40.78 8.52
N SER G 376 -4.74 40.00 9.42
CA SER G 376 -4.62 38.55 9.26
C SER G 376 -6.00 37.86 9.22
N ASN G 377 -7.00 38.59 9.68
CA ASN G 377 -8.37 38.09 9.75
C ASN G 377 -9.24 38.58 8.59
N THR G 378 -8.62 39.14 7.56
CA THR G 378 -9.35 39.70 6.42
C THR G 378 -9.47 38.72 5.23
N THR G 379 -10.62 38.78 4.56
CA THR G 379 -10.79 38.16 3.25
C THR G 379 -11.13 39.24 2.24
N LEU G 380 -10.26 39.40 1.24
CA LEU G 380 -10.41 40.40 0.21
C LEU G 380 -10.92 39.73 -1.06
N VAL G 381 -12.07 40.19 -1.55
CA VAL G 381 -12.65 39.68 -2.79
C VAL G 381 -12.44 40.73 -3.87
N ALA G 382 -11.75 40.34 -4.94
CA ALA G 382 -11.41 41.28 -6.01
C ALA G 382 -12.05 40.91 -7.35
N GLU G 383 -12.91 41.81 -7.84
CA GLU G 383 -13.67 41.57 -9.06
C GLU G 383 -12.82 41.70 -10.32
N THR G 384 -13.27 41.03 -11.39
CA THR G 384 -12.70 41.19 -12.71
C THR G 384 -12.82 42.65 -13.14
N GLY G 385 -11.74 43.18 -13.70
CA GLY G 385 -11.64 44.59 -14.01
C GLY G 385 -10.35 45.10 -13.39
N ASP G 386 -10.21 46.41 -13.23
CA ASP G 386 -8.98 46.99 -12.69
C ASP G 386 -8.74 46.54 -11.25
N SER G 387 -9.78 46.01 -10.60
CA SER G 387 -9.64 45.50 -9.24
C SER G 387 -8.68 44.30 -9.16
N TRP G 388 -8.60 43.52 -10.24
CA TRP G 388 -7.62 42.43 -10.33
C TRP G 388 -6.24 43.00 -10.08
N PHE G 389 -6.00 44.15 -10.70
CA PHE G 389 -4.66 44.68 -10.77
C PHE G 389 -4.23 45.36 -9.50
N ASN G 390 -5.09 46.10 -8.83
CA ASN G 390 -4.63 46.61 -7.54
C ASN G 390 -4.79 45.64 -6.39
N ALA G 391 -5.42 44.49 -6.64
CA ALA G 391 -5.31 43.36 -5.73
C ALA G 391 -3.85 42.91 -5.74
N MET G 392 -3.26 42.83 -6.93
CA MET G 392 -1.87 42.44 -7.07
C MET G 392 -0.94 43.42 -6.36
N ARG G 393 -1.39 44.66 -6.22
CA ARG G 393 -0.54 45.73 -5.72
C ARG G 393 -0.57 45.87 -4.21
N MET G 394 -1.27 44.98 -3.52
CA MET G 394 -1.35 45.06 -2.08
C MET G 394 -0.38 44.14 -1.39
N THR G 395 0.20 44.63 -0.29
CA THR G 395 0.99 43.81 0.61
C THR G 395 0.02 43.27 1.63
N LEU G 396 -0.15 41.95 1.65
CA LEU G 396 -1.11 41.36 2.56
C LEU G 396 -0.43 40.69 3.74
N PRO G 397 -0.90 41.02 4.97
CA PRO G 397 -0.38 40.41 6.19
C PRO G 397 -0.61 38.90 6.23
N ARG G 398 0.25 38.18 6.95
CA ARG G 398 0.14 36.74 7.08
C ARG G 398 -1.22 36.35 7.63
N GLY G 399 -1.89 35.42 6.95
CA GLY G 399 -3.22 34.97 7.37
C GLY G 399 -4.34 35.53 6.51
N ALA G 400 -4.10 36.69 5.89
CA ALA G 400 -5.10 37.33 5.05
C ALA G 400 -5.39 36.49 3.83
N ARG G 401 -6.64 36.53 3.39
CA ARG G 401 -7.11 35.74 2.26
C ARG G 401 -7.53 36.64 1.10
N VAL G 402 -7.17 36.24 -0.11
CA VAL G 402 -7.63 36.93 -1.32
C VAL G 402 -8.41 35.93 -2.15
N GLU G 403 -9.55 36.39 -2.68
CA GLU G 403 -10.37 35.58 -3.56
C GLU G 403 -10.41 36.18 -4.95
N LEU G 404 -9.92 35.43 -5.94
CA LEU G 404 -9.97 35.87 -7.32
C LEU G 404 -10.71 34.83 -8.18
N GLU G 405 -11.26 35.29 -9.30
CA GLU G 405 -11.96 34.39 -10.19
C GLU G 405 -11.40 34.55 -11.59
N MET G 406 -10.10 34.31 -11.73
CA MET G 406 -9.36 34.70 -12.94
C MET G 406 -9.49 33.72 -14.11
N GLN G 407 -10.06 32.54 -13.85
CA GLN G 407 -10.27 31.56 -14.91
C GLN G 407 -11.65 31.75 -15.57
N TRP G 408 -12.71 31.84 -14.75
CA TRP G 408 -14.05 32.08 -15.26
C TRP G 408 -14.22 33.56 -15.66
N GLY G 409 -13.91 34.47 -14.75
CA GLY G 409 -13.94 35.90 -15.03
C GLY G 409 -15.30 36.46 -15.39
N HIS G 410 -16.33 36.04 -14.66
CA HIS G 410 -17.68 36.53 -14.82
C HIS G 410 -17.87 37.79 -13.98
N ILE G 411 -17.91 38.96 -14.63
CA ILE G 411 -18.16 40.19 -13.89
C ILE G 411 -19.48 40.10 -13.09
N GLY G 412 -19.49 40.68 -11.90
CA GLY G 412 -20.64 40.56 -11.01
C GLY G 412 -20.44 39.47 -9.99
N TRP G 413 -19.58 38.50 -10.30
CA TRP G 413 -19.25 37.38 -9.42
C TRP G 413 -18.95 37.91 -8.02
N SER G 414 -18.21 39.01 -7.99
CA SER G 414 -17.79 39.67 -6.75
C SER G 414 -18.80 39.66 -5.61
N VAL G 415 -20.00 40.16 -5.90
CA VAL G 415 -20.99 40.45 -4.86
C VAL G 415 -21.64 39.20 -4.26
N PRO G 416 -22.33 38.36 -5.07
CA PRO G 416 -22.90 37.14 -4.46
C PRO G 416 -21.84 36.20 -3.91
N SER G 417 -20.68 36.15 -4.55
CA SER G 417 -19.57 35.34 -4.04
C SER G 417 -19.12 35.77 -2.62
N ALA G 418 -18.96 37.07 -2.41
CA ALA G 418 -18.61 37.61 -1.10
C ALA G 418 -19.68 37.31 -0.06
N PHE G 419 -20.94 37.34 -0.48
CA PHE G 419 -22.08 37.04 0.39
C PHE G 419 -22.01 35.61 0.93
N GLY G 420 -21.84 34.65 0.02
CA GLY G 420 -21.68 33.23 0.40
C GLY G 420 -20.43 33.02 1.23
N ASN G 421 -19.32 33.62 0.78
CA ASN G 421 -18.07 33.53 1.51
C ASN G 421 -18.20 34.05 2.95
N ALA G 422 -18.90 35.17 3.12
CA ALA G 422 -19.14 35.72 4.45
C ALA G 422 -19.97 34.79 5.32
N MET G 423 -21.03 34.22 4.75
CA MET G 423 -21.86 33.22 5.43
C MET G 423 -21.03 32.05 5.97
N GLY G 424 -20.04 31.64 5.19
CA GLY G 424 -19.19 30.50 5.53
C GLY G 424 -18.02 30.80 6.45
N SER G 425 -17.80 32.08 6.77
CA SER G 425 -16.73 32.50 7.67
C SER G 425 -17.11 33.81 8.34
N GLN G 426 -18.12 33.76 9.20
CA GLN G 426 -18.70 34.97 9.79
C GLN G 426 -17.79 35.66 10.80
N ASP G 427 -16.74 34.95 11.20
CA ASP G 427 -15.75 35.43 12.17
C ASP G 427 -14.69 36.37 11.55
N ARG G 428 -14.60 36.37 10.23
CA ARG G 428 -13.60 37.15 9.49
C ARG G 428 -14.14 38.51 9.05
N GLN G 429 -13.25 39.45 8.72
CA GLN G 429 -13.67 40.70 8.10
C GLN G 429 -13.69 40.51 6.61
N HIS G 430 -14.81 40.85 5.97
CA HIS G 430 -14.94 40.71 4.53
C HIS G 430 -14.90 42.04 3.79
N VAL G 431 -13.98 42.13 2.83
CA VAL G 431 -13.78 43.34 2.04
C VAL G 431 -13.92 43.00 0.54
N VAL G 432 -14.71 43.81 -0.16
CA VAL G 432 -14.95 43.61 -1.58
C VAL G 432 -14.45 44.80 -2.40
N MET G 433 -13.76 44.50 -3.49
CA MET G 433 -13.43 45.50 -4.49
C MET G 433 -14.21 45.18 -5.76
N VAL G 434 -15.08 46.09 -6.16
CA VAL G 434 -15.93 45.83 -7.31
C VAL G 434 -16.11 47.09 -8.15
N GLY G 435 -16.00 46.95 -9.46
CA GLY G 435 -16.22 48.04 -10.39
C GLY G 435 -17.68 48.36 -10.55
N ASP G 436 -17.97 49.54 -11.08
CA ASP G 436 -19.34 49.98 -11.29
C ASP G 436 -20.07 49.12 -12.32
N GLY G 437 -19.38 48.72 -13.38
CA GLY G 437 -19.96 47.90 -14.42
C GLY G 437 -20.34 46.52 -13.91
N SER G 438 -19.45 45.92 -13.13
CA SER G 438 -19.67 44.58 -12.56
C SER G 438 -20.81 44.59 -11.57
N PHE G 439 -20.88 45.64 -10.76
CA PHE G 439 -21.85 45.73 -9.71
C PHE G 439 -23.27 45.64 -10.27
N GLN G 440 -23.49 46.21 -11.44
CA GLN G 440 -24.83 46.29 -12.04
C GLN G 440 -25.42 44.92 -12.39
N LEU G 441 -24.57 43.93 -12.62
CA LEU G 441 -25.06 42.59 -12.96
C LEU G 441 -25.73 41.87 -11.82
N THR G 442 -25.24 42.09 -10.60
CA THR G 442 -25.62 41.27 -9.45
C THR G 442 -25.95 42.09 -8.21
N ALA G 443 -26.10 43.40 -8.40
CA ALA G 443 -26.32 44.35 -7.31
C ALA G 443 -27.32 43.88 -6.26
N GLN G 444 -28.43 43.28 -6.70
CA GLN G 444 -29.52 42.93 -5.79
C GLN G 444 -29.12 42.02 -4.63
N GLU G 445 -27.97 41.35 -4.73
CA GLU G 445 -27.57 40.45 -3.66
C GLU G 445 -26.97 41.17 -2.44
N VAL G 446 -26.72 42.47 -2.55
CA VAL G 446 -26.36 43.26 -1.39
C VAL G 446 -27.53 43.30 -0.41
N ALA G 447 -28.74 43.12 -0.92
CA ALA G 447 -29.96 43.08 -0.11
C ALA G 447 -30.00 41.88 0.83
N GLN G 448 -29.40 40.78 0.38
CA GLN G 448 -29.26 39.58 1.19
C GLN G 448 -28.28 39.80 2.35
N MET G 449 -27.18 40.50 2.07
CA MET G 449 -26.23 40.88 3.11
C MET G 449 -26.92 41.70 4.19
N VAL G 450 -27.82 42.60 3.76
CA VAL G 450 -28.63 43.39 4.68
C VAL G 450 -29.56 42.46 5.46
N ARG G 451 -30.31 41.62 4.74
CA ARG G 451 -31.22 40.67 5.37
C ARG G 451 -30.56 39.83 6.47
N TYR G 452 -29.40 39.28 6.16
CA TYR G 452 -28.71 38.39 7.09
C TYR G 452 -27.68 39.11 7.95
N GLU G 453 -27.69 40.43 7.91
CA GLU G 453 -26.89 41.28 8.82
C GLU G 453 -25.40 40.97 8.73
N LEU G 454 -24.88 40.91 7.51
CA LEU G 454 -23.47 40.63 7.28
C LEU G 454 -22.65 41.91 7.04
N PRO G 455 -21.68 42.21 7.94
CA PRO G 455 -20.92 43.46 7.86
C PRO G 455 -19.81 43.42 6.80
N VAL G 456 -20.19 43.22 5.55
CA VAL G 456 -19.22 43.23 4.46
C VAL G 456 -18.93 44.69 4.05
N ILE G 457 -17.65 45.01 3.89
CA ILE G 457 -17.30 46.34 3.39
C ILE G 457 -17.05 46.27 1.88
N ILE G 458 -17.88 46.97 1.13
CA ILE G 458 -17.81 46.94 -0.34
C ILE G 458 -17.24 48.27 -0.85
N PHE G 459 -16.08 48.19 -1.48
CA PHE G 459 -15.52 49.34 -2.17
C PHE G 459 -15.97 49.34 -3.64
N LEU G 460 -16.93 50.21 -3.94
CA LEU G 460 -17.46 50.30 -5.30
C LEU G 460 -16.65 51.33 -6.06
N ILE G 461 -15.88 50.87 -7.04
CA ILE G 461 -15.03 51.75 -7.82
C ILE G 461 -15.80 52.34 -9.00
N ASN G 462 -16.37 53.52 -8.79
CA ASN G 462 -17.14 54.18 -9.82
C ASN G 462 -16.25 55.04 -10.70
N ASN G 463 -15.81 54.45 -11.82
CA ASN G 463 -15.04 55.18 -12.81
C ASN G 463 -15.80 55.42 -14.11
N ARG G 464 -17.11 55.20 -14.07
CA ARG G 464 -18.04 55.51 -15.15
C ARG G 464 -17.88 54.66 -16.40
N GLY G 465 -17.70 53.35 -16.22
CA GLY G 465 -17.69 52.43 -17.34
C GLY G 465 -16.76 51.24 -17.22
N TYR G 466 -16.71 50.47 -18.30
CA TYR G 466 -15.85 49.29 -18.42
C TYR G 466 -14.44 49.75 -18.78
N VAL G 467 -13.71 50.28 -17.80
CA VAL G 467 -12.40 50.88 -18.02
C VAL G 467 -11.35 49.87 -18.52
N ILE G 468 -11.34 48.66 -17.96
CA ILE G 468 -10.44 47.60 -18.44
C ILE G 468 -10.59 47.41 -19.94
N GLU G 469 -11.74 47.81 -20.48
CA GLU G 469 -12.04 47.66 -21.90
C GLU G 469 -11.78 48.95 -22.65
N ILE G 470 -12.13 50.07 -22.03
CA ILE G 470 -11.88 51.40 -22.59
C ILE G 470 -10.40 51.64 -22.86
N ALA G 471 -9.54 51.15 -21.96
CA ALA G 471 -8.10 51.35 -22.08
C ALA G 471 -7.50 50.52 -23.22
N ILE G 472 -8.18 49.44 -23.58
CA ILE G 472 -7.63 48.44 -24.50
C ILE G 472 -8.26 48.52 -25.89
N HIS G 473 -9.58 48.59 -25.94
CA HIS G 473 -10.34 48.58 -27.18
C HIS G 473 -11.66 49.29 -26.96
N ASP G 474 -11.67 50.60 -27.19
CA ASP G 474 -12.82 51.42 -26.84
C ASP G 474 -13.91 51.44 -27.91
N GLY G 475 -15.16 51.50 -27.46
CA GLY G 475 -16.32 51.62 -28.33
C GLY G 475 -17.50 51.98 -27.48
N PRO G 476 -18.64 52.39 -28.09
CA PRO G 476 -19.81 52.85 -27.33
C PRO G 476 -20.35 51.84 -26.31
N TYR G 477 -19.99 50.57 -26.50
CA TYR G 477 -20.41 49.47 -25.64
C TYR G 477 -19.77 49.47 -24.25
N ASN G 478 -18.79 50.34 -24.04
CA ASN G 478 -18.08 50.39 -22.77
C ASN G 478 -18.69 51.39 -21.79
N TYR G 479 -19.72 52.10 -22.21
CA TYR G 479 -20.28 53.20 -21.43
C TYR G 479 -21.69 52.90 -20.91
N ILE G 480 -21.84 52.92 -19.59
CA ILE G 480 -23.07 52.49 -18.93
C ILE G 480 -23.77 53.63 -18.20
N LYS G 481 -25.05 53.42 -17.91
CA LYS G 481 -25.83 54.38 -17.11
C LYS G 481 -25.28 54.38 -15.69
N ASN G 482 -24.85 55.56 -15.23
CA ASN G 482 -24.40 55.74 -13.86
C ASN G 482 -25.56 55.59 -12.87
N TRP G 483 -25.27 55.03 -11.69
CA TRP G 483 -26.25 54.94 -10.62
C TRP G 483 -25.80 55.78 -9.44
N ASP G 484 -26.74 56.08 -8.53
CA ASP G 484 -26.36 56.56 -7.22
C ASP G 484 -26.14 55.33 -6.35
N TYR G 485 -24.93 54.78 -6.42
CA TYR G 485 -24.62 53.50 -5.76
C TYR G 485 -24.75 53.57 -4.23
N ALA G 486 -24.30 54.69 -3.66
CA ALA G 486 -24.45 54.91 -2.22
C ALA G 486 -25.93 54.94 -1.80
N GLY G 487 -26.76 55.59 -2.61
CA GLY G 487 -28.20 55.72 -2.33
C GLY G 487 -28.96 54.41 -2.35
N LEU G 488 -28.37 53.40 -2.98
CA LEU G 488 -29.01 52.09 -3.15
C LEU G 488 -29.17 51.32 -1.82
N MET G 489 -28.32 51.64 -0.84
CA MET G 489 -28.38 50.97 0.46
C MET G 489 -29.67 51.21 1.21
N GLU G 490 -30.12 52.47 1.28
CA GLU G 490 -31.40 52.78 1.90
C GLU G 490 -32.56 52.06 1.21
N VAL G 491 -32.47 51.87 -0.09
CA VAL G 491 -33.49 51.14 -0.84
C VAL G 491 -33.60 49.70 -0.30
N PHE G 492 -32.47 49.04 -0.11
CA PHE G 492 -32.46 47.68 0.42
C PHE G 492 -32.78 47.62 1.90
N ASN G 493 -32.49 48.70 2.64
CA ASN G 493 -32.86 48.78 4.05
C ASN G 493 -34.36 48.81 4.24
N ALA G 494 -35.03 49.69 3.49
CA ALA G 494 -36.49 49.89 3.59
C ALA G 494 -37.00 50.04 5.01
N GLY G 495 -36.25 50.78 5.84
CA GLY G 495 -36.58 50.98 7.25
C GLY G 495 -36.31 49.81 8.20
N GLU G 496 -35.81 48.69 7.66
CA GLU G 496 -35.49 47.50 8.45
C GLU G 496 -34.00 47.35 8.75
N GLY G 497 -33.21 47.10 7.70
CA GLY G 497 -31.81 46.72 7.83
C GLY G 497 -30.84 47.79 8.28
N HIS G 498 -29.59 47.36 8.45
CA HIS G 498 -28.53 48.23 8.96
C HIS G 498 -27.40 48.44 7.95
N GLY G 499 -27.73 48.43 6.67
CA GLY G 499 -26.77 48.76 5.62
C GLY G 499 -26.46 50.24 5.55
N LEU G 500 -25.21 50.57 5.20
CA LEU G 500 -24.78 51.95 5.02
C LEU G 500 -24.29 52.23 3.61
N GLY G 501 -24.70 53.37 3.07
CA GLY G 501 -24.21 53.82 1.76
C GLY G 501 -23.50 55.16 1.86
N LEU G 502 -22.23 55.18 1.47
CA LEU G 502 -21.41 56.39 1.58
C LEU G 502 -20.66 56.72 0.29
N LYS G 503 -20.46 58.02 0.05
CA LYS G 503 -19.66 58.50 -1.07
C LYS G 503 -18.27 58.89 -0.60
N ALA G 504 -17.25 58.43 -1.31
CA ALA G 504 -15.88 58.88 -1.07
C ALA G 504 -15.39 59.60 -2.31
N THR G 505 -15.05 60.87 -2.13
CA THR G 505 -14.76 61.75 -3.26
C THR G 505 -13.36 62.36 -3.14
N THR G 506 -12.82 62.31 -1.92
CA THR G 506 -11.46 62.71 -1.62
C THR G 506 -10.87 61.66 -0.68
N PRO G 507 -9.53 61.65 -0.52
CA PRO G 507 -8.89 60.75 0.46
C PRO G 507 -9.34 60.98 1.89
N LYS G 508 -9.61 62.22 2.26
CA LYS G 508 -10.17 62.51 3.58
C LYS G 508 -11.55 61.90 3.69
N GLU G 509 -12.35 62.03 2.64
CA GLU G 509 -13.72 61.55 2.63
C GLU G 509 -13.78 60.02 2.68
N LEU G 510 -12.75 59.38 2.12
CA LEU G 510 -12.63 57.92 2.15
C LEU G 510 -12.21 57.42 3.51
N THR G 511 -11.32 58.17 4.16
CA THR G 511 -10.79 57.80 5.47
C THR G 511 -11.93 57.81 6.49
N GLU G 512 -12.83 58.80 6.37
CA GLU G 512 -14.02 58.90 7.22
C GLU G 512 -14.99 57.76 6.94
N ALA G 513 -15.17 57.43 5.66
CA ALA G 513 -16.08 56.38 5.25
C ALA G 513 -15.69 55.01 5.79
N ILE G 514 -14.38 54.74 5.81
CA ILE G 514 -13.84 53.47 6.33
C ILE G 514 -14.05 53.37 7.85
N ALA G 515 -13.91 54.49 8.54
CA ALA G 515 -14.17 54.56 9.97
C ALA G 515 -15.62 54.20 10.28
N ARG G 516 -16.55 54.75 9.50
CA ARG G 516 -17.97 54.46 9.63
C ARG G 516 -18.25 52.99 9.34
N ALA G 517 -17.56 52.45 8.33
CA ALA G 517 -17.73 51.06 7.91
C ALA G 517 -17.35 50.08 9.01
N LYS G 518 -16.18 50.31 9.62
CA LYS G 518 -15.70 49.46 10.70
C LYS G 518 -16.67 49.46 11.87
N ALA G 519 -17.37 50.57 12.08
CA ALA G 519 -18.31 50.71 13.18
C ALA G 519 -19.66 50.08 12.86
N ASN G 520 -19.93 49.78 11.60
CA ASN G 520 -21.20 49.22 11.20
C ASN G 520 -21.20 47.69 11.32
N THR G 521 -21.64 47.18 12.47
CA THR G 521 -21.48 45.77 12.80
C THR G 521 -22.64 44.89 12.36
N ARG G 522 -23.75 45.49 11.95
CA ARG G 522 -24.97 44.70 11.67
C ARG G 522 -25.49 44.81 10.25
N GLY G 523 -24.63 45.24 9.34
CA GLY G 523 -24.99 45.32 7.93
C GLY G 523 -23.82 45.69 7.03
N PRO G 524 -23.98 45.50 5.72
CA PRO G 524 -22.92 45.83 4.79
C PRO G 524 -22.71 47.34 4.66
N THR G 525 -21.50 47.73 4.31
CA THR G 525 -21.22 49.13 4.01
C THR G 525 -20.65 49.26 2.59
N LEU G 526 -21.40 49.95 1.74
CA LEU G 526 -20.95 50.26 0.39
C LEU G 526 -20.35 51.66 0.36
N ILE G 527 -19.08 51.73 -0.04
CA ILE G 527 -18.42 53.01 -0.25
C ILE G 527 -18.24 53.24 -1.76
N GLU G 528 -19.01 54.19 -2.29
CA GLU G 528 -18.90 54.56 -3.69
C GLU G 528 -17.70 55.46 -3.84
N CYS G 529 -16.60 54.89 -4.32
CA CYS G 529 -15.38 55.65 -4.57
C CYS G 529 -15.40 56.22 -5.98
N GLN G 530 -15.39 57.53 -6.09
CA GLN G 530 -15.38 58.18 -7.40
C GLN G 530 -13.96 58.55 -7.82
N ILE G 531 -13.50 57.90 -8.89
CA ILE G 531 -12.22 58.26 -9.50
C ILE G 531 -12.42 58.52 -10.99
N ASP G 532 -11.47 59.21 -11.61
CA ASP G 532 -11.56 59.48 -13.04
C ASP G 532 -11.37 58.24 -13.90
N ARG G 533 -12.08 58.21 -15.01
CA ARG G 533 -12.07 57.10 -15.95
C ARG G 533 -10.66 56.79 -16.50
N THR G 534 -9.81 57.81 -16.47
CA THR G 534 -8.48 57.77 -17.05
C THR G 534 -7.48 57.13 -16.08
N ASP G 535 -7.91 56.99 -14.83
CA ASP G 535 -7.02 56.68 -13.70
C ASP G 535 -7.02 55.18 -13.37
N CYS G 536 -6.53 54.36 -14.30
CA CYS G 536 -6.37 52.93 -14.05
C CYS G 536 -4.89 52.60 -13.91
N THR G 537 -4.60 51.36 -13.51
CA THR G 537 -3.21 50.95 -13.31
C THR G 537 -2.46 50.87 -14.64
N ASP G 538 -1.19 51.25 -14.63
CA ASP G 538 -0.30 51.02 -15.78
C ASP G 538 -0.23 49.52 -16.08
N MET G 539 -0.31 48.73 -15.01
CA MET G 539 -0.28 47.30 -15.08
C MET G 539 -1.38 46.79 -16.04
N LEU G 540 -2.59 47.31 -15.89
CA LEU G 540 -3.73 46.93 -16.75
C LEU G 540 -3.46 47.24 -18.21
N VAL G 541 -2.97 48.45 -18.46
CA VAL G 541 -2.68 48.88 -19.83
C VAL G 541 -1.64 47.96 -20.49
N GLN G 542 -0.52 47.73 -19.81
CA GLN G 542 0.53 46.83 -20.33
C GLN G 542 0.00 45.45 -20.62
N TRP G 543 -0.60 44.83 -19.60
CA TRP G 543 -1.19 43.49 -19.72
C TRP G 543 -2.22 43.42 -20.84
N GLY G 544 -3.13 44.38 -20.85
CA GLY G 544 -4.22 44.41 -21.81
C GLY G 544 -3.81 44.49 -23.26
N ARG G 545 -2.86 45.37 -23.57
CA ARG G 545 -2.38 45.53 -24.94
C ARG G 545 -1.85 44.23 -25.52
N LYS G 546 -1.10 43.48 -24.73
CA LYS G 546 -0.50 42.24 -25.20
C LYS G 546 -1.56 41.16 -25.39
N VAL G 547 -2.43 41.03 -24.40
CA VAL G 547 -3.48 40.02 -24.43
C VAL G 547 -4.44 40.26 -25.61
N ALA G 548 -4.86 41.52 -25.78
CA ALA G 548 -5.79 41.87 -26.86
C ALA G 548 -5.22 41.61 -28.25
N SER G 549 -3.95 41.95 -28.46
CA SER G 549 -3.33 41.75 -29.77
C SER G 549 -3.11 40.26 -30.04
N THR G 550 -2.96 39.47 -28.98
CA THR G 550 -2.83 38.02 -29.13
C THR G 550 -4.18 37.35 -29.46
N ASN G 551 -5.25 37.80 -28.80
CA ASN G 551 -6.59 37.30 -29.11
C ASN G 551 -7.12 37.73 -30.48
N ALA G 552 -6.51 38.77 -31.05
CA ALA G 552 -6.92 39.26 -32.36
C ALA G 552 -6.03 38.74 -33.48
N ARG G 553 -5.06 37.92 -33.09
CA ARG G 553 -4.07 37.35 -34.01
C ARG G 553 -4.75 36.69 -35.23
N LYS G 554 -4.20 36.91 -36.42
CA LYS G 554 -4.77 36.34 -37.65
C LYS G 554 -4.20 34.98 -38.08
N THR G 555 -2.96 34.67 -37.66
CA THR G 555 -2.31 33.40 -38.04
C THR G 555 -1.91 32.51 -36.84
N THR H 2 -14.14 47.47 -47.92
CA THR H 2 -13.74 46.08 -47.44
C THR H 2 -14.79 45.43 -46.52
N TYR H 3 -15.46 44.40 -47.04
CA TYR H 3 -16.70 43.87 -46.45
C TYR H 3 -16.44 42.62 -45.61
N THR H 4 -16.85 42.66 -44.34
CA THR H 4 -16.49 41.60 -43.37
C THR H 4 -17.63 40.67 -42.99
N VAL H 5 -17.28 39.55 -42.37
CA VAL H 5 -18.23 38.56 -41.87
C VAL H 5 -19.28 39.22 -40.95
N GLY H 6 -18.81 40.08 -40.04
CA GLY H 6 -19.71 40.78 -39.13
C GLY H 6 -20.70 41.68 -39.85
N MET H 7 -20.26 42.29 -40.94
CA MET H 7 -21.12 43.16 -41.74
C MET H 7 -22.19 42.35 -42.45
N TYR H 8 -21.81 41.15 -42.89
CA TYR H 8 -22.73 40.22 -43.53
C TYR H 8 -23.87 39.86 -42.55
N LEU H 9 -23.49 39.51 -41.32
CA LEU H 9 -24.47 39.22 -40.29
C LEU H 9 -25.40 40.41 -40.05
N ALA H 10 -24.83 41.61 -40.03
CA ALA H 10 -25.60 42.83 -39.77
C ALA H 10 -26.64 43.05 -40.84
N GLU H 11 -26.25 42.90 -42.11
CA GLU H 11 -27.15 43.13 -43.23
C GLU H 11 -28.28 42.09 -43.30
N ARG H 12 -27.98 40.86 -42.91
CA ARG H 12 -29.00 39.83 -42.83
C ARG H 12 -30.00 40.13 -41.71
N LEU H 13 -29.51 40.58 -40.56
CA LEU H 13 -30.40 40.94 -39.47
C LEU H 13 -31.33 42.07 -39.88
N VAL H 14 -30.79 43.04 -40.63
CA VAL H 14 -31.60 44.15 -41.15
C VAL H 14 -32.69 43.64 -42.10
N GLN H 15 -32.35 42.64 -42.91
CA GLN H 15 -33.28 42.03 -43.86
C GLN H 15 -34.38 41.25 -43.16
N ILE H 16 -34.13 40.77 -41.95
CA ILE H 16 -35.18 40.16 -41.12
C ILE H 16 -36.26 41.18 -40.79
N GLY H 17 -35.86 42.45 -40.72
CA GLY H 17 -36.76 43.54 -40.31
C GLY H 17 -36.42 44.06 -38.91
N LEU H 18 -35.24 43.70 -38.42
CA LEU H 18 -34.74 44.21 -37.15
C LEU H 18 -34.30 45.65 -37.28
N LYS H 19 -34.60 46.46 -36.27
CA LYS H 19 -34.10 47.84 -36.20
C LYS H 19 -33.20 48.00 -34.97
N HIS H 20 -33.08 46.93 -34.18
CA HIS H 20 -32.28 46.93 -32.97
C HIS H 20 -31.70 45.55 -32.73
N HIS H 21 -30.54 45.53 -32.10
CA HIS H 21 -30.04 44.30 -31.49
C HIS H 21 -29.47 44.66 -30.13
N PHE H 22 -29.47 43.68 -29.22
CA PHE H 22 -29.09 43.89 -27.83
C PHE H 22 -27.76 43.23 -27.58
N ALA H 23 -26.93 43.85 -26.76
CA ALA H 23 -25.58 43.35 -26.54
C ALA H 23 -25.03 43.60 -25.14
N VAL H 24 -24.14 42.72 -24.70
CA VAL H 24 -23.25 43.01 -23.58
C VAL H 24 -21.83 42.78 -24.07
N ALA H 25 -20.97 43.77 -23.90
CA ALA H 25 -19.60 43.69 -24.40
C ALA H 25 -18.73 42.68 -23.67
N GLY H 26 -17.83 42.05 -24.41
CA GLY H 26 -16.79 41.21 -23.85
C GLY H 26 -15.69 41.09 -24.87
N ASP H 27 -14.47 40.82 -24.43
CA ASP H 27 -13.34 40.79 -25.37
C ASP H 27 -13.53 39.85 -26.56
N TYR H 28 -14.23 38.73 -26.37
CA TYR H 28 -14.52 37.79 -27.48
C TYR H 28 -15.48 38.32 -28.56
N ASN H 29 -16.17 39.43 -28.28
CA ASN H 29 -17.17 39.96 -29.22
C ASN H 29 -17.03 41.44 -29.59
N LEU H 30 -16.00 42.11 -29.09
CA LEU H 30 -15.80 43.53 -29.38
C LEU H 30 -15.68 43.84 -30.86
N VAL H 31 -14.83 43.11 -31.57
CA VAL H 31 -14.66 43.33 -33.00
C VAL H 31 -15.98 43.07 -33.75
N LEU H 32 -16.69 42.01 -33.35
CA LEU H 32 -18.00 41.73 -33.92
C LEU H 32 -18.96 42.88 -33.72
N LEU H 33 -19.01 43.41 -32.50
CA LEU H 33 -19.82 44.59 -32.18
C LEU H 33 -19.45 45.80 -33.05
N ASP H 34 -18.16 45.98 -33.30
CA ASP H 34 -17.68 47.03 -34.21
C ASP H 34 -18.27 46.85 -35.60
N GLN H 35 -18.25 45.62 -36.11
CA GLN H 35 -18.80 45.34 -37.44
C GLN H 35 -20.28 45.66 -37.51
N LEU H 36 -21.02 45.27 -36.48
CA LEU H 36 -22.45 45.52 -36.42
C LEU H 36 -22.80 47.02 -36.34
N LEU H 37 -21.95 47.79 -35.65
CA LEU H 37 -22.14 49.24 -35.52
C LEU H 37 -22.04 49.99 -36.85
N LEU H 38 -21.32 49.41 -37.81
CA LEU H 38 -21.15 50.05 -39.11
C LEU H 38 -22.43 50.06 -39.92
N ASN H 39 -23.41 49.26 -39.52
CA ASN H 39 -24.70 49.25 -40.18
C ASN H 39 -25.66 50.27 -39.55
N LYS H 40 -25.91 51.35 -40.27
CA LYS H 40 -26.75 52.44 -39.77
C LYS H 40 -28.24 52.15 -39.82
N ASP H 41 -28.63 51.00 -40.38
CA ASP H 41 -30.05 50.62 -40.48
C ASP H 41 -30.61 50.06 -39.17
N MET H 42 -29.72 49.78 -38.21
CA MET H 42 -30.15 49.37 -36.87
C MET H 42 -29.29 49.95 -35.74
N LYS H 43 -29.86 49.95 -34.53
CA LYS H 43 -29.18 50.46 -33.35
C LYS H 43 -28.75 49.32 -32.44
N GLN H 44 -27.57 49.46 -31.88
CA GLN H 44 -27.02 48.49 -30.97
C GLN H 44 -27.31 49.02 -29.59
N ILE H 45 -28.11 48.28 -28.80
CA ILE H 45 -28.41 48.77 -27.46
C ILE H 45 -27.89 47.83 -26.38
N TYR H 46 -27.59 48.37 -25.19
CA TYR H 46 -26.83 47.61 -24.21
C TYR H 46 -27.62 47.22 -22.97
N CYS H 47 -27.29 46.06 -22.39
CA CYS H 47 -27.97 45.56 -21.21
C CYS H 47 -27.02 45.39 -20.03
N CYS H 48 -27.60 45.25 -18.84
CA CYS H 48 -26.82 45.10 -17.61
C CYS H 48 -26.17 43.76 -17.53
N ASN H 49 -26.95 42.71 -17.72
CA ASN H 49 -26.44 41.34 -17.76
C ASN H 49 -27.06 40.53 -18.87
N GLU H 50 -26.48 39.35 -19.12
CA GLU H 50 -26.83 38.54 -20.27
C GLU H 50 -28.19 37.86 -20.16
N LEU H 51 -28.61 37.55 -18.93
CA LEU H 51 -29.95 37.01 -18.74
C LEU H 51 -30.97 38.04 -19.24
N ASN H 52 -30.82 39.27 -18.75
CA ASN H 52 -31.69 40.37 -19.15
C ASN H 52 -31.58 40.67 -20.65
N CYS H 53 -30.37 40.54 -21.16
CA CYS H 53 -30.11 40.77 -22.57
C CYS H 53 -30.95 39.84 -23.42
N GLY H 54 -30.91 38.56 -23.09
CA GLY H 54 -31.70 37.54 -23.78
C GLY H 54 -33.18 37.80 -23.67
N PHE H 55 -33.64 38.15 -22.48
CA PHE H 55 -35.07 38.44 -22.26
C PHE H 55 -35.52 39.74 -22.92
N SER H 56 -34.58 40.67 -23.10
CA SER H 56 -34.87 41.87 -23.86
C SER H 56 -35.14 41.48 -25.31
N ALA H 57 -34.29 40.59 -25.83
CA ALA H 57 -34.44 40.13 -27.21
C ALA H 57 -35.78 39.42 -27.36
N GLU H 58 -36.12 38.59 -26.36
CA GLU H 58 -37.38 37.88 -26.33
C GLU H 58 -38.56 38.83 -26.44
N GLY H 59 -38.53 39.91 -25.63
CA GLY H 59 -39.57 40.92 -25.64
C GLY H 59 -39.68 41.63 -26.98
N TYR H 60 -38.54 41.94 -27.58
CA TYR H 60 -38.46 42.58 -28.90
C TYR H 60 -39.08 41.69 -30.00
N ALA H 61 -38.80 40.39 -29.93
CA ALA H 61 -39.39 39.41 -30.84
C ALA H 61 -40.92 39.44 -30.81
N ARG H 62 -41.48 39.63 -29.62
CA ARG H 62 -42.93 39.71 -29.46
C ARG H 62 -43.58 40.83 -30.28
N SER H 63 -42.94 42.00 -30.34
CA SER H 63 -43.50 43.13 -31.07
C SER H 63 -42.97 43.25 -32.50
N ASN H 64 -41.74 42.85 -32.73
CA ASN H 64 -41.14 42.98 -34.05
C ASN H 64 -41.28 41.75 -34.94
N GLY H 65 -41.23 40.56 -34.34
CA GLY H 65 -41.37 39.30 -35.08
C GLY H 65 -40.17 38.39 -34.86
N ALA H 66 -39.00 39.01 -34.66
CA ALA H 66 -37.76 38.30 -34.39
C ALA H 66 -36.82 39.25 -33.64
N ALA H 67 -35.70 38.73 -33.15
CA ALA H 67 -34.71 39.54 -32.43
C ALA H 67 -33.32 38.93 -32.45
N ALA H 68 -32.34 39.69 -31.97
CA ALA H 68 -30.97 39.23 -31.89
C ALA H 68 -30.29 39.79 -30.65
N ALA H 69 -29.51 38.95 -30.00
CA ALA H 69 -28.69 39.35 -28.85
C ALA H 69 -27.26 38.89 -29.04
N VAL H 70 -26.32 39.73 -28.66
CA VAL H 70 -24.90 39.43 -28.83
C VAL H 70 -24.18 39.39 -27.51
N VAL H 71 -23.57 38.25 -27.19
CA VAL H 71 -22.94 38.05 -25.89
C VAL H 71 -21.52 37.53 -26.02
N THR H 72 -20.80 37.45 -24.91
CA THR H 72 -19.47 36.89 -24.90
C THR H 72 -19.49 35.42 -24.49
N PHE H 73 -18.43 34.69 -24.84
CA PHE H 73 -18.33 33.25 -24.66
C PHE H 73 -18.51 32.77 -23.20
N SER H 74 -19.27 31.69 -23.02
CA SER H 74 -19.56 31.06 -21.72
C SER H 74 -20.20 31.94 -20.65
N VAL H 75 -19.42 32.87 -20.11
CA VAL H 75 -19.87 33.69 -18.99
C VAL H 75 -21.09 34.51 -19.36
N GLY H 76 -21.17 34.93 -20.62
CA GLY H 76 -22.35 35.56 -21.16
C GLY H 76 -23.35 34.55 -21.69
N ALA H 77 -22.89 33.68 -22.60
CA ALA H 77 -23.78 32.81 -23.34
C ALA H 77 -24.63 31.86 -22.47
N ILE H 78 -24.04 31.27 -21.44
CA ILE H 78 -24.78 30.29 -20.65
C ILE H 78 -26.05 30.87 -20.03
N SER H 79 -25.93 32.02 -19.38
CA SER H 79 -27.14 32.59 -18.77
C SER H 79 -28.12 33.08 -19.84
N ALA H 80 -27.61 33.50 -20.99
CA ALA H 80 -28.49 33.84 -22.13
C ALA H 80 -29.27 32.61 -22.62
N MET H 81 -28.72 31.42 -22.43
CA MET H 81 -29.41 30.17 -22.81
C MET H 81 -30.71 29.94 -22.05
N ASN H 82 -30.81 30.54 -20.86
CA ASN H 82 -32.06 30.52 -20.12
C ASN H 82 -33.11 31.24 -20.93
N ALA H 83 -32.75 32.42 -21.44
CA ALA H 83 -33.63 33.21 -22.27
C ALA H 83 -33.92 32.51 -23.60
N LEU H 84 -32.92 31.85 -24.17
CA LEU H 84 -33.10 31.07 -25.40
C LEU H 84 -34.15 29.98 -25.22
N GLY H 85 -34.03 29.21 -24.13
CA GLY H 85 -35.01 28.20 -23.80
C GLY H 85 -36.39 28.83 -23.66
N GLY H 86 -36.43 30.00 -23.04
CA GLY H 86 -37.64 30.79 -22.97
C GLY H 86 -38.24 31.11 -24.33
N ALA H 87 -37.38 31.54 -25.25
CA ALA H 87 -37.81 31.84 -26.61
C ALA H 87 -38.37 30.59 -27.30
N TYR H 88 -37.73 29.44 -27.08
CA TYR H 88 -38.20 28.19 -27.64
C TYR H 88 -39.58 27.86 -27.08
N ALA H 89 -39.72 27.99 -25.78
CA ALA H 89 -40.98 27.73 -25.09
C ALA H 89 -42.10 28.64 -25.57
N GLU H 90 -41.76 29.88 -25.89
CA GLU H 90 -42.77 30.87 -26.26
C GLU H 90 -42.84 31.10 -27.77
N ASN H 91 -42.25 30.19 -28.53
CA ASN H 91 -42.29 30.24 -30.00
C ASN H 91 -41.83 31.56 -30.65
N LEU H 92 -40.67 32.04 -30.23
CA LEU H 92 -40.13 33.31 -30.73
C LEU H 92 -38.74 33.13 -31.32
N PRO H 93 -38.54 33.56 -32.58
CA PRO H 93 -37.23 33.43 -33.23
C PRO H 93 -36.20 34.49 -32.79
N VAL H 94 -35.63 34.28 -31.61
CA VAL H 94 -34.49 35.06 -31.15
C VAL H 94 -33.22 34.41 -31.68
N ILE H 95 -32.29 35.21 -32.19
CA ILE H 95 -30.99 34.70 -32.58
C ILE H 95 -29.92 35.12 -31.57
N LEU H 96 -29.33 34.16 -30.89
CA LEU H 96 -28.26 34.47 -29.96
C LEU H 96 -26.92 34.32 -30.67
N ILE H 97 -26.15 35.41 -30.71
CA ILE H 97 -24.82 35.36 -31.29
C ILE H 97 -23.77 35.51 -30.19
N SER H 98 -22.91 34.50 -30.06
CA SER H 98 -21.84 34.55 -29.08
C SER H 98 -20.51 34.83 -29.74
N GLY H 99 -19.70 35.66 -29.09
CA GLY H 99 -18.28 35.75 -29.40
C GLY H 99 -17.65 34.42 -29.02
N ALA H 100 -16.59 34.04 -29.71
CA ALA H 100 -15.93 32.77 -29.44
C ALA H 100 -14.41 32.93 -29.55
N PRO H 101 -13.65 31.99 -28.97
CA PRO H 101 -12.19 32.04 -29.03
C PRO H 101 -11.64 32.15 -30.45
N ASN H 102 -10.44 32.71 -30.55
CA ASN H 102 -9.69 32.79 -31.80
C ASN H 102 -9.60 31.43 -32.47
N SER H 103 -9.87 31.36 -33.76
CA SER H 103 -9.87 30.09 -34.48
C SER H 103 -8.51 29.41 -34.46
N ASN H 104 -7.44 30.19 -34.27
CA ASN H 104 -6.11 29.64 -34.23
C ASN H 104 -5.79 28.91 -32.94
N ASP H 105 -6.68 29.05 -31.96
CA ASP H 105 -6.52 28.37 -30.67
C ASP H 105 -7.07 26.96 -30.72
N GLN H 106 -7.95 26.72 -31.69
CA GLN H 106 -8.57 25.44 -31.88
C GLN H 106 -7.59 24.32 -32.15
N GLY H 107 -7.71 23.24 -31.39
CA GLY H 107 -6.85 22.07 -31.52
C GLY H 107 -5.39 22.27 -31.09
N THR H 108 -5.11 23.29 -30.31
CA THR H 108 -3.73 23.55 -29.88
C THR H 108 -3.48 23.06 -28.47
N GLY H 109 -4.55 22.81 -27.73
CA GLY H 109 -4.45 22.41 -26.33
C GLY H 109 -4.30 23.59 -25.40
N HIS H 110 -4.46 24.80 -25.95
CA HIS H 110 -4.50 26.02 -25.15
C HIS H 110 -5.72 26.07 -24.25
N ILE H 111 -5.52 26.44 -22.99
CA ILE H 111 -6.63 26.71 -22.07
C ILE H 111 -6.97 28.20 -22.18
N LEU H 112 -8.25 28.51 -22.35
CA LEU H 112 -8.67 29.88 -22.57
C LEU H 112 -9.53 30.44 -21.45
N HIS H 113 -9.50 31.75 -21.28
CA HIS H 113 -10.34 32.42 -20.28
C HIS H 113 -11.81 32.32 -20.67
N HIS H 114 -12.69 32.37 -19.67
CA HIS H 114 -14.14 32.11 -19.82
C HIS H 114 -14.45 30.68 -20.25
N THR H 115 -13.54 29.74 -19.99
CA THR H 115 -13.85 28.32 -20.22
C THR H 115 -13.72 27.55 -18.92
N ILE H 116 -14.20 26.33 -18.91
CA ILE H 116 -14.17 25.50 -17.70
C ILE H 116 -12.76 24.98 -17.40
N GLY H 117 -11.80 25.30 -18.26
CA GLY H 117 -10.38 25.02 -17.97
C GLY H 117 -9.80 23.80 -18.67
N LYS H 118 -10.59 23.17 -19.52
CA LYS H 118 -10.14 22.03 -20.28
C LYS H 118 -9.56 22.50 -21.60
N THR H 119 -8.91 21.58 -22.32
CA THR H 119 -8.21 21.93 -23.56
C THR H 119 -9.15 22.20 -24.72
N ASP H 120 -10.37 21.67 -24.67
CA ASP H 120 -11.35 21.94 -25.73
C ASP H 120 -12.50 22.75 -25.14
N TYR H 121 -13.33 23.33 -26.00
CA TYR H 121 -14.39 24.20 -25.49
C TYR H 121 -15.60 24.19 -26.42
N SER H 122 -15.89 23.00 -26.94
CA SER H 122 -17.09 22.77 -27.71
C SER H 122 -18.32 22.56 -26.82
N TYR H 123 -18.15 22.69 -25.51
CA TYR H 123 -19.25 22.44 -24.58
C TYR H 123 -20.39 23.44 -24.75
N GLN H 124 -20.06 24.69 -25.10
CA GLN H 124 -21.08 25.71 -25.26
C GLN H 124 -22.07 25.39 -26.39
N LEU H 125 -21.55 25.02 -27.56
CA LEU H 125 -22.39 24.67 -28.69
C LEU H 125 -23.29 23.48 -28.36
N GLU H 126 -22.75 22.48 -27.63
CA GLU H 126 -23.54 21.31 -27.27
C GLU H 126 -24.68 21.69 -26.34
N MET H 127 -24.45 22.64 -25.45
CA MET H 127 -25.49 23.13 -24.57
C MET H 127 -26.55 23.91 -25.35
N ALA H 128 -26.12 24.73 -26.30
CA ALA H 128 -27.02 25.55 -27.11
C ALA H 128 -27.96 24.71 -27.97
N ARG H 129 -27.48 23.57 -28.46
CA ARG H 129 -28.31 22.67 -29.28
C ARG H 129 -29.55 22.19 -28.55
N GLN H 130 -29.40 21.95 -27.26
CA GLN H 130 -30.51 21.54 -26.40
C GLN H 130 -31.73 22.48 -26.41
N VAL H 131 -31.50 23.78 -26.64
CA VAL H 131 -32.58 24.78 -26.56
C VAL H 131 -32.80 25.61 -27.86
N THR H 132 -32.37 25.09 -29.00
CA THR H 132 -32.49 25.81 -30.27
C THR H 132 -32.94 24.90 -31.41
N CYS H 133 -33.41 25.50 -32.50
CA CYS H 133 -33.76 24.73 -33.69
C CYS H 133 -32.58 24.67 -34.66
N ALA H 134 -31.58 25.51 -34.41
CA ALA H 134 -30.38 25.53 -35.25
C ALA H 134 -29.25 26.16 -34.46
N ALA H 135 -28.05 25.63 -34.64
CA ALA H 135 -26.89 26.08 -33.86
C ALA H 135 -25.63 25.84 -34.68
N GLU H 136 -24.91 26.91 -34.98
CA GLU H 136 -23.71 26.82 -35.81
C GLU H 136 -22.54 27.58 -35.18
N SER H 137 -21.35 27.10 -35.45
CA SER H 137 -20.13 27.71 -34.96
C SER H 137 -19.33 28.15 -36.16
N ILE H 138 -19.13 29.46 -36.30
CA ILE H 138 -18.34 30.01 -37.41
C ILE H 138 -16.87 30.13 -37.04
N THR H 139 -16.05 29.46 -37.82
CA THR H 139 -14.65 29.32 -37.49
C THR H 139 -13.76 29.61 -38.70
N ASP H 140 -14.40 29.95 -39.82
CA ASP H 140 -13.73 30.42 -41.05
C ASP H 140 -14.69 31.31 -41.86
N ALA H 141 -14.14 32.23 -42.66
CA ALA H 141 -14.95 33.19 -43.38
C ALA H 141 -15.74 32.59 -44.54
N HIS H 142 -15.20 31.54 -45.16
CA HIS H 142 -15.80 30.97 -46.34
CA HIS H 142 -15.79 30.91 -46.35
C HIS H 142 -17.15 30.29 -46.05
N SER H 143 -17.23 29.54 -44.94
CA SER H 143 -18.48 28.86 -44.61
C SER H 143 -19.45 29.74 -43.83
N ALA H 144 -19.02 30.95 -43.48
CA ALA H 144 -19.80 31.85 -42.65
C ALA H 144 -21.17 32.22 -43.25
N PRO H 145 -21.21 32.66 -44.52
CA PRO H 145 -22.52 32.97 -45.12
C PRO H 145 -23.54 31.84 -45.02
N ALA H 146 -23.15 30.63 -45.39
CA ALA H 146 -24.07 29.48 -45.38
C ALA H 146 -24.63 29.24 -43.98
N LYS H 147 -23.76 29.31 -42.98
CA LYS H 147 -24.16 29.10 -41.60
C LYS H 147 -25.09 30.19 -41.10
N ILE H 148 -24.76 31.45 -41.35
CA ILE H 148 -25.58 32.58 -40.94
C ILE H 148 -26.98 32.46 -41.54
N ASP H 149 -27.02 32.21 -42.84
CA ASP H 149 -28.29 32.08 -43.56
C ASP H 149 -29.10 30.90 -43.06
N HIS H 150 -28.43 29.78 -42.76
CA HIS H 150 -29.10 28.61 -42.21
C HIS H 150 -29.79 28.88 -40.87
N VAL H 151 -29.10 29.51 -39.92
CA VAL H 151 -29.71 29.74 -38.61
C VAL H 151 -30.88 30.71 -38.72
N ILE H 152 -30.70 31.79 -39.45
CA ILE H 152 -31.75 32.80 -39.57
C ILE H 152 -32.98 32.21 -40.25
N ARG H 153 -32.79 31.52 -41.37
CA ARG H 153 -33.92 30.98 -42.11
C ARG H 153 -34.68 29.93 -41.33
N THR H 154 -33.94 29.10 -40.58
CA THR H 154 -34.55 28.04 -39.79
C THR H 154 -35.36 28.62 -38.64
N ALA H 155 -34.77 29.60 -37.96
CA ALA H 155 -35.41 30.31 -36.86
C ALA H 155 -36.74 30.88 -37.29
N LEU H 156 -36.74 31.62 -38.40
CA LEU H 156 -37.94 32.30 -38.85
C LEU H 156 -39.03 31.34 -39.30
N ARG H 157 -38.63 30.28 -40.02
CA ARG H 157 -39.57 29.28 -40.53
C ARG H 157 -40.24 28.53 -39.37
N GLU H 158 -39.44 28.16 -38.38
CA GLU H 158 -39.94 27.34 -37.29
C GLU H 158 -40.50 28.14 -36.13
N ARG H 159 -40.28 29.45 -36.12
CA ARG H 159 -40.61 30.30 -34.97
C ARG H 159 -39.96 29.73 -33.71
N LYS H 160 -38.66 29.50 -33.79
CA LYS H 160 -37.86 29.01 -32.69
C LYS H 160 -36.56 29.78 -32.66
N PRO H 161 -35.89 29.85 -31.50
CA PRO H 161 -34.62 30.54 -31.47
C PRO H 161 -33.47 29.73 -32.09
N ALA H 162 -32.39 30.41 -32.46
CA ALA H 162 -31.20 29.76 -32.99
C ALA H 162 -29.94 30.37 -32.41
N TYR H 163 -28.81 29.69 -32.58
CA TYR H 163 -27.55 30.09 -31.96
C TYR H 163 -26.42 30.24 -32.97
N LEU H 164 -25.57 31.24 -32.74
CA LEU H 164 -24.39 31.45 -33.56
C LEU H 164 -23.11 31.72 -32.78
N ASP H 165 -22.04 31.04 -33.16
CA ASP H 165 -20.68 31.35 -32.71
C ASP H 165 -19.97 32.10 -33.79
N ILE H 166 -19.25 33.16 -33.42
CA ILE H 166 -18.26 33.67 -34.34
C ILE H 166 -16.93 33.81 -33.64
N ALA H 167 -15.92 33.10 -34.14
CA ALA H 167 -14.56 33.24 -33.63
C ALA H 167 -14.15 34.71 -33.73
N CYS H 168 -13.60 35.25 -32.64
CA CYS H 168 -13.30 36.69 -32.55
C CYS H 168 -12.41 37.20 -33.69
N ASN H 169 -11.43 36.40 -34.12
CA ASN H 169 -10.55 36.80 -35.23
C ASN H 169 -11.24 36.75 -36.58
N ILE H 170 -12.43 36.15 -36.65
CA ILE H 170 -13.09 35.98 -37.93
C ILE H 170 -14.15 37.03 -38.25
N ALA H 171 -14.65 37.73 -37.23
CA ALA H 171 -15.58 38.83 -37.43
C ALA H 171 -15.06 39.89 -38.41
N SER H 172 -13.74 40.11 -38.40
CA SER H 172 -13.03 41.07 -39.28
C SER H 172 -12.72 40.58 -40.68
N GLU H 173 -12.86 39.27 -40.91
CA GLU H 173 -12.37 38.66 -42.15
C GLU H 173 -13.20 39.06 -43.36
N PRO H 174 -12.56 39.22 -44.53
CA PRO H 174 -13.30 39.51 -45.75
C PRO H 174 -14.38 38.45 -46.03
N CYS H 175 -15.50 38.89 -46.59
CA CYS H 175 -16.63 38.03 -46.78
C CYS H 175 -17.44 38.48 -47.99
N VAL H 176 -18.10 37.54 -48.68
CA VAL H 176 -19.01 37.92 -49.75
C VAL H 176 -20.19 38.70 -49.17
N ARG H 177 -20.89 39.45 -50.03
CA ARG H 177 -22.05 40.25 -49.60
C ARG H 177 -23.32 39.44 -49.77
N PRO H 178 -24.32 39.69 -48.92
CA PRO H 178 -25.61 39.01 -49.07
C PRO H 178 -26.45 39.59 -50.20
N GLY H 179 -27.15 38.72 -50.92
CA GLY H 179 -27.99 39.15 -52.03
C GLY H 179 -29.32 39.71 -51.57
N PRO H 180 -30.05 40.39 -52.48
CA PRO H 180 -31.38 40.90 -52.16
C PRO H 180 -32.36 39.75 -51.96
N VAL H 181 -33.35 39.95 -51.09
CA VAL H 181 -34.35 38.93 -50.85
C VAL H 181 -35.76 39.51 -50.82
N SER H 182 -36.71 38.66 -51.17
CA SER H 182 -38.13 38.96 -51.02
C SER H 182 -38.43 39.04 -49.53
N SER H 183 -38.03 37.99 -48.82
CA SER H 183 -38.20 37.86 -47.38
C SER H 183 -37.26 36.75 -46.91
N LEU H 184 -36.79 36.83 -45.67
CA LEU H 184 -35.97 35.77 -45.12
C LEU H 184 -36.84 34.66 -44.53
N LEU H 185 -38.15 34.88 -44.51
CA LEU H 185 -39.11 33.86 -44.11
C LEU H 185 -39.63 33.12 -45.33
N SER H 186 -39.45 31.80 -45.34
CA SER H 186 -40.02 30.96 -46.39
C SER H 186 -40.54 29.65 -45.82
N GLU H 187 -41.87 29.51 -45.79
CA GLU H 187 -42.51 28.27 -45.32
C GLU H 187 -42.39 27.22 -46.43
N PRO H 188 -42.55 25.93 -46.11
CA PRO H 188 -42.53 24.91 -47.18
C PRO H 188 -43.74 25.05 -48.09
N GLU H 189 -43.56 24.76 -49.36
CA GLU H 189 -44.66 24.88 -50.31
C GLU H 189 -45.82 23.99 -49.86
N ILE H 190 -47.01 24.54 -49.97
CA ILE H 190 -48.21 23.92 -49.40
C ILE H 190 -48.73 22.72 -50.21
N ASP H 191 -49.08 21.64 -49.53
CA ASP H 191 -49.59 20.42 -50.16
C ASP H 191 -51.09 20.55 -50.38
N HIS H 192 -51.49 20.74 -51.63
CA HIS H 192 -52.88 21.04 -51.94
C HIS H 192 -53.85 19.87 -51.83
N THR H 193 -53.36 18.65 -52.04
CA THR H 193 -54.19 17.45 -51.84
C THR H 193 -54.59 17.35 -50.36
N SER H 194 -53.61 17.55 -49.48
CA SER H 194 -53.84 17.45 -48.04
C SER H 194 -54.73 18.57 -47.50
N LEU H 195 -54.47 19.79 -47.95
CA LEU H 195 -55.27 20.95 -47.56
C LEU H 195 -56.75 20.74 -47.90
N LYS H 196 -57.01 20.34 -49.14
CA LYS H 196 -58.37 20.12 -49.61
C LYS H 196 -59.11 19.07 -48.78
N ALA H 197 -58.41 17.96 -48.48
CA ALA H 197 -59.02 16.86 -47.71
C ALA H 197 -59.32 17.25 -46.26
N ALA H 198 -58.41 18.03 -45.66
CA ALA H 198 -58.57 18.53 -44.29
C ALA H 198 -59.74 19.51 -44.18
N VAL H 199 -59.85 20.41 -45.14
CA VAL H 199 -60.94 21.38 -45.16
C VAL H 199 -62.29 20.65 -45.40
N ASP H 200 -62.33 19.77 -46.39
CA ASP H 200 -63.52 18.98 -46.67
C ASP H 200 -63.99 18.17 -45.45
N ALA H 201 -63.06 17.53 -44.74
CA ALA H 201 -63.39 16.74 -43.56
C ALA H 201 -63.92 17.61 -42.41
N THR H 202 -63.32 18.78 -42.23
CA THR H 202 -63.74 19.73 -41.20
C THR H 202 -65.11 20.35 -41.50
N VAL H 203 -65.34 20.72 -42.77
CA VAL H 203 -66.64 21.25 -43.20
C VAL H 203 -67.74 20.21 -43.00
N ALA H 204 -67.48 18.96 -43.37
CA ALA H 204 -68.42 17.88 -43.18
C ALA H 204 -68.82 17.73 -41.71
N LEU H 205 -67.83 17.74 -40.82
CA LEU H 205 -68.09 17.63 -39.40
C LEU H 205 -68.88 18.84 -38.89
N LEU H 206 -68.50 20.03 -39.31
CA LEU H 206 -69.19 21.25 -38.91
C LEU H 206 -70.63 21.28 -39.40
N GLU H 207 -70.85 20.84 -40.64
CA GLU H 207 -72.18 20.83 -41.21
C GLU H 207 -73.16 19.99 -40.41
N LYS H 208 -72.72 18.84 -39.90
CA LYS H 208 -73.63 17.97 -39.15
C LYS H 208 -73.67 18.27 -37.64
N SER H 209 -72.96 19.33 -37.24
CA SER H 209 -72.96 19.81 -35.85
C SER H 209 -74.11 20.71 -35.49
N ALA H 210 -74.52 20.64 -34.23
CA ALA H 210 -75.53 21.53 -33.66
C ALA H 210 -74.90 22.81 -33.09
N SER H 211 -73.83 22.67 -32.29
CA SER H 211 -73.18 23.84 -31.68
C SER H 211 -71.65 23.72 -31.57
N PRO H 212 -70.94 24.13 -32.62
CA PRO H 212 -69.48 24.19 -32.61
C PRO H 212 -68.97 25.37 -31.79
N VAL H 213 -67.85 25.18 -31.11
CA VAL H 213 -67.21 26.26 -30.38
C VAL H 213 -65.79 26.39 -30.88
N MET H 214 -65.25 27.60 -30.85
CA MET H 214 -63.84 27.84 -31.13
C MET H 214 -63.07 28.08 -29.84
N LEU H 215 -61.95 27.37 -29.68
CA LEU H 215 -61.06 27.56 -28.55
C LEU H 215 -59.68 27.92 -29.06
N LEU H 216 -59.19 29.09 -28.67
CA LEU H 216 -57.95 29.64 -29.21
C LEU H 216 -56.77 29.47 -28.26
N GLY H 217 -55.64 29.05 -28.80
CA GLY H 217 -54.45 28.77 -28.00
C GLY H 217 -53.28 29.72 -28.23
N SER H 218 -52.22 29.53 -27.44
CA SER H 218 -51.12 30.48 -27.40
C SER H 218 -50.14 30.39 -28.56
N LYS H 219 -50.36 29.48 -29.50
CA LYS H 219 -49.53 29.44 -30.70
C LYS H 219 -50.16 30.21 -31.87
N LEU H 220 -51.30 30.85 -31.64
CA LEU H 220 -52.03 31.52 -32.71
C LEU H 220 -51.24 32.65 -33.38
N ARG H 221 -50.50 33.41 -32.58
CA ARG H 221 -49.71 34.52 -33.09
C ARG H 221 -48.48 34.04 -33.86
N ALA H 222 -47.76 33.07 -33.31
CA ALA H 222 -46.58 32.50 -33.96
C ALA H 222 -46.96 31.93 -35.32
N ALA H 223 -48.14 31.32 -35.40
CA ALA H 223 -48.67 30.76 -36.65
C ALA H 223 -49.17 31.85 -37.59
N ASN H 224 -49.06 33.10 -37.13
CA ASN H 224 -49.50 34.28 -37.89
C ASN H 224 -50.95 34.12 -38.36
N ALA H 225 -51.82 33.77 -37.41
CA ALA H 225 -53.17 33.30 -37.72
C ALA H 225 -54.30 34.10 -37.05
N LEU H 226 -53.97 35.31 -36.59
CA LEU H 226 -54.93 36.17 -35.89
C LEU H 226 -56.07 36.64 -36.80
N ALA H 227 -55.71 37.26 -37.92
CA ALA H 227 -56.71 37.78 -38.86
C ALA H 227 -57.56 36.66 -39.44
N ALA H 228 -56.91 35.54 -39.80
CA ALA H 228 -57.62 34.39 -40.33
C ALA H 228 -58.63 33.82 -39.34
N THR H 229 -58.28 33.85 -38.06
CA THR H 229 -59.15 33.36 -37.00
C THR H 229 -60.44 34.17 -36.86
N GLU H 230 -60.32 35.50 -36.90
CA GLU H 230 -61.52 36.30 -36.72
C GLU H 230 -62.36 36.36 -37.99
N THR H 231 -61.74 36.06 -39.13
CA THR H 231 -62.48 35.90 -40.37
C THR H 231 -63.33 34.64 -40.28
N LEU H 232 -62.73 33.57 -39.79
CA LEU H 232 -63.44 32.30 -39.59
C LEU H 232 -64.58 32.44 -38.58
N ALA H 233 -64.32 33.20 -37.52
CA ALA H 233 -65.32 33.46 -36.49
C ALA H 233 -66.52 34.24 -37.04
N ASP H 234 -66.27 35.14 -37.99
CA ASP H 234 -67.33 35.92 -38.65
C ASP H 234 -68.23 35.02 -39.48
N LYS H 235 -67.62 34.04 -40.14
CA LYS H 235 -68.36 33.09 -41.00
C LYS H 235 -69.15 32.08 -40.17
N LEU H 236 -68.52 31.53 -39.14
CA LEU H 236 -69.16 30.52 -38.29
C LEU H 236 -70.25 31.05 -37.38
N GLN H 237 -70.13 32.32 -36.97
CA GLN H 237 -71.10 32.98 -36.07
C GLN H 237 -71.05 32.44 -34.63
N CYS H 238 -70.16 31.47 -34.39
CA CYS H 238 -70.18 30.69 -33.15
C CYS H 238 -69.45 31.38 -31.99
N ALA H 239 -69.54 30.76 -30.82
CA ALA H 239 -68.86 31.24 -29.63
C ALA H 239 -67.36 31.08 -29.79
N VAL H 240 -66.62 32.13 -29.42
CA VAL H 240 -65.17 32.13 -29.44
C VAL H 240 -64.67 32.26 -28.01
N THR H 241 -63.84 31.31 -27.59
CA THR H 241 -63.25 31.32 -26.25
C THR H 241 -61.73 31.27 -26.35
N ILE H 242 -61.06 31.74 -25.31
CA ILE H 242 -59.60 31.74 -25.25
C ILE H 242 -59.06 30.89 -24.11
N MET H 243 -57.91 30.27 -24.34
CA MET H 243 -57.14 29.70 -23.25
C MET H 243 -56.38 30.84 -22.59
N ALA H 244 -56.01 30.66 -21.32
CA ALA H 244 -55.31 31.70 -20.57
C ALA H 244 -54.20 32.38 -21.36
N ALA H 245 -53.32 31.58 -21.96
CA ALA H 245 -52.12 32.10 -22.61
C ALA H 245 -52.41 32.77 -23.94
N ALA H 246 -53.67 32.75 -24.36
CA ALA H 246 -54.08 33.35 -25.63
C ALA H 246 -54.83 34.67 -25.43
N LYS H 247 -54.72 35.24 -24.23
CA LYS H 247 -55.39 36.52 -23.98
C LYS H 247 -54.87 37.60 -24.92
N GLY H 248 -55.79 38.23 -25.64
CA GLY H 248 -55.45 39.33 -26.52
C GLY H 248 -55.27 38.89 -27.95
N PHE H 249 -55.35 37.57 -28.18
CA PHE H 249 -55.23 37.02 -29.53
C PHE H 249 -56.55 37.09 -30.29
N PHE H 250 -57.58 37.61 -29.63
CA PHE H 250 -58.89 37.79 -30.23
C PHE H 250 -59.54 39.04 -29.66
N PRO H 251 -60.18 39.87 -30.51
CA PRO H 251 -60.84 41.08 -30.02
C PRO H 251 -62.05 40.79 -29.11
N GLU H 252 -61.99 41.27 -27.87
CA GLU H 252 -63.05 41.03 -26.89
C GLU H 252 -64.30 41.87 -27.18
N ASP H 253 -64.11 42.80 -28.12
CA ASP H 253 -65.15 43.64 -28.74
C ASP H 253 -66.16 42.81 -29.52
N HIS H 254 -65.68 41.69 -30.05
CA HIS H 254 -66.37 40.84 -31.03
C HIS H 254 -67.68 40.27 -30.52
N ALA H 255 -68.67 40.17 -31.42
CA ALA H 255 -69.98 39.64 -31.07
C ALA H 255 -69.94 38.21 -30.55
N GLY H 256 -68.96 37.44 -31.01
CA GLY H 256 -68.84 36.03 -30.66
C GLY H 256 -67.95 35.69 -29.47
N PHE H 257 -67.27 36.70 -28.91
CA PHE H 257 -66.37 36.46 -27.79
C PHE H 257 -67.14 36.07 -26.54
N ARG H 258 -66.74 34.94 -25.95
CA ARG H 258 -67.44 34.37 -24.80
C ARG H 258 -66.56 34.16 -23.57
N GLY H 259 -65.28 34.48 -23.67
CA GLY H 259 -64.42 34.53 -22.50
C GLY H 259 -63.38 33.44 -22.36
N LEU H 260 -62.98 33.21 -21.11
CA LEU H 260 -61.84 32.37 -20.77
C LEU H 260 -62.25 30.94 -20.46
N TYR H 261 -61.61 30.00 -21.15
CA TYR H 261 -61.68 28.61 -20.79
C TYR H 261 -60.39 28.21 -20.08
N TRP H 262 -60.51 27.83 -18.82
CA TRP H 262 -59.38 27.41 -18.02
C TRP H 262 -59.88 26.51 -16.90
N GLY H 263 -60.42 25.36 -17.29
CA GLY H 263 -61.01 24.41 -16.34
C GLY H 263 -61.99 25.01 -15.37
N GLU H 264 -61.74 24.81 -14.08
CA GLU H 264 -62.64 25.28 -13.04
C GLU H 264 -62.53 26.79 -12.75
N VAL H 265 -61.53 27.45 -13.33
CA VAL H 265 -61.41 28.90 -13.17
C VAL H 265 -61.85 29.68 -14.42
N SER H 266 -62.58 28.99 -15.30
CA SER H 266 -63.21 29.60 -16.47
C SER H 266 -64.23 30.65 -16.04
N ASN H 267 -64.62 31.52 -16.97
CA ASN H 267 -65.78 32.39 -16.76
C ASN H 267 -67.03 31.53 -16.63
N PRO H 268 -68.00 31.95 -15.80
CA PRO H 268 -69.23 31.14 -15.63
C PRO H 268 -69.85 30.68 -16.96
N GLY H 269 -70.23 29.40 -17.01
CA GLY H 269 -70.84 28.81 -18.20
C GLY H 269 -69.88 28.31 -19.27
N VAL H 270 -68.70 28.91 -19.34
CA VAL H 270 -67.74 28.64 -20.43
C VAL H 270 -67.22 27.21 -20.40
N GLN H 271 -66.92 26.69 -19.20
CA GLN H 271 -66.49 25.29 -19.09
C GLN H 271 -67.51 24.37 -19.76
N GLU H 272 -68.78 24.51 -19.38
CA GLU H 272 -69.86 23.74 -20.01
C GLU H 272 -69.90 23.97 -21.53
N LEU H 273 -69.77 25.23 -21.96
CA LEU H 273 -69.75 25.56 -23.38
C LEU H 273 -68.78 24.74 -24.22
N VAL H 274 -67.52 24.65 -23.81
CA VAL H 274 -66.53 23.98 -24.63
C VAL H 274 -66.48 22.47 -24.36
N GLU H 275 -66.56 22.09 -23.09
CA GLU H 275 -66.49 20.69 -22.67
C GLU H 275 -67.60 19.86 -23.32
N THR H 276 -68.69 20.53 -23.64
CA THR H 276 -69.91 19.87 -24.08
C THR H 276 -70.18 20.07 -25.58
N SER H 277 -69.32 20.83 -26.24
CA SER H 277 -69.48 21.14 -27.66
C SER H 277 -69.55 19.93 -28.57
N ASP H 278 -70.47 20.02 -29.52
CA ASP H 278 -70.66 19.09 -30.60
C ASP H 278 -69.41 18.93 -31.46
N ALA H 279 -68.70 20.03 -31.67
CA ALA H 279 -67.51 20.07 -32.51
C ALA H 279 -66.59 21.20 -32.08
N LEU H 280 -65.61 20.89 -31.24
CA LEU H 280 -64.72 21.91 -30.71
C LEU H 280 -63.57 22.21 -31.67
N LEU H 281 -63.61 23.38 -32.27
CA LEU H 281 -62.54 23.85 -33.13
C LEU H 281 -61.44 24.42 -32.26
N CYS H 282 -60.45 23.59 -31.99
CA CYS H 282 -59.41 23.91 -31.05
C CYS H 282 -58.15 24.34 -31.82
N ILE H 283 -57.83 25.63 -31.76
CA ILE H 283 -56.85 26.22 -32.68
C ILE H 283 -55.56 26.67 -32.02
N ALA H 284 -54.45 26.06 -32.43
CA ALA H 284 -53.09 26.41 -31.95
C ALA H 284 -52.91 26.31 -30.42
N PRO H 285 -53.46 25.25 -29.81
CA PRO H 285 -53.40 25.15 -28.35
C PRO H 285 -52.04 24.70 -27.84
N VAL H 286 -51.73 25.03 -26.58
CA VAL H 286 -50.63 24.40 -25.87
C VAL H 286 -51.22 23.81 -24.61
N PHE H 287 -51.39 22.49 -24.61
CA PHE H 287 -51.94 21.77 -23.46
C PHE H 287 -50.82 21.25 -22.54
N ASN H 288 -50.64 21.95 -21.43
CA ASN H 288 -49.69 21.48 -20.43
C ASN H 288 -50.37 21.38 -19.08
N ASP H 289 -49.59 21.10 -18.03
CA ASP H 289 -50.15 20.90 -16.70
C ASP H 289 -50.76 22.17 -16.10
N TYR H 290 -50.30 23.33 -16.55
CA TYR H 290 -50.84 24.61 -16.10
C TYR H 290 -52.12 24.95 -16.85
N SER H 291 -52.11 24.83 -18.18
CA SER H 291 -53.26 25.23 -19.00
C SER H 291 -54.45 24.27 -18.87
N THR H 292 -54.16 22.99 -18.67
CA THR H 292 -55.21 21.99 -18.48
C THR H 292 -55.63 21.86 -17.02
N VAL H 293 -55.04 22.70 -16.16
CA VAL H 293 -55.31 22.70 -14.72
C VAL H 293 -55.15 21.30 -14.14
N GLY H 294 -53.91 20.84 -14.08
CA GLY H 294 -53.59 19.49 -13.60
C GLY H 294 -54.28 18.35 -14.36
N TRP H 295 -54.38 18.48 -15.68
CA TRP H 295 -54.94 17.44 -16.56
C TRP H 295 -56.43 17.21 -16.41
N SER H 296 -57.11 18.13 -15.72
CA SER H 296 -58.55 18.01 -15.49
C SER H 296 -59.40 18.66 -16.58
N ALA H 297 -58.81 19.58 -17.33
CA ALA H 297 -59.53 20.30 -18.39
C ALA H 297 -58.75 20.25 -19.70
N TRP H 298 -58.83 19.10 -20.36
CA TRP H 298 -58.03 18.83 -21.55
C TRP H 298 -58.89 18.16 -22.61
N PRO H 299 -59.53 18.96 -23.47
CA PRO H 299 -60.49 18.46 -24.45
C PRO H 299 -59.78 17.74 -25.57
N LYS H 300 -60.21 16.50 -25.80
CA LYS H 300 -59.66 15.69 -26.89
C LYS H 300 -60.68 14.64 -27.34
N GLY H 301 -60.33 13.88 -28.38
CA GLY H 301 -61.17 12.80 -28.87
C GLY H 301 -61.95 13.18 -30.12
N PRO H 302 -62.96 12.33 -30.46
CA PRO H 302 -63.67 12.41 -31.76
C PRO H 302 -64.34 13.76 -32.04
N ASN H 303 -64.83 14.43 -30.99
CA ASN H 303 -65.51 15.72 -31.16
C ASN H 303 -64.59 16.95 -31.30
N VAL H 304 -63.28 16.74 -31.28
CA VAL H 304 -62.34 17.85 -31.32
C VAL H 304 -61.62 17.97 -32.65
N ILE H 305 -61.64 19.18 -33.22
CA ILE H 305 -60.83 19.49 -34.38
C ILE H 305 -59.57 20.15 -33.87
N LEU H 306 -58.49 19.40 -33.85
CA LEU H 306 -57.21 19.89 -33.35
C LEU H 306 -56.44 20.51 -34.49
N ALA H 307 -56.35 21.83 -34.50
CA ALA H 307 -55.69 22.55 -35.58
C ALA H 307 -54.41 23.19 -35.08
N GLU H 308 -53.29 22.56 -35.42
CA GLU H 308 -51.98 23.01 -34.97
C GLU H 308 -51.29 23.80 -36.08
N PRO H 309 -50.12 24.44 -35.81
CA PRO H 309 -49.48 25.31 -36.80
C PRO H 309 -49.15 24.63 -38.14
N ASP H 310 -49.21 23.31 -38.13
CA ASP H 310 -48.50 22.46 -39.08
C ASP H 310 -49.39 21.38 -39.66
N ARG H 311 -50.50 21.12 -38.97
CA ARG H 311 -51.27 19.90 -39.16
C ARG H 311 -52.66 20.06 -38.55
N VAL H 312 -53.59 19.25 -39.02
CA VAL H 312 -54.96 19.24 -38.50
C VAL H 312 -55.40 17.79 -38.28
N THR H 313 -55.97 17.53 -37.11
CA THR H 313 -56.51 16.21 -36.79
C THR H 313 -58.00 16.34 -36.57
N VAL H 314 -58.77 15.61 -37.38
CA VAL H 314 -60.22 15.69 -37.35
C VAL H 314 -60.86 14.37 -37.78
N ASP H 315 -61.76 13.86 -36.94
CA ASP H 315 -62.54 12.67 -37.24
C ASP H 315 -61.68 11.42 -37.50
N GLY H 316 -60.61 11.27 -36.72
CA GLY H 316 -59.76 10.08 -36.80
C GLY H 316 -58.74 10.06 -37.91
N ARG H 317 -58.43 11.24 -38.46
CA ARG H 317 -57.39 11.38 -39.48
C ARG H 317 -56.54 12.60 -39.21
N ALA H 318 -55.23 12.47 -39.49
CA ALA H 318 -54.32 13.61 -39.40
C ALA H 318 -53.94 14.07 -40.80
N TYR H 319 -53.99 15.38 -41.03
CA TYR H 319 -53.67 15.97 -42.33
C TYR H 319 -52.50 16.93 -42.13
N ASP H 320 -51.40 16.68 -42.85
CA ASP H 320 -50.20 17.50 -42.67
C ASP H 320 -49.75 18.16 -43.97
N GLY H 321 -48.76 19.05 -43.90
CA GLY H 321 -48.17 19.64 -45.09
C GLY H 321 -48.73 20.98 -45.54
N PHE H 322 -49.34 21.72 -44.63
CA PHE H 322 -49.81 23.07 -44.94
C PHE H 322 -49.76 23.91 -43.68
N THR H 323 -49.79 25.23 -43.83
CA THR H 323 -49.76 26.14 -42.68
C THR H 323 -51.16 26.27 -42.08
N LEU H 324 -51.21 26.53 -40.78
CA LEU H 324 -52.47 26.80 -40.10
C LEU H 324 -53.22 27.96 -40.76
N ARG H 325 -52.49 29.03 -41.09
CA ARG H 325 -53.06 30.20 -41.74
C ARG H 325 -53.79 29.88 -43.04
N ALA H 326 -53.18 29.06 -43.88
CA ALA H 326 -53.80 28.63 -45.13
C ALA H 326 -55.04 27.78 -44.89
N PHE H 327 -55.00 26.96 -43.84
CA PHE H 327 -56.14 26.13 -43.46
C PHE H 327 -57.32 26.97 -43.01
N LEU H 328 -57.05 27.94 -42.15
CA LEU H 328 -58.09 28.82 -41.61
C LEU H 328 -58.72 29.72 -42.67
N GLN H 329 -57.91 30.21 -43.60
CA GLN H 329 -58.41 31.00 -44.74
C GLN H 329 -59.34 30.17 -45.61
N ALA H 330 -58.88 28.98 -46.00
CA ALA H 330 -59.66 28.06 -46.84
C ALA H 330 -60.94 27.57 -46.18
N LEU H 331 -60.88 27.30 -44.87
CA LEU H 331 -62.04 26.87 -44.11
C LEU H 331 -63.11 27.96 -44.01
N ALA H 332 -62.68 29.21 -43.87
CA ALA H 332 -63.61 30.35 -43.84
C ALA H 332 -64.43 30.53 -45.13
N GLU H 333 -63.88 30.13 -46.27
CA GLU H 333 -64.61 30.20 -47.55
C GLU H 333 -65.79 29.24 -47.54
N LYS H 334 -65.58 28.06 -46.95
CA LYS H 334 -66.50 26.93 -47.10
C LYS H 334 -67.38 26.65 -45.88
N ALA H 335 -66.96 27.14 -44.71
CA ALA H 335 -67.67 26.85 -43.45
C ALA H 335 -69.12 27.33 -43.45
N PRO H 336 -70.02 26.56 -42.82
CA PRO H 336 -71.41 26.98 -42.65
C PRO H 336 -71.58 27.93 -41.45
N ALA H 337 -72.75 28.55 -41.34
CA ALA H 337 -73.06 29.39 -40.20
C ALA H 337 -73.67 28.53 -39.10
N ARG H 338 -73.06 28.56 -37.92
CA ARG H 338 -73.52 27.78 -36.76
C ARG H 338 -73.52 28.62 -35.49
N PRO H 339 -74.59 29.42 -35.28
CA PRO H 339 -74.58 30.41 -34.19
C PRO H 339 -75.01 29.89 -32.81
N ALA H 340 -75.54 28.67 -32.74
CA ALA H 340 -76.11 28.12 -31.50
C ALA H 340 -75.27 28.37 -30.24
N SER H 341 -73.96 28.16 -30.31
CA SER H 341 -73.07 28.34 -29.15
C SER H 341 -73.09 29.79 -28.65
N ALA H 342 -73.12 30.74 -29.58
CA ALA H 342 -73.08 32.16 -29.25
C ALA H 342 -74.40 32.65 -28.65
N GLN H 343 -75.52 32.24 -29.24
CA GLN H 343 -76.82 32.67 -28.78
C GLN H 343 -77.29 31.96 -27.49
N LYS H 344 -76.61 30.90 -27.10
CA LYS H 344 -76.93 30.17 -25.87
C LYS H 344 -76.05 30.58 -24.69
N SER H 345 -75.31 31.68 -24.84
CA SER H 345 -74.35 32.10 -23.80
C SER H 345 -74.15 33.61 -23.80
N SER H 346 -73.74 34.13 -22.64
CA SER H 346 -73.62 35.57 -22.43
C SER H 346 -72.20 36.07 -22.64
N VAL H 347 -72.09 37.34 -23.02
CA VAL H 347 -70.80 38.01 -23.11
C VAL H 347 -70.15 38.00 -21.71
N PRO H 348 -68.85 37.63 -21.62
CA PRO H 348 -68.22 37.48 -20.32
C PRO H 348 -68.12 38.81 -19.58
N THR H 349 -68.39 38.77 -18.29
CA THR H 349 -68.30 39.94 -17.43
C THR H 349 -67.42 39.57 -16.24
N CYS H 350 -66.86 40.58 -15.57
CA CYS H 350 -65.97 40.30 -14.44
C CYS H 350 -66.22 41.20 -13.24
N SER H 351 -66.67 40.59 -12.14
CA SER H 351 -67.06 41.31 -10.93
C SER H 351 -65.82 41.80 -10.14
N LEU H 352 -65.70 43.11 -9.97
CA LEU H 352 -64.59 43.70 -9.21
C LEU H 352 -65.10 44.50 -8.04
N THR H 353 -64.71 44.11 -6.82
CA THR H 353 -65.19 44.82 -5.64
C THR H 353 -64.57 46.22 -5.46
N ALA H 354 -65.44 47.20 -5.28
CA ALA H 354 -65.04 48.60 -5.16
C ALA H 354 -64.90 49.01 -3.70
N THR H 355 -63.92 49.85 -3.43
CA THR H 355 -63.61 50.30 -2.08
C THR H 355 -63.85 51.81 -1.99
N SER H 356 -63.54 52.43 -0.85
CA SER H 356 -63.54 53.89 -0.77
C SER H 356 -62.15 54.47 -1.11
N ASP H 357 -62.13 55.78 -1.35
CA ASP H 357 -60.90 56.51 -1.68
C ASP H 357 -59.74 56.28 -0.72
N GLU H 358 -60.04 56.28 0.58
CA GLU H 358 -59.02 56.36 1.62
C GLU H 358 -58.72 55.02 2.30
N ALA H 359 -59.46 53.98 1.92
CA ALA H 359 -59.21 52.63 2.39
C ALA H 359 -57.87 52.14 1.86
N GLY H 360 -57.26 51.18 2.57
CA GLY H 360 -56.02 50.56 2.11
C GLY H 360 -56.22 49.95 0.74
N LEU H 361 -55.18 50.02 -0.08
CA LEU H 361 -55.26 49.55 -1.46
C LEU H 361 -55.54 48.06 -1.54
N THR H 362 -56.33 47.68 -2.54
CA THR H 362 -56.85 46.34 -2.69
C THR H 362 -56.51 45.81 -4.08
N ASN H 363 -56.27 44.50 -4.16
CA ASN H 363 -56.05 43.81 -5.42
C ASN H 363 -57.08 44.16 -6.49
N ASP H 364 -58.37 44.00 -6.16
CA ASP H 364 -59.46 44.32 -7.11
C ASP H 364 -59.42 45.75 -7.59
N GLU H 365 -59.06 46.66 -6.69
CA GLU H 365 -58.99 48.09 -6.99
C GLU H 365 -57.82 48.44 -7.91
N ILE H 366 -56.72 47.69 -7.81
CA ILE H 366 -55.60 47.83 -8.74
C ILE H 366 -56.02 47.44 -10.16
N VAL H 367 -56.73 46.32 -10.28
CA VAL H 367 -57.24 45.84 -11.56
C VAL H 367 -58.19 46.86 -12.17
N ARG H 368 -59.06 47.42 -11.34
CA ARG H 368 -60.02 48.44 -11.80
C ARG H 368 -59.31 49.66 -12.41
N HIS H 369 -58.23 50.09 -11.77
CA HIS H 369 -57.45 51.22 -12.23
C HIS H 369 -56.66 50.93 -13.51
N ILE H 370 -56.01 49.77 -13.57
CA ILE H 370 -55.27 49.38 -14.77
C ILE H 370 -56.21 49.16 -15.94
N ASN H 371 -57.36 48.54 -15.70
CA ASN H 371 -58.35 48.34 -16.75
C ASN H 371 -58.75 49.65 -17.42
N ALA H 372 -58.90 50.70 -16.61
CA ALA H 372 -59.25 52.03 -17.11
C ALA H 372 -58.13 52.68 -17.94
N LEU H 373 -56.90 52.26 -17.71
CA LEU H 373 -55.74 52.74 -18.46
C LEU H 373 -55.67 52.17 -19.87
N LEU H 374 -56.13 50.93 -20.05
CA LEU H 374 -55.97 50.23 -21.31
C LEU H 374 -56.66 50.94 -22.48
N THR H 375 -55.90 51.14 -23.55
CA THR H 375 -56.43 51.65 -24.81
C THR H 375 -56.09 50.64 -25.91
N SER H 376 -56.60 50.88 -27.12
CA SER H 376 -56.27 50.03 -28.27
C SER H 376 -54.78 50.07 -28.61
N ASN H 377 -54.10 51.08 -28.06
CA ASN H 377 -52.69 51.30 -28.30
C ASN H 377 -51.80 50.78 -27.15
N THR H 378 -52.38 50.01 -26.24
CA THR H 378 -51.66 49.52 -25.07
C THR H 378 -51.08 48.11 -25.26
N THR H 379 -49.89 47.89 -24.68
CA THR H 379 -49.35 46.55 -24.51
C THR H 379 -49.17 46.30 -23.01
N LEU H 380 -49.88 45.29 -22.50
CA LEU H 380 -49.84 44.92 -21.11
C LEU H 380 -48.96 43.69 -20.94
N VAL H 381 -47.92 43.81 -20.11
CA VAL H 381 -47.02 42.69 -19.82
C VAL H 381 -47.35 42.20 -18.41
N ALA H 382 -47.70 40.92 -18.29
CA ALA H 382 -48.13 40.36 -17.02
C ALA H 382 -47.19 39.26 -16.54
N GLU H 383 -46.55 39.50 -15.40
CA GLU H 383 -45.57 38.58 -14.85
C GLU H 383 -46.20 37.32 -14.22
N THR H 384 -45.42 36.25 -14.16
CA THR H 384 -45.79 35.04 -13.45
C THR H 384 -46.02 35.39 -11.97
N GLY H 385 -47.09 34.86 -11.40
CA GLY H 385 -47.54 35.21 -10.07
C GLY H 385 -48.99 35.59 -10.18
N ASP H 386 -49.52 36.28 -9.17
CA ASP H 386 -50.94 36.67 -9.18
C ASP H 386 -51.29 37.61 -10.33
N SER H 387 -50.27 38.22 -10.95
CA SER H 387 -50.47 39.08 -12.11
C SER H 387 -51.04 38.34 -13.31
N TRP H 388 -50.71 37.05 -13.45
CA TRP H 388 -51.32 36.20 -14.46
C TRP H 388 -52.82 36.27 -14.33
N PHE H 389 -53.28 36.21 -13.09
CA PHE H 389 -54.68 36.01 -12.81
C PHE H 389 -55.49 37.26 -12.96
N ASN H 390 -54.96 38.41 -12.55
CA ASN H 390 -55.76 39.60 -12.85
C ASN H 390 -55.52 40.18 -14.24
N ALA H 391 -54.56 39.63 -14.97
CA ALA H 391 -54.52 39.83 -16.40
C ALA H 391 -55.77 39.19 -17.03
N MET H 392 -56.10 37.98 -16.60
CA MET H 392 -57.30 37.29 -17.06
C MET H 392 -58.56 38.08 -16.75
N ARG H 393 -58.50 38.89 -15.69
CA ARG H 393 -59.68 39.58 -15.18
C ARG H 393 -59.96 40.92 -15.85
N MET H 394 -59.14 41.28 -16.83
CA MET H 394 -59.34 42.55 -17.50
C MET H 394 -60.12 42.44 -18.80
N THR H 395 -60.98 43.42 -19.04
CA THR H 395 -61.65 43.57 -20.32
C THR H 395 -60.76 44.46 -21.15
N LEU H 396 -60.21 43.90 -22.23
CA LEU H 396 -59.28 44.68 -23.05
C LEU H 396 -59.94 45.20 -24.32
N PRO H 397 -59.78 46.50 -24.60
CA PRO H 397 -60.30 47.10 -25.82
C PRO H 397 -59.66 46.51 -27.07
N ARG H 398 -60.40 46.54 -28.19
CA ARG H 398 -59.90 46.00 -29.46
C ARG H 398 -58.59 46.68 -29.85
N GLY H 399 -57.59 45.87 -30.19
CA GLY H 399 -56.27 46.38 -30.56
C GLY H 399 -55.24 46.23 -29.45
N ALA H 400 -55.69 46.18 -28.20
CA ALA H 400 -54.80 46.05 -27.06
C ALA H 400 -54.08 44.71 -27.10
N ARG H 401 -52.83 44.72 -26.62
CA ARG H 401 -51.98 43.54 -26.63
C ARG H 401 -51.65 43.11 -25.21
N VAL H 402 -51.68 41.80 -24.97
CA VAL H 402 -51.23 41.24 -23.71
C VAL H 402 -50.08 40.30 -24.00
N GLU H 403 -49.05 40.36 -23.15
CA GLU H 403 -47.90 39.49 -23.25
C GLU H 403 -47.81 38.63 -22.02
N LEU H 404 -47.87 37.32 -22.22
CA LEU H 404 -47.73 36.36 -21.14
C LEU H 404 -46.60 35.39 -21.46
N GLU H 405 -46.02 34.81 -20.41
CA GLU H 405 -44.94 33.84 -20.58
C GLU H 405 -45.31 32.56 -19.79
N MET H 406 -46.45 31.98 -20.14
CA MET H 406 -47.05 30.93 -19.32
C MET H 406 -46.46 29.54 -19.52
N GLN H 407 -45.62 29.38 -20.55
CA GLN H 407 -44.98 28.09 -20.79
C GLN H 407 -43.62 28.02 -20.09
N TRP H 408 -42.80 29.06 -20.23
CA TRP H 408 -41.50 29.12 -19.55
C TRP H 408 -41.69 29.50 -18.09
N GLY H 409 -42.38 30.61 -17.86
CA GLY H 409 -42.73 31.03 -16.50
C GLY H 409 -41.54 31.38 -15.62
N HIS H 410 -40.59 32.10 -16.19
CA HIS H 410 -39.40 32.55 -15.47
C HIS H 410 -39.71 33.88 -14.80
N ILE H 411 -39.89 33.88 -13.48
CA ILE H 411 -40.13 35.16 -12.78
C ILE H 411 -39.02 36.15 -13.04
N GLY H 412 -39.37 37.42 -13.19
CA GLY H 412 -38.38 38.43 -13.54
C GLY H 412 -38.42 38.74 -15.02
N TRP H 413 -38.89 37.78 -15.82
CA TRP H 413 -39.04 37.94 -17.28
C TRP H 413 -39.70 39.27 -17.59
N SER H 414 -40.71 39.61 -16.79
CA SER H 414 -41.50 40.80 -16.96
C SER H 414 -40.74 42.05 -17.37
N VAL H 415 -39.71 42.39 -16.61
CA VAL H 415 -39.02 43.67 -16.74
C VAL H 415 -38.15 43.80 -18.00
N PRO H 416 -37.13 42.93 -18.17
CA PRO H 416 -36.35 43.04 -19.42
C PRO H 416 -37.19 42.77 -20.68
N SER H 417 -38.17 41.87 -20.58
CA SER H 417 -39.05 41.62 -21.69
C SER H 417 -39.82 42.88 -22.13
N ALA H 418 -40.37 43.62 -21.17
CA ALA H 418 -41.08 44.86 -21.45
C ALA H 418 -40.15 45.88 -22.07
N PHE H 419 -38.89 45.90 -21.63
CA PHE H 419 -37.88 46.83 -22.14
C PHE H 419 -37.63 46.61 -23.62
N GLY H 420 -37.36 45.36 -24.00
CA GLY H 420 -37.19 44.97 -25.40
C GLY H 420 -38.45 45.23 -26.20
N ASN H 421 -39.60 44.82 -25.66
CA ASN H 421 -40.86 45.04 -26.32
C ASN H 421 -41.11 46.52 -26.63
N ALA H 422 -40.82 47.38 -25.64
CA ALA H 422 -40.97 48.83 -25.82
C ALA H 422 -40.05 49.34 -26.92
N MET H 423 -38.79 48.90 -26.92
CA MET H 423 -37.85 49.24 -27.97
C MET H 423 -38.41 48.95 -29.35
N GLY H 424 -39.10 47.83 -29.47
CA GLY H 424 -39.61 47.35 -30.75
C GLY H 424 -40.97 47.90 -31.15
N SER H 425 -41.56 48.71 -30.28
CA SER H 425 -42.83 49.35 -30.56
C SER H 425 -42.98 50.64 -29.74
N GLN H 426 -42.14 51.62 -30.06
CA GLN H 426 -42.03 52.85 -29.27
C GLN H 426 -43.26 53.74 -29.36
N ASP H 427 -44.12 53.45 -30.33
CA ASP H 427 -45.35 54.19 -30.59
C ASP H 427 -46.51 53.80 -29.65
N ARG H 428 -46.37 52.67 -28.99
CA ARG H 428 -47.41 52.12 -28.10
C ARG H 428 -47.21 52.52 -26.64
N GLN H 429 -48.27 52.44 -25.84
CA GLN H 429 -48.15 52.60 -24.39
C GLN H 429 -47.83 51.25 -23.77
N HIS H 430 -46.77 51.20 -22.96
CA HIS H 430 -46.36 49.96 -22.34
C HIS H 430 -46.64 49.92 -20.86
N VAL H 431 -47.39 48.91 -20.43
CA VAL H 431 -47.78 48.74 -19.04
C VAL H 431 -47.31 47.39 -18.53
N VAL H 432 -46.70 47.38 -17.35
CA VAL H 432 -46.18 46.16 -16.76
C VAL H 432 -46.83 45.88 -15.43
N MET H 433 -47.23 44.64 -15.22
CA MET H 433 -47.65 44.15 -13.92
C MET H 433 -46.63 43.15 -13.42
N VAL H 434 -45.98 43.49 -12.31
CA VAL H 434 -44.91 42.65 -11.78
C VAL H 434 -44.95 42.56 -10.25
N GLY H 435 -44.79 41.35 -9.73
CA GLY H 435 -44.77 41.13 -8.30
C GLY H 435 -43.44 41.55 -7.70
N ASP H 436 -43.43 41.73 -6.38
CA ASP H 436 -42.22 42.15 -5.69
C ASP H 436 -41.12 41.10 -5.77
N GLY H 437 -41.49 39.83 -5.64
CA GLY H 437 -40.54 38.74 -5.73
C GLY H 437 -39.87 38.67 -7.09
N SER H 438 -40.68 38.77 -8.15
CA SER H 438 -40.17 38.70 -9.51
C SER H 438 -39.26 39.87 -9.85
N PHE H 439 -39.61 41.05 -9.36
CA PHE H 439 -38.88 42.26 -9.68
C PHE H 439 -37.43 42.16 -9.21
N GLN H 440 -37.20 41.49 -8.10
CA GLN H 440 -35.86 41.41 -7.51
C GLN H 440 -34.85 40.65 -8.37
N LEU H 441 -35.34 39.76 -9.23
CA LEU H 441 -34.45 39.00 -10.10
C LEU H 441 -33.80 39.82 -11.20
N THR H 442 -34.54 40.80 -11.72
CA THR H 442 -34.13 41.50 -12.95
C THR H 442 -34.24 43.01 -12.83
N ALA H 443 -34.45 43.50 -11.60
CA ALA H 443 -34.69 44.93 -11.33
C ALA H 443 -33.78 45.89 -12.11
N GLN H 444 -32.50 45.56 -12.20
CA GLN H 444 -31.52 46.48 -12.78
C GLN H 444 -31.83 46.92 -14.21
N GLU H 445 -32.71 46.20 -14.90
CA GLU H 445 -33.00 46.56 -16.28
C GLU H 445 -33.95 47.77 -16.41
N VAL H 446 -34.54 48.20 -15.29
CA VAL H 446 -35.31 49.44 -15.27
C VAL H 446 -34.38 50.63 -15.56
N ALA H 447 -33.10 50.45 -15.24
CA ALA H 447 -32.09 51.46 -15.50
C ALA H 447 -31.87 51.69 -16.98
N GLN H 448 -32.03 50.63 -17.78
CA GLN H 448 -31.96 50.72 -19.24
C GLN H 448 -33.14 51.52 -19.80
N MET H 449 -34.33 51.28 -19.25
CA MET H 449 -35.51 52.07 -19.60
C MET H 449 -35.26 53.56 -19.36
N VAL H 450 -34.60 53.86 -18.24
CA VAL H 450 -34.20 55.22 -17.93
C VAL H 450 -33.21 55.71 -18.97
N ARG H 451 -32.15 54.94 -19.18
CA ARG H 451 -31.11 55.31 -20.13
C ARG H 451 -31.66 55.65 -21.51
N TYR H 452 -32.56 54.81 -22.00
CA TYR H 452 -33.11 54.98 -23.34
C TYR H 452 -34.43 55.76 -23.37
N GLU H 453 -34.79 56.34 -22.23
CA GLU H 453 -35.94 57.25 -22.11
C GLU H 453 -37.24 56.63 -22.58
N LEU H 454 -37.54 55.43 -22.07
CA LEU H 454 -38.74 54.72 -22.43
C LEU H 454 -39.82 54.88 -21.36
N PRO H 455 -40.97 55.47 -21.72
CA PRO H 455 -42.04 55.75 -20.77
C PRO H 455 -42.90 54.52 -20.44
N VAL H 456 -42.28 53.48 -19.90
CA VAL H 456 -43.02 52.28 -19.47
C VAL H 456 -43.64 52.54 -18.10
N ILE H 457 -44.91 52.19 -17.94
CA ILE H 457 -45.54 52.26 -16.63
C ILE H 457 -45.50 50.89 -15.96
N ILE H 458 -44.78 50.81 -14.86
CA ILE H 458 -44.60 49.56 -14.13
C ILE H 458 -45.43 49.57 -12.85
N PHE H 459 -46.40 48.66 -12.78
CA PHE H 459 -47.15 48.45 -11.53
C PHE H 459 -46.47 47.36 -10.74
N LEU H 460 -45.76 47.76 -9.69
CA LEU H 460 -45.07 46.82 -8.82
C LEU H 460 -46.01 46.43 -7.69
N ILE H 461 -46.44 45.17 -7.69
CA ILE H 461 -47.38 44.67 -6.68
C ILE H 461 -46.61 44.17 -5.46
N ASN H 462 -46.45 45.06 -4.47
CA ASN H 462 -45.74 44.71 -3.25
C ASN H 462 -46.69 44.10 -2.23
N ASN H 463 -46.76 42.78 -2.22
CA ASN H 463 -47.53 42.05 -1.22
C ASN H 463 -46.67 41.28 -0.23
N ARG H 464 -45.37 41.60 -0.23
CA ARG H 464 -44.38 41.08 0.75
C ARG H 464 -44.06 39.59 0.64
N GLY H 465 -43.90 39.10 -0.58
CA GLY H 465 -43.47 37.73 -0.78
C GLY H 465 -44.04 37.01 -1.99
N TYR H 466 -43.69 35.73 -2.10
CA TYR H 466 -44.15 34.86 -3.17
C TYR H 466 -45.55 34.36 -2.82
N VAL H 467 -46.55 35.22 -3.03
CA VAL H 467 -47.92 34.93 -2.61
C VAL H 467 -48.54 33.75 -3.36
N ILE H 468 -48.31 33.66 -4.68
CA ILE H 468 -48.79 32.52 -5.46
C ILE H 468 -48.35 31.21 -4.81
N GLU H 469 -47.29 31.27 -4.02
CA GLU H 469 -46.72 30.09 -3.38
C GLU H 469 -47.21 29.97 -1.94
N ILE H 470 -47.32 31.11 -1.26
CA ILE H 470 -47.83 31.18 0.11
C ILE H 470 -49.25 30.65 0.19
N ALA H 471 -50.06 30.95 -0.81
CA ALA H 471 -51.46 30.52 -0.83
C ALA H 471 -51.61 29.01 -1.02
N ILE H 472 -50.62 28.39 -1.64
CA ILE H 472 -50.69 27.01 -2.09
C ILE H 472 -49.90 26.05 -1.22
N HIS H 473 -48.66 26.43 -0.92
CA HIS H 473 -47.72 25.59 -0.17
C HIS H 473 -46.72 26.48 0.54
N ASP H 474 -47.04 26.88 1.76
CA ASP H 474 -46.25 27.89 2.45
C ASP H 474 -45.05 27.32 3.21
N GLY H 475 -43.96 28.07 3.23
CA GLY H 475 -42.77 27.73 3.99
C GLY H 475 -41.88 28.95 4.04
N PRO H 476 -40.84 28.94 4.89
CA PRO H 476 -39.97 30.12 5.06
C PRO H 476 -39.35 30.66 3.77
N TYR H 477 -39.30 29.82 2.74
CA TYR H 477 -38.70 30.16 1.45
C TYR H 477 -39.54 31.15 0.63
N ASN H 478 -40.74 31.44 1.08
CA ASN H 478 -41.64 32.34 0.36
C ASN H 478 -41.52 33.80 0.79
N TYR H 479 -40.68 34.05 1.79
CA TYR H 479 -40.59 35.38 2.39
C TYR H 479 -39.25 36.07 2.09
N ILE H 480 -39.34 37.25 1.48
CA ILE H 480 -38.16 37.94 0.97
C ILE H 480 -37.95 39.28 1.67
N LYS H 481 -36.72 39.80 1.56
CA LYS H 481 -36.39 41.12 2.06
C LYS H 481 -37.15 42.17 1.26
N ASN H 482 -37.94 43.00 1.96
CA ASN H 482 -38.66 44.09 1.33
C ASN H 482 -37.68 45.18 0.85
N TRP H 483 -37.99 45.83 -0.26
CA TRP H 483 -37.22 46.97 -0.72
C TRP H 483 -38.08 48.23 -0.70
N ASP H 484 -37.42 49.39 -0.77
CA ASP H 484 -38.13 50.61 -1.10
C ASP H 484 -38.14 50.71 -2.62
N TYR H 485 -39.10 50.04 -3.24
CA TYR H 485 -39.14 49.93 -4.70
C TYR H 485 -39.29 51.29 -5.39
N ALA H 486 -40.14 52.16 -4.82
CA ALA H 486 -40.29 53.52 -5.35
C ALA H 486 -38.97 54.30 -5.30
N GLY H 487 -38.24 54.15 -4.21
CA GLY H 487 -36.97 54.88 -4.02
C GLY H 487 -35.86 54.45 -4.97
N LEU H 488 -36.03 53.29 -5.59
CA LEU H 488 -35.03 52.75 -6.51
C LEU H 488 -34.89 53.56 -7.79
N MET H 489 -35.93 54.28 -8.17
CA MET H 489 -35.91 55.09 -9.39
C MET H 489 -34.87 56.20 -9.37
N GLU H 490 -34.81 56.95 -8.28
CA GLU H 490 -33.80 57.98 -8.13
C GLU H 490 -32.39 57.40 -8.21
N VAL H 491 -32.21 56.18 -7.71
CA VAL H 491 -30.92 55.53 -7.77
C VAL H 491 -30.49 55.37 -9.22
N PHE H 492 -31.40 54.87 -10.06
CA PHE H 492 -31.11 54.69 -11.49
C PHE H 492 -31.03 56.03 -12.24
N ASN H 493 -31.73 57.05 -11.75
CA ASN H 493 -31.64 58.39 -12.36
C ASN H 493 -30.26 58.99 -12.20
N ALA H 494 -29.75 58.95 -10.96
CA ALA H 494 -28.44 59.53 -10.60
C ALA H 494 -28.24 60.95 -11.11
N GLY H 495 -29.30 61.76 -11.04
CA GLY H 495 -29.27 63.15 -11.56
C GLY H 495 -29.34 63.32 -13.08
N GLU H 496 -29.40 62.21 -13.83
CA GLU H 496 -29.52 62.25 -15.28
C GLU H 496 -30.93 61.99 -15.80
N GLY H 497 -31.42 60.77 -15.57
CA GLY H 497 -32.66 60.32 -16.18
C GLY H 497 -33.96 60.92 -15.68
N HIS H 498 -35.05 60.52 -16.33
CA HIS H 498 -36.39 61.03 -16.04
C HIS H 498 -37.35 59.96 -15.55
N GLY H 499 -36.81 58.96 -14.84
CA GLY H 499 -37.64 57.96 -14.19
C GLY H 499 -38.35 58.52 -12.95
N LEU H 500 -39.56 58.00 -12.70
CA LEU H 500 -40.34 58.35 -11.52
C LEU H 500 -40.64 57.14 -10.65
N GLY H 501 -40.48 57.31 -9.33
CA GLY H 501 -40.85 56.29 -8.35
C GLY H 501 -41.93 56.80 -7.41
N LEU H 502 -43.06 56.11 -7.38
CA LEU H 502 -44.20 56.53 -6.56
C LEU H 502 -44.78 55.39 -5.73
N LYS H 503 -45.31 55.73 -4.56
CA LYS H 503 -46.01 54.75 -3.72
C LYS H 503 -47.52 54.95 -3.86
N ALA H 504 -48.22 53.85 -4.04
CA ALA H 504 -49.68 53.88 -4.01
C ALA H 504 -50.14 53.02 -2.84
N THR H 505 -50.88 53.65 -1.93
CA THR H 505 -51.21 53.03 -0.65
C THR H 505 -52.72 52.99 -0.45
N THR H 506 -53.43 53.83 -1.20
CA THR H 506 -54.87 53.89 -1.22
C THR H 506 -55.29 54.03 -2.68
N PRO H 507 -56.57 53.77 -3.01
CA PRO H 507 -57.07 54.00 -4.37
C PRO H 507 -56.95 55.45 -4.84
N LYS H 508 -57.13 56.42 -3.94
CA LYS H 508 -56.88 57.83 -4.28
C LYS H 508 -55.41 58.03 -4.64
N GLU H 509 -54.53 57.43 -3.84
CA GLU H 509 -53.10 57.59 -4.02
C GLU H 509 -52.62 56.95 -5.31
N LEU H 510 -53.29 55.89 -5.74
CA LEU H 510 -53.01 55.22 -7.01
C LEU H 510 -53.51 56.01 -8.20
N THR H 511 -54.68 56.63 -8.05
CA THR H 511 -55.28 57.42 -9.10
C THR H 511 -54.35 58.61 -9.44
N GLU H 512 -53.78 59.22 -8.40
CA GLU H 512 -52.83 60.31 -8.55
C GLU H 512 -51.54 59.85 -9.21
N ALA H 513 -51.09 58.66 -8.81
CA ALA H 513 -49.84 58.11 -9.33
C ALA H 513 -49.92 57.82 -10.83
N ILE H 514 -51.07 57.33 -11.29
CA ILE H 514 -51.28 57.03 -12.70
C ILE H 514 -51.33 58.30 -13.53
N ALA H 515 -51.90 59.37 -12.96
CA ALA H 515 -51.91 60.68 -13.61
C ALA H 515 -50.48 61.19 -13.85
N ARG H 516 -49.62 61.02 -12.83
CA ARG H 516 -48.23 61.42 -12.91
C ARG H 516 -47.51 60.60 -13.95
N ALA H 517 -47.83 59.30 -13.99
CA ALA H 517 -47.19 58.37 -14.91
C ALA H 517 -47.47 58.72 -16.38
N LYS H 518 -48.72 59.02 -16.69
CA LYS H 518 -49.13 59.39 -18.04
C LYS H 518 -48.40 60.64 -18.49
N ALA H 519 -48.12 61.54 -17.54
CA ALA H 519 -47.44 62.80 -17.82
C ALA H 519 -45.91 62.63 -17.98
N ASN H 520 -45.38 61.50 -17.54
CA ASN H 520 -43.94 61.26 -17.60
C ASN H 520 -43.53 60.67 -18.94
N THR H 521 -43.17 61.54 -19.87
CA THR H 521 -42.99 61.11 -21.27
C THR H 521 -41.57 60.66 -21.61
N ARG H 522 -40.61 60.91 -20.72
CA ARG H 522 -39.20 60.65 -21.03
C ARG H 522 -38.49 59.64 -20.13
N GLY H 523 -39.28 58.83 -19.44
CA GLY H 523 -38.73 57.80 -18.57
C GLY H 523 -39.80 56.91 -18.00
N PRO H 524 -39.37 55.74 -17.44
CA PRO H 524 -40.32 54.78 -16.85
C PRO H 524 -40.91 55.30 -15.54
N THR H 525 -42.11 54.85 -15.23
CA THR H 525 -42.72 55.18 -13.95
C THR H 525 -43.06 53.90 -13.20
N LEU H 526 -42.41 53.71 -12.07
CA LEU H 526 -42.70 52.58 -11.19
C LEU H 526 -43.65 53.02 -10.09
N ILE H 527 -44.80 52.37 -10.03
CA ILE H 527 -45.76 52.59 -8.96
C ILE H 527 -45.74 51.38 -8.03
N GLU H 528 -45.18 51.57 -6.84
CA GLU H 528 -45.18 50.54 -5.81
C GLU H 528 -46.55 50.48 -5.16
N CYS H 529 -47.35 49.50 -5.57
CA CYS H 529 -48.68 49.30 -5.01
C CYS H 529 -48.60 48.37 -3.82
N GLN H 530 -48.95 48.88 -2.64
CA GLN H 530 -48.94 48.08 -1.43
C GLN H 530 -50.30 47.48 -1.12
N ILE H 531 -50.38 46.16 -1.20
CA ILE H 531 -51.58 45.44 -0.80
C ILE H 531 -51.23 44.37 0.23
N ASP H 532 -52.23 43.89 0.96
CA ASP H 532 -51.99 42.85 1.94
C ASP H 532 -51.68 41.49 1.31
N ARG H 533 -50.81 40.74 1.98
CA ARG H 533 -50.36 39.43 1.52
C ARG H 533 -51.50 38.42 1.33
N THR H 534 -52.60 38.68 2.02
CA THR H 534 -53.73 37.80 2.06
C THR H 534 -54.64 38.01 0.85
N ASP H 535 -54.42 39.14 0.16
CA ASP H 535 -55.35 39.70 -0.81
C ASP H 535 -55.01 39.30 -2.25
N CYS H 536 -55.09 38.01 -2.54
CA CYS H 536 -54.86 37.51 -3.89
C CYS H 536 -56.19 37.06 -4.49
N THR H 537 -56.19 36.76 -5.79
CA THR H 537 -57.40 36.34 -6.47
C THR H 537 -57.87 34.96 -5.96
N ASP H 538 -59.19 34.78 -5.85
CA ASP H 538 -59.78 33.46 -5.61
C ASP H 538 -59.36 32.50 -6.74
N MET H 539 -59.27 33.06 -7.93
CA MET H 539 -58.85 32.33 -9.11
C MET H 539 -57.52 31.60 -8.87
N LEU H 540 -56.53 32.32 -8.32
CA LEU H 540 -55.22 31.74 -8.00
C LEU H 540 -55.32 30.57 -7.02
N VAL H 541 -56.08 30.76 -5.96
CA VAL H 541 -56.25 29.73 -4.94
C VAL H 541 -56.87 28.46 -5.54
N GLN H 542 -57.99 28.59 -6.24
CA GLN H 542 -58.63 27.46 -6.91
C GLN H 542 -57.67 26.72 -7.86
N TRP H 543 -57.11 27.46 -8.81
CA TRP H 543 -56.16 26.92 -9.78
C TRP H 543 -54.98 26.23 -9.09
N GLY H 544 -54.38 26.93 -8.12
CA GLY H 544 -53.19 26.44 -7.44
C GLY H 544 -53.38 25.14 -6.70
N ARG H 545 -54.46 25.04 -5.94
CA ARG H 545 -54.74 23.83 -5.18
C ARG H 545 -54.78 22.59 -6.07
N LYS H 546 -55.42 22.70 -7.23
CA LYS H 546 -55.56 21.55 -8.13
C LYS H 546 -54.21 21.20 -8.77
N VAL H 547 -53.51 22.22 -9.26
CA VAL H 547 -52.23 22.02 -9.91
C VAL H 547 -51.21 21.42 -8.94
N ALA H 548 -51.14 21.98 -7.72
CA ALA H 548 -50.19 21.50 -6.72
C ALA H 548 -50.42 20.04 -6.32
N SER H 549 -51.68 19.66 -6.14
CA SER H 549 -51.99 18.28 -5.73
C SER H 549 -51.74 17.29 -6.88
N THR H 550 -51.83 17.77 -8.12
CA THR H 550 -51.51 16.95 -9.28
C THR H 550 -49.98 16.76 -9.45
N ASN H 551 -49.21 17.83 -9.26
CA ASN H 551 -47.74 17.73 -9.29
C ASN H 551 -47.17 16.90 -8.12
N ALA H 552 -47.94 16.74 -7.05
CA ALA H 552 -47.46 15.98 -5.89
C ALA H 552 -47.98 14.55 -5.90
N ARG H 553 -48.74 14.21 -6.95
CA ARG H 553 -49.35 12.91 -7.11
C ARG H 553 -48.31 11.79 -6.92
N LYS H 554 -48.71 10.72 -6.22
CA LYS H 554 -47.80 9.59 -5.98
C LYS H 554 -47.89 8.44 -7.00
N THR H 555 -49.04 8.30 -7.68
CA THR H 555 -49.22 7.22 -8.67
C THR H 555 -49.54 7.71 -10.10
#